data_2LJ8
#
_entry.id   2LJ8
#
_cell.length_a   1.000
_cell.length_b   1.000
_cell.length_c   1.000
_cell.angle_alpha   90.00
_cell.angle_beta   90.00
_cell.angle_gamma   90.00
#
_symmetry.space_group_name_H-M   'P 1'
#
_entity_poly.entity_id   1
_entity_poly.type   'polypeptide(L)'
_entity_poly.pdbx_seq_one_letter_code
;MGHHHHHHMAMSGVSVADECVTALNDLRHKKSRYVIMHIVDQKSIAVKTIGERGANFDQFIEAIDKNVPCYAAFDFEYTT
NDGPRDKLILISWNPDSGAPRTKMLYSSSRDALVPLTQGFQGIQANDASGLDFEEISRKVKSNR
;
_entity_poly.pdbx_strand_id   A
#
# COMPACT_ATOMS: atom_id res chain seq x y z
N MET A 9 -13.63 -3.97 10.47
CA MET A 9 -15.05 -3.86 10.76
C MET A 9 -15.32 -2.75 11.77
N ALA A 10 -14.51 -1.70 11.72
CA ALA A 10 -14.67 -0.57 12.62
C ALA A 10 -15.71 0.41 12.11
N MET A 11 -15.48 0.95 10.91
CA MET A 11 -16.40 1.90 10.31
C MET A 11 -16.61 3.10 11.22
N SER A 12 -15.79 4.13 11.03
CA SER A 12 -15.88 5.34 11.84
C SER A 12 -15.95 6.58 10.95
N GLY A 13 -15.05 6.65 9.97
CA GLY A 13 -15.03 7.79 9.07
C GLY A 13 -13.96 7.65 8.01
N VAL A 14 -12.85 7.02 8.35
CA VAL A 14 -11.75 6.82 7.42
C VAL A 14 -12.25 6.23 6.10
N SER A 15 -12.02 6.95 5.01
CA SER A 15 -12.45 6.49 3.69
C SER A 15 -11.46 6.95 2.62
N VAL A 16 -11.30 6.12 1.59
CA VAL A 16 -10.40 6.43 0.50
C VAL A 16 -10.96 7.55 -0.40
N ALA A 17 -10.21 8.62 -0.55
CA ALA A 17 -10.63 9.74 -1.37
C ALA A 17 -10.54 9.40 -2.85
N ASP A 18 -11.26 10.17 -3.67
CA ASP A 18 -11.27 9.94 -5.11
C ASP A 18 -9.84 9.99 -5.68
N GLU A 19 -9.05 10.93 -5.17
CA GLU A 19 -7.67 11.09 -5.62
C GLU A 19 -6.89 9.79 -5.44
N CYS A 20 -7.10 9.12 -4.31
CA CYS A 20 -6.42 7.87 -4.02
C CYS A 20 -6.85 6.77 -4.99
N VAL A 21 -8.15 6.68 -5.22
CA VAL A 21 -8.69 5.67 -6.13
C VAL A 21 -8.12 5.83 -7.53
N THR A 22 -7.98 7.08 -7.97
CA THR A 22 -7.44 7.37 -9.29
C THR A 22 -5.95 7.05 -9.37
N ALA A 23 -5.23 7.38 -8.31
CA ALA A 23 -3.80 7.14 -8.25
C ALA A 23 -3.50 5.64 -8.37
N LEU A 24 -4.19 4.84 -7.57
CA LEU A 24 -4.01 3.40 -7.59
C LEU A 24 -4.53 2.79 -8.89
N ASN A 25 -5.64 3.31 -9.37
CA ASN A 25 -6.23 2.82 -10.61
C ASN A 25 -5.25 2.94 -11.77
N ASP A 26 -4.60 4.09 -11.88
CA ASP A 26 -3.64 4.32 -12.95
C ASP A 26 -2.35 3.55 -12.69
N LEU A 27 -1.95 3.48 -11.42
CA LEU A 27 -0.74 2.76 -11.04
C LEU A 27 -0.80 1.30 -11.47
N ARG A 28 -2.00 0.72 -11.41
CA ARG A 28 -2.21 -0.67 -11.80
C ARG A 28 -1.89 -0.88 -13.27
N HIS A 29 -2.01 0.20 -14.05
CA HIS A 29 -1.73 0.14 -15.48
C HIS A 29 -0.29 0.54 -15.78
N LYS A 30 0.56 0.48 -14.75
CA LYS A 30 1.97 0.83 -14.90
C LYS A 30 2.12 2.29 -15.33
N LYS A 31 1.40 3.18 -14.66
CA LYS A 31 1.46 4.60 -14.96
C LYS A 31 2.77 5.21 -14.45
N SER A 32 3.31 4.62 -13.39
CA SER A 32 4.56 5.10 -12.80
C SER A 32 5.36 3.96 -12.19
N ARG A 33 4.94 3.52 -11.01
CA ARG A 33 5.61 2.43 -10.33
C ARG A 33 4.85 2.03 -9.06
N TYR A 34 4.88 2.91 -8.06
CA TYR A 34 4.20 2.65 -6.80
C TYR A 34 3.61 3.93 -6.22
N VAL A 35 2.58 3.79 -5.40
CA VAL A 35 1.93 4.94 -4.78
C VAL A 35 1.75 4.72 -3.28
N ILE A 36 2.17 5.71 -2.49
CA ILE A 36 2.06 5.63 -1.04
C ILE A 36 1.10 6.68 -0.51
N MET A 37 0.08 6.24 0.22
CA MET A 37 -0.90 7.15 0.79
C MET A 37 -1.08 6.89 2.28
N HIS A 38 -1.53 7.91 3.00
CA HIS A 38 -1.75 7.79 4.44
C HIS A 38 -3.12 8.33 4.84
N ILE A 39 -3.53 8.04 6.06
CA ILE A 39 -4.82 8.49 6.56
C ILE A 39 -4.73 9.90 7.15
N VAL A 40 -5.61 10.78 6.70
CA VAL A 40 -5.63 12.16 7.18
C VAL A 40 -6.88 12.44 8.00
N ASP A 41 -6.69 12.98 9.20
CA ASP A 41 -7.81 13.30 10.08
C ASP A 41 -8.59 12.04 10.45
N GLN A 42 -7.97 10.88 10.22
CA GLN A 42 -8.61 9.61 10.54
C GLN A 42 -10.02 9.56 9.97
N LYS A 43 -10.23 10.22 8.85
CA LYS A 43 -11.54 10.25 8.20
C LYS A 43 -11.40 10.23 6.68
N SER A 44 -10.43 10.98 6.17
CA SER A 44 -10.20 11.05 4.73
C SER A 44 -8.75 10.70 4.40
N ILE A 45 -8.57 9.74 3.50
CA ILE A 45 -7.24 9.32 3.10
C ILE A 45 -6.65 10.24 2.03
N ALA A 46 -5.42 10.68 2.24
CA ALA A 46 -4.75 11.55 1.29
C ALA A 46 -3.36 11.03 0.93
N VAL A 47 -2.86 11.45 -0.23
CA VAL A 47 -1.54 11.02 -0.69
C VAL A 47 -0.44 11.79 0.02
N LYS A 48 0.61 11.08 0.40
CA LYS A 48 1.74 11.69 1.08
C LYS A 48 2.94 11.83 0.15
N THR A 49 3.22 10.78 -0.62
CA THR A 49 4.33 10.79 -1.56
C THR A 49 4.17 9.69 -2.60
N ILE A 50 4.16 10.09 -3.88
CA ILE A 50 4.01 9.15 -4.97
C ILE A 50 5.37 8.81 -5.58
N GLY A 51 5.50 7.56 -6.05
CA GLY A 51 6.75 7.14 -6.66
C GLY A 51 6.79 7.40 -8.15
N GLU A 52 7.50 6.54 -8.88
CA GLU A 52 7.61 6.69 -10.33
C GLU A 52 8.46 5.58 -10.93
N ARG A 53 9.45 5.13 -10.17
CA ARG A 53 10.33 4.06 -10.63
C ARG A 53 11.30 3.64 -9.52
N GLY A 54 11.75 4.61 -8.74
CA GLY A 54 12.67 4.32 -7.66
C GLY A 54 13.06 5.57 -6.88
N ALA A 55 12.12 6.11 -6.12
CA ALA A 55 12.37 7.30 -5.32
C ALA A 55 13.64 7.15 -4.48
N ASN A 56 14.21 8.27 -4.07
CA ASN A 56 15.43 8.26 -3.26
C ASN A 56 15.13 7.78 -1.84
N PHE A 57 16.11 7.17 -1.21
CA PHE A 57 15.96 6.67 0.14
C PHE A 57 15.75 7.81 1.13
N ASP A 58 16.39 8.94 0.86
CA ASP A 58 16.27 10.12 1.73
C ASP A 58 14.85 10.67 1.69
N GLN A 59 14.30 10.82 0.48
CA GLN A 59 12.96 11.35 0.32
C GLN A 59 11.91 10.31 0.70
N PHE A 60 12.20 9.05 0.41
CA PHE A 60 11.29 7.96 0.73
C PHE A 60 11.08 7.86 2.24
N ILE A 61 12.18 7.84 2.98
CA ILE A 61 12.12 7.74 4.44
C ILE A 61 11.62 9.04 5.06
N GLU A 62 12.04 10.17 4.50
CA GLU A 62 11.63 11.48 4.99
C GLU A 62 10.11 11.62 4.92
N ALA A 63 9.52 11.12 3.84
CA ALA A 63 8.07 11.20 3.66
C ALA A 63 7.36 10.18 4.53
N ILE A 64 7.76 8.92 4.40
CA ILE A 64 7.16 7.84 5.18
C ILE A 64 7.45 8.00 6.67
N ASP A 65 6.48 7.64 7.49
CA ASP A 65 6.63 7.75 8.95
C ASP A 65 6.16 6.47 9.63
N LYS A 66 7.11 5.73 10.20
CA LYS A 66 6.80 4.48 10.89
C LYS A 66 5.98 4.75 12.15
N ASN A 67 4.66 4.77 12.00
CA ASN A 67 3.77 5.01 13.13
C ASN A 67 2.31 4.96 12.70
N VAL A 68 1.88 5.99 11.96
CA VAL A 68 0.51 6.07 11.47
C VAL A 68 0.25 5.02 10.40
N PRO A 69 -1.03 4.62 10.27
CA PRO A 69 -1.44 3.61 9.28
C PRO A 69 -1.33 4.13 7.84
N CYS A 70 -0.47 3.51 7.06
CA CYS A 70 -0.27 3.91 5.67
C CYS A 70 -0.28 2.69 4.75
N TYR A 71 -0.61 2.93 3.48
CA TYR A 71 -0.67 1.84 2.51
C TYR A 71 0.14 2.20 1.26
N ALA A 72 1.00 1.29 0.84
CA ALA A 72 1.84 1.51 -0.34
C ALA A 72 1.66 0.37 -1.34
N ALA A 73 1.29 0.73 -2.58
CA ALA A 73 1.10 -0.26 -3.63
C ALA A 73 2.22 -0.19 -4.65
N PHE A 74 2.77 -1.36 -4.99
CA PHE A 74 3.87 -1.43 -5.96
C PHE A 74 3.50 -2.39 -7.09
N ASP A 75 3.64 -1.89 -8.32
CA ASP A 75 3.32 -2.70 -9.51
C ASP A 75 4.60 -3.31 -10.09
N PHE A 76 4.61 -4.63 -10.22
CA PHE A 76 5.76 -5.34 -10.77
C PHE A 76 5.33 -6.40 -11.76
N GLU A 77 5.98 -6.43 -12.92
CA GLU A 77 5.67 -7.40 -13.97
C GLU A 77 6.45 -8.69 -13.77
N TYR A 78 5.83 -9.81 -14.14
CA TYR A 78 6.46 -11.11 -14.00
C TYR A 78 6.06 -12.05 -15.14
N THR A 79 6.64 -13.24 -15.15
CA THR A 79 6.35 -14.21 -16.19
C THR A 79 5.78 -15.50 -15.60
N THR A 80 4.77 -15.35 -14.74
CA THR A 80 4.13 -16.49 -14.10
C THR A 80 3.19 -17.21 -15.07
N ASN A 81 2.45 -16.44 -15.85
CA ASN A 81 1.51 -17.01 -16.81
C ASN A 81 2.24 -17.49 -18.06
N ASP A 82 3.28 -16.76 -18.45
CA ASP A 82 4.06 -17.12 -19.63
C ASP A 82 5.14 -16.08 -19.90
N GLY A 83 4.78 -14.80 -19.77
CA GLY A 83 5.73 -13.73 -20.00
C GLY A 83 5.17 -12.37 -19.64
N PRO A 84 4.34 -11.81 -20.53
CA PRO A 84 3.72 -10.49 -20.32
C PRO A 84 2.67 -10.52 -19.22
N ARG A 85 3.12 -10.61 -17.98
CA ARG A 85 2.21 -10.65 -16.83
C ARG A 85 2.49 -9.48 -15.89
N ASP A 86 1.44 -9.01 -15.21
CA ASP A 86 1.57 -7.90 -14.28
C ASP A 86 0.88 -8.23 -12.95
N LYS A 87 1.57 -7.93 -11.85
CA LYS A 87 1.02 -8.19 -10.52
C LYS A 87 1.33 -7.03 -9.58
N LEU A 88 0.31 -6.55 -8.89
CA LEU A 88 0.48 -5.44 -7.95
C LEU A 88 0.33 -5.93 -6.51
N ILE A 89 1.21 -5.44 -5.63
CA ILE A 89 1.17 -5.82 -4.23
C ILE A 89 0.83 -4.62 -3.35
N LEU A 90 0.16 -4.90 -2.23
CA LEU A 90 -0.23 -3.84 -1.29
C LEU A 90 0.34 -4.12 0.10
N ILE A 91 1.16 -3.20 0.60
CA ILE A 91 1.76 -3.34 1.92
C ILE A 91 1.23 -2.27 2.88
N SER A 92 0.65 -2.72 3.98
CA SER A 92 0.11 -1.81 4.98
C SER A 92 1.05 -1.67 6.17
N TRP A 93 1.20 -0.43 6.64
CA TRP A 93 2.09 -0.16 7.77
C TRP A 93 1.29 -0.04 9.07
N ASN A 94 1.65 -0.86 10.05
CA ASN A 94 0.98 -0.84 11.35
C ASN A 94 1.68 -1.76 12.34
N PRO A 95 2.71 -1.21 13.01
CA PRO A 95 3.49 -1.96 14.00
C PRO A 95 2.70 -2.25 15.27
N ASP A 96 2.74 -3.49 15.72
CA ASP A 96 2.03 -3.89 16.93
C ASP A 96 2.46 -3.06 18.13
N SER A 97 3.68 -2.53 18.06
CA SER A 97 4.23 -1.72 19.13
C SER A 97 4.08 -0.24 18.83
N GLY A 98 3.26 0.08 17.82
CA GLY A 98 3.04 1.46 17.45
C GLY A 98 2.03 2.15 18.33
N ALA A 99 0.87 2.48 17.77
CA ALA A 99 -0.19 3.14 18.51
C ALA A 99 -1.50 2.38 18.39
N PRO A 100 -2.42 2.64 19.34
CA PRO A 100 -3.74 1.98 19.36
C PRO A 100 -4.63 2.46 18.23
N ARG A 101 -4.72 3.77 18.04
CA ARG A 101 -5.54 4.35 16.99
C ARG A 101 -5.02 3.94 15.61
N THR A 102 -3.71 3.83 15.49
CA THR A 102 -3.08 3.45 14.22
C THR A 102 -3.49 2.03 13.82
N LYS A 103 -3.44 1.11 14.78
CA LYS A 103 -3.79 -0.27 14.53
C LYS A 103 -5.28 -0.41 14.24
N MET A 104 -6.09 0.40 14.94
CA MET A 104 -7.54 0.37 14.76
C MET A 104 -7.93 0.96 13.42
N LEU A 105 -7.36 2.11 13.08
CA LEU A 105 -7.66 2.79 11.83
C LEU A 105 -7.40 1.85 10.64
N TYR A 106 -6.45 0.94 10.81
CA TYR A 106 -6.12 -0.01 9.76
C TYR A 106 -7.33 -0.85 9.36
N SER A 107 -8.07 -1.30 10.37
CA SER A 107 -9.26 -2.12 10.14
C SER A 107 -10.41 -1.26 9.63
N SER A 108 -10.49 -0.03 10.12
CA SER A 108 -11.56 0.88 9.72
C SER A 108 -11.40 1.28 8.25
N SER A 109 -10.17 1.23 7.76
CA SER A 109 -9.88 1.59 6.38
C SER A 109 -9.74 0.34 5.51
N ARG A 110 -9.39 -0.77 6.14
CA ARG A 110 -9.22 -2.03 5.42
C ARG A 110 -10.52 -2.42 4.69
N ASP A 111 -11.64 -2.18 5.34
CA ASP A 111 -12.94 -2.49 4.76
C ASP A 111 -13.16 -1.73 3.46
N ALA A 112 -12.79 -0.45 3.46
CA ALA A 112 -12.95 0.40 2.29
C ALA A 112 -11.82 0.14 1.28
N LEU A 113 -10.71 -0.38 1.77
CA LEU A 113 -9.57 -0.68 0.91
C LEU A 113 -9.72 -2.04 0.23
N VAL A 114 -10.55 -2.89 0.83
CA VAL A 114 -10.79 -4.22 0.29
C VAL A 114 -11.27 -4.15 -1.15
N PRO A 115 -12.36 -3.40 -1.37
CA PRO A 115 -12.95 -3.22 -2.70
C PRO A 115 -12.07 -2.38 -3.62
N LEU A 116 -11.38 -1.41 -3.05
CA LEU A 116 -10.50 -0.53 -3.81
C LEU A 116 -9.31 -1.31 -4.37
N THR A 117 -8.67 -2.10 -3.52
CA THR A 117 -7.53 -2.90 -3.92
C THR A 117 -7.94 -4.33 -4.26
N GLN A 118 -8.78 -4.46 -5.29
CA GLN A 118 -9.25 -5.76 -5.73
C GLN A 118 -8.24 -6.42 -6.67
N GLY A 119 -7.78 -7.62 -6.31
CA GLY A 119 -6.82 -8.33 -7.12
C GLY A 119 -5.39 -8.04 -6.72
N PHE A 120 -5.21 -7.53 -5.51
CA PHE A 120 -3.88 -7.20 -5.00
C PHE A 120 -3.65 -7.82 -3.63
N GLN A 121 -2.51 -8.50 -3.47
CA GLN A 121 -2.18 -9.13 -2.20
C GLN A 121 -1.91 -8.09 -1.12
N GLY A 122 -2.87 -7.92 -0.22
CA GLY A 122 -2.72 -6.95 0.85
C GLY A 122 -2.24 -7.59 2.14
N ILE A 123 -1.06 -7.18 2.59
CA ILE A 123 -0.49 -7.71 3.83
C ILE A 123 0.00 -6.60 4.74
N GLN A 124 -0.26 -6.74 6.04
CA GLN A 124 0.16 -5.74 7.01
C GLN A 124 1.45 -6.14 7.69
N ALA A 125 2.50 -5.35 7.49
CA ALA A 125 3.80 -5.63 8.09
C ALA A 125 4.55 -4.33 8.40
N ASN A 126 5.02 -4.21 9.63
CA ASN A 126 5.75 -3.02 10.06
C ASN A 126 7.26 -3.26 9.99
N ASP A 127 8.02 -2.17 9.97
CA ASP A 127 9.47 -2.25 9.89
C ASP A 127 9.92 -2.93 8.61
N ALA A 128 11.17 -3.36 8.57
CA ALA A 128 11.73 -4.02 7.40
C ALA A 128 10.84 -5.18 6.95
N SER A 129 10.11 -5.75 7.90
CA SER A 129 9.22 -6.87 7.60
C SER A 129 8.17 -6.48 6.56
N GLY A 130 7.89 -5.19 6.49
CA GLY A 130 6.91 -4.71 5.53
C GLY A 130 7.53 -4.27 4.23
N LEU A 131 8.81 -3.92 4.27
CA LEU A 131 9.53 -3.47 3.08
C LEU A 131 10.48 -4.55 2.59
N ASP A 132 10.17 -5.80 2.92
CA ASP A 132 11.00 -6.93 2.50
C ASP A 132 10.76 -7.27 1.03
N PHE A 133 11.63 -6.76 0.16
CA PHE A 133 11.50 -7.02 -1.27
C PHE A 133 11.37 -8.52 -1.55
N GLU A 134 12.12 -9.32 -0.81
CA GLU A 134 12.09 -10.76 -0.97
C GLU A 134 10.70 -11.32 -0.70
N GLU A 135 10.02 -10.73 0.29
CA GLU A 135 8.68 -11.17 0.66
C GLU A 135 7.68 -10.83 -0.45
N ILE A 136 7.86 -9.68 -1.09
CA ILE A 136 6.99 -9.25 -2.16
C ILE A 136 7.14 -10.13 -3.39
N SER A 137 8.38 -10.39 -3.78
CA SER A 137 8.67 -11.22 -4.94
C SER A 137 8.21 -12.66 -4.70
N ARG A 138 8.40 -13.13 -3.47
CA ARG A 138 8.01 -14.49 -3.12
C ARG A 138 6.49 -14.64 -3.11
N LYS A 139 5.81 -13.60 -2.65
CA LYS A 139 4.34 -13.61 -2.60
C LYS A 139 3.74 -13.61 -3.99
N VAL A 140 4.23 -12.71 -4.84
CA VAL A 140 3.74 -12.61 -6.21
C VAL A 140 4.14 -13.83 -7.03
N LYS A 141 5.34 -14.33 -6.78
CA LYS A 141 5.84 -15.51 -7.49
C LYS A 141 5.01 -16.74 -7.15
N SER A 142 4.54 -16.80 -5.91
CA SER A 142 3.74 -17.94 -5.46
C SER A 142 2.27 -17.75 -5.84
N ASN A 143 1.82 -16.51 -5.83
CA ASN A 143 0.44 -16.19 -6.16
C ASN A 143 -0.52 -16.84 -5.17
N ARG A 144 -0.33 -16.55 -3.89
CA ARG A 144 -1.18 -17.09 -2.84
C ARG A 144 -1.58 -16.01 -1.84
N MET A 9 -17.14 -3.17 16.27
CA MET A 9 -16.69 -1.80 16.06
C MET A 9 -15.66 -1.73 14.94
N ALA A 10 -16.04 -1.09 13.83
CA ALA A 10 -15.15 -0.95 12.69
C ALA A 10 -15.41 0.36 11.96
N MET A 11 -16.59 0.48 11.36
CA MET A 11 -16.96 1.68 10.62
C MET A 11 -16.77 2.92 11.48
N SER A 12 -16.39 4.03 10.85
CA SER A 12 -16.18 5.29 11.56
C SER A 12 -16.24 6.46 10.60
N GLY A 13 -15.35 6.48 9.62
CA GLY A 13 -15.32 7.56 8.65
C GLY A 13 -14.22 7.38 7.63
N VAL A 14 -13.11 6.79 8.04
CA VAL A 14 -11.98 6.56 7.16
C VAL A 14 -12.42 5.90 5.86
N SER A 15 -12.17 6.57 4.74
CA SER A 15 -12.54 6.05 3.43
C SER A 15 -11.52 6.44 2.36
N VAL A 16 -11.42 5.62 1.33
CA VAL A 16 -10.48 5.90 0.25
C VAL A 16 -10.96 7.05 -0.64
N ALA A 17 -10.13 8.08 -0.75
CA ALA A 17 -10.48 9.24 -1.57
C ALA A 17 -10.28 8.95 -3.05
N ASP A 18 -10.92 9.75 -3.89
CA ASP A 18 -10.81 9.59 -5.34
C ASP A 18 -9.36 9.60 -5.78
N GLU A 19 -8.54 10.41 -5.12
CA GLU A 19 -7.12 10.52 -5.44
C GLU A 19 -6.44 9.17 -5.34
N CYS A 20 -6.74 8.44 -4.28
CA CYS A 20 -6.14 7.12 -4.06
C CYS A 20 -6.58 6.14 -5.16
N VAL A 21 -7.87 6.17 -5.49
CA VAL A 21 -8.41 5.30 -6.52
C VAL A 21 -7.71 5.52 -7.85
N THR A 22 -7.50 6.78 -8.22
CA THR A 22 -6.85 7.13 -9.47
C THR A 22 -5.38 6.69 -9.46
N ALA A 23 -4.71 6.93 -8.34
CA ALA A 23 -3.31 6.56 -8.20
C ALA A 23 -3.11 5.06 -8.42
N LEU A 24 -3.94 4.26 -7.78
CA LEU A 24 -3.87 2.81 -7.90
C LEU A 24 -4.23 2.36 -9.32
N ASN A 25 -5.25 3.00 -9.89
CA ASN A 25 -5.69 2.67 -11.24
C ASN A 25 -4.55 2.82 -12.25
N ASP A 26 -3.83 3.94 -12.15
CA ASP A 26 -2.71 4.20 -13.04
C ASP A 26 -1.53 3.29 -12.73
N LEU A 27 -1.33 3.02 -11.45
CA LEU A 27 -0.23 2.16 -11.02
C LEU A 27 -0.34 0.77 -11.64
N ARG A 28 -1.56 0.24 -11.66
CA ARG A 28 -1.80 -1.08 -12.25
C ARG A 28 -1.49 -1.09 -13.73
N HIS A 29 -1.53 0.09 -14.35
CA HIS A 29 -1.25 0.22 -15.78
C HIS A 29 0.22 0.55 -16.01
N LYS A 30 1.05 0.27 -15.02
CA LYS A 30 2.48 0.54 -15.11
C LYS A 30 2.74 2.03 -15.27
N LYS A 31 2.08 2.83 -14.43
CA LYS A 31 2.24 4.27 -14.47
C LYS A 31 3.70 4.67 -14.26
N SER A 32 4.18 4.51 -13.04
CA SER A 32 5.56 4.84 -12.71
C SER A 32 6.24 3.69 -11.97
N ARG A 33 5.90 3.54 -10.69
CA ARG A 33 6.49 2.48 -9.87
C ARG A 33 5.55 2.11 -8.72
N TYR A 34 5.54 2.96 -7.69
CA TYR A 34 4.69 2.72 -6.52
C TYR A 34 4.17 4.03 -5.95
N VAL A 35 3.04 3.96 -5.26
CA VAL A 35 2.43 5.14 -4.66
C VAL A 35 2.05 4.89 -3.20
N ILE A 36 2.48 5.78 -2.32
CA ILE A 36 2.19 5.66 -0.89
C ILE A 36 1.18 6.70 -0.45
N MET A 37 0.19 6.25 0.33
CA MET A 37 -0.85 7.16 0.84
C MET A 37 -1.09 6.93 2.32
N HIS A 38 -1.61 7.95 2.98
CA HIS A 38 -1.90 7.87 4.41
C HIS A 38 -3.30 8.37 4.73
N ILE A 39 -3.77 8.11 5.94
CA ILE A 39 -5.10 8.53 6.36
C ILE A 39 -5.08 9.97 6.88
N VAL A 40 -5.91 10.82 6.30
CA VAL A 40 -5.99 12.21 6.71
C VAL A 40 -7.29 12.49 7.46
N ASP A 41 -7.17 13.14 8.62
CA ASP A 41 -8.33 13.47 9.43
C ASP A 41 -9.05 12.20 9.89
N GLN A 42 -8.37 11.06 9.78
CA GLN A 42 -8.94 9.78 10.17
C GLN A 42 -10.34 9.61 9.59
N LYS A 43 -10.55 10.18 8.40
CA LYS A 43 -11.84 10.08 7.73
C LYS A 43 -11.66 9.96 6.23
N SER A 44 -10.72 10.72 5.68
CA SER A 44 -10.45 10.70 4.24
C SER A 44 -8.97 10.43 3.98
N ILE A 45 -8.70 9.41 3.16
CA ILE A 45 -7.33 9.06 2.82
C ILE A 45 -6.78 9.96 1.73
N ALA A 46 -5.57 10.48 1.94
CA ALA A 46 -4.93 11.36 0.98
C ALA A 46 -3.51 10.91 0.68
N VAL A 47 -2.97 11.35 -0.45
CA VAL A 47 -1.62 10.99 -0.85
C VAL A 47 -0.58 11.72 0.01
N LYS A 48 0.46 11.00 0.41
CA LYS A 48 1.52 11.58 1.23
C LYS A 48 2.80 11.76 0.41
N THR A 49 3.25 10.68 -0.23
CA THR A 49 4.46 10.72 -1.04
C THR A 49 4.53 9.52 -1.98
N ILE A 50 4.60 9.79 -3.27
CA ILE A 50 4.68 8.74 -4.28
C ILE A 50 6.12 8.49 -4.72
N GLY A 51 6.43 7.25 -5.05
CA GLY A 51 7.77 6.90 -5.48
C GLY A 51 8.13 7.53 -6.82
N GLU A 52 7.35 7.23 -7.84
CA GLU A 52 7.59 7.76 -9.17
C GLU A 52 8.93 7.27 -9.73
N ARG A 53 8.90 6.08 -10.33
CA ARG A 53 10.10 5.48 -10.90
C ARG A 53 11.11 5.14 -9.81
N GLY A 54 10.63 5.06 -8.57
CA GLY A 54 11.50 4.74 -7.46
C GLY A 54 12.12 5.97 -6.83
N ALA A 55 11.32 6.70 -6.05
CA ALA A 55 11.80 7.91 -5.39
C ALA A 55 13.12 7.66 -4.68
N ASN A 56 13.79 8.74 -4.29
CA ASN A 56 15.07 8.64 -3.59
C ASN A 56 14.88 8.10 -2.17
N PHE A 57 15.93 7.51 -1.63
CA PHE A 57 15.88 6.96 -0.28
C PHE A 57 15.70 8.06 0.76
N ASP A 58 16.27 9.23 0.47
CA ASP A 58 16.17 10.36 1.37
C ASP A 58 14.73 10.89 1.45
N GLN A 59 14.11 11.06 0.29
CA GLN A 59 12.73 11.54 0.22
C GLN A 59 11.75 10.45 0.64
N PHE A 60 12.07 9.21 0.29
CA PHE A 60 11.22 8.08 0.62
C PHE A 60 11.13 7.89 2.14
N ILE A 61 12.28 7.90 2.80
CA ILE A 61 12.33 7.73 4.25
C ILE A 61 11.80 8.97 4.97
N GLU A 62 12.20 10.14 4.48
CA GLU A 62 11.77 11.40 5.08
C GLU A 62 10.25 11.52 5.03
N ALA A 63 9.65 11.06 3.95
CA ALA A 63 8.20 11.12 3.78
C ALA A 63 7.52 10.07 4.66
N ILE A 64 7.91 8.81 4.49
CA ILE A 64 7.33 7.72 5.26
C ILE A 64 7.70 7.84 6.74
N ASP A 65 6.76 7.47 7.60
CA ASP A 65 6.99 7.54 9.05
C ASP A 65 6.25 6.40 9.76
N LYS A 66 6.99 5.34 10.09
CA LYS A 66 6.42 4.20 10.77
C LYS A 66 5.64 4.63 12.02
N ASN A 67 4.32 4.65 11.91
CA ASN A 67 3.48 5.04 13.03
C ASN A 67 2.00 4.96 12.64
N VAL A 68 1.56 5.89 11.80
CA VAL A 68 0.18 5.93 11.35
C VAL A 68 -0.08 4.87 10.28
N PRO A 69 -1.34 4.44 10.17
CA PRO A 69 -1.75 3.43 9.18
C PRO A 69 -1.71 3.96 7.76
N CYS A 70 -0.75 3.48 6.98
CA CYS A 70 -0.60 3.91 5.59
C CYS A 70 -0.57 2.70 4.65
N TYR A 71 -0.89 2.94 3.38
CA TYR A 71 -0.90 1.88 2.39
C TYR A 71 -0.09 2.28 1.16
N ALA A 72 0.80 1.40 0.73
CA ALA A 72 1.64 1.65 -0.44
C ALA A 72 1.49 0.55 -1.47
N ALA A 73 1.23 0.94 -2.71
CA ALA A 73 1.07 -0.03 -3.80
C ALA A 73 2.28 -0.02 -4.72
N PHE A 74 2.82 -1.20 -5.00
CA PHE A 74 3.98 -1.33 -5.87
C PHE A 74 3.66 -2.24 -7.06
N ASP A 75 3.93 -1.73 -8.26
CA ASP A 75 3.67 -2.49 -9.49
C ASP A 75 4.94 -3.17 -9.98
N PHE A 76 4.90 -4.48 -10.13
CA PHE A 76 6.05 -5.25 -10.59
C PHE A 76 5.71 -6.03 -11.86
N GLU A 77 6.74 -6.54 -12.52
CA GLU A 77 6.55 -7.31 -13.75
C GLU A 77 6.90 -8.78 -13.53
N TYR A 78 6.18 -9.66 -14.22
CA TYR A 78 6.40 -11.10 -14.10
C TYR A 78 5.97 -11.82 -15.36
N THR A 79 6.38 -13.09 -15.48
CA THR A 79 6.03 -13.89 -16.64
C THR A 79 5.14 -15.07 -16.26
N THR A 80 4.02 -14.76 -15.61
CA THR A 80 3.07 -15.80 -15.18
C THR A 80 2.24 -16.30 -16.36
N ASN A 81 1.66 -15.37 -17.11
CA ASN A 81 0.85 -15.72 -18.26
C ASN A 81 1.71 -16.23 -19.40
N ASP A 82 2.89 -15.66 -19.56
CA ASP A 82 3.81 -16.06 -20.62
C ASP A 82 5.06 -15.17 -20.62
N GLY A 83 4.86 -13.89 -20.34
CA GLY A 83 5.98 -12.96 -20.31
C GLY A 83 5.56 -11.57 -19.88
N PRO A 84 4.92 -10.83 -20.81
CA PRO A 84 4.46 -9.46 -20.54
C PRO A 84 3.29 -9.43 -19.56
N ARG A 85 3.60 -9.66 -18.29
CA ARG A 85 2.58 -9.65 -17.25
C ARG A 85 2.92 -8.64 -16.15
N ASP A 86 1.89 -8.08 -15.53
CA ASP A 86 2.08 -7.09 -14.47
C ASP A 86 1.23 -7.44 -13.24
N LYS A 87 1.84 -7.37 -12.07
CA LYS A 87 1.14 -7.66 -10.83
C LYS A 87 1.32 -6.54 -9.81
N LEU A 88 0.22 -6.09 -9.24
CA LEU A 88 0.24 -5.02 -8.25
C LEU A 88 0.14 -5.58 -6.84
N ILE A 89 1.01 -5.09 -5.95
CA ILE A 89 1.00 -5.55 -4.56
C ILE A 89 0.64 -4.40 -3.61
N LEU A 90 -0.01 -4.75 -2.50
CA LEU A 90 -0.41 -3.76 -1.51
C LEU A 90 0.22 -4.06 -0.15
N ILE A 91 1.01 -3.12 0.35
CA ILE A 91 1.68 -3.28 1.64
C ILE A 91 1.18 -2.24 2.63
N SER A 92 0.65 -2.72 3.76
CA SER A 92 0.14 -1.82 4.80
C SER A 92 1.15 -1.70 5.94
N TRP A 93 1.32 -0.48 6.44
CA TRP A 93 2.25 -0.23 7.53
C TRP A 93 1.51 -0.12 8.86
N ASN A 94 1.78 -1.05 9.76
CA ASN A 94 1.14 -1.06 11.07
C ASN A 94 1.94 -1.89 12.07
N PRO A 95 2.90 -1.24 12.75
CA PRO A 95 3.75 -1.89 13.74
C PRO A 95 2.99 -2.28 15.00
N ASP A 96 3.18 -3.52 15.44
CA ASP A 96 2.51 -4.01 16.64
C ASP A 96 2.84 -3.15 17.85
N SER A 97 3.96 -2.45 17.78
CA SER A 97 4.39 -1.59 18.87
C SER A 97 4.09 -0.12 18.55
N GLY A 98 3.26 0.10 17.54
CA GLY A 98 2.90 1.45 17.16
C GLY A 98 1.87 2.06 18.09
N ALA A 99 0.66 2.25 17.57
CA ALA A 99 -0.43 2.82 18.36
C ALA A 99 -1.71 2.01 18.23
N PRO A 100 -2.62 2.18 19.19
CA PRO A 100 -3.90 1.46 19.20
C PRO A 100 -4.83 1.93 18.09
N ARG A 101 -4.87 3.25 17.88
CA ARG A 101 -5.73 3.83 16.85
C ARG A 101 -5.24 3.44 15.45
N THR A 102 -3.93 3.28 15.31
CA THR A 102 -3.34 2.92 14.03
C THR A 102 -3.70 1.49 13.65
N LYS A 103 -3.58 0.58 14.60
CA LYS A 103 -3.89 -0.83 14.37
C LYS A 103 -5.39 -1.02 14.15
N MET A 104 -6.19 -0.27 14.91
CA MET A 104 -7.64 -0.36 14.81
C MET A 104 -8.13 0.27 13.51
N LEU A 105 -7.64 1.47 13.21
CA LEU A 105 -8.03 2.17 12.00
C LEU A 105 -7.73 1.34 10.77
N TYR A 106 -6.68 0.52 10.85
CA TYR A 106 -6.29 -0.33 9.74
C TYR A 106 -7.43 -1.28 9.34
N SER A 107 -8.01 -1.94 10.34
CA SER A 107 -9.10 -2.87 10.09
C SER A 107 -10.37 -2.13 9.70
N SER A 108 -10.55 -0.93 10.26
CA SER A 108 -11.72 -0.12 9.97
C SER A 108 -11.72 0.34 8.51
N SER A 109 -10.52 0.43 7.93
CA SER A 109 -10.38 0.87 6.54
C SER A 109 -10.16 -0.32 5.62
N ARG A 110 -9.67 -1.43 6.19
CA ARG A 110 -9.42 -2.63 5.41
C ARG A 110 -10.68 -3.09 4.69
N ASP A 111 -11.81 -2.99 5.38
CA ASP A 111 -13.09 -3.39 4.80
C ASP A 111 -13.42 -2.58 3.55
N ALA A 112 -13.15 -1.27 3.61
CA ALA A 112 -13.41 -0.39 2.49
C ALA A 112 -12.31 -0.49 1.44
N LEU A 113 -11.13 -0.94 1.86
CA LEU A 113 -10.00 -1.10 0.96
C LEU A 113 -10.08 -2.42 0.21
N VAL A 114 -10.75 -3.40 0.81
CA VAL A 114 -10.90 -4.72 0.20
C VAL A 114 -11.43 -4.61 -1.22
N PRO A 115 -12.59 -3.93 -1.37
CA PRO A 115 -13.22 -3.74 -2.68
C PRO A 115 -12.44 -2.79 -3.57
N LEU A 116 -11.78 -1.81 -2.95
CA LEU A 116 -10.99 -0.83 -3.69
C LEU A 116 -9.79 -1.49 -4.36
N THR A 117 -9.06 -2.30 -3.59
CA THR A 117 -7.90 -3.00 -4.11
C THR A 117 -8.20 -4.46 -4.39
N GLN A 118 -9.11 -4.71 -5.34
CA GLN A 118 -9.49 -6.06 -5.69
C GLN A 118 -8.53 -6.64 -6.72
N GLY A 119 -7.91 -7.78 -6.39
CA GLY A 119 -6.98 -8.42 -7.30
C GLY A 119 -5.53 -8.16 -6.92
N PHE A 120 -5.31 -7.74 -5.68
CA PHE A 120 -3.96 -7.47 -5.19
C PHE A 120 -3.71 -8.18 -3.87
N GLN A 121 -2.45 -8.55 -3.64
CA GLN A 121 -2.08 -9.23 -2.40
C GLN A 121 -1.88 -8.24 -1.27
N GLY A 122 -2.55 -8.49 -0.14
CA GLY A 122 -2.43 -7.60 1.00
C GLY A 122 -1.47 -8.13 2.05
N ILE A 123 -0.40 -7.39 2.30
CA ILE A 123 0.59 -7.79 3.29
C ILE A 123 0.87 -6.66 4.28
N GLN A 124 0.63 -6.93 5.56
CA GLN A 124 0.85 -5.95 6.60
C GLN A 124 2.20 -6.17 7.28
N ALA A 125 3.09 -5.20 7.14
CA ALA A 125 4.42 -5.29 7.75
C ALA A 125 4.95 -3.91 8.11
N ASN A 126 5.53 -3.81 9.30
CA ASN A 126 6.09 -2.54 9.78
C ASN A 126 7.60 -2.52 9.64
N ASP A 127 8.16 -1.33 9.54
CA ASP A 127 9.61 -1.17 9.40
C ASP A 127 10.10 -1.80 8.10
N ALA A 128 11.41 -2.04 8.03
CA ALA A 128 12.01 -2.63 6.83
C ALA A 128 11.28 -3.92 6.44
N SER A 129 10.66 -4.56 7.42
CA SER A 129 9.93 -5.81 7.17
C SER A 129 8.82 -5.60 6.16
N GLY A 130 8.40 -4.35 6.01
CA GLY A 130 7.33 -4.02 5.07
C GLY A 130 7.87 -3.51 3.75
N LEU A 131 9.15 -3.75 3.50
CA LEU A 131 9.78 -3.30 2.26
C LEU A 131 10.77 -4.35 1.74
N ASP A 132 10.53 -5.60 2.10
CA ASP A 132 11.38 -6.70 1.67
C ASP A 132 11.08 -7.09 0.22
N PHE A 133 12.06 -6.89 -0.66
CA PHE A 133 11.89 -7.22 -2.07
C PHE A 133 11.58 -8.71 -2.25
N GLU A 134 12.37 -9.56 -1.60
CA GLU A 134 12.18 -10.99 -1.70
C GLU A 134 10.77 -11.39 -1.24
N GLU A 135 10.25 -10.65 -0.27
CA GLU A 135 8.91 -10.91 0.25
C GLU A 135 7.84 -10.61 -0.80
N ILE A 136 8.04 -9.52 -1.54
CA ILE A 136 7.09 -9.13 -2.57
C ILE A 136 7.11 -10.11 -3.73
N SER A 137 8.31 -10.46 -4.19
CA SER A 137 8.46 -11.39 -5.30
C SER A 137 7.89 -12.76 -4.94
N ARG A 138 8.12 -13.18 -3.70
CA ARG A 138 7.63 -14.48 -3.23
C ARG A 138 6.11 -14.47 -3.10
N LYS A 139 5.57 -13.33 -2.66
CA LYS A 139 4.13 -13.19 -2.49
C LYS A 139 3.40 -13.28 -3.82
N VAL A 140 3.90 -12.54 -4.81
CA VAL A 140 3.29 -12.54 -6.13
C VAL A 140 3.49 -13.88 -6.83
N LYS A 141 4.65 -14.49 -6.62
CA LYS A 141 4.96 -15.78 -7.22
C LYS A 141 4.07 -16.88 -6.66
N SER A 142 3.67 -16.72 -5.40
CA SER A 142 2.81 -17.69 -4.73
C SER A 142 1.35 -17.48 -5.12
N ASN A 143 0.95 -16.22 -5.19
CA ASN A 143 -0.43 -15.88 -5.55
C ASN A 143 -1.42 -16.45 -4.54
N ARG A 144 -1.05 -16.38 -3.26
CA ARG A 144 -1.91 -16.89 -2.20
C ARG A 144 -1.54 -16.28 -0.85
N MET A 9 -13.88 11.94 19.91
CA MET A 9 -12.65 11.18 19.69
C MET A 9 -12.94 9.72 19.42
N ALA A 10 -11.91 8.95 19.08
CA ALA A 10 -12.06 7.54 18.79
C ALA A 10 -13.06 7.30 17.67
N MET A 11 -13.10 8.23 16.71
CA MET A 11 -14.01 8.12 15.59
C MET A 11 -13.73 6.87 14.77
N SER A 12 -14.39 6.75 13.62
CA SER A 12 -14.21 5.59 12.75
C SER A 12 -15.07 5.72 11.50
N GLY A 13 -14.43 6.00 10.37
CA GLY A 13 -15.14 6.15 9.12
C GLY A 13 -14.22 6.19 7.92
N VAL A 14 -13.05 5.57 8.05
CA VAL A 14 -12.07 5.55 6.97
C VAL A 14 -12.71 5.07 5.67
N SER A 15 -12.38 5.75 4.58
CA SER A 15 -12.92 5.39 3.27
C SER A 15 -11.95 5.79 2.16
N VAL A 16 -11.79 4.91 1.18
CA VAL A 16 -10.90 5.16 0.06
C VAL A 16 -11.50 6.20 -0.90
N ALA A 17 -10.77 7.29 -1.11
CA ALA A 17 -11.22 8.35 -1.99
C ALA A 17 -10.99 7.98 -3.46
N ASP A 18 -11.74 8.63 -4.35
CA ASP A 18 -11.61 8.36 -5.77
C ASP A 18 -10.16 8.52 -6.22
N GLU A 19 -9.43 9.42 -5.58
CA GLU A 19 -8.04 9.66 -5.92
C GLU A 19 -7.20 8.41 -5.71
N CYS A 20 -7.44 7.71 -4.60
CA CYS A 20 -6.72 6.49 -4.28
C CYS A 20 -7.05 5.39 -5.28
N VAL A 21 -8.34 5.25 -5.59
CA VAL A 21 -8.79 4.23 -6.52
C VAL A 21 -8.12 4.39 -7.88
N THR A 22 -8.18 5.60 -8.42
CA THR A 22 -7.58 5.89 -9.72
C THR A 22 -6.07 5.71 -9.67
N ALA A 23 -5.46 6.15 -8.59
CA ALA A 23 -4.01 6.04 -8.43
C ALA A 23 -3.57 4.58 -8.51
N LEU A 24 -4.29 3.70 -7.83
CA LEU A 24 -3.97 2.28 -7.84
C LEU A 24 -4.24 1.66 -9.21
N ASN A 25 -5.34 2.07 -9.82
CA ASN A 25 -5.70 1.55 -11.14
C ASN A 25 -4.60 1.82 -12.16
N ASP A 26 -4.07 3.04 -12.15
CA ASP A 26 -3.01 3.42 -13.07
C ASP A 26 -1.70 2.75 -12.69
N LEU A 27 -1.43 2.68 -11.38
CA LEU A 27 -0.21 2.06 -10.88
C LEU A 27 -0.07 0.63 -11.40
N ARG A 28 -1.16 -0.12 -11.35
CA ARG A 28 -1.16 -1.49 -11.82
C ARG A 28 -0.86 -1.57 -13.31
N HIS A 29 -1.15 -0.48 -14.03
CA HIS A 29 -0.91 -0.42 -15.46
C HIS A 29 0.45 0.21 -15.76
N LYS A 30 1.34 0.20 -14.76
CA LYS A 30 2.66 0.78 -14.92
C LYS A 30 2.58 2.27 -15.20
N LYS A 31 1.76 2.97 -14.43
CA LYS A 31 1.59 4.42 -14.60
C LYS A 31 2.88 5.15 -14.24
N SER A 32 3.34 4.99 -13.00
CA SER A 32 4.55 5.64 -12.53
C SER A 32 5.57 4.61 -12.05
N ARG A 33 5.36 4.10 -10.84
CA ARG A 33 6.26 3.12 -10.26
C ARG A 33 5.82 2.74 -8.86
N TYR A 34 5.64 3.73 -8.00
CA TYR A 34 5.22 3.50 -6.62
C TYR A 34 4.18 4.54 -6.18
N VAL A 35 3.16 4.08 -5.48
CA VAL A 35 2.11 4.97 -4.99
C VAL A 35 1.84 4.76 -3.51
N ILE A 36 2.12 5.78 -2.71
CA ILE A 36 1.91 5.70 -1.27
C ILE A 36 0.76 6.60 -0.82
N MET A 37 -0.09 6.09 0.05
CA MET A 37 -1.22 6.86 0.55
C MET A 37 -1.35 6.71 2.07
N HIS A 38 -1.99 7.69 2.70
CA HIS A 38 -2.19 7.66 4.15
C HIS A 38 -3.61 8.06 4.51
N ILE A 39 -4.02 7.71 5.74
CA ILE A 39 -5.36 8.03 6.20
C ILE A 39 -5.42 9.44 6.79
N VAL A 40 -6.37 10.24 6.31
CA VAL A 40 -6.54 11.61 6.79
C VAL A 40 -7.83 11.75 7.59
N ASP A 41 -7.74 12.43 8.73
CA ASP A 41 -8.90 12.64 9.58
C ASP A 41 -9.55 11.32 9.96
N GLN A 42 -8.76 10.25 9.93
CA GLN A 42 -9.25 8.92 10.27
C GLN A 42 -10.66 8.71 9.73
N LYS A 43 -10.91 9.18 8.51
CA LYS A 43 -12.22 9.04 7.89
C LYS A 43 -12.09 9.01 6.37
N SER A 44 -11.21 9.86 5.83
CA SER A 44 -11.00 9.93 4.39
C SER A 44 -9.53 9.71 4.05
N ILE A 45 -9.28 8.76 3.15
CA ILE A 45 -7.92 8.45 2.74
C ILE A 45 -7.43 9.42 1.66
N ALA A 46 -6.23 9.97 1.85
CA ALA A 46 -5.66 10.90 0.91
C ALA A 46 -4.22 10.52 0.55
N VAL A 47 -3.74 11.03 -0.57
CA VAL A 47 -2.38 10.74 -1.01
C VAL A 47 -1.34 11.44 -0.13
N LYS A 48 -0.29 10.71 0.22
CA LYS A 48 0.77 11.27 1.06
C LYS A 48 2.01 11.61 0.23
N THR A 49 2.43 10.67 -0.60
CA THR A 49 3.60 10.88 -1.45
C THR A 49 3.62 9.89 -2.61
N ILE A 50 3.37 10.39 -3.82
CA ILE A 50 3.37 9.55 -5.01
C ILE A 50 4.69 9.63 -5.76
N GLY A 51 5.23 8.48 -6.15
CA GLY A 51 6.48 8.45 -6.87
C GLY A 51 6.29 8.31 -8.36
N GLU A 52 7.40 8.25 -9.10
CA GLU A 52 7.35 8.12 -10.55
C GLU A 52 8.75 8.03 -11.14
N ARG A 53 9.42 6.91 -10.91
CA ARG A 53 10.78 6.71 -11.41
C ARG A 53 11.68 7.89 -11.03
N GLY A 54 12.05 7.95 -9.76
CA GLY A 54 12.90 9.03 -9.29
C GLY A 54 12.98 9.08 -7.78
N ALA A 55 11.93 8.62 -7.11
CA ALA A 55 11.89 8.61 -5.65
C ALA A 55 12.58 7.38 -5.09
N ASN A 56 13.71 7.59 -4.41
CA ASN A 56 14.45 6.48 -3.81
C ASN A 56 13.73 5.93 -2.59
N PHE A 57 14.08 4.71 -2.20
CA PHE A 57 13.47 4.07 -1.05
C PHE A 57 13.88 4.76 0.25
N ASP A 58 15.14 5.21 0.30
CA ASP A 58 15.66 5.89 1.48
C ASP A 58 14.80 7.11 1.83
N GLN A 59 14.50 7.91 0.81
CA GLN A 59 13.70 9.11 1.00
C GLN A 59 12.27 8.76 1.40
N PHE A 60 11.75 7.67 0.83
CA PHE A 60 10.40 7.23 1.12
C PHE A 60 10.25 6.88 2.60
N ILE A 61 11.22 6.15 3.13
CA ILE A 61 11.21 5.74 4.54
C ILE A 61 11.45 6.94 5.45
N GLU A 62 12.38 7.81 5.05
CA GLU A 62 12.70 9.00 5.83
C GLU A 62 11.47 9.89 6.01
N ALA A 63 10.68 10.02 4.95
CA ALA A 63 9.49 10.83 4.99
C ALA A 63 8.38 10.16 5.79
N ILE A 64 8.06 8.93 5.41
CA ILE A 64 7.02 8.15 6.10
C ILE A 64 7.44 7.81 7.52
N ASP A 65 6.47 7.78 8.42
CA ASP A 65 6.73 7.46 9.82
C ASP A 65 5.98 6.21 10.24
N LYS A 66 6.72 5.13 10.48
CA LYS A 66 6.11 3.87 10.90
C LYS A 66 5.23 4.06 12.13
N ASN A 67 3.93 4.10 11.91
CA ASN A 67 2.97 4.28 12.99
C ASN A 67 1.54 4.31 12.47
N VAL A 68 1.17 5.42 11.85
CA VAL A 68 -0.17 5.57 11.30
C VAL A 68 -0.46 4.51 10.24
N PRO A 69 -1.74 4.17 10.08
CA PRO A 69 -2.19 3.16 9.12
C PRO A 69 -2.03 3.64 7.68
N CYS A 70 -0.85 3.47 7.11
CA CYS A 70 -0.58 3.89 5.75
C CYS A 70 -0.46 2.68 4.82
N TYR A 71 -0.70 2.91 3.53
CA TYR A 71 -0.63 1.83 2.54
C TYR A 71 0.39 2.17 1.46
N ALA A 72 1.25 1.20 1.14
CA ALA A 72 2.27 1.38 0.12
C ALA A 72 2.09 0.39 -1.02
N ALA A 73 1.84 0.91 -2.22
CA ALA A 73 1.66 0.06 -3.38
C ALA A 73 2.87 0.12 -4.31
N PHE A 74 3.37 -1.06 -4.70
CA PHE A 74 4.53 -1.13 -5.58
C PHE A 74 4.16 -1.79 -6.91
N ASP A 75 4.47 -1.12 -8.01
CA ASP A 75 4.17 -1.63 -9.34
C ASP A 75 5.41 -2.30 -9.95
N PHE A 76 5.31 -3.60 -10.20
CA PHE A 76 6.42 -4.35 -10.78
C PHE A 76 5.96 -5.15 -11.99
N GLU A 77 6.90 -5.80 -12.66
CA GLU A 77 6.59 -6.59 -13.85
C GLU A 77 7.04 -8.05 -13.65
N TYR A 78 6.28 -8.97 -14.24
CA TYR A 78 6.59 -10.38 -14.14
C TYR A 78 6.21 -11.13 -15.42
N THR A 79 6.60 -12.39 -15.50
CA THR A 79 6.29 -13.22 -16.66
C THR A 79 5.49 -14.45 -16.27
N THR A 80 4.40 -14.23 -15.55
CA THR A 80 3.55 -15.33 -15.10
C THR A 80 2.66 -15.82 -16.24
N ASN A 81 2.12 -14.88 -17.02
CA ASN A 81 1.27 -15.22 -18.14
C ASN A 81 2.08 -15.70 -19.35
N ASP A 82 3.25 -15.09 -19.52
CA ASP A 82 4.13 -15.44 -20.64
C ASP A 82 5.35 -14.53 -20.66
N GLY A 83 5.14 -13.25 -20.43
CA GLY A 83 6.24 -12.30 -20.43
C GLY A 83 5.80 -10.91 -20.01
N PRO A 84 5.20 -10.16 -20.95
CA PRO A 84 4.72 -8.80 -20.68
C PRO A 84 3.52 -8.78 -19.75
N ARG A 85 3.77 -9.05 -18.47
CA ARG A 85 2.71 -9.06 -17.47
C ARG A 85 2.99 -8.03 -16.37
N ASP A 86 1.93 -7.48 -15.80
CA ASP A 86 2.05 -6.48 -14.74
C ASP A 86 1.53 -7.03 -13.41
N LYS A 87 2.30 -6.81 -12.35
CA LYS A 87 1.92 -7.28 -11.03
C LYS A 87 1.99 -6.15 -10.00
N LEU A 88 0.89 -5.93 -9.28
CA LEU A 88 0.84 -4.88 -8.28
C LEU A 88 0.85 -5.48 -6.87
N ILE A 89 1.65 -4.87 -5.99
CA ILE A 89 1.76 -5.35 -4.62
C ILE A 89 1.23 -4.30 -3.64
N LEU A 90 0.67 -4.77 -2.53
CA LEU A 90 0.12 -3.87 -1.51
C LEU A 90 0.64 -4.25 -0.12
N ILE A 91 1.34 -3.32 0.51
CA ILE A 91 1.89 -3.54 1.83
C ILE A 91 1.29 -2.58 2.86
N SER A 92 0.73 -3.13 3.92
CA SER A 92 0.11 -2.32 4.97
C SER A 92 1.04 -2.19 6.17
N TRP A 93 1.11 -0.99 6.72
CA TRP A 93 1.96 -0.73 7.88
C TRP A 93 1.13 -0.59 9.16
N ASN A 94 1.32 -1.51 10.09
CA ASN A 94 0.59 -1.48 11.36
C ASN A 94 1.29 -2.33 12.41
N PRO A 95 2.22 -1.70 13.13
CA PRO A 95 2.99 -2.37 14.18
C PRO A 95 2.14 -2.70 15.41
N ASP A 96 2.25 -3.94 15.89
CA ASP A 96 1.48 -4.37 17.05
C ASP A 96 1.77 -3.49 18.26
N SER A 97 2.92 -2.84 18.24
CA SER A 97 3.32 -1.96 19.34
C SER A 97 3.09 -0.50 18.97
N GLY A 98 2.34 -0.27 17.89
CA GLY A 98 2.06 1.09 17.45
C GLY A 98 0.98 1.75 18.29
N ALA A 99 -0.18 1.97 17.69
CA ALA A 99 -1.31 2.60 18.38
C ALA A 99 -2.61 1.87 18.11
N PRO A 100 -3.59 2.07 18.99
CA PRO A 100 -4.91 1.43 18.87
C PRO A 100 -5.71 1.98 17.69
N ARG A 101 -5.55 3.27 17.42
CA ARG A 101 -6.26 3.91 16.32
C ARG A 101 -5.75 3.41 14.98
N THR A 102 -4.45 3.09 14.92
CA THR A 102 -3.84 2.61 13.69
C THR A 102 -4.26 1.17 13.40
N LYS A 103 -4.18 0.32 14.43
CA LYS A 103 -4.54 -1.09 14.28
C LYS A 103 -6.06 -1.23 14.08
N MET A 104 -6.82 -0.36 14.73
CA MET A 104 -8.27 -0.40 14.63
C MET A 104 -8.73 0.08 13.25
N LEU A 105 -8.19 1.21 12.81
CA LEU A 105 -8.53 1.78 11.51
C LEU A 105 -8.14 0.82 10.38
N TYR A 106 -7.09 0.05 10.61
CA TYR A 106 -6.60 -0.89 9.62
C TYR A 106 -7.69 -1.90 9.25
N SER A 107 -8.41 -2.38 10.26
CA SER A 107 -9.47 -3.35 10.04
C SER A 107 -10.70 -2.69 9.43
N SER A 108 -11.02 -1.49 9.91
CA SER A 108 -12.18 -0.76 9.39
C SER A 108 -11.95 -0.33 7.96
N SER A 109 -10.69 -0.20 7.57
CA SER A 109 -10.34 0.20 6.21
C SER A 109 -10.03 -1.01 5.34
N ARG A 110 -9.62 -2.11 5.98
CA ARG A 110 -9.31 -3.34 5.26
C ARG A 110 -10.53 -3.87 4.53
N ASP A 111 -11.69 -3.78 5.16
CA ASP A 111 -12.93 -4.25 4.56
C ASP A 111 -13.23 -3.50 3.27
N ALA A 112 -13.03 -2.18 3.30
CA ALA A 112 -13.28 -1.34 2.14
C ALA A 112 -12.14 -1.42 1.14
N LEU A 113 -10.97 -1.82 1.63
CA LEU A 113 -9.78 -1.94 0.78
C LEU A 113 -9.77 -3.29 0.06
N VAL A 114 -10.46 -4.27 0.63
CA VAL A 114 -10.53 -5.60 0.05
C VAL A 114 -11.02 -5.54 -1.40
N PRO A 115 -12.20 -4.92 -1.60
CA PRO A 115 -12.79 -4.78 -2.93
C PRO A 115 -12.01 -3.81 -3.81
N LEU A 116 -11.44 -2.78 -3.19
CA LEU A 116 -10.66 -1.78 -3.92
C LEU A 116 -9.40 -2.40 -4.52
N THR A 117 -8.68 -3.15 -3.70
CA THR A 117 -7.44 -3.80 -4.15
C THR A 117 -7.61 -5.31 -4.21
N GLN A 118 -8.56 -5.76 -5.02
CA GLN A 118 -8.82 -7.19 -5.17
C GLN A 118 -7.90 -7.81 -6.21
N GLY A 119 -7.13 -8.81 -5.80
CA GLY A 119 -6.21 -9.47 -6.71
C GLY A 119 -4.77 -9.27 -6.32
N PHE A 120 -4.42 -8.05 -5.93
CA PHE A 120 -3.06 -7.74 -5.53
C PHE A 120 -2.72 -8.39 -4.19
N GLN A 121 -1.44 -8.69 -3.99
CA GLN A 121 -0.99 -9.32 -2.76
C GLN A 121 -0.98 -8.31 -1.61
N GLY A 122 -1.96 -8.44 -0.71
CA GLY A 122 -2.04 -7.53 0.42
C GLY A 122 -1.49 -8.14 1.69
N ILE A 123 -0.40 -7.58 2.19
CA ILE A 123 0.23 -8.07 3.41
C ILE A 123 0.53 -6.93 4.37
N GLN A 124 0.23 -7.15 5.65
CA GLN A 124 0.48 -6.13 6.67
C GLN A 124 1.66 -6.52 7.56
N ALA A 125 2.72 -5.73 7.51
CA ALA A 125 3.91 -5.98 8.30
C ALA A 125 4.60 -4.69 8.69
N ASN A 126 4.97 -4.58 9.97
CA ASN A 126 5.65 -3.39 10.47
C ASN A 126 7.15 -3.59 10.52
N ASP A 127 7.90 -2.49 10.50
CA ASP A 127 9.35 -2.55 10.54
C ASP A 127 9.91 -3.25 9.30
N ALA A 128 11.16 -3.67 9.37
CA ALA A 128 11.81 -4.36 8.26
C ALA A 128 10.96 -5.52 7.76
N SER A 129 10.14 -6.07 8.65
CA SER A 129 9.28 -7.20 8.31
C SER A 129 8.33 -6.83 7.17
N GLY A 130 8.07 -5.54 7.03
CA GLY A 130 7.17 -5.07 5.98
C GLY A 130 7.92 -4.40 4.85
N LEU A 131 9.21 -4.67 4.75
CA LEU A 131 10.04 -4.09 3.70
C LEU A 131 11.04 -5.10 3.17
N ASP A 132 10.70 -6.38 3.29
CA ASP A 132 11.57 -7.45 2.81
C ASP A 132 11.42 -7.64 1.31
N PHE A 133 12.43 -7.25 0.56
CA PHE A 133 12.42 -7.37 -0.89
C PHE A 133 12.07 -8.80 -1.31
N GLU A 134 12.69 -9.78 -0.66
CA GLU A 134 12.44 -11.18 -0.96
C GLU A 134 10.97 -11.52 -0.79
N GLU A 135 10.32 -10.84 0.14
CA GLU A 135 8.89 -11.07 0.41
C GLU A 135 8.04 -10.61 -0.76
N ILE A 136 8.38 -9.46 -1.33
CA ILE A 136 7.65 -8.91 -2.46
C ILE A 136 7.85 -9.76 -3.70
N SER A 137 9.10 -10.11 -3.98
CA SER A 137 9.43 -10.92 -5.15
C SER A 137 8.76 -12.28 -5.07
N ARG A 138 8.75 -12.86 -3.87
CA ARG A 138 8.13 -14.17 -3.66
C ARG A 138 6.62 -14.08 -3.79
N LYS A 139 6.05 -12.98 -3.32
CA LYS A 139 4.61 -12.77 -3.37
C LYS A 139 4.13 -12.70 -4.82
N VAL A 140 4.81 -11.89 -5.63
CA VAL A 140 4.45 -11.74 -7.03
C VAL A 140 4.72 -13.02 -7.81
N LYS A 141 5.80 -13.69 -7.48
CA LYS A 141 6.18 -14.94 -8.14
C LYS A 141 5.10 -16.00 -7.94
N SER A 142 4.49 -16.00 -6.77
CA SER A 142 3.44 -16.97 -6.44
C SER A 142 2.11 -16.54 -7.04
N ASN A 143 1.92 -15.23 -7.19
CA ASN A 143 0.68 -14.69 -7.75
C ASN A 143 -0.52 -15.04 -6.87
N ARG A 144 -0.25 -15.24 -5.57
CA ARG A 144 -1.31 -15.58 -4.63
C ARG A 144 -2.46 -14.59 -4.72
N MET A 9 -11.25 7.33 19.11
CA MET A 9 -12.15 6.94 18.04
C MET A 9 -11.45 6.01 17.04
N ALA A 10 -11.70 4.71 17.18
CA ALA A 10 -11.10 3.72 16.30
C ALA A 10 -11.85 3.63 14.97
N MET A 11 -13.09 3.19 15.03
CA MET A 11 -13.91 3.06 13.84
C MET A 11 -14.58 4.39 13.48
N SER A 12 -14.85 4.59 12.20
CA SER A 12 -15.47 5.83 11.73
C SER A 12 -15.95 5.68 10.30
N GLY A 13 -15.02 5.46 9.38
CA GLY A 13 -15.36 5.29 7.98
C GLY A 13 -14.16 5.07 7.10
N VAL A 14 -13.14 5.92 7.27
CA VAL A 14 -11.91 5.80 6.49
C VAL A 14 -12.22 5.37 5.06
N SER A 15 -12.60 6.33 4.22
CA SER A 15 -12.92 6.03 2.83
C SER A 15 -11.79 6.48 1.90
N VAL A 16 -11.55 5.70 0.86
CA VAL A 16 -10.49 6.01 -0.10
C VAL A 16 -10.96 7.08 -1.10
N ALA A 17 -10.20 8.16 -1.19
CA ALA A 17 -10.53 9.25 -2.11
C ALA A 17 -10.38 8.82 -3.55
N ASP A 18 -11.12 9.48 -4.45
CA ASP A 18 -11.06 9.16 -5.87
C ASP A 18 -9.62 9.18 -6.38
N GLU A 19 -8.83 10.12 -5.86
CA GLU A 19 -7.44 10.25 -6.27
C GLU A 19 -6.67 8.95 -6.03
N CYS A 20 -7.00 8.27 -4.93
CA CYS A 20 -6.36 7.01 -4.59
C CYS A 20 -6.73 5.91 -5.58
N VAL A 21 -8.01 5.82 -5.89
CA VAL A 21 -8.50 4.82 -6.84
C VAL A 21 -7.84 4.97 -8.20
N THR A 22 -7.80 6.20 -8.70
CA THR A 22 -7.20 6.48 -10.00
C THR A 22 -5.70 6.20 -9.97
N ALA A 23 -5.04 6.62 -8.89
CA ALA A 23 -3.60 6.41 -8.74
C ALA A 23 -3.25 4.93 -8.82
N LEU A 24 -4.02 4.10 -8.13
CA LEU A 24 -3.78 2.65 -8.13
C LEU A 24 -4.10 2.05 -9.49
N ASN A 25 -5.17 2.53 -10.11
CA ASN A 25 -5.58 2.03 -11.43
C ASN A 25 -4.47 2.23 -12.45
N ASP A 26 -3.87 3.41 -12.46
CA ASP A 26 -2.79 3.73 -13.38
C ASP A 26 -1.51 2.98 -13.00
N LEU A 27 -1.27 2.88 -11.69
CA LEU A 27 -0.08 2.20 -11.20
C LEU A 27 -0.02 0.76 -11.71
N ARG A 28 -1.16 0.08 -11.66
CA ARG A 28 -1.24 -1.30 -12.12
C ARG A 28 -0.95 -1.40 -13.62
N HIS A 29 -1.18 -0.30 -14.32
CA HIS A 29 -0.94 -0.26 -15.76
C HIS A 29 0.45 0.29 -16.07
N LYS A 30 1.34 0.23 -15.08
CA LYS A 30 2.71 0.70 -15.24
C LYS A 30 2.72 2.20 -15.55
N LYS A 31 1.95 2.96 -14.78
CA LYS A 31 1.89 4.41 -14.97
C LYS A 31 3.16 5.08 -14.47
N SER A 32 3.46 4.90 -13.20
CA SER A 32 4.66 5.48 -12.59
C SER A 32 5.55 4.42 -11.99
N ARG A 33 5.14 3.90 -10.83
CA ARG A 33 5.91 2.86 -10.14
C ARG A 33 5.21 2.44 -8.85
N TYR A 34 5.21 3.33 -7.87
CA TYR A 34 4.58 3.04 -6.58
C TYR A 34 3.86 4.28 -6.05
N VAL A 35 2.79 4.04 -5.28
CA VAL A 35 2.01 5.12 -4.71
C VAL A 35 1.74 4.89 -3.23
N ILE A 36 2.14 5.84 -2.38
CA ILE A 36 1.94 5.73 -0.95
C ILE A 36 0.90 6.73 -0.46
N MET A 37 -0.05 6.25 0.34
CA MET A 37 -1.11 7.10 0.88
C MET A 37 -1.32 6.83 2.36
N HIS A 38 -1.85 7.82 3.06
CA HIS A 38 -2.12 7.69 4.50
C HIS A 38 -3.53 8.12 4.83
N ILE A 39 -3.99 7.77 6.03
CA ILE A 39 -5.32 8.13 6.48
C ILE A 39 -5.35 9.52 7.10
N VAL A 40 -6.22 10.38 6.59
CA VAL A 40 -6.34 11.74 7.09
C VAL A 40 -7.66 11.93 7.84
N ASP A 41 -7.57 12.46 9.06
CA ASP A 41 -8.75 12.69 9.88
C ASP A 41 -9.46 11.39 10.20
N GLN A 42 -8.76 10.27 10.00
CA GLN A 42 -9.32 8.95 10.27
C GLN A 42 -10.69 8.80 9.64
N LYS A 43 -10.89 9.47 8.51
CA LYS A 43 -12.17 9.42 7.81
C LYS A 43 -11.96 9.45 6.30
N SER A 44 -11.03 10.30 5.85
CA SER A 44 -10.74 10.44 4.43
C SER A 44 -9.27 10.16 4.16
N ILE A 45 -9.00 9.26 3.22
CA ILE A 45 -7.63 8.92 2.86
C ILE A 45 -7.04 9.92 1.89
N ALA A 46 -5.84 10.40 2.18
CA ALA A 46 -5.17 11.37 1.33
C ALA A 46 -3.77 10.90 0.96
N VAL A 47 -3.24 11.41 -0.15
CA VAL A 47 -1.91 11.04 -0.60
C VAL A 47 -0.83 11.74 0.21
N LYS A 48 0.22 11.01 0.56
CA LYS A 48 1.32 11.56 1.34
C LYS A 48 2.55 11.78 0.47
N THR A 49 2.89 10.77 -0.33
CA THR A 49 4.04 10.86 -1.21
C THR A 49 3.96 9.83 -2.33
N ILE A 50 3.77 10.30 -3.56
CA ILE A 50 3.67 9.42 -4.71
C ILE A 50 5.01 9.32 -5.43
N GLY A 51 5.32 8.12 -5.94
CA GLY A 51 6.56 7.91 -6.65
C GLY A 51 6.38 7.90 -8.15
N GLU A 52 7.48 7.70 -8.88
CA GLU A 52 7.42 7.68 -10.34
C GLU A 52 8.76 7.20 -10.92
N ARG A 53 9.26 6.09 -10.39
CA ARG A 53 10.53 5.54 -10.86
C ARG A 53 11.67 6.55 -10.66
N GLY A 54 11.45 7.52 -9.78
CA GLY A 54 12.46 8.53 -9.52
C GLY A 54 12.62 8.82 -8.05
N ALA A 55 11.92 8.05 -7.21
CA ALA A 55 12.00 8.23 -5.77
C ALA A 55 13.03 7.30 -5.15
N ASN A 56 13.91 7.85 -4.32
CA ASN A 56 14.95 7.06 -3.66
C ASN A 56 14.42 6.43 -2.38
N PHE A 57 15.25 5.62 -1.74
CA PHE A 57 14.87 4.96 -0.50
C PHE A 57 14.77 5.96 0.65
N ASP A 58 15.70 6.92 0.66
CA ASP A 58 15.71 7.95 1.70
C ASP A 58 14.38 8.67 1.76
N GLN A 59 13.87 9.07 0.60
CA GLN A 59 12.60 9.79 0.53
C GLN A 59 11.45 8.91 1.01
N PHE A 60 11.49 7.63 0.66
CA PHE A 60 10.46 6.69 1.06
C PHE A 60 10.37 6.60 2.59
N ILE A 61 11.51 6.39 3.23
CA ILE A 61 11.56 6.29 4.69
C ILE A 61 11.12 7.59 5.33
N GLU A 62 11.57 8.71 4.79
CA GLU A 62 11.23 10.02 5.32
C GLU A 62 9.72 10.24 5.29
N ALA A 63 9.08 9.78 4.22
CA ALA A 63 7.64 9.91 4.07
C ALA A 63 6.89 9.03 5.07
N ILE A 64 7.20 7.74 5.05
CA ILE A 64 6.56 6.79 5.95
C ILE A 64 7.03 7.00 7.38
N ASP A 65 6.08 7.18 8.30
CA ASP A 65 6.41 7.38 9.71
C ASP A 65 5.80 6.27 10.57
N LYS A 66 6.63 5.66 11.41
CA LYS A 66 6.19 4.59 12.29
C LYS A 66 5.21 5.11 13.34
N ASN A 67 3.92 5.05 13.03
CA ASN A 67 2.89 5.52 13.94
C ASN A 67 1.50 5.34 13.35
N VAL A 68 1.17 6.21 12.39
CA VAL A 68 -0.13 6.15 11.73
C VAL A 68 -0.14 5.11 10.63
N PRO A 69 -1.34 4.58 10.31
CA PRO A 69 -1.50 3.57 9.26
C PRO A 69 -1.28 4.14 7.86
N CYS A 70 -0.45 3.45 7.08
CA CYS A 70 -0.15 3.89 5.72
C CYS A 70 -0.07 2.70 4.78
N TYR A 71 -0.56 2.89 3.56
CA TYR A 71 -0.54 1.83 2.56
C TYR A 71 0.30 2.22 1.35
N ALA A 72 1.21 1.34 0.95
CA ALA A 72 2.09 1.60 -0.19
C ALA A 72 1.93 0.51 -1.25
N ALA A 73 1.58 0.91 -2.47
CA ALA A 73 1.42 -0.03 -3.56
C ALA A 73 2.57 0.06 -4.55
N PHE A 74 3.06 -1.09 -4.99
CA PHE A 74 4.17 -1.14 -5.94
C PHE A 74 3.85 -2.07 -7.10
N ASP A 75 4.06 -1.59 -8.33
CA ASP A 75 3.80 -2.37 -9.51
C ASP A 75 5.06 -3.08 -9.99
N PHE A 76 4.92 -4.37 -10.30
CA PHE A 76 6.06 -5.17 -10.76
C PHE A 76 5.64 -6.11 -11.90
N GLU A 77 6.43 -6.12 -12.96
CA GLU A 77 6.14 -6.98 -14.11
C GLU A 77 6.75 -8.36 -13.92
N TYR A 78 6.00 -9.38 -14.33
CA TYR A 78 6.48 -10.76 -14.22
C TYR A 78 5.83 -11.66 -15.27
N THR A 79 6.25 -12.91 -15.31
CA THR A 79 5.70 -13.87 -16.26
C THR A 79 4.74 -14.85 -15.59
N THR A 80 3.65 -14.32 -15.04
CA THR A 80 2.67 -15.15 -14.37
C THR A 80 1.78 -15.86 -15.38
N ASN A 81 1.24 -15.11 -16.33
CA ASN A 81 0.37 -15.68 -17.36
C ASN A 81 1.18 -16.41 -18.42
N ASP A 82 2.36 -15.86 -18.72
CA ASP A 82 3.24 -16.46 -19.73
C ASP A 82 4.48 -15.60 -19.94
N GLY A 83 4.33 -14.29 -19.79
CA GLY A 83 5.45 -13.39 -19.96
C GLY A 83 5.07 -11.94 -19.72
N PRO A 84 4.42 -11.31 -20.71
CA PRO A 84 4.00 -9.92 -20.62
C PRO A 84 2.85 -9.72 -19.63
N ARG A 85 3.17 -9.82 -18.34
CA ARG A 85 2.17 -9.66 -17.29
C ARG A 85 2.66 -8.71 -16.21
N ASP A 86 1.73 -7.99 -15.58
CA ASP A 86 2.07 -7.06 -14.53
C ASP A 86 1.13 -7.20 -13.33
N LYS A 87 1.69 -7.22 -12.13
CA LYS A 87 0.90 -7.35 -10.92
C LYS A 87 1.32 -6.32 -9.88
N LEU A 88 0.34 -5.78 -9.15
CA LEU A 88 0.60 -4.78 -8.13
C LEU A 88 0.40 -5.38 -6.74
N ILE A 89 1.31 -5.04 -5.83
CA ILE A 89 1.23 -5.53 -4.46
C ILE A 89 1.00 -4.39 -3.47
N LEU A 90 0.31 -4.68 -2.38
CA LEU A 90 0.03 -3.67 -1.36
C LEU A 90 0.67 -4.06 -0.03
N ILE A 91 1.55 -3.19 0.46
CA ILE A 91 2.23 -3.42 1.72
C ILE A 91 1.89 -2.35 2.75
N SER A 92 1.52 -2.78 3.95
CA SER A 92 1.17 -1.85 5.01
C SER A 92 2.32 -1.69 6.00
N TRP A 93 2.70 -0.44 6.26
CA TRP A 93 3.78 -0.15 7.18
C TRP A 93 3.26 0.56 8.43
N ASN A 94 3.38 -0.12 9.56
CA ASN A 94 2.92 0.44 10.83
C ASN A 94 3.11 -0.56 11.97
N PRO A 95 3.20 -0.05 13.21
CA PRO A 95 3.39 -0.88 14.40
C PRO A 95 2.14 -1.70 14.73
N ASP A 96 2.35 -3.00 14.95
CA ASP A 96 1.24 -3.89 15.28
C ASP A 96 0.63 -3.54 16.64
N SER A 97 1.49 -3.21 17.59
CA SER A 97 1.05 -2.87 18.94
C SER A 97 1.25 -1.38 19.20
N GLY A 98 1.49 -0.62 18.14
CA GLY A 98 1.70 0.81 18.27
C GLY A 98 0.53 1.50 18.95
N ALA A 99 -0.37 2.05 18.13
CA ALA A 99 -1.54 2.74 18.65
C ALA A 99 -2.82 1.98 18.33
N PRO A 100 -3.89 2.26 19.09
CA PRO A 100 -5.19 1.61 18.91
C PRO A 100 -5.87 2.05 17.62
N ARG A 101 -5.76 3.33 17.30
CA ARG A 101 -6.38 3.87 16.08
C ARG A 101 -5.70 3.30 14.84
N THR A 102 -4.37 3.25 14.88
CA THR A 102 -3.60 2.74 13.75
C THR A 102 -3.84 1.24 13.55
N LYS A 103 -3.96 0.52 14.65
CA LYS A 103 -4.20 -0.92 14.60
C LYS A 103 -5.58 -1.22 14.04
N MET A 104 -6.58 -0.51 14.53
CA MET A 104 -7.96 -0.70 14.06
C MET A 104 -8.14 -0.18 12.64
N LEU A 105 -7.55 0.98 12.38
CA LEU A 105 -7.64 1.59 11.06
C LEU A 105 -7.16 0.63 9.97
N TYR A 106 -6.23 -0.25 10.33
CA TYR A 106 -5.69 -1.22 9.40
C TYR A 106 -6.79 -2.11 8.84
N SER A 107 -7.79 -2.40 9.67
CA SER A 107 -8.91 -3.24 9.26
C SER A 107 -10.10 -2.40 8.85
N SER A 108 -10.23 -1.22 9.44
CA SER A 108 -11.33 -0.31 9.12
C SER A 108 -11.21 0.21 7.70
N SER A 109 -9.99 0.25 7.18
CA SER A 109 -9.75 0.73 5.82
C SER A 109 -9.60 -0.45 4.86
N ARG A 110 -9.04 -1.54 5.35
CA ARG A 110 -8.84 -2.73 4.53
C ARG A 110 -10.15 -3.21 3.93
N ASP A 111 -11.22 -3.14 4.72
CA ASP A 111 -12.53 -3.56 4.26
C ASP A 111 -13.00 -2.72 3.09
N ALA A 112 -12.74 -1.41 3.15
CA ALA A 112 -13.13 -0.50 2.09
C ALA A 112 -12.16 -0.57 0.91
N LEU A 113 -10.93 -1.01 1.19
CA LEU A 113 -9.91 -1.12 0.16
C LEU A 113 -10.04 -2.45 -0.60
N VAL A 114 -10.62 -3.44 0.07
CA VAL A 114 -10.81 -4.75 -0.54
C VAL A 114 -11.50 -4.63 -1.90
N PRO A 115 -12.67 -3.98 -1.91
CA PRO A 115 -13.45 -3.78 -3.14
C PRO A 115 -12.78 -2.81 -4.10
N LEU A 116 -12.08 -1.82 -3.55
CA LEU A 116 -11.39 -0.82 -4.36
C LEU A 116 -10.25 -1.45 -5.14
N THR A 117 -9.50 -2.34 -4.48
CA THR A 117 -8.39 -3.01 -5.12
C THR A 117 -8.45 -4.52 -4.91
N GLN A 118 -9.41 -5.16 -5.54
CA GLN A 118 -9.58 -6.60 -5.41
C GLN A 118 -8.66 -7.35 -6.38
N GLY A 119 -7.81 -8.21 -5.84
CA GLY A 119 -6.90 -8.98 -6.66
C GLY A 119 -5.48 -8.96 -6.13
N PHE A 120 -5.02 -7.77 -5.73
CA PHE A 120 -3.67 -7.62 -5.20
C PHE A 120 -3.55 -8.25 -3.82
N GLN A 121 -2.33 -8.58 -3.43
CA GLN A 121 -2.08 -9.18 -2.13
C GLN A 121 -1.72 -8.13 -1.09
N GLY A 122 -2.16 -8.34 0.15
CA GLY A 122 -1.88 -7.40 1.21
C GLY A 122 -0.95 -7.97 2.26
N ILE A 123 0.14 -7.25 2.54
CA ILE A 123 1.11 -7.69 3.54
C ILE A 123 1.39 -6.60 4.55
N GLN A 124 1.12 -6.89 5.82
CA GLN A 124 1.35 -5.93 6.90
C GLN A 124 2.63 -6.27 7.66
N ALA A 125 3.60 -5.35 7.61
CA ALA A 125 4.86 -5.55 8.30
C ALA A 125 5.44 -4.21 8.77
N ASN A 126 5.87 -4.18 10.02
CA ASN A 126 6.44 -2.96 10.60
C ASN A 126 7.97 -3.00 10.55
N ASP A 127 8.59 -1.83 10.56
CA ASP A 127 10.04 -1.74 10.52
C ASP A 127 10.60 -2.29 9.22
N ALA A 128 11.89 -2.58 9.20
CA ALA A 128 12.53 -3.13 8.01
C ALA A 128 11.80 -4.36 7.51
N SER A 129 11.10 -5.05 8.41
CA SER A 129 10.36 -6.24 8.05
C SER A 129 9.30 -5.94 7.00
N GLY A 130 8.90 -4.68 6.92
CA GLY A 130 7.90 -4.27 5.95
C GLY A 130 8.50 -3.56 4.76
N LEU A 131 9.80 -3.76 4.55
CA LEU A 131 10.50 -3.13 3.43
C LEU A 131 11.37 -4.14 2.69
N ASP A 132 11.00 -5.41 2.79
CA ASP A 132 11.74 -6.48 2.13
C ASP A 132 11.25 -6.67 0.70
N PHE A 133 12.06 -6.22 -0.27
CA PHE A 133 11.71 -6.34 -1.67
C PHE A 133 11.51 -7.80 -2.06
N GLU A 134 12.42 -8.66 -1.59
CA GLU A 134 12.36 -10.08 -1.89
C GLU A 134 11.02 -10.67 -1.44
N GLU A 135 10.49 -10.16 -0.34
CA GLU A 135 9.23 -10.64 0.20
C GLU A 135 8.07 -10.27 -0.73
N ILE A 136 8.12 -9.06 -1.27
CA ILE A 136 7.08 -8.59 -2.18
C ILE A 136 7.09 -9.39 -3.49
N SER A 137 8.28 -9.56 -4.06
CA SER A 137 8.42 -10.29 -5.31
C SER A 137 8.00 -11.75 -5.13
N ARG A 138 8.35 -12.32 -3.98
CA ARG A 138 8.00 -13.71 -3.69
C ARG A 138 6.50 -13.87 -3.50
N LYS A 139 5.88 -12.88 -2.87
CA LYS A 139 4.44 -12.92 -2.62
C LYS A 139 3.66 -12.84 -3.92
N VAL A 140 4.03 -11.90 -4.78
CA VAL A 140 3.37 -11.73 -6.07
C VAL A 140 3.64 -12.92 -6.99
N LYS A 141 4.86 -13.43 -6.93
CA LYS A 141 5.26 -14.56 -7.76
C LYS A 141 4.57 -15.84 -7.31
N SER A 142 4.36 -15.96 -6.00
CA SER A 142 3.71 -17.13 -5.43
C SER A 142 2.23 -17.16 -5.81
N ASN A 143 1.61 -15.99 -5.84
CA ASN A 143 0.19 -15.89 -6.18
C ASN A 143 -0.65 -16.81 -5.31
N ARG A 144 -0.23 -16.98 -4.06
CA ARG A 144 -0.95 -17.84 -3.12
C ARG A 144 -0.91 -17.26 -1.72
N MET A 9 -14.61 7.14 16.45
CA MET A 9 -14.62 6.11 15.41
C MET A 9 -14.15 4.76 15.96
N ALA A 10 -14.31 3.71 15.16
CA ALA A 10 -13.91 2.38 15.57
C ALA A 10 -13.86 1.42 14.37
N MET A 11 -15.03 1.16 13.79
CA MET A 11 -15.12 0.27 12.65
C MET A 11 -15.85 0.95 11.49
N SER A 12 -15.66 0.43 10.28
CA SER A 12 -16.30 0.99 9.09
C SER A 12 -16.02 2.49 8.99
N GLY A 13 -14.75 2.85 8.88
CA GLY A 13 -14.37 4.25 8.77
C GLY A 13 -13.30 4.48 7.72
N VAL A 14 -12.71 5.66 7.74
CA VAL A 14 -11.66 6.01 6.78
C VAL A 14 -12.18 5.95 5.35
N SER A 15 -12.41 7.12 4.77
CA SER A 15 -12.92 7.19 3.40
C SER A 15 -11.78 7.50 2.42
N VAL A 16 -11.79 6.79 1.30
CA VAL A 16 -10.76 6.97 0.28
C VAL A 16 -11.09 8.16 -0.63
N ALA A 17 -10.11 9.02 -0.85
CA ALA A 17 -10.29 10.19 -1.70
C ALA A 17 -10.21 9.82 -3.17
N ASP A 18 -10.94 10.56 -4.01
CA ASP A 18 -10.95 10.30 -5.44
C ASP A 18 -9.53 10.28 -6.01
N GLU A 19 -8.67 11.13 -5.45
CA GLU A 19 -7.28 11.20 -5.90
C GLU A 19 -6.59 9.85 -5.74
N CYS A 20 -6.80 9.22 -4.60
CA CYS A 20 -6.19 7.92 -4.32
C CYS A 20 -6.72 6.86 -5.28
N VAL A 21 -8.03 6.88 -5.52
CA VAL A 21 -8.66 5.92 -6.41
C VAL A 21 -8.05 5.99 -7.81
N THR A 22 -7.97 7.21 -8.35
CA THR A 22 -7.42 7.41 -9.68
C THR A 22 -5.95 7.02 -9.73
N ALA A 23 -5.21 7.38 -8.69
CA ALA A 23 -3.79 7.06 -8.61
C ALA A 23 -3.56 5.56 -8.71
N LEU A 24 -4.33 4.79 -7.96
CA LEU A 24 -4.20 3.34 -7.97
C LEU A 24 -4.64 2.76 -9.31
N ASN A 25 -5.71 3.33 -9.87
CA ASN A 25 -6.22 2.86 -11.15
C ASN A 25 -5.15 2.96 -12.24
N ASP A 26 -4.46 4.10 -12.28
CA ASP A 26 -3.41 4.32 -13.27
C ASP A 26 -2.18 3.47 -12.95
N LEU A 27 -1.89 3.32 -11.67
CA LEU A 27 -0.75 2.53 -11.23
C LEU A 27 -0.84 1.11 -11.73
N ARG A 28 -2.04 0.52 -11.63
CA ARG A 28 -2.27 -0.85 -12.08
C ARG A 28 -2.05 -0.96 -13.58
N HIS A 29 -2.18 0.14 -14.29
CA HIS A 29 -2.00 0.17 -15.74
C HIS A 29 -0.56 0.54 -16.10
N LYS A 30 0.35 0.38 -15.14
CA LYS A 30 1.75 0.70 -15.36
C LYS A 30 1.92 2.17 -15.71
N LYS A 31 1.27 3.03 -14.95
CA LYS A 31 1.34 4.48 -15.18
C LYS A 31 2.72 5.02 -14.76
N SER A 32 2.99 4.96 -13.47
CA SER A 32 4.26 5.46 -12.93
C SER A 32 5.11 4.30 -12.42
N ARG A 33 4.75 3.79 -11.24
CA ARG A 33 5.47 2.69 -10.63
C ARG A 33 4.85 2.29 -9.29
N TYR A 34 4.92 3.19 -8.32
CA TYR A 34 4.37 2.94 -7.00
C TYR A 34 3.79 4.22 -6.39
N VAL A 35 2.67 4.08 -5.69
CA VAL A 35 2.03 5.22 -5.06
C VAL A 35 1.73 4.95 -3.59
N ILE A 36 2.23 5.83 -2.72
CA ILE A 36 2.02 5.67 -1.29
C ILE A 36 1.05 6.74 -0.76
N MET A 37 0.13 6.30 0.09
CA MET A 37 -0.86 7.21 0.67
C MET A 37 -1.00 6.98 2.16
N HIS A 38 -1.42 8.01 2.88
CA HIS A 38 -1.60 7.91 4.33
C HIS A 38 -2.99 8.40 4.74
N ILE A 39 -3.35 8.14 5.99
CA ILE A 39 -4.65 8.55 6.51
C ILE A 39 -4.55 9.88 7.26
N VAL A 40 -5.17 10.92 6.70
CA VAL A 40 -5.17 12.23 7.32
C VAL A 40 -6.44 12.48 8.12
N ASP A 41 -6.30 13.20 9.23
CA ASP A 41 -7.44 13.51 10.08
C ASP A 41 -8.12 12.23 10.57
N GLN A 42 -7.38 11.13 10.55
CA GLN A 42 -7.91 9.84 10.98
C GLN A 42 -9.36 9.68 10.54
N LYS A 43 -9.65 10.08 9.31
CA LYS A 43 -11.01 9.98 8.78
C LYS A 43 -10.99 9.95 7.26
N SER A 44 -10.11 10.76 6.67
CA SER A 44 -9.99 10.85 5.22
C SER A 44 -8.63 10.35 4.76
N ILE A 45 -8.58 9.80 3.55
CA ILE A 45 -7.33 9.30 2.98
C ILE A 45 -6.76 10.27 1.95
N ALA A 46 -5.47 10.57 2.09
CA ALA A 46 -4.80 11.49 1.18
C ALA A 46 -3.38 11.01 0.86
N VAL A 47 -2.91 11.33 -0.34
CA VAL A 47 -1.58 10.93 -0.77
C VAL A 47 -0.50 11.68 0.01
N LYS A 48 0.55 10.96 0.40
CA LYS A 48 1.64 11.54 1.15
C LYS A 48 2.88 11.71 0.28
N THR A 49 3.17 10.70 -0.54
CA THR A 49 4.32 10.74 -1.43
C THR A 49 4.18 9.73 -2.55
N ILE A 50 3.96 10.21 -3.77
CA ILE A 50 3.81 9.34 -4.92
C ILE A 50 5.13 9.20 -5.68
N GLY A 51 5.36 8.03 -6.26
CA GLY A 51 6.58 7.79 -7.01
C GLY A 51 6.35 7.80 -8.50
N GLU A 52 7.39 7.46 -9.26
CA GLU A 52 7.29 7.44 -10.72
C GLU A 52 8.62 7.01 -11.34
N ARG A 53 9.14 5.86 -10.91
CA ARG A 53 10.39 5.35 -11.42
C ARG A 53 11.54 6.30 -11.11
N GLY A 54 11.31 7.20 -10.15
CA GLY A 54 12.34 8.16 -9.78
C GLY A 54 12.58 8.20 -8.28
N ALA A 55 11.51 7.99 -7.51
CA ALA A 55 11.62 8.00 -6.06
C ALA A 55 12.72 7.08 -5.57
N ASN A 56 13.58 7.59 -4.70
CA ASN A 56 14.70 6.81 -4.16
C ASN A 56 14.27 6.07 -2.90
N PHE A 57 15.15 5.20 -2.41
CA PHE A 57 14.87 4.43 -1.20
C PHE A 57 14.87 5.32 0.03
N ASP A 58 15.82 6.25 0.08
CA ASP A 58 15.92 7.17 1.20
C ASP A 58 14.63 7.97 1.39
N GLN A 59 14.11 8.49 0.28
CA GLN A 59 12.87 9.27 0.33
C GLN A 59 11.70 8.39 0.75
N PHE A 60 11.71 7.14 0.30
CA PHE A 60 10.64 6.20 0.64
C PHE A 60 10.57 5.97 2.14
N ILE A 61 11.71 5.64 2.74
CA ILE A 61 11.78 5.38 4.17
C ILE A 61 11.44 6.64 4.97
N GLU A 62 11.96 7.77 4.52
CA GLU A 62 11.71 9.05 5.19
C GLU A 62 10.22 9.37 5.21
N ALA A 63 9.55 9.09 4.11
CA ALA A 63 8.12 9.34 4.00
C ALA A 63 7.31 8.41 4.90
N ILE A 64 7.55 7.12 4.76
CA ILE A 64 6.85 6.12 5.56
C ILE A 64 7.36 6.13 7.00
N ASP A 65 6.43 6.29 7.94
CA ASP A 65 6.79 6.32 9.36
C ASP A 65 6.05 5.22 10.12
N LYS A 66 6.81 4.36 10.78
CA LYS A 66 6.24 3.26 11.55
C LYS A 66 5.41 3.79 12.72
N ASN A 67 4.12 3.98 12.48
CA ASN A 67 3.22 4.48 13.52
C ASN A 67 1.79 4.60 12.98
N VAL A 68 1.57 5.62 12.16
CA VAL A 68 0.25 5.86 11.59
C VAL A 68 -0.04 4.87 10.45
N PRO A 69 -1.32 4.62 10.20
CA PRO A 69 -1.76 3.70 9.14
C PRO A 69 -1.49 4.26 7.74
N CYS A 70 -0.80 3.48 6.92
CA CYS A 70 -0.49 3.90 5.56
C CYS A 70 -0.50 2.71 4.61
N TYR A 71 -0.81 2.97 3.34
CA TYR A 71 -0.86 1.92 2.34
C TYR A 71 -0.03 2.29 1.11
N ALA A 72 0.84 1.39 0.68
CA ALA A 72 1.69 1.63 -0.48
C ALA A 72 1.46 0.56 -1.55
N ALA A 73 1.16 1.01 -2.76
CA ALA A 73 0.92 0.10 -3.88
C ALA A 73 2.08 0.12 -4.87
N PHE A 74 2.71 -1.04 -5.06
CA PHE A 74 3.84 -1.16 -5.97
C PHE A 74 3.51 -2.10 -7.12
N ASP A 75 3.72 -1.62 -8.35
CA ASP A 75 3.45 -2.42 -9.53
C ASP A 75 4.72 -3.03 -10.08
N PHE A 76 4.70 -4.35 -10.28
CA PHE A 76 5.86 -5.06 -10.79
C PHE A 76 5.46 -6.06 -11.87
N GLU A 77 6.08 -5.95 -13.04
CA GLU A 77 5.78 -6.85 -14.15
C GLU A 77 7.03 -7.61 -14.59
N TYR A 78 6.89 -8.92 -14.76
CA TYR A 78 8.01 -9.75 -15.18
C TYR A 78 7.51 -10.99 -15.91
N THR A 79 8.45 -11.78 -16.45
CA THR A 79 8.11 -12.99 -17.17
C THR A 79 8.95 -14.17 -16.68
N THR A 80 8.94 -14.39 -15.38
CA THR A 80 9.70 -15.50 -14.79
C THR A 80 8.97 -16.82 -14.96
N ASN A 81 7.64 -16.77 -15.02
CA ASN A 81 6.83 -17.96 -15.19
C ASN A 81 6.85 -18.43 -16.64
N ASP A 82 6.84 -17.49 -17.56
CA ASP A 82 6.86 -17.80 -18.99
C ASP A 82 6.62 -16.55 -19.83
N GLY A 83 5.55 -15.81 -19.51
CA GLY A 83 5.23 -14.61 -20.24
C GLY A 83 5.25 -13.38 -19.36
N PRO A 84 5.30 -12.19 -19.99
CA PRO A 84 5.32 -10.92 -19.28
C PRO A 84 3.99 -10.61 -18.60
N ARG A 85 3.93 -10.86 -17.30
CA ARG A 85 2.71 -10.61 -16.52
C ARG A 85 2.91 -9.47 -15.54
N ASP A 86 1.84 -8.74 -15.26
CA ASP A 86 1.90 -7.61 -14.34
C ASP A 86 1.13 -7.92 -13.06
N LYS A 87 1.74 -7.61 -11.91
CA LYS A 87 1.10 -7.85 -10.62
C LYS A 87 1.37 -6.70 -9.66
N LEU A 88 0.32 -6.24 -8.99
CA LEU A 88 0.44 -5.14 -8.03
C LEU A 88 0.30 -5.64 -6.60
N ILE A 89 1.19 -5.18 -5.73
CA ILE A 89 1.16 -5.59 -4.33
C ILE A 89 0.85 -4.40 -3.42
N LEU A 90 0.18 -4.67 -2.30
CA LEU A 90 -0.17 -3.62 -1.35
C LEU A 90 0.43 -3.90 0.02
N ILE A 91 1.27 -2.98 0.49
CA ILE A 91 1.91 -3.13 1.79
C ILE A 91 1.45 -2.04 2.76
N SER A 92 0.90 -2.47 3.89
CA SER A 92 0.41 -1.53 4.90
C SER A 92 1.24 -1.63 6.18
N TRP A 93 1.55 -0.49 6.78
CA TRP A 93 2.34 -0.44 8.00
C TRP A 93 1.43 -0.48 9.22
N ASN A 94 1.53 -1.54 10.01
CA ASN A 94 0.72 -1.69 11.21
C ASN A 94 1.48 -2.46 12.29
N PRO A 95 2.40 -1.77 12.98
CA PRO A 95 3.20 -2.38 14.04
C PRO A 95 2.39 -2.71 15.28
N ASP A 96 2.56 -3.92 15.80
CA ASP A 96 1.83 -4.37 16.98
C ASP A 96 2.10 -3.43 18.17
N SER A 97 3.22 -2.72 18.10
CA SER A 97 3.60 -1.81 19.17
C SER A 97 3.35 -0.35 18.75
N GLY A 98 2.60 -0.18 17.67
CA GLY A 98 2.30 1.15 17.19
C GLY A 98 1.39 1.92 18.12
N ALA A 99 0.13 2.08 17.72
CA ALA A 99 -0.84 2.80 18.54
C ALA A 99 -2.19 2.10 18.53
N PRO A 100 -3.03 2.41 19.54
CA PRO A 100 -4.37 1.82 19.66
C PRO A 100 -5.32 2.30 18.58
N ARG A 101 -5.32 3.62 18.34
CA ARG A 101 -6.19 4.20 17.33
C ARG A 101 -5.77 3.78 15.93
N THR A 102 -4.46 3.82 15.68
CA THR A 102 -3.93 3.44 14.37
C THR A 102 -4.20 1.97 14.07
N LYS A 103 -3.99 1.11 15.07
CA LYS A 103 -4.22 -0.31 14.91
C LYS A 103 -5.66 -0.60 14.49
N MET A 104 -6.60 0.06 15.18
CA MET A 104 -8.01 -0.13 14.87
C MET A 104 -8.38 0.54 13.55
N LEU A 105 -7.84 1.73 13.32
CA LEU A 105 -8.11 2.47 12.10
C LEU A 105 -7.76 1.62 10.87
N TYR A 106 -6.78 0.75 11.03
CA TYR A 106 -6.35 -0.12 9.93
C TYR A 106 -7.50 -0.98 9.43
N SER A 107 -8.21 -1.60 10.36
CA SER A 107 -9.35 -2.46 10.02
C SER A 107 -10.49 -1.63 9.43
N SER A 108 -10.68 -0.44 9.97
CA SER A 108 -11.75 0.44 9.50
C SER A 108 -11.48 0.91 8.08
N SER A 109 -10.21 1.12 7.76
CA SER A 109 -9.80 1.57 6.44
C SER A 109 -9.70 0.41 5.47
N ARG A 110 -9.31 -0.75 5.99
CA ARG A 110 -9.16 -1.95 5.17
C ARG A 110 -10.49 -2.34 4.53
N ASP A 111 -11.57 -2.19 5.28
CA ASP A 111 -12.90 -2.51 4.79
C ASP A 111 -13.26 -1.65 3.58
N ALA A 112 -12.95 -0.37 3.68
CA ALA A 112 -13.23 0.57 2.60
C ALA A 112 -12.20 0.46 1.47
N LEU A 113 -11.02 -0.05 1.81
CA LEU A 113 -9.95 -0.22 0.84
C LEU A 113 -10.11 -1.52 0.06
N VAL A 114 -10.83 -2.47 0.66
CA VAL A 114 -11.05 -3.76 0.02
C VAL A 114 -11.67 -3.59 -1.36
N PRO A 115 -12.81 -2.88 -1.41
CA PRO A 115 -13.53 -2.62 -2.67
C PRO A 115 -12.76 -1.66 -3.59
N LEU A 116 -12.07 -0.71 -2.99
CA LEU A 116 -11.30 0.27 -3.76
C LEU A 116 -10.13 -0.41 -4.48
N THR A 117 -9.43 -1.28 -3.76
CA THR A 117 -8.29 -2.00 -4.34
C THR A 117 -8.51 -3.50 -4.30
N GLN A 118 -9.50 -3.97 -5.06
CA GLN A 118 -9.82 -5.40 -5.10
C GLN A 118 -8.94 -6.11 -6.14
N GLY A 119 -8.20 -7.11 -5.68
CA GLY A 119 -7.34 -7.86 -6.57
C GLY A 119 -5.90 -7.93 -6.07
N PHE A 120 -5.37 -6.79 -5.64
CA PHE A 120 -4.01 -6.72 -5.14
C PHE A 120 -3.90 -7.41 -3.78
N GLN A 121 -2.72 -7.97 -3.51
CA GLN A 121 -2.48 -8.66 -2.24
C GLN A 121 -2.08 -7.67 -1.15
N GLY A 122 -3.00 -7.42 -0.22
CA GLY A 122 -2.73 -6.50 0.87
C GLY A 122 -2.25 -7.21 2.12
N ILE A 123 -1.06 -6.84 2.58
CA ILE A 123 -0.49 -7.44 3.79
C ILE A 123 0.02 -6.38 4.75
N GLN A 124 -0.23 -6.58 6.03
CA GLN A 124 0.20 -5.64 7.06
C GLN A 124 1.48 -6.12 7.73
N ALA A 125 2.55 -5.35 7.58
CA ALA A 125 3.83 -5.70 8.18
C ALA A 125 4.61 -4.44 8.58
N ASN A 126 5.13 -4.43 9.80
CA ASN A 126 5.89 -3.30 10.30
C ASN A 126 7.40 -3.54 10.15
N ASP A 127 8.18 -2.47 10.24
CA ASP A 127 9.63 -2.58 10.12
C ASP A 127 10.03 -3.08 8.74
N ALA A 128 11.27 -3.54 8.62
CA ALA A 128 11.77 -4.05 7.35
C ALA A 128 10.84 -5.11 6.76
N SER A 129 10.09 -5.77 7.63
CA SER A 129 9.15 -6.80 7.20
C SER A 129 8.11 -6.23 6.25
N GLY A 130 7.89 -4.92 6.34
CA GLY A 130 6.91 -4.28 5.48
C GLY A 130 7.56 -3.41 4.41
N LEU A 131 8.68 -3.89 3.87
CA LEU A 131 9.40 -3.17 2.84
C LEU A 131 10.58 -3.99 2.31
N ASP A 132 10.41 -5.30 2.28
CA ASP A 132 11.47 -6.19 1.80
C ASP A 132 11.19 -6.64 0.37
N PHE A 133 12.09 -6.28 -0.54
CA PHE A 133 11.94 -6.63 -1.95
C PHE A 133 11.70 -8.14 -2.10
N GLU A 134 12.46 -8.93 -1.36
CA GLU A 134 12.34 -10.38 -1.42
C GLU A 134 10.95 -10.82 -0.95
N GLU A 135 10.40 -10.11 0.02
CA GLU A 135 9.09 -10.43 0.57
C GLU A 135 8.01 -10.17 -0.47
N ILE A 136 8.09 -9.01 -1.12
CA ILE A 136 7.10 -8.63 -2.14
C ILE A 136 7.14 -9.60 -3.31
N SER A 137 8.34 -9.89 -3.80
CA SER A 137 8.51 -10.81 -4.93
C SER A 137 8.01 -12.21 -4.57
N ARG A 138 8.30 -12.64 -3.35
CA ARG A 138 7.88 -13.95 -2.89
C ARG A 138 6.36 -14.04 -2.79
N LYS A 139 5.74 -12.95 -2.38
CA LYS A 139 4.29 -12.89 -2.24
C LYS A 139 3.60 -12.97 -3.61
N VAL A 140 4.08 -12.16 -4.54
CA VAL A 140 3.52 -12.14 -5.90
C VAL A 140 3.82 -13.43 -6.64
N LYS A 141 5.02 -13.96 -6.42
CA LYS A 141 5.44 -15.21 -7.06
C LYS A 141 4.68 -16.40 -6.47
N SER A 142 4.41 -16.35 -5.18
CA SER A 142 3.70 -17.42 -4.50
C SER A 142 2.22 -17.38 -4.83
N ASN A 143 1.69 -16.18 -5.04
CA ASN A 143 0.28 -15.99 -5.36
C ASN A 143 -0.60 -16.65 -4.31
N ARG A 144 -0.09 -16.76 -3.09
CA ARG A 144 -0.83 -17.37 -2.00
C ARG A 144 -0.97 -16.39 -0.82
N MET A 9 -17.62 -2.36 14.01
CA MET A 9 -17.41 -3.62 13.30
C MET A 9 -16.60 -3.41 12.02
N ALA A 10 -15.29 -3.37 12.17
CA ALA A 10 -14.40 -3.17 11.03
C ALA A 10 -14.75 -1.89 10.28
N MET A 11 -15.25 -0.89 11.00
CA MET A 11 -15.63 0.38 10.39
C MET A 11 -15.44 1.52 11.39
N SER A 12 -15.54 2.75 10.89
CA SER A 12 -15.38 3.93 11.73
C SER A 12 -15.62 5.21 10.92
N GLY A 13 -14.86 5.36 9.84
CA GLY A 13 -14.99 6.54 9.00
C GLY A 13 -13.97 6.57 7.88
N VAL A 14 -12.80 5.99 8.13
CA VAL A 14 -11.75 5.96 7.13
C VAL A 14 -12.25 5.44 5.80
N SER A 15 -12.10 6.25 4.75
CA SER A 15 -12.56 5.87 3.42
C SER A 15 -11.60 6.38 2.35
N VAL A 16 -11.43 5.60 1.28
CA VAL A 16 -10.54 5.98 0.20
C VAL A 16 -11.14 7.09 -0.65
N ALA A 17 -10.37 8.16 -0.84
CA ALA A 17 -10.83 9.30 -1.63
C ALA A 17 -10.72 9.01 -3.12
N ASP A 18 -11.51 9.73 -3.92
CA ASP A 18 -11.51 9.55 -5.36
C ASP A 18 -10.09 9.67 -5.92
N GLU A 19 -9.29 10.55 -5.33
CA GLU A 19 -7.92 10.75 -5.77
C GLU A 19 -7.09 9.49 -5.58
N CYS A 20 -7.40 8.74 -4.53
CA CYS A 20 -6.69 7.49 -4.23
C CYS A 20 -7.04 6.41 -5.24
N VAL A 21 -8.33 6.28 -5.54
CA VAL A 21 -8.80 5.29 -6.49
C VAL A 21 -8.23 5.54 -7.88
N THR A 22 -8.27 6.79 -8.31
CA THR A 22 -7.76 7.17 -9.62
C THR A 22 -6.26 6.98 -9.70
N ALA A 23 -5.55 7.45 -8.67
CA ALA A 23 -4.10 7.33 -8.63
C ALA A 23 -3.67 5.87 -8.71
N LEU A 24 -4.39 5.00 -8.02
CA LEU A 24 -4.08 3.58 -8.01
C LEU A 24 -4.37 2.95 -9.37
N ASN A 25 -5.50 3.33 -9.96
CA ASN A 25 -5.89 2.81 -11.26
C ASN A 25 -4.83 3.11 -12.32
N ASP A 26 -4.35 4.35 -12.33
CA ASP A 26 -3.33 4.77 -13.28
C ASP A 26 -1.99 4.10 -12.96
N LEU A 27 -1.65 4.03 -11.69
CA LEU A 27 -0.39 3.41 -11.27
C LEU A 27 -0.32 1.96 -11.72
N ARG A 28 -1.47 1.29 -11.73
CA ARG A 28 -1.54 -0.11 -12.14
C ARG A 28 -1.13 -0.25 -13.61
N HIS A 29 -1.30 0.82 -14.38
CA HIS A 29 -0.95 0.81 -15.80
C HIS A 29 0.46 1.32 -16.01
N LYS A 30 1.25 1.36 -14.94
CA LYS A 30 2.62 1.83 -15.01
C LYS A 30 2.68 3.28 -15.45
N LYS A 31 1.83 4.12 -14.84
CA LYS A 31 1.79 5.54 -15.16
C LYS A 31 2.95 6.29 -14.50
N SER A 32 3.51 5.69 -13.46
CA SER A 32 4.62 6.31 -12.74
C SER A 32 5.56 5.24 -12.18
N ARG A 33 5.17 4.66 -11.05
CA ARG A 33 5.98 3.62 -10.41
C ARG A 33 5.33 3.17 -9.10
N TYR A 34 5.29 4.07 -8.13
CA TYR A 34 4.70 3.76 -6.83
C TYR A 34 3.99 4.98 -6.25
N VAL A 35 3.02 4.73 -5.37
CA VAL A 35 2.26 5.81 -4.75
C VAL A 35 1.96 5.48 -3.28
N ILE A 36 2.41 6.34 -2.39
CA ILE A 36 2.18 6.14 -0.95
C ILE A 36 1.06 7.05 -0.46
N MET A 37 0.13 6.47 0.30
CA MET A 37 -0.99 7.23 0.84
C MET A 37 -1.14 6.96 2.34
N HIS A 38 -1.73 7.91 3.05
CA HIS A 38 -1.94 7.78 4.48
C HIS A 38 -3.36 8.20 4.87
N ILE A 39 -3.79 7.79 6.06
CA ILE A 39 -5.13 8.13 6.54
C ILE A 39 -5.14 9.49 7.23
N VAL A 40 -5.98 10.39 6.72
CA VAL A 40 -6.08 11.73 7.28
C VAL A 40 -7.37 11.88 8.09
N ASP A 41 -7.23 12.37 9.32
CA ASP A 41 -8.38 12.58 10.19
C ASP A 41 -9.06 11.24 10.51
N GLN A 42 -8.36 10.14 10.25
CA GLN A 42 -8.89 8.81 10.49
C GLN A 42 -10.30 8.67 9.92
N LYS A 43 -10.55 9.37 8.83
CA LYS A 43 -11.85 9.32 8.17
C LYS A 43 -11.72 9.42 6.66
N SER A 44 -10.82 10.30 6.20
CA SER A 44 -10.59 10.49 4.78
C SER A 44 -9.13 10.22 4.42
N ILE A 45 -8.93 9.34 3.44
CA ILE A 45 -7.59 9.00 3.00
C ILE A 45 -7.03 10.06 2.06
N ALA A 46 -5.80 10.49 2.32
CA ALA A 46 -5.14 11.50 1.50
C ALA A 46 -3.73 11.07 1.11
N VAL A 47 -3.21 11.66 0.03
CA VAL A 47 -1.88 11.33 -0.44
C VAL A 47 -0.81 12.01 0.41
N LYS A 48 0.26 11.27 0.72
CA LYS A 48 1.34 11.80 1.52
C LYS A 48 2.57 12.10 0.66
N THR A 49 2.96 11.13 -0.15
CA THR A 49 4.11 11.28 -1.03
C THR A 49 4.09 10.26 -2.16
N ILE A 50 3.73 10.70 -3.35
CA ILE A 50 3.67 9.83 -4.51
C ILE A 50 4.94 9.92 -5.34
N GLY A 51 5.32 8.80 -5.97
CA GLY A 51 6.52 8.78 -6.78
C GLY A 51 6.21 8.81 -8.27
N GLU A 52 7.25 8.68 -9.09
CA GLU A 52 7.09 8.69 -10.54
C GLU A 52 8.43 8.55 -11.24
N ARG A 53 9.06 7.38 -11.08
CA ARG A 53 10.35 7.13 -11.70
C ARG A 53 11.34 8.25 -11.38
N GLY A 54 11.93 8.19 -10.19
CA GLY A 54 12.88 9.20 -9.77
C GLY A 54 12.96 9.35 -8.26
N ALA A 55 11.92 8.88 -7.58
CA ALA A 55 11.87 8.96 -6.12
C ALA A 55 12.92 8.07 -5.48
N ASN A 56 13.81 8.67 -4.71
CA ASN A 56 14.87 7.93 -4.04
C ASN A 56 14.35 7.26 -2.77
N PHE A 57 15.20 6.47 -2.13
CA PHE A 57 14.83 5.77 -0.90
C PHE A 57 14.64 6.75 0.25
N ASP A 58 15.48 7.78 0.28
CA ASP A 58 15.40 8.80 1.32
C ASP A 58 14.02 9.43 1.37
N GLN A 59 13.48 9.79 0.21
CA GLN A 59 12.17 10.40 0.13
C GLN A 59 11.10 9.45 0.66
N PHE A 60 11.22 8.17 0.32
CA PHE A 60 10.26 7.17 0.76
C PHE A 60 10.23 7.09 2.29
N ILE A 61 11.39 6.94 2.89
CA ILE A 61 11.51 6.83 4.34
C ILE A 61 10.93 8.09 5.01
N GLU A 62 11.28 9.26 4.49
CA GLU A 62 10.80 10.51 5.05
C GLU A 62 9.28 10.58 5.00
N ALA A 63 8.70 10.09 3.91
CA ALA A 63 7.25 10.08 3.74
C ALA A 63 6.58 9.19 4.78
N ILE A 64 7.04 7.95 4.87
CA ILE A 64 6.49 7.00 5.81
C ILE A 64 6.77 7.42 7.25
N ASP A 65 5.81 7.18 8.14
CA ASP A 65 5.96 7.54 9.55
C ASP A 65 5.65 6.35 10.44
N LYS A 66 6.59 6.01 11.32
CA LYS A 66 6.42 4.89 12.23
C LYS A 66 5.43 5.23 13.34
N ASN A 67 4.14 5.21 13.01
CA ASN A 67 3.09 5.53 13.96
C ASN A 67 1.71 5.40 13.33
N VAL A 68 1.43 6.31 12.38
CA VAL A 68 0.14 6.30 11.70
C VAL A 68 0.11 5.25 10.59
N PRO A 69 -1.09 4.79 10.25
CA PRO A 69 -1.29 3.78 9.21
C PRO A 69 -1.00 4.31 7.81
N CYS A 70 -0.03 3.71 7.14
CA CYS A 70 0.35 4.14 5.80
C CYS A 70 0.49 2.93 4.87
N TYR A 71 0.03 3.10 3.63
CA TYR A 71 0.09 2.02 2.65
C TYR A 71 0.72 2.51 1.35
N ALA A 72 1.70 1.75 0.86
CA ALA A 72 2.40 2.10 -0.37
C ALA A 72 2.13 1.07 -1.47
N ALA A 73 1.72 1.56 -2.65
CA ALA A 73 1.43 0.68 -3.77
C ALA A 73 2.52 0.77 -4.83
N PHE A 74 3.24 -0.33 -5.02
CA PHE A 74 4.31 -0.37 -6.01
C PHE A 74 3.96 -1.31 -7.16
N ASP A 75 4.20 -0.85 -8.38
CA ASP A 75 3.91 -1.66 -9.57
C ASP A 75 5.06 -2.60 -9.88
N PHE A 76 4.73 -3.86 -10.10
CA PHE A 76 5.74 -4.87 -10.40
C PHE A 76 5.26 -5.80 -11.52
N GLU A 77 6.17 -6.63 -12.03
CA GLU A 77 5.84 -7.56 -13.10
C GLU A 77 6.06 -9.00 -12.66
N TYR A 78 5.25 -9.91 -13.18
CA TYR A 78 5.36 -11.31 -12.84
C TYR A 78 4.86 -12.20 -13.99
N THR A 79 5.08 -13.51 -13.86
CA THR A 79 4.66 -14.45 -14.88
C THR A 79 3.46 -15.28 -14.42
N THR A 80 2.35 -14.60 -14.17
CA THR A 80 1.14 -15.27 -13.71
C THR A 80 0.42 -15.96 -14.86
N ASN A 81 0.21 -15.21 -15.94
CA ASN A 81 -0.46 -15.76 -17.12
C ASN A 81 0.49 -16.63 -17.94
N ASP A 82 1.75 -16.24 -17.98
CA ASP A 82 2.76 -17.00 -18.73
C ASP A 82 4.12 -16.30 -18.67
N GLY A 83 4.08 -14.96 -18.62
CA GLY A 83 5.32 -14.20 -18.57
C GLY A 83 5.07 -12.70 -18.45
N PRO A 84 4.70 -12.07 -19.57
CA PRO A 84 4.42 -10.63 -19.61
C PRO A 84 3.14 -10.26 -18.87
N ARG A 85 3.20 -10.29 -17.54
CA ARG A 85 2.05 -9.97 -16.72
C ARG A 85 2.36 -8.80 -15.78
N ASP A 86 1.32 -8.12 -15.32
CA ASP A 86 1.49 -6.99 -14.42
C ASP A 86 0.71 -7.21 -13.12
N LYS A 87 1.36 -6.92 -11.99
CA LYS A 87 0.73 -7.09 -10.69
C LYS A 87 1.10 -5.94 -9.76
N LEU A 88 0.15 -5.53 -8.92
CA LEU A 88 0.38 -4.43 -7.99
C LEU A 88 0.54 -4.97 -6.56
N ILE A 89 1.53 -4.43 -5.85
CA ILE A 89 1.78 -4.85 -4.48
C ILE A 89 1.53 -3.70 -3.50
N LEU A 90 1.11 -4.06 -2.29
CA LEU A 90 0.83 -3.06 -1.25
C LEU A 90 1.53 -3.42 0.04
N ILE A 91 2.38 -2.51 0.51
CA ILE A 91 3.13 -2.73 1.75
C ILE A 91 2.75 -1.68 2.80
N SER A 92 2.42 -2.15 4.00
CA SER A 92 2.05 -1.26 5.10
C SER A 92 3.21 -1.06 6.06
N TRP A 93 3.53 0.19 6.35
CA TRP A 93 4.62 0.51 7.26
C TRP A 93 4.09 1.09 8.57
N ASN A 94 4.29 0.37 9.66
CA ASN A 94 3.82 0.81 10.97
C ASN A 94 4.15 -0.24 12.05
N PRO A 95 4.55 0.23 13.23
CA PRO A 95 4.89 -0.64 14.36
C PRO A 95 3.66 -1.33 14.94
N ASP A 96 3.77 -2.64 15.16
CA ASP A 96 2.66 -3.41 15.71
C ASP A 96 2.27 -2.88 17.09
N SER A 97 3.20 -2.18 17.74
CA SER A 97 2.94 -1.61 19.05
C SER A 97 2.74 -0.11 18.98
N GLY A 98 2.54 0.40 17.77
CA GLY A 98 2.34 1.82 17.58
C GLY A 98 1.16 2.35 18.36
N ALA A 99 0.00 2.44 17.70
CA ALA A 99 -1.20 2.94 18.35
C ALA A 99 -2.42 2.08 17.98
N PRO A 100 -3.47 2.16 18.81
CA PRO A 100 -4.70 1.39 18.60
C PRO A 100 -5.48 1.88 17.39
N ARG A 101 -5.51 3.20 17.20
CA ARG A 101 -6.22 3.80 16.07
C ARG A 101 -5.57 3.43 14.75
N THR A 102 -4.25 3.29 14.76
CA THR A 102 -3.50 2.94 13.56
C THR A 102 -3.80 1.51 13.13
N LYS A 103 -3.78 0.59 14.10
CA LYS A 103 -4.05 -0.82 13.82
C LYS A 103 -5.51 -1.03 13.43
N MET A 104 -6.40 -0.30 14.09
CA MET A 104 -7.84 -0.40 13.81
C MET A 104 -8.16 0.23 12.46
N LEU A 105 -7.66 1.44 12.24
CA LEU A 105 -7.90 2.15 10.99
C LEU A 105 -7.33 1.38 9.80
N TYR A 106 -6.21 0.71 10.03
CA TYR A 106 -5.57 -0.06 8.97
C TYR A 106 -6.51 -1.14 8.43
N SER A 107 -7.12 -1.90 9.34
CA SER A 107 -8.04 -2.96 8.96
C SER A 107 -9.25 -2.39 8.23
N SER A 108 -9.73 -1.24 8.69
CA SER A 108 -10.88 -0.59 8.08
C SER A 108 -10.56 -0.11 6.67
N SER A 109 -9.38 0.47 6.50
CA SER A 109 -8.95 0.96 5.19
C SER A 109 -8.63 -0.19 4.24
N ARG A 110 -7.91 -1.18 4.75
CA ARG A 110 -7.54 -2.34 3.95
C ARG A 110 -8.78 -3.02 3.37
N ASP A 111 -9.83 -3.10 4.17
CA ASP A 111 -11.08 -3.71 3.73
C ASP A 111 -11.65 -3.00 2.51
N ALA A 112 -11.56 -1.66 2.51
CA ALA A 112 -12.07 -0.87 1.40
C ALA A 112 -11.09 -0.87 0.24
N LEU A 113 -9.82 -1.14 0.54
CA LEU A 113 -8.78 -1.17 -0.49
C LEU A 113 -8.75 -2.51 -1.19
N VAL A 114 -9.20 -3.56 -0.49
CA VAL A 114 -9.22 -4.90 -1.05
C VAL A 114 -9.93 -4.92 -2.40
N PRO A 115 -11.16 -4.42 -2.45
CA PRO A 115 -11.97 -4.36 -3.67
C PRO A 115 -11.42 -3.35 -4.67
N LEU A 116 -10.83 -2.27 -4.15
CA LEU A 116 -10.27 -1.23 -5.00
C LEU A 116 -9.08 -1.75 -5.79
N THR A 117 -8.16 -2.42 -5.10
CA THR A 117 -6.97 -2.97 -5.74
C THR A 117 -7.11 -4.48 -5.94
N GLN A 118 -8.15 -4.88 -6.65
CA GLN A 118 -8.40 -6.30 -6.91
C GLN A 118 -7.16 -6.95 -7.53
N GLY A 119 -6.67 -7.99 -6.87
CA GLY A 119 -5.50 -8.70 -7.36
C GLY A 119 -4.21 -8.07 -6.86
N PHE A 120 -4.17 -7.72 -5.59
CA PHE A 120 -2.99 -7.10 -4.99
C PHE A 120 -2.60 -7.81 -3.70
N GLN A 121 -1.32 -7.73 -3.34
CA GLN A 121 -0.83 -8.35 -2.13
C GLN A 121 -0.59 -7.32 -1.03
N GLY A 122 -1.56 -7.20 -0.12
CA GLY A 122 -1.44 -6.24 0.96
C GLY A 122 -0.88 -6.86 2.22
N ILE A 123 0.32 -6.47 2.60
CA ILE A 123 0.97 -7.00 3.79
C ILE A 123 1.54 -5.89 4.66
N GLN A 124 1.36 -6.00 5.97
CA GLN A 124 1.86 -4.99 6.90
C GLN A 124 3.10 -5.50 7.62
N ALA A 125 4.23 -4.81 7.41
CA ALA A 125 5.48 -5.19 8.05
C ALA A 125 6.35 -3.97 8.32
N ASN A 126 6.79 -3.82 9.56
CA ASN A 126 7.62 -2.69 9.94
C ASN A 126 9.09 -3.09 9.96
N ASP A 127 9.97 -2.09 9.89
CA ASP A 127 11.41 -2.33 9.89
C ASP A 127 11.83 -3.12 8.66
N ALA A 128 13.04 -3.68 8.71
CA ALA A 128 13.56 -4.47 7.60
C ALA A 128 12.58 -5.56 7.20
N SER A 129 11.75 -5.99 8.13
CA SER A 129 10.77 -7.03 7.87
C SER A 129 9.81 -6.62 6.76
N GLY A 130 9.72 -5.31 6.53
CA GLY A 130 8.84 -4.80 5.49
C GLY A 130 9.52 -4.73 4.14
N LEU A 131 10.85 -4.86 4.14
CA LEU A 131 11.62 -4.80 2.90
C LEU A 131 12.04 -6.19 2.45
N ASP A 132 11.28 -7.20 2.89
CA ASP A 132 11.57 -8.59 2.54
C ASP A 132 11.23 -8.85 1.07
N PHE A 133 12.23 -8.76 0.21
CA PHE A 133 12.03 -8.99 -1.22
C PHE A 133 11.53 -10.41 -1.48
N GLU A 134 12.04 -11.36 -0.71
CA GLU A 134 11.64 -12.76 -0.85
C GLU A 134 10.18 -12.95 -0.47
N GLU A 135 9.76 -12.28 0.61
CA GLU A 135 8.38 -12.37 1.07
C GLU A 135 7.42 -11.74 0.07
N ILE A 136 7.81 -10.61 -0.49
CA ILE A 136 6.99 -9.91 -1.46
C ILE A 136 6.81 -10.74 -2.73
N SER A 137 7.91 -11.27 -3.24
CA SER A 137 7.88 -12.08 -4.45
C SER A 137 7.05 -13.34 -4.24
N ARG A 138 7.20 -13.95 -3.06
CA ARG A 138 6.46 -15.16 -2.72
C ARG A 138 4.97 -14.88 -2.62
N LYS A 139 4.63 -13.71 -2.09
CA LYS A 139 3.24 -13.31 -1.93
C LYS A 139 2.57 -13.11 -3.29
N VAL A 140 3.23 -12.35 -4.16
CA VAL A 140 2.70 -12.07 -5.49
C VAL A 140 2.69 -13.34 -6.35
N LYS A 141 3.71 -14.16 -6.19
CA LYS A 141 3.83 -15.40 -6.95
C LYS A 141 2.64 -16.32 -6.65
N SER A 142 2.17 -16.27 -5.41
CA SER A 142 1.04 -17.11 -4.99
C SER A 142 -0.29 -16.43 -5.30
N ASN A 143 -0.29 -15.09 -5.25
CA ASN A 143 -1.49 -14.32 -5.53
C ASN A 143 -2.58 -14.61 -4.49
N ARG A 144 -2.15 -14.94 -3.28
CA ARG A 144 -3.09 -15.25 -2.19
C ARG A 144 -4.01 -14.07 -1.92
N MET A 9 -10.10 2.19 22.24
CA MET A 9 -10.48 1.49 21.01
C MET A 9 -11.70 2.14 20.37
N ALA A 10 -11.52 2.69 19.18
CA ALA A 10 -12.61 3.34 18.46
C ALA A 10 -12.53 3.06 16.96
N MET A 11 -13.63 3.31 16.26
CA MET A 11 -13.68 3.09 14.82
C MET A 11 -14.50 4.16 14.12
N SER A 12 -14.26 4.34 12.83
CA SER A 12 -14.98 5.35 12.05
C SER A 12 -15.33 4.81 10.67
N GLY A 13 -14.31 4.36 9.93
CA GLY A 13 -14.53 3.84 8.60
C GLY A 13 -13.42 4.19 7.64
N VAL A 14 -13.12 5.49 7.53
CA VAL A 14 -12.07 5.97 6.65
C VAL A 14 -12.37 5.59 5.20
N SER A 15 -12.85 6.56 4.42
CA SER A 15 -13.16 6.32 3.02
C SER A 15 -12.04 6.82 2.11
N VAL A 16 -11.71 6.03 1.10
CA VAL A 16 -10.65 6.39 0.16
C VAL A 16 -11.11 7.49 -0.78
N ALA A 17 -10.32 8.56 -0.86
CA ALA A 17 -10.64 9.69 -1.72
C ALA A 17 -10.55 9.30 -3.19
N ASP A 18 -11.33 9.97 -4.03
CA ASP A 18 -11.35 9.69 -5.46
C ASP A 18 -9.94 9.76 -6.03
N GLU A 19 -9.14 10.71 -5.53
CA GLU A 19 -7.77 10.88 -5.99
C GLU A 19 -6.97 9.60 -5.82
N CYS A 20 -7.14 8.95 -4.68
CA CYS A 20 -6.43 7.70 -4.38
C CYS A 20 -6.87 6.59 -5.33
N VAL A 21 -8.18 6.53 -5.57
CA VAL A 21 -8.74 5.50 -6.45
C VAL A 21 -8.16 5.60 -7.85
N THR A 22 -8.20 6.80 -8.43
CA THR A 22 -7.67 7.02 -9.77
C THR A 22 -6.18 6.78 -9.82
N ALA A 23 -5.47 7.23 -8.78
CA ALA A 23 -4.03 7.05 -8.70
C ALA A 23 -3.64 5.58 -8.77
N LEU A 24 -4.37 4.76 -8.01
CA LEU A 24 -4.10 3.32 -7.98
C LEU A 24 -4.47 2.67 -9.32
N ASN A 25 -5.59 3.11 -9.89
CA ASN A 25 -6.05 2.58 -11.17
C ASN A 25 -5.00 2.76 -12.25
N ASP A 26 -4.43 3.96 -12.32
CA ASP A 26 -3.40 4.28 -13.31
C ASP A 26 -2.09 3.57 -12.96
N LEU A 27 -1.79 3.49 -11.68
CA LEU A 27 -0.56 2.85 -11.22
C LEU A 27 -0.52 1.39 -11.66
N ARG A 28 -1.67 0.74 -11.63
CA ARG A 28 -1.76 -0.67 -12.03
C ARG A 28 -1.40 -0.84 -13.51
N HIS A 29 -1.56 0.24 -14.27
CA HIS A 29 -1.25 0.21 -15.70
C HIS A 29 0.17 0.69 -15.96
N LYS A 30 0.99 0.65 -14.92
CA LYS A 30 2.39 1.09 -15.04
C LYS A 30 2.46 2.52 -15.55
N LYS A 31 1.66 3.41 -14.97
CA LYS A 31 1.64 4.81 -15.35
C LYS A 31 2.86 5.54 -14.82
N SER A 32 3.35 5.09 -13.66
CA SER A 32 4.53 5.70 -13.04
C SER A 32 5.43 4.64 -12.43
N ARG A 33 5.02 4.12 -11.28
CA ARG A 33 5.80 3.10 -10.59
C ARG A 33 5.13 2.69 -9.28
N TYR A 34 5.10 3.60 -8.32
CA TYR A 34 4.48 3.33 -7.03
C TYR A 34 3.81 4.59 -6.48
N VAL A 35 2.80 4.39 -5.63
CA VAL A 35 2.07 5.50 -5.02
C VAL A 35 1.77 5.22 -3.56
N ILE A 36 2.15 6.14 -2.69
CA ILE A 36 1.92 6.00 -1.26
C ILE A 36 0.85 6.97 -0.79
N MET A 37 -0.07 6.48 0.05
CA MET A 37 -1.14 7.30 0.58
C MET A 37 -1.34 7.05 2.07
N HIS A 38 -1.91 8.03 2.77
CA HIS A 38 -2.14 7.91 4.21
C HIS A 38 -3.55 8.38 4.56
N ILE A 39 -3.98 8.06 5.77
CA ILE A 39 -5.30 8.45 6.24
C ILE A 39 -5.30 9.85 6.83
N VAL A 40 -6.17 10.71 6.32
CA VAL A 40 -6.26 12.09 6.79
C VAL A 40 -7.56 12.31 7.56
N ASP A 41 -7.43 12.90 8.75
CA ASP A 41 -8.58 13.17 9.60
C ASP A 41 -9.27 11.87 10.02
N GLN A 42 -8.57 10.75 9.84
CA GLN A 42 -9.13 9.45 10.20
C GLN A 42 -10.52 9.28 9.62
N LYS A 43 -10.77 9.89 8.48
CA LYS A 43 -12.08 9.80 7.82
C LYS A 43 -11.92 9.77 6.30
N SER A 44 -11.01 10.60 5.79
CA SER A 44 -10.77 10.67 4.35
C SER A 44 -9.31 10.40 4.03
N ILE A 45 -9.06 9.46 3.14
CA ILE A 45 -7.70 9.11 2.74
C ILE A 45 -7.16 10.08 1.71
N ALA A 46 -5.94 10.58 1.95
CA ALA A 46 -5.31 11.52 1.03
C ALA A 46 -3.91 11.07 0.66
N VAL A 47 -3.39 11.60 -0.44
CA VAL A 47 -2.05 11.26 -0.90
C VAL A 47 -0.98 11.94 -0.07
N LYS A 48 0.07 11.20 0.26
CA LYS A 48 1.18 11.75 1.05
C LYS A 48 2.40 12.00 0.19
N THR A 49 2.79 11.00 -0.59
CA THR A 49 3.95 11.11 -1.48
C THR A 49 3.91 10.05 -2.56
N ILE A 50 3.63 10.47 -3.79
CA ILE A 50 3.57 9.56 -4.92
C ILE A 50 4.89 9.54 -5.69
N GLY A 51 5.23 8.40 -6.25
CA GLY A 51 6.47 8.27 -7.01
C GLY A 51 6.23 8.27 -8.51
N GLU A 52 7.30 8.02 -9.27
CA GLU A 52 7.20 7.99 -10.73
C GLU A 52 8.55 7.67 -11.36
N ARG A 53 9.11 6.52 -10.99
CA ARG A 53 10.40 6.11 -11.52
C ARG A 53 11.46 7.17 -11.26
N GLY A 54 11.77 7.39 -9.99
CA GLY A 54 12.76 8.38 -9.62
C GLY A 54 12.84 8.61 -8.13
N ALA A 55 11.72 8.41 -7.45
CA ALA A 55 11.65 8.59 -6.00
C ALA A 55 12.79 7.85 -5.30
N ASN A 56 13.71 8.60 -4.71
CA ASN A 56 14.84 8.00 -4.00
C ASN A 56 14.39 7.36 -2.70
N PHE A 57 15.27 6.56 -2.11
CA PHE A 57 14.96 5.88 -0.86
C PHE A 57 14.88 6.87 0.30
N ASP A 58 15.69 7.92 0.22
CA ASP A 58 15.72 8.95 1.26
C ASP A 58 14.36 9.64 1.37
N GLN A 59 13.80 10.03 0.24
CA GLN A 59 12.51 10.69 0.21
C GLN A 59 11.38 9.74 0.58
N PHE A 60 11.57 8.46 0.24
CA PHE A 60 10.57 7.44 0.54
C PHE A 60 10.42 7.25 2.05
N ILE A 61 11.54 7.04 2.72
CA ILE A 61 11.53 6.84 4.16
C ILE A 61 11.17 8.13 4.89
N GLU A 62 11.63 9.26 4.36
CA GLU A 62 11.34 10.56 4.96
C GLU A 62 9.86 10.86 4.92
N ALA A 63 9.21 10.51 3.82
CA ALA A 63 7.78 10.75 3.65
C ALA A 63 6.97 9.79 4.51
N ILE A 64 7.24 8.49 4.36
CA ILE A 64 6.54 7.47 5.12
C ILE A 64 6.94 7.49 6.59
N ASP A 65 5.97 7.40 7.48
CA ASP A 65 6.22 7.40 8.91
C ASP A 65 5.69 6.14 9.57
N LYS A 66 6.59 5.35 10.15
CA LYS A 66 6.22 4.11 10.81
C LYS A 66 5.37 4.38 12.05
N ASN A 67 4.06 4.46 11.86
CA ASN A 67 3.14 4.72 12.95
C ASN A 67 1.69 4.75 12.47
N VAL A 68 1.32 5.84 11.80
CA VAL A 68 -0.02 5.99 11.28
C VAL A 68 -0.30 4.99 10.16
N PRO A 69 -1.59 4.65 9.97
CA PRO A 69 -2.01 3.71 8.93
C PRO A 69 -1.83 4.26 7.52
N CYS A 70 -0.97 3.62 6.74
CA CYS A 70 -0.72 4.06 5.37
C CYS A 70 -0.59 2.86 4.44
N TYR A 71 -0.88 3.08 3.16
CA TYR A 71 -0.81 2.01 2.16
C TYR A 71 0.01 2.46 0.95
N ALA A 72 0.97 1.63 0.56
CA ALA A 72 1.82 1.94 -0.59
C ALA A 72 1.74 0.84 -1.64
N ALA A 73 1.47 1.24 -2.88
CA ALA A 73 1.35 0.29 -3.98
C ALA A 73 2.57 0.37 -4.90
N PHE A 74 3.18 -0.78 -5.18
CA PHE A 74 4.35 -0.84 -6.04
C PHE A 74 4.13 -1.80 -7.20
N ASP A 75 4.38 -1.33 -8.41
CA ASP A 75 4.20 -2.14 -9.61
C ASP A 75 5.49 -2.90 -9.94
N PHE A 76 5.34 -4.19 -10.23
CA PHE A 76 6.49 -5.03 -10.56
C PHE A 76 6.16 -5.97 -11.70
N GLU A 77 7.20 -6.51 -12.35
CA GLU A 77 7.01 -7.43 -13.46
C GLU A 77 7.46 -8.84 -13.08
N TYR A 78 6.78 -9.84 -13.65
CA TYR A 78 7.11 -11.23 -13.37
C TYR A 78 6.81 -12.12 -14.59
N THR A 79 7.31 -13.35 -14.54
CA THR A 79 7.10 -14.29 -15.63
C THR A 79 6.33 -15.52 -15.16
N THR A 80 5.21 -15.29 -14.48
CA THR A 80 4.38 -16.37 -13.98
C THR A 80 3.55 -17.00 -15.10
N ASN A 81 3.00 -16.16 -15.96
CA ASN A 81 2.18 -16.63 -17.08
C ASN A 81 3.06 -17.15 -18.22
N ASP A 82 4.20 -16.49 -18.42
CA ASP A 82 5.13 -16.89 -19.47
C ASP A 82 6.34 -15.96 -19.51
N GLY A 83 6.08 -14.66 -19.40
CA GLY A 83 7.15 -13.69 -19.42
C GLY A 83 6.67 -12.28 -19.15
N PRO A 84 6.10 -11.64 -20.18
CA PRO A 84 5.59 -10.27 -20.06
C PRO A 84 4.32 -10.19 -19.20
N ARG A 85 4.50 -10.37 -17.89
CA ARG A 85 3.39 -10.32 -16.96
C ARG A 85 3.52 -9.14 -16.01
N ASP A 86 2.39 -8.60 -15.57
CA ASP A 86 2.39 -7.47 -14.66
C ASP A 86 1.69 -7.82 -13.35
N LYS A 87 2.31 -7.44 -12.24
CA LYS A 87 1.74 -7.72 -10.92
C LYS A 87 2.02 -6.57 -9.96
N LEU A 88 0.99 -6.10 -9.29
CA LEU A 88 1.11 -5.00 -8.34
C LEU A 88 0.94 -5.50 -6.90
N ILE A 89 1.78 -5.01 -6.01
CA ILE A 89 1.71 -5.40 -4.61
C ILE A 89 1.32 -4.21 -3.72
N LEU A 90 0.62 -4.51 -2.62
CA LEU A 90 0.19 -3.46 -1.70
C LEU A 90 0.72 -3.75 -0.29
N ILE A 91 1.52 -2.83 0.23
CA ILE A 91 2.09 -2.97 1.57
C ILE A 91 1.62 -1.85 2.49
N SER A 92 0.93 -2.22 3.56
CA SER A 92 0.42 -1.25 4.52
C SER A 92 1.31 -1.19 5.75
N TRP A 93 1.55 0.02 6.25
CA TRP A 93 2.39 0.23 7.42
C TRP A 93 1.54 0.27 8.69
N ASN A 94 1.74 -0.71 9.56
CA ASN A 94 0.99 -0.77 10.81
C ASN A 94 1.64 -1.75 11.78
N PRO A 95 2.63 -1.26 12.54
CA PRO A 95 3.35 -2.08 13.52
C PRO A 95 2.48 -2.46 14.72
N ASP A 96 2.51 -3.73 15.09
CA ASP A 96 1.73 -4.22 16.22
C ASP A 96 2.09 -3.47 17.50
N SER A 97 3.28 -2.89 17.52
CA SER A 97 3.76 -2.15 18.68
C SER A 97 3.61 -0.65 18.46
N GLY A 98 2.86 -0.28 17.43
CA GLY A 98 2.67 1.13 17.12
C GLY A 98 1.63 1.78 18.01
N ALA A 99 0.49 2.13 17.43
CA ALA A 99 -0.59 2.77 18.17
C ALA A 99 -1.89 1.99 18.02
N PRO A 100 -2.82 2.20 18.95
CA PRO A 100 -4.12 1.52 18.95
C PRO A 100 -5.02 2.01 17.81
N ARG A 101 -5.09 3.33 17.65
CA ARG A 101 -5.92 3.93 16.61
C ARG A 101 -5.47 3.45 15.23
N THR A 102 -4.15 3.40 15.02
CA THR A 102 -3.60 2.97 13.75
C THR A 102 -3.88 1.50 13.49
N LYS A 103 -3.81 0.69 14.54
CA LYS A 103 -4.07 -0.74 14.44
C LYS A 103 -5.50 -1.00 14.00
N MET A 104 -6.45 -0.34 14.67
CA MET A 104 -7.87 -0.50 14.35
C MET A 104 -8.20 0.16 13.02
N LEU A 105 -7.66 1.35 12.80
CA LEU A 105 -7.90 2.09 11.56
C LEU A 105 -7.54 1.25 10.34
N TYR A 106 -6.57 0.35 10.52
CA TYR A 106 -6.13 -0.52 9.43
C TYR A 106 -7.28 -1.37 8.91
N SER A 107 -8.00 -2.01 9.83
CA SER A 107 -9.13 -2.85 9.48
C SER A 107 -10.27 -2.02 8.89
N SER A 108 -10.62 -0.94 9.57
CA SER A 108 -11.69 -0.06 9.13
C SER A 108 -11.44 0.43 7.71
N SER A 109 -10.17 0.48 7.33
CA SER A 109 -9.78 0.94 6.00
C SER A 109 -9.61 -0.24 5.05
N ARG A 110 -9.28 -1.40 5.61
CA ARG A 110 -9.09 -2.61 4.80
C ARG A 110 -10.39 -3.04 4.16
N ASP A 111 -11.49 -2.93 4.90
CA ASP A 111 -12.80 -3.32 4.40
C ASP A 111 -13.20 -2.47 3.20
N ALA A 112 -12.95 -1.16 3.30
CA ALA A 112 -13.28 -0.24 2.22
C ALA A 112 -12.23 -0.27 1.12
N LEU A 113 -11.03 -0.72 1.47
CA LEU A 113 -9.93 -0.81 0.52
C LEU A 113 -10.01 -2.12 -0.27
N VAL A 114 -10.67 -3.11 0.30
CA VAL A 114 -10.81 -4.41 -0.35
C VAL A 114 -11.42 -4.26 -1.74
N PRO A 115 -12.59 -3.61 -1.81
CA PRO A 115 -13.30 -3.39 -3.07
C PRO A 115 -12.58 -2.39 -3.97
N LEU A 116 -11.94 -1.41 -3.35
CA LEU A 116 -11.21 -0.38 -4.09
C LEU A 116 -10.01 -0.98 -4.82
N THR A 117 -9.23 -1.78 -4.10
CA THR A 117 -8.05 -2.41 -4.67
C THR A 117 -8.16 -3.94 -4.60
N GLN A 118 -9.13 -4.49 -5.31
CA GLN A 118 -9.34 -5.93 -5.32
C GLN A 118 -8.44 -6.60 -6.36
N GLY A 119 -7.62 -7.54 -5.92
CA GLY A 119 -6.72 -8.24 -6.82
C GLY A 119 -5.29 -8.22 -6.35
N PHE A 120 -4.78 -7.04 -6.02
CA PHE A 120 -3.41 -6.89 -5.55
C PHE A 120 -3.25 -7.47 -4.15
N GLN A 121 -2.10 -8.06 -3.88
CA GLN A 121 -1.82 -8.65 -2.58
C GLN A 121 -1.59 -7.57 -1.53
N GLY A 122 -2.61 -7.32 -0.72
CA GLY A 122 -2.51 -6.31 0.32
C GLY A 122 -2.18 -6.90 1.67
N ILE A 123 -0.93 -6.76 2.09
CA ILE A 123 -0.49 -7.28 3.38
C ILE A 123 0.27 -6.23 4.17
N GLN A 124 -0.13 -6.02 5.42
CA GLN A 124 0.53 -5.04 6.29
C GLN A 124 1.78 -5.64 6.93
N ALA A 125 2.87 -4.87 6.89
CA ALA A 125 4.14 -5.32 7.46
C ALA A 125 4.95 -4.15 7.99
N ASN A 126 5.37 -4.24 9.25
CA ASN A 126 6.16 -3.18 9.87
C ASN A 126 7.61 -3.61 10.04
N ASP A 127 8.50 -2.63 10.18
CA ASP A 127 9.93 -2.90 10.35
C ASP A 127 10.49 -3.61 9.12
N ALA A 128 11.67 -4.19 9.27
CA ALA A 128 12.33 -4.90 8.18
C ALA A 128 11.40 -5.93 7.57
N SER A 129 10.46 -6.42 8.36
CA SER A 129 9.50 -7.42 7.89
C SER A 129 8.69 -6.89 6.71
N GLY A 130 8.55 -5.57 6.65
CA GLY A 130 7.80 -4.95 5.57
C GLY A 130 8.69 -4.25 4.57
N LEU A 131 9.96 -4.61 4.57
CA LEU A 131 10.93 -4.01 3.64
C LEU A 131 11.84 -5.08 3.03
N ASP A 132 11.35 -6.31 3.01
CA ASP A 132 12.12 -7.42 2.45
C ASP A 132 11.69 -7.71 1.02
N PHE A 133 12.54 -7.35 0.06
CA PHE A 133 12.24 -7.57 -1.35
C PHE A 133 11.86 -9.03 -1.60
N GLU A 134 12.53 -9.93 -0.91
CA GLU A 134 12.26 -11.36 -1.06
C GLU A 134 10.80 -11.67 -0.76
N GLU A 135 10.22 -10.93 0.18
CA GLU A 135 8.83 -11.13 0.56
C GLU A 135 7.89 -10.72 -0.57
N ILE A 136 8.21 -9.59 -1.21
CA ILE A 136 7.39 -9.09 -2.30
C ILE A 136 7.43 -10.04 -3.49
N SER A 137 8.64 -10.46 -3.86
CA SER A 137 8.82 -11.38 -4.99
C SER A 137 8.15 -12.72 -4.72
N ARG A 138 8.23 -13.17 -3.47
CA ARG A 138 7.64 -14.44 -3.07
C ARG A 138 6.12 -14.36 -3.09
N LYS A 139 5.59 -13.20 -2.74
CA LYS A 139 4.14 -12.99 -2.72
C LYS A 139 3.57 -12.98 -4.14
N VAL A 140 4.21 -12.21 -5.02
CA VAL A 140 3.76 -12.11 -6.40
C VAL A 140 3.89 -13.45 -7.12
N LYS A 141 4.97 -14.16 -6.84
CA LYS A 141 5.22 -15.47 -7.46
C LYS A 141 4.37 -16.54 -6.79
N SER A 142 3.94 -16.28 -5.56
CA SER A 142 3.12 -17.23 -4.82
C SER A 142 1.76 -17.41 -5.48
N ASN A 143 1.27 -16.35 -6.11
CA ASN A 143 -0.02 -16.39 -6.80
C ASN A 143 -1.12 -16.86 -5.85
N ARG A 144 -0.98 -16.50 -4.58
CA ARG A 144 -1.96 -16.88 -3.56
C ARG A 144 -2.04 -18.40 -3.42
N MET A 9 -13.62 9.08 15.94
CA MET A 9 -13.95 8.94 14.53
C MET A 9 -12.94 8.04 13.82
N ALA A 10 -12.57 6.95 14.47
CA ALA A 10 -11.61 6.00 13.90
C ALA A 10 -12.13 4.58 13.98
N MET A 11 -13.45 4.43 13.99
CA MET A 11 -14.07 3.11 14.07
C MET A 11 -14.83 2.79 12.78
N SER A 12 -15.32 3.83 12.12
CA SER A 12 -16.07 3.67 10.89
C SER A 12 -16.22 5.00 10.15
N GLY A 13 -15.33 5.23 9.18
CA GLY A 13 -15.38 6.47 8.42
C GLY A 13 -14.31 6.52 7.34
N VAL A 14 -13.16 5.90 7.61
CA VAL A 14 -12.07 5.89 6.65
C VAL A 14 -12.54 5.42 5.28
N SER A 15 -12.37 6.26 4.27
CA SER A 15 -12.78 5.94 2.91
C SER A 15 -11.72 6.37 1.90
N VAL A 16 -11.51 5.55 0.88
CA VAL A 16 -10.53 5.86 -0.15
C VAL A 16 -11.02 6.97 -1.07
N ALA A 17 -10.25 8.04 -1.16
CA ALA A 17 -10.59 9.17 -2.01
C ALA A 17 -10.46 8.82 -3.49
N ASP A 18 -11.20 9.54 -4.33
CA ASP A 18 -11.15 9.30 -5.77
C ASP A 18 -9.72 9.34 -6.29
N GLU A 19 -8.91 10.23 -5.72
CA GLU A 19 -7.52 10.38 -6.13
C GLU A 19 -6.76 9.07 -5.94
N CYS A 20 -7.00 8.42 -4.81
CA CYS A 20 -6.34 7.15 -4.50
C CYS A 20 -6.77 6.06 -5.47
N VAL A 21 -8.07 6.00 -5.74
CA VAL A 21 -8.63 5.01 -6.65
C VAL A 21 -7.99 5.12 -8.04
N THR A 22 -7.93 6.34 -8.56
CA THR A 22 -7.35 6.59 -9.87
C THR A 22 -5.87 6.26 -9.88
N ALA A 23 -5.16 6.66 -8.82
CA ALA A 23 -3.73 6.40 -8.71
C ALA A 23 -3.44 4.91 -8.80
N LEU A 24 -4.20 4.11 -8.07
CA LEU A 24 -4.01 2.67 -8.07
C LEU A 24 -4.39 2.06 -9.42
N ASN A 25 -5.46 2.58 -10.00
CA ASN A 25 -5.93 2.09 -11.30
C ASN A 25 -4.85 2.24 -12.36
N ASP A 26 -4.20 3.40 -12.39
CA ASP A 26 -3.14 3.67 -13.35
C ASP A 26 -1.88 2.87 -13.00
N LEU A 27 -1.59 2.78 -11.71
CA LEU A 27 -0.42 2.05 -11.24
C LEU A 27 -0.44 0.61 -11.76
N ARG A 28 -1.60 -0.04 -11.66
CA ARG A 28 -1.74 -1.41 -12.11
C ARG A 28 -1.52 -1.52 -13.61
N HIS A 29 -1.73 -0.42 -14.32
CA HIS A 29 -1.55 -0.39 -15.77
C HIS A 29 -0.14 0.09 -16.13
N LYS A 30 0.78 0.00 -15.17
CA LYS A 30 2.16 0.43 -15.38
C LYS A 30 2.22 1.92 -15.69
N LYS A 31 1.50 2.72 -14.90
CA LYS A 31 1.49 4.16 -15.10
C LYS A 31 2.83 4.79 -14.70
N SER A 32 3.12 4.76 -13.40
CA SER A 32 4.37 5.32 -12.89
C SER A 32 5.25 4.23 -12.29
N ARG A 33 4.89 3.78 -11.10
CA ARG A 33 5.65 2.73 -10.42
C ARG A 33 4.98 2.33 -9.12
N TYR A 34 4.98 3.24 -8.14
CA TYR A 34 4.35 2.97 -6.85
C TYR A 34 3.72 4.24 -6.28
N VAL A 35 2.71 4.05 -5.44
CA VAL A 35 2.01 5.18 -4.82
C VAL A 35 1.65 4.87 -3.37
N ILE A 36 2.10 5.73 -2.46
CA ILE A 36 1.82 5.55 -1.05
C ILE A 36 0.80 6.58 -0.55
N MET A 37 -0.15 6.11 0.25
CA MET A 37 -1.18 6.99 0.80
C MET A 37 -1.37 6.75 2.29
N HIS A 38 -1.87 7.76 2.99
CA HIS A 38 -2.10 7.65 4.42
C HIS A 38 -3.53 8.08 4.78
N ILE A 39 -3.97 7.72 5.99
CA ILE A 39 -5.31 8.06 6.44
C ILE A 39 -5.33 9.44 7.07
N VAL A 40 -6.23 10.30 6.58
CA VAL A 40 -6.35 11.65 7.10
C VAL A 40 -7.66 11.84 7.85
N ASP A 41 -7.56 12.33 9.08
CA ASP A 41 -8.75 12.55 9.91
C ASP A 41 -9.45 11.24 10.21
N GLN A 42 -8.75 10.13 9.99
CA GLN A 42 -9.32 8.81 10.23
C GLN A 42 -10.70 8.69 9.60
N LYS A 43 -10.90 9.37 8.48
CA LYS A 43 -12.18 9.34 7.78
C LYS A 43 -11.97 9.41 6.27
N SER A 44 -11.04 10.26 5.84
CA SER A 44 -10.75 10.44 4.43
C SER A 44 -9.28 10.14 4.13
N ILE A 45 -9.05 9.25 3.18
CA ILE A 45 -7.68 8.89 2.80
C ILE A 45 -7.07 9.90 1.83
N ALA A 46 -5.86 10.35 2.14
CA ALA A 46 -5.17 11.31 1.30
C ALA A 46 -3.76 10.86 0.96
N VAL A 47 -3.27 11.27 -0.20
CA VAL A 47 -1.92 10.89 -0.63
C VAL A 47 -0.86 11.58 0.23
N LYS A 48 0.18 10.82 0.57
CA LYS A 48 1.26 11.35 1.39
C LYS A 48 2.53 11.55 0.56
N THR A 49 2.87 10.55 -0.25
CA THR A 49 4.04 10.63 -1.10
C THR A 49 3.98 9.59 -2.22
N ILE A 50 3.73 10.07 -3.44
CA ILE A 50 3.64 9.18 -4.60
C ILE A 50 4.97 9.13 -5.35
N GLY A 51 5.27 7.98 -5.94
CA GLY A 51 6.51 7.83 -6.69
C GLY A 51 6.28 7.86 -8.18
N GLU A 52 7.33 7.56 -8.94
CA GLU A 52 7.26 7.58 -10.41
C GLU A 52 8.59 7.18 -11.02
N ARG A 53 9.12 6.04 -10.60
CA ARG A 53 10.40 5.56 -11.12
C ARG A 53 11.52 6.55 -10.82
N GLY A 54 11.28 7.43 -9.84
CA GLY A 54 12.28 8.42 -9.48
C GLY A 54 12.26 8.75 -8.00
N ALA A 55 11.57 7.92 -7.22
CA ALA A 55 11.47 8.13 -5.79
C ALA A 55 12.54 7.33 -5.04
N ASN A 56 13.51 8.04 -4.47
CA ASN A 56 14.59 7.40 -3.72
C ASN A 56 14.08 6.83 -2.40
N PHE A 57 14.86 5.94 -1.82
CA PHE A 57 14.49 5.31 -0.55
C PHE A 57 14.57 6.32 0.60
N ASP A 58 15.55 7.21 0.53
CA ASP A 58 15.74 8.23 1.56
C ASP A 58 14.49 9.09 1.69
N GLN A 59 13.97 9.54 0.54
CA GLN A 59 12.78 10.39 0.54
C GLN A 59 11.55 9.60 0.97
N PHE A 60 11.54 8.31 0.68
CA PHE A 60 10.42 7.44 1.05
C PHE A 60 10.31 7.31 2.56
N ILE A 61 11.44 7.09 3.22
CA ILE A 61 11.47 6.95 4.67
C ILE A 61 11.22 8.28 5.35
N GLU A 62 11.87 9.34 4.85
CA GLU A 62 11.71 10.67 5.42
C GLU A 62 10.26 11.13 5.36
N ALA A 63 9.59 10.82 4.25
CA ALA A 63 8.20 11.19 4.07
C ALA A 63 7.28 10.35 4.95
N ILE A 64 7.41 9.03 4.85
CA ILE A 64 6.61 8.12 5.65
C ILE A 64 6.98 8.19 7.13
N ASP A 65 5.99 8.00 7.99
CA ASP A 65 6.21 8.04 9.43
C ASP A 65 6.31 6.63 10.01
N LYS A 66 6.30 6.54 11.34
CA LYS A 66 6.39 5.26 12.02
C LYS A 66 5.38 5.18 13.16
N ASN A 67 4.10 5.14 12.81
CA ASN A 67 3.03 5.06 13.81
C ASN A 67 1.67 5.01 13.13
N VAL A 68 1.37 6.03 12.34
CA VAL A 68 0.09 6.11 11.65
C VAL A 68 0.00 5.06 10.55
N PRO A 69 -1.23 4.64 10.23
CA PRO A 69 -1.49 3.62 9.21
C PRO A 69 -1.19 4.14 7.80
N CYS A 70 -0.34 3.42 7.08
CA CYS A 70 0.03 3.80 5.72
C CYS A 70 0.00 2.59 4.80
N TYR A 71 -0.35 2.83 3.54
CA TYR A 71 -0.42 1.77 2.54
C TYR A 71 0.37 2.13 1.29
N ALA A 72 1.22 1.22 0.86
CA ALA A 72 2.03 1.44 -0.34
C ALA A 72 1.69 0.44 -1.43
N ALA A 73 1.33 0.96 -2.61
CA ALA A 73 0.98 0.10 -3.73
C ALA A 73 2.08 0.10 -4.79
N PHE A 74 2.72 -1.04 -4.97
CA PHE A 74 3.80 -1.17 -5.95
C PHE A 74 3.38 -2.07 -7.11
N ASP A 75 3.54 -1.57 -8.33
CA ASP A 75 3.17 -2.33 -9.52
C ASP A 75 4.41 -2.92 -10.18
N PHE A 76 4.42 -4.25 -10.32
CA PHE A 76 5.55 -4.94 -10.94
C PHE A 76 5.06 -5.95 -11.97
N GLU A 77 5.72 -5.96 -13.13
CA GLU A 77 5.35 -6.89 -14.20
C GLU A 77 6.41 -7.98 -14.37
N TYR A 78 5.97 -9.17 -14.75
CA TYR A 78 6.88 -10.29 -14.94
C TYR A 78 6.33 -11.27 -15.96
N THR A 79 7.21 -12.04 -16.58
CA THR A 79 6.81 -13.02 -17.58
C THR A 79 7.37 -14.40 -17.26
N THR A 80 7.27 -14.79 -15.99
CA THR A 80 7.77 -16.09 -15.54
C THR A 80 6.78 -17.19 -15.90
N ASN A 81 5.51 -16.98 -15.59
CA ASN A 81 4.47 -17.97 -15.87
C ASN A 81 4.47 -18.33 -17.35
N ASP A 82 4.68 -17.33 -18.20
CA ASP A 82 4.69 -17.56 -19.64
C ASP A 82 4.74 -16.23 -20.40
N GLY A 83 3.82 -15.33 -20.06
CA GLY A 83 3.77 -14.03 -20.71
C GLY A 83 3.95 -12.89 -19.73
N PRO A 84 4.30 -11.71 -20.26
CA PRO A 84 4.52 -10.51 -19.45
C PRO A 84 3.21 -9.97 -18.85
N ARG A 85 3.00 -10.23 -17.58
CA ARG A 85 1.79 -9.76 -16.89
C ARG A 85 2.12 -8.67 -15.89
N ASP A 86 1.09 -8.12 -15.26
CA ASP A 86 1.26 -7.06 -14.28
C ASP A 86 0.53 -7.39 -12.98
N LYS A 87 1.20 -7.19 -11.86
CA LYS A 87 0.61 -7.46 -10.55
C LYS A 87 0.91 -6.33 -9.57
N LEU A 88 -0.12 -5.91 -8.84
CA LEU A 88 0.04 -4.84 -7.86
C LEU A 88 -0.04 -5.38 -6.43
N ILE A 89 0.93 -5.02 -5.61
CA ILE A 89 0.97 -5.46 -4.22
C ILE A 89 0.80 -4.29 -3.27
N LEU A 90 0.22 -4.57 -2.10
CA LEU A 90 0.00 -3.54 -1.09
C LEU A 90 0.70 -3.90 0.22
N ILE A 91 1.61 -3.04 0.66
CA ILE A 91 2.34 -3.27 1.90
C ILE A 91 2.03 -2.18 2.93
N SER A 92 1.69 -2.61 4.14
CA SER A 92 1.38 -1.68 5.22
C SER A 92 2.55 -1.51 6.17
N TRP A 93 2.97 -0.27 6.38
CA TRP A 93 4.09 0.01 7.27
C TRP A 93 3.62 0.75 8.53
N ASN A 94 3.74 0.08 9.67
CA ASN A 94 3.32 0.67 10.94
C ASN A 94 3.51 -0.32 12.08
N PRO A 95 3.57 0.21 13.31
CA PRO A 95 3.74 -0.61 14.52
C PRO A 95 2.50 -1.45 14.83
N ASP A 96 2.72 -2.74 15.07
CA ASP A 96 1.63 -3.65 15.37
C ASP A 96 0.99 -3.30 16.72
N SER A 97 1.82 -2.96 17.69
CA SER A 97 1.33 -2.60 19.02
C SER A 97 1.50 -1.11 19.27
N GLY A 98 1.75 -0.36 18.21
CA GLY A 98 1.92 1.08 18.33
C GLY A 98 0.72 1.75 18.99
N ALA A 99 -0.21 2.22 18.18
CA ALA A 99 -1.41 2.88 18.69
C ALA A 99 -2.66 2.09 18.34
N PRO A 100 -3.73 2.30 19.12
CA PRO A 100 -5.01 1.61 18.92
C PRO A 100 -5.72 2.08 17.66
N ARG A 101 -5.61 3.37 17.36
CA ARG A 101 -6.24 3.94 16.18
C ARG A 101 -5.60 3.40 14.91
N THR A 102 -4.27 3.37 14.88
CA THR A 102 -3.54 2.89 13.72
C THR A 102 -3.73 1.39 13.53
N LYS A 103 -3.80 0.66 14.64
CA LYS A 103 -3.99 -0.78 14.59
C LYS A 103 -5.35 -1.14 14.03
N MET A 104 -6.39 -0.47 14.53
CA MET A 104 -7.75 -0.73 14.08
C MET A 104 -7.96 -0.16 12.67
N LEU A 105 -7.40 1.01 12.42
CA LEU A 105 -7.52 1.66 11.12
C LEU A 105 -7.05 0.74 10.00
N TYR A 106 -6.10 -0.14 10.33
CA TYR A 106 -5.55 -1.08 9.36
C TYR A 106 -6.66 -1.97 8.79
N SER A 107 -7.47 -2.54 9.67
CA SER A 107 -8.56 -3.41 9.26
C SER A 107 -9.75 -2.59 8.77
N SER A 108 -9.93 -1.41 9.35
CA SER A 108 -11.03 -0.53 8.97
C SER A 108 -10.85 -0.01 7.54
N SER A 109 -9.60 -0.03 7.07
CA SER A 109 -9.29 0.44 5.73
C SER A 109 -9.04 -0.73 4.79
N ARG A 110 -8.63 -1.85 5.35
CA ARG A 110 -8.35 -3.05 4.56
C ARG A 110 -9.62 -3.56 3.88
N ASP A 111 -10.73 -3.53 4.62
CA ASP A 111 -12.01 -3.98 4.09
C ASP A 111 -12.42 -3.15 2.88
N ALA A 112 -12.24 -1.84 2.98
CA ALA A 112 -12.60 -0.94 1.89
C ALA A 112 -11.54 -0.94 0.80
N LEU A 113 -10.32 -1.34 1.16
CA LEU A 113 -9.22 -1.39 0.21
C LEU A 113 -9.26 -2.69 -0.60
N VAL A 114 -9.84 -3.73 -0.01
CA VAL A 114 -9.94 -5.03 -0.67
C VAL A 114 -10.54 -4.89 -2.05
N PRO A 115 -11.74 -4.28 -2.12
CA PRO A 115 -12.45 -4.08 -3.38
C PRO A 115 -11.78 -3.04 -4.27
N LEU A 116 -11.12 -2.07 -3.64
CA LEU A 116 -10.42 -1.02 -4.37
C LEU A 116 -9.23 -1.57 -5.14
N THR A 117 -8.72 -2.72 -4.68
CA THR A 117 -7.59 -3.36 -5.33
C THR A 117 -7.86 -4.85 -5.56
N GLN A 118 -8.89 -5.13 -6.35
CA GLN A 118 -9.25 -6.51 -6.67
C GLN A 118 -8.04 -7.29 -7.19
N GLY A 119 -7.72 -8.38 -6.50
CA GLY A 119 -6.58 -9.19 -6.92
C GLY A 119 -5.26 -8.61 -6.46
N PHE A 120 -5.19 -8.22 -5.20
CA PHE A 120 -3.98 -7.64 -4.65
C PHE A 120 -3.57 -8.35 -3.36
N GLN A 121 -2.30 -8.25 -3.00
CA GLN A 121 -1.78 -8.87 -1.79
C GLN A 121 -1.50 -7.83 -0.71
N GLY A 122 -2.39 -7.76 0.27
CA GLY A 122 -2.22 -6.81 1.36
C GLY A 122 -1.55 -7.41 2.57
N ILE A 123 -0.34 -6.97 2.87
CA ILE A 123 0.40 -7.48 4.01
C ILE A 123 0.97 -6.34 4.86
N GLN A 124 0.84 -6.46 6.17
CA GLN A 124 1.34 -5.44 7.08
C GLN A 124 2.56 -5.94 7.85
N ALA A 125 3.66 -5.21 7.76
CA ALA A 125 4.89 -5.58 8.46
C ALA A 125 5.68 -4.35 8.86
N ASN A 126 6.09 -4.31 10.13
CA ASN A 126 6.86 -3.18 10.66
C ASN A 126 8.35 -3.49 10.64
N ASP A 127 9.16 -2.44 10.62
CA ASP A 127 10.62 -2.60 10.62
C ASP A 127 11.08 -3.29 9.34
N ALA A 128 12.31 -3.80 9.36
CA ALA A 128 12.88 -4.49 8.21
C ALA A 128 11.96 -5.60 7.73
N SER A 129 11.14 -6.13 8.64
CA SER A 129 10.22 -7.20 8.32
C SER A 129 9.23 -6.76 7.23
N GLY A 130 9.04 -5.45 7.12
CA GLY A 130 8.13 -4.92 6.12
C GLY A 130 8.85 -4.31 4.94
N LEU A 131 10.05 -4.83 4.65
CA LEU A 131 10.84 -4.32 3.53
C LEU A 131 11.56 -5.45 2.81
N ASP A 132 11.05 -6.67 2.99
CA ASP A 132 11.63 -7.84 2.35
C ASP A 132 11.18 -7.96 0.90
N PHE A 133 12.02 -7.46 -0.01
CA PHE A 133 11.70 -7.50 -1.44
C PHE A 133 11.43 -8.93 -1.90
N GLU A 134 12.24 -9.87 -1.41
CA GLU A 134 12.08 -11.27 -1.77
C GLU A 134 10.70 -11.78 -1.40
N GLU A 135 10.14 -11.22 -0.32
CA GLU A 135 8.82 -11.62 0.15
C GLU A 135 7.74 -11.18 -0.84
N ILE A 136 7.88 -9.96 -1.35
CA ILE A 136 6.91 -9.42 -2.30
C ILE A 136 6.97 -10.17 -3.63
N SER A 137 8.18 -10.37 -4.13
CA SER A 137 8.38 -11.08 -5.40
C SER A 137 7.87 -12.51 -5.30
N ARG A 138 8.11 -13.15 -4.16
CA ARG A 138 7.68 -14.53 -3.94
C ARG A 138 6.17 -14.60 -3.82
N LYS A 139 5.57 -13.60 -3.19
CA LYS A 139 4.12 -13.56 -3.02
C LYS A 139 3.41 -13.43 -4.36
N VAL A 140 3.88 -12.49 -5.18
CA VAL A 140 3.28 -12.27 -6.49
C VAL A 140 3.55 -13.45 -7.42
N LYS A 141 4.75 -14.03 -7.31
CA LYS A 141 5.12 -15.16 -8.14
C LYS A 141 4.36 -16.42 -7.73
N SER A 142 3.98 -16.47 -6.46
CA SER A 142 3.24 -17.62 -5.93
C SER A 142 1.75 -17.49 -6.22
N ASN A 143 1.28 -16.25 -6.35
CA ASN A 143 -0.12 -15.99 -6.63
C ASN A 143 -1.02 -16.61 -5.56
N ARG A 144 -0.74 -16.29 -4.30
CA ARG A 144 -1.51 -16.82 -3.18
C ARG A 144 -1.39 -18.34 -3.10
N MET A 9 -17.48 3.34 10.46
CA MET A 9 -16.94 3.88 11.70
C MET A 9 -16.11 2.85 12.44
N ALA A 10 -16.62 1.63 12.51
CA ALA A 10 -15.91 0.55 13.19
C ALA A 10 -15.60 -0.59 12.22
N MET A 11 -16.64 -1.25 11.73
CA MET A 11 -16.46 -2.36 10.79
C MET A 11 -16.00 -1.85 9.43
N SER A 12 -16.50 -0.68 9.03
CA SER A 12 -16.14 -0.09 7.75
C SER A 12 -16.07 1.43 7.86
N GLY A 13 -14.94 1.93 8.34
CA GLY A 13 -14.76 3.37 8.48
C GLY A 13 -13.76 3.93 7.50
N VAL A 14 -13.51 5.23 7.59
CA VAL A 14 -12.57 5.89 6.70
C VAL A 14 -13.05 5.84 5.25
N SER A 15 -12.76 6.91 4.51
CA SER A 15 -13.17 6.99 3.11
C SER A 15 -11.97 7.18 2.20
N VAL A 16 -11.95 6.45 1.09
CA VAL A 16 -10.86 6.53 0.14
C VAL A 16 -11.05 7.69 -0.84
N ALA A 17 -10.07 8.59 -0.87
CA ALA A 17 -10.14 9.76 -1.75
C ALA A 17 -10.04 9.33 -3.22
N ASP A 18 -10.77 10.02 -4.07
CA ASP A 18 -10.77 9.73 -5.51
C ASP A 18 -9.34 9.70 -6.05
N GLU A 19 -8.48 10.53 -5.46
CA GLU A 19 -7.10 10.61 -5.90
C GLU A 19 -6.37 9.28 -5.68
N CYS A 20 -6.71 8.60 -4.58
CA CYS A 20 -6.10 7.31 -4.26
C CYS A 20 -6.57 6.24 -5.22
N VAL A 21 -7.87 6.21 -5.49
CA VAL A 21 -8.45 5.22 -6.40
C VAL A 21 -7.85 5.35 -7.80
N THR A 22 -7.82 6.58 -8.30
CA THR A 22 -7.27 6.85 -9.63
C THR A 22 -5.79 6.52 -9.69
N ALA A 23 -5.05 6.94 -8.67
CA ALA A 23 -3.62 6.70 -8.60
C ALA A 23 -3.31 5.20 -8.67
N LEU A 24 -4.10 4.41 -7.96
CA LEU A 24 -3.91 2.97 -7.93
C LEU A 24 -4.27 2.35 -9.28
N ASN A 25 -5.37 2.82 -9.86
CA ASN A 25 -5.83 2.32 -11.15
C ASN A 25 -4.75 2.49 -12.22
N ASP A 26 -4.15 3.67 -12.25
CA ASP A 26 -3.11 3.97 -13.22
C ASP A 26 -1.82 3.22 -12.88
N LEU A 27 -1.54 3.10 -11.58
CA LEU A 27 -0.34 2.40 -11.13
C LEU A 27 -0.35 0.94 -11.58
N ARG A 28 -1.54 0.35 -11.61
CA ARG A 28 -1.69 -1.04 -12.03
C ARG A 28 -1.25 -1.22 -13.48
N HIS A 29 -1.31 -0.15 -14.25
CA HIS A 29 -0.93 -0.19 -15.65
C HIS A 29 0.54 0.21 -15.83
N LYS A 30 1.29 0.18 -14.74
CA LYS A 30 2.70 0.54 -14.76
C LYS A 30 2.88 1.97 -15.28
N LYS A 31 2.07 2.89 -14.77
CA LYS A 31 2.16 4.29 -15.18
C LYS A 31 3.33 4.99 -14.50
N SER A 32 3.79 4.43 -13.40
CA SER A 32 4.91 5.00 -12.65
C SER A 32 5.76 3.90 -12.02
N ARG A 33 5.28 3.36 -10.90
CA ARG A 33 6.00 2.32 -10.19
C ARG A 33 5.28 1.93 -8.91
N TYR A 34 5.20 2.86 -7.98
CA TYR A 34 4.53 2.62 -6.70
C TYR A 34 3.84 3.89 -6.20
N VAL A 35 2.81 3.70 -5.38
CA VAL A 35 2.06 4.82 -4.82
C VAL A 35 1.77 4.61 -3.34
N ILE A 36 2.23 5.55 -2.51
CA ILE A 36 2.00 5.47 -1.08
C ILE A 36 0.97 6.49 -0.61
N MET A 37 0.07 6.05 0.26
CA MET A 37 -0.98 6.93 0.78
C MET A 37 -1.03 6.87 2.30
N HIS A 38 -1.50 7.94 2.92
CA HIS A 38 -1.60 8.01 4.38
C HIS A 38 -3.01 8.42 4.80
N ILE A 39 -3.43 7.96 5.98
CA ILE A 39 -4.75 8.28 6.50
C ILE A 39 -4.74 9.62 7.23
N VAL A 40 -5.52 10.57 6.72
CA VAL A 40 -5.61 11.90 7.32
C VAL A 40 -6.86 12.03 8.17
N ASP A 41 -6.68 12.58 9.38
CA ASP A 41 -7.80 12.76 10.31
C ASP A 41 -8.51 11.43 10.57
N GLN A 42 -7.79 10.34 10.38
CA GLN A 42 -8.35 9.01 10.60
C GLN A 42 -9.79 8.94 10.10
N LYS A 43 -10.05 9.56 8.95
CA LYS A 43 -11.38 9.57 8.36
C LYS A 43 -11.30 9.67 6.85
N SER A 44 -10.39 10.50 6.36
CA SER A 44 -10.22 10.69 4.92
C SER A 44 -8.79 10.35 4.49
N ILE A 45 -8.68 9.47 3.50
CA ILE A 45 -7.38 9.06 2.99
C ILE A 45 -6.83 10.07 1.99
N ALA A 46 -5.58 10.47 2.17
CA ALA A 46 -4.95 11.43 1.27
C ALA A 46 -3.56 10.93 0.84
N VAL A 47 -3.09 11.45 -0.29
CA VAL A 47 -1.78 11.06 -0.82
C VAL A 47 -0.66 11.60 0.07
N LYS A 48 0.36 10.77 0.30
CA LYS A 48 1.49 11.17 1.12
C LYS A 48 2.74 11.37 0.27
N THR A 49 3.12 10.32 -0.47
CA THR A 49 4.29 10.38 -1.33
C THR A 49 4.22 9.31 -2.43
N ILE A 50 3.96 9.76 -3.65
CA ILE A 50 3.87 8.84 -4.78
C ILE A 50 5.19 8.79 -5.55
N GLY A 51 5.51 7.60 -6.09
CA GLY A 51 6.74 7.45 -6.84
C GLY A 51 6.49 7.31 -8.32
N GLU A 52 7.57 7.15 -9.09
CA GLU A 52 7.46 7.01 -10.54
C GLU A 52 8.84 6.81 -11.17
N ARG A 53 9.46 5.68 -10.86
CA ARG A 53 10.78 5.37 -11.39
C ARG A 53 11.78 6.48 -11.06
N GLY A 54 11.50 7.23 -10.00
CA GLY A 54 12.38 8.31 -9.59
C GLY A 54 12.65 8.31 -8.10
N ALA A 55 11.64 7.96 -7.31
CA ALA A 55 11.77 7.93 -5.86
C ALA A 55 12.98 7.09 -5.44
N ASN A 56 13.68 7.54 -4.42
CA ASN A 56 14.86 6.84 -3.92
C ASN A 56 14.63 6.32 -2.51
N PHE A 57 15.62 5.61 -1.97
CA PHE A 57 15.51 5.04 -0.63
C PHE A 57 15.53 6.15 0.42
N ASP A 58 16.41 7.13 0.23
CA ASP A 58 16.54 8.24 1.15
C ASP A 58 15.23 9.05 1.22
N GLN A 59 14.69 9.36 0.05
CA GLN A 59 13.44 10.13 -0.03
C GLN A 59 12.26 9.29 0.43
N PHE A 60 12.34 7.99 0.20
CA PHE A 60 11.27 7.08 0.60
C PHE A 60 11.13 7.02 2.11
N ILE A 61 12.26 6.85 2.79
CA ILE A 61 12.27 6.78 4.25
C ILE A 61 11.97 8.15 4.87
N GLU A 62 12.59 9.18 4.32
CA GLU A 62 12.40 10.54 4.81
C GLU A 62 10.94 10.95 4.73
N ALA A 63 10.29 10.57 3.63
CA ALA A 63 8.88 10.90 3.42
C ALA A 63 7.98 10.07 4.33
N ILE A 64 8.14 8.76 4.28
CA ILE A 64 7.35 7.85 5.10
C ILE A 64 7.71 7.99 6.57
N ASP A 65 6.72 7.80 7.44
CA ASP A 65 6.93 7.90 8.88
C ASP A 65 6.86 6.53 9.54
N LYS A 66 6.83 6.52 10.87
CA LYS A 66 6.76 5.28 11.63
C LYS A 66 5.89 5.44 12.87
N ASN A 67 4.59 5.48 12.67
CA ASN A 67 3.64 5.62 13.78
C ASN A 67 2.20 5.63 13.27
N VAL A 68 1.99 6.25 12.12
CA VAL A 68 0.66 6.32 11.53
C VAL A 68 0.47 5.26 10.46
N PRO A 69 -0.79 4.87 10.22
CA PRO A 69 -1.12 3.85 9.21
C PRO A 69 -0.91 4.35 7.79
N CYS A 70 -0.09 3.63 7.04
CA CYS A 70 0.20 4.00 5.65
C CYS A 70 0.19 2.77 4.75
N TYR A 71 -0.32 2.94 3.54
CA TYR A 71 -0.39 1.84 2.58
C TYR A 71 0.48 2.12 1.36
N ALA A 72 1.33 1.16 1.00
CA ALA A 72 2.21 1.31 -0.14
C ALA A 72 1.92 0.26 -1.21
N ALA A 73 1.62 0.71 -2.42
CA ALA A 73 1.31 -0.19 -3.52
C ALA A 73 2.47 -0.24 -4.52
N PHE A 74 2.97 -1.44 -4.77
CA PHE A 74 4.08 -1.63 -5.71
C PHE A 74 3.66 -2.49 -6.89
N ASP A 75 3.88 -1.99 -8.09
CA ASP A 75 3.52 -2.71 -9.31
C ASP A 75 4.75 -3.32 -9.97
N PHE A 76 4.77 -4.64 -10.08
CA PHE A 76 5.90 -5.34 -10.70
C PHE A 76 5.46 -6.11 -11.93
N GLU A 77 6.02 -5.75 -13.07
CA GLU A 77 5.68 -6.40 -14.34
C GLU A 77 6.56 -7.63 -14.56
N TYR A 78 5.96 -8.70 -15.06
CA TYR A 78 6.68 -9.94 -15.32
C TYR A 78 6.03 -10.71 -16.47
N THR A 79 6.66 -11.83 -16.84
CA THR A 79 6.15 -12.67 -17.93
C THR A 79 5.74 -14.04 -17.41
N THR A 80 4.90 -14.05 -16.38
CA THR A 80 4.42 -15.30 -15.78
C THR A 80 3.34 -15.93 -16.65
N ASN A 81 2.41 -15.12 -17.13
CA ASN A 81 1.32 -15.62 -17.97
C ASN A 81 1.81 -15.86 -19.39
N ASP A 82 2.71 -15.01 -19.86
CA ASP A 82 3.26 -15.13 -21.21
C ASP A 82 4.22 -13.98 -21.51
N GLY A 83 3.86 -12.78 -21.05
CA GLY A 83 4.71 -11.63 -21.29
C GLY A 83 4.18 -10.38 -20.61
N PRO A 84 3.17 -9.75 -21.23
CA PRO A 84 2.55 -8.53 -20.71
C PRO A 84 1.74 -8.80 -19.45
N ARG A 85 2.43 -9.05 -18.35
CA ARG A 85 1.77 -9.32 -17.07
C ARG A 85 2.22 -8.33 -16.00
N ASP A 86 1.33 -8.02 -15.07
CA ASP A 86 1.64 -7.08 -13.99
C ASP A 86 0.95 -7.50 -12.70
N LYS A 87 1.69 -7.47 -11.60
CA LYS A 87 1.15 -7.84 -10.30
C LYS A 87 1.30 -6.69 -9.30
N LEU A 88 0.18 -6.31 -8.69
CA LEU A 88 0.19 -5.22 -7.71
C LEU A 88 0.16 -5.77 -6.28
N ILE A 89 1.09 -5.30 -5.46
CA ILE A 89 1.16 -5.74 -4.07
C ILE A 89 0.88 -4.59 -3.11
N LEU A 90 0.29 -4.91 -1.96
CA LEU A 90 -0.04 -3.91 -0.95
C LEU A 90 0.66 -4.22 0.36
N ILE A 91 1.50 -3.30 0.81
CA ILE A 91 2.24 -3.46 2.06
C ILE A 91 1.87 -2.38 3.06
N SER A 92 1.51 -2.79 4.28
CA SER A 92 1.14 -1.85 5.33
C SER A 92 2.29 -1.63 6.30
N TRP A 93 2.76 -0.40 6.38
CA TRP A 93 3.87 -0.05 7.27
C TRP A 93 3.37 0.73 8.48
N ASN A 94 3.48 0.13 9.66
CA ASN A 94 3.05 0.78 10.89
C ASN A 94 3.30 -0.12 12.10
N PRO A 95 3.43 0.50 13.28
CA PRO A 95 3.67 -0.22 14.53
C PRO A 95 2.45 -1.03 14.98
N ASP A 96 2.67 -2.29 15.31
CA ASP A 96 1.59 -3.17 15.76
C ASP A 96 1.04 -2.70 17.09
N SER A 97 1.94 -2.29 17.99
CA SER A 97 1.54 -1.83 19.32
C SER A 97 1.73 -0.32 19.44
N GLY A 98 1.93 0.33 18.31
CA GLY A 98 2.13 1.78 18.31
C GLY A 98 0.99 2.52 18.98
N ALA A 99 0.03 2.97 18.17
CA ALA A 99 -1.12 3.70 18.68
C ALA A 99 -2.42 2.97 18.36
N PRO A 100 -3.48 3.27 19.12
CA PRO A 100 -4.79 2.66 18.94
C PRO A 100 -5.47 3.11 17.65
N ARG A 101 -5.28 4.38 17.30
CA ARG A 101 -5.87 4.94 16.09
C ARG A 101 -5.22 4.35 14.84
N THR A 102 -3.94 4.03 14.95
CA THR A 102 -3.20 3.47 13.84
C THR A 102 -3.58 2.01 13.59
N LYS A 103 -3.64 1.23 14.67
CA LYS A 103 -3.99 -0.18 14.58
C LYS A 103 -5.47 -0.34 14.23
N MET A 104 -6.30 0.57 14.74
CA MET A 104 -7.72 0.52 14.48
C MET A 104 -8.03 0.92 13.03
N LEU A 105 -7.43 2.02 12.60
CA LEU A 105 -7.64 2.52 11.24
C LEU A 105 -7.27 1.45 10.22
N TYR A 106 -6.31 0.60 10.57
CA TYR A 106 -5.87 -0.47 9.68
C TYR A 106 -7.02 -1.39 9.32
N SER A 107 -7.94 -1.58 10.26
CA SER A 107 -9.10 -2.44 10.04
C SER A 107 -10.29 -1.64 9.55
N SER A 108 -10.39 -0.40 10.01
CA SER A 108 -11.49 0.49 9.62
C SER A 108 -11.40 0.84 8.14
N SER A 109 -10.19 1.15 7.69
CA SER A 109 -9.96 1.51 6.29
C SER A 109 -9.82 0.26 5.42
N ARG A 110 -9.55 -0.88 6.07
CA ARG A 110 -9.38 -2.13 5.35
C ARG A 110 -10.67 -2.52 4.62
N ASP A 111 -11.80 -2.27 5.26
CA ASP A 111 -13.10 -2.60 4.68
C ASP A 111 -13.32 -1.80 3.39
N ALA A 112 -12.94 -0.52 3.40
CA ALA A 112 -13.11 0.33 2.25
C ALA A 112 -11.99 0.10 1.22
N LEU A 113 -10.83 -0.36 1.71
CA LEU A 113 -9.70 -0.64 0.84
C LEU A 113 -9.81 -2.02 0.22
N VAL A 114 -10.69 -2.85 0.77
CA VAL A 114 -10.90 -4.20 0.27
C VAL A 114 -11.38 -4.18 -1.16
N PRO A 115 -12.49 -3.47 -1.41
CA PRO A 115 -13.08 -3.35 -2.75
C PRO A 115 -12.23 -2.52 -3.69
N LEU A 116 -11.56 -1.51 -3.14
CA LEU A 116 -10.71 -0.63 -3.93
C LEU A 116 -9.45 -1.36 -4.38
N THR A 117 -8.79 -2.05 -3.45
CA THR A 117 -7.58 -2.79 -3.76
C THR A 117 -7.85 -4.29 -3.77
N GLN A 118 -8.92 -4.68 -4.45
CA GLN A 118 -9.28 -6.09 -4.54
C GLN A 118 -8.46 -6.79 -5.62
N GLY A 119 -7.91 -7.95 -5.29
CA GLY A 119 -7.11 -8.70 -6.25
C GLY A 119 -5.63 -8.55 -6.02
N PHE A 120 -5.26 -8.00 -4.86
CA PHE A 120 -3.87 -7.80 -4.53
C PHE A 120 -3.55 -8.37 -3.14
N GLN A 121 -2.30 -8.76 -2.94
CA GLN A 121 -1.86 -9.34 -1.68
C GLN A 121 -1.57 -8.25 -0.66
N GLY A 122 -2.40 -8.16 0.38
CA GLY A 122 -2.22 -7.17 1.41
C GLY A 122 -1.61 -7.74 2.68
N ILE A 123 -0.45 -7.22 3.06
CA ILE A 123 0.24 -7.69 4.25
C ILE A 123 0.68 -6.51 5.13
N GLN A 124 0.51 -6.66 6.44
CA GLN A 124 0.89 -5.62 7.39
C GLN A 124 2.11 -6.04 8.20
N ALA A 125 3.18 -5.26 8.10
CA ALA A 125 4.41 -5.56 8.83
C ALA A 125 5.14 -4.28 9.21
N ASN A 126 5.66 -4.24 10.43
CA ASN A 126 6.38 -3.06 10.92
C ASN A 126 7.89 -3.25 10.76
N ASP A 127 8.61 -2.15 10.71
CA ASP A 127 10.06 -2.18 10.57
C ASP A 127 10.46 -2.79 9.22
N ALA A 128 11.71 -3.22 9.12
CA ALA A 128 12.21 -3.82 7.88
C ALA A 128 11.30 -4.95 7.41
N SER A 129 10.58 -5.56 8.34
CA SER A 129 9.67 -6.66 8.02
C SER A 129 8.59 -6.19 7.04
N GLY A 130 8.34 -4.89 7.03
CA GLY A 130 7.33 -4.34 6.14
C GLY A 130 7.93 -3.60 4.96
N LEU A 131 8.97 -4.19 4.37
CA LEU A 131 9.64 -3.58 3.22
C LEU A 131 10.75 -4.49 2.69
N ASP A 132 10.53 -5.79 2.79
CA ASP A 132 11.50 -6.76 2.31
C ASP A 132 11.25 -7.12 0.85
N PHE A 133 12.15 -6.69 -0.02
CA PHE A 133 12.03 -6.96 -1.45
C PHE A 133 11.81 -8.44 -1.71
N GLU A 134 12.64 -9.27 -1.06
CA GLU A 134 12.54 -10.72 -1.23
C GLU A 134 11.16 -11.22 -0.84
N GLU A 135 10.55 -10.57 0.15
CA GLU A 135 9.22 -10.94 0.61
C GLU A 135 8.17 -10.63 -0.44
N ILE A 136 8.32 -9.49 -1.10
CA ILE A 136 7.39 -9.07 -2.15
C ILE A 136 7.46 -9.99 -3.35
N SER A 137 8.68 -10.28 -3.81
CA SER A 137 8.89 -11.15 -4.96
C SER A 137 8.41 -12.57 -4.66
N ARG A 138 8.64 -13.02 -3.43
CA ARG A 138 8.23 -14.36 -3.01
C ARG A 138 6.71 -14.47 -2.94
N LYS A 139 6.07 -13.40 -2.48
CA LYS A 139 4.62 -13.36 -2.35
C LYS A 139 3.95 -13.39 -3.72
N VAL A 140 4.42 -12.52 -4.62
CA VAL A 140 3.87 -12.45 -5.97
C VAL A 140 4.19 -13.71 -6.76
N LYS A 141 5.40 -14.24 -6.56
CA LYS A 141 5.83 -15.45 -7.25
C LYS A 141 4.96 -16.64 -6.87
N SER A 142 4.52 -16.67 -5.62
CA SER A 142 3.68 -17.75 -5.13
C SER A 142 2.23 -17.56 -5.56
N ASN A 143 1.78 -16.30 -5.57
CA ASN A 143 0.42 -15.99 -5.96
C ASN A 143 -0.59 -16.68 -5.06
N ARG A 144 -0.22 -16.86 -3.79
CA ARG A 144 -1.10 -17.51 -2.83
C ARG A 144 -1.28 -16.65 -1.59
N MET A 9 -14.76 3.49 19.98
CA MET A 9 -13.89 2.94 18.95
C MET A 9 -14.73 2.31 17.83
N ALA A 10 -14.06 1.98 16.72
CA ALA A 10 -14.74 1.36 15.58
C ALA A 10 -15.84 2.29 15.04
N MET A 11 -15.67 3.58 15.26
CA MET A 11 -16.66 4.56 14.80
C MET A 11 -16.12 5.34 13.60
N SER A 12 -14.80 5.48 13.54
CA SER A 12 -14.16 6.21 12.45
C SER A 12 -14.50 5.58 11.10
N GLY A 13 -13.89 4.42 10.83
CA GLY A 13 -14.14 3.74 9.58
C GLY A 13 -13.08 4.02 8.53
N VAL A 14 -12.77 5.30 8.35
CA VAL A 14 -11.76 5.71 7.37
C VAL A 14 -12.15 5.27 5.96
N SER A 15 -12.63 6.22 5.17
CA SER A 15 -13.05 5.94 3.80
C SER A 15 -11.96 6.35 2.81
N VAL A 16 -11.71 5.49 1.83
CA VAL A 16 -10.71 5.77 0.81
C VAL A 16 -11.18 6.84 -0.16
N ALA A 17 -10.41 7.92 -0.28
CA ALA A 17 -10.75 9.01 -1.17
C ALA A 17 -10.65 8.57 -2.63
N ASP A 18 -11.43 9.23 -3.49
CA ASP A 18 -11.43 8.91 -4.92
C ASP A 18 -10.03 9.07 -5.50
N GLU A 19 -9.24 9.97 -4.92
CA GLU A 19 -7.89 10.23 -5.40
C GLU A 19 -7.05 8.96 -5.35
N CYS A 20 -7.17 8.21 -4.25
CA CYS A 20 -6.42 6.97 -4.08
C CYS A 20 -6.87 5.93 -5.10
N VAL A 21 -8.17 5.83 -5.30
CA VAL A 21 -8.72 4.86 -6.25
C VAL A 21 -8.18 5.09 -7.65
N THR A 22 -8.28 6.33 -8.12
CA THR A 22 -7.80 6.69 -9.45
C THR A 22 -6.29 6.49 -9.56
N ALA A 23 -5.58 6.87 -8.51
CA ALA A 23 -4.12 6.73 -8.49
C ALA A 23 -3.71 5.27 -8.70
N LEU A 24 -4.39 4.36 -8.01
CA LEU A 24 -4.09 2.94 -8.12
C LEU A 24 -4.49 2.40 -9.49
N ASN A 25 -5.63 2.86 -10.00
CA ASN A 25 -6.11 2.42 -11.30
C ASN A 25 -5.09 2.73 -12.39
N ASP A 26 -4.56 3.95 -12.36
CA ASP A 26 -3.56 4.37 -13.35
C ASP A 26 -2.23 3.68 -13.10
N LEU A 27 -1.88 3.51 -11.84
CA LEU A 27 -0.62 2.87 -11.46
C LEU A 27 -0.53 1.48 -12.07
N ARG A 28 -1.62 0.72 -12.00
CA ARG A 28 -1.67 -0.63 -12.55
C ARG A 28 -1.45 -0.60 -14.06
N HIS A 29 -1.78 0.53 -14.69
CA HIS A 29 -1.62 0.67 -16.13
C HIS A 29 -0.29 1.34 -16.47
N LYS A 30 0.65 1.27 -15.53
CA LYS A 30 1.97 1.86 -15.74
C LYS A 30 1.87 3.37 -15.94
N LYS A 31 1.09 4.03 -15.09
CA LYS A 31 0.91 5.47 -15.18
C LYS A 31 2.17 6.20 -14.72
N SER A 32 2.64 5.88 -13.52
CA SER A 32 3.83 6.50 -12.97
C SER A 32 4.85 5.46 -12.52
N ARG A 33 4.59 4.85 -11.37
CA ARG A 33 5.47 3.82 -10.84
C ARG A 33 4.97 3.31 -9.49
N TYR A 34 4.92 4.20 -8.50
CA TYR A 34 4.45 3.83 -7.17
C TYR A 34 3.64 4.96 -6.55
N VAL A 35 2.63 4.60 -5.76
CA VAL A 35 1.79 5.59 -5.10
C VAL A 35 1.58 5.24 -3.63
N ILE A 36 1.92 6.17 -2.75
CA ILE A 36 1.76 5.97 -1.32
C ILE A 36 0.68 6.88 -0.74
N MET A 37 -0.22 6.28 0.05
CA MET A 37 -1.31 7.03 0.67
C MET A 37 -1.40 6.72 2.15
N HIS A 38 -1.98 7.65 2.91
CA HIS A 38 -2.14 7.46 4.35
C HIS A 38 -3.52 7.95 4.81
N ILE A 39 -3.88 7.59 6.04
CA ILE A 39 -5.16 7.99 6.60
C ILE A 39 -5.10 9.38 7.22
N VAL A 40 -6.05 10.23 6.84
CA VAL A 40 -6.10 11.59 7.35
C VAL A 40 -7.33 11.80 8.22
N ASP A 41 -7.12 12.32 9.43
CA ASP A 41 -8.22 12.57 10.35
C ASP A 41 -8.92 11.27 10.74
N GLN A 42 -8.26 10.14 10.46
CA GLN A 42 -8.82 8.83 10.76
C GLN A 42 -10.26 8.73 10.26
N LYS A 43 -10.55 9.42 9.16
CA LYS A 43 -11.87 9.39 8.57
C LYS A 43 -11.80 9.41 7.05
N SER A 44 -10.90 10.23 6.51
CA SER A 44 -10.72 10.34 5.07
C SER A 44 -9.27 10.08 4.68
N ILE A 45 -9.08 9.16 3.74
CA ILE A 45 -7.74 8.81 3.27
C ILE A 45 -7.25 9.82 2.24
N ALA A 46 -6.02 10.30 2.43
CA ALA A 46 -5.43 11.27 1.51
C ALA A 46 -4.03 10.83 1.08
N VAL A 47 -3.51 11.46 0.04
CA VAL A 47 -2.19 11.14 -0.48
C VAL A 47 -1.10 11.77 0.39
N LYS A 48 -0.04 11.01 0.65
CA LYS A 48 1.07 11.49 1.46
C LYS A 48 2.29 11.79 0.59
N THR A 49 2.66 10.82 -0.25
CA THR A 49 3.82 10.97 -1.12
C THR A 49 3.77 9.96 -2.26
N ILE A 50 3.49 10.46 -3.47
CA ILE A 50 3.42 9.61 -4.65
C ILE A 50 4.62 9.83 -5.56
N GLY A 51 5.10 8.74 -6.17
CA GLY A 51 6.24 8.84 -7.06
C GLY A 51 5.84 8.92 -8.52
N GLU A 52 6.81 8.79 -9.41
CA GLU A 52 6.54 8.86 -10.84
C GLU A 52 7.83 8.68 -11.64
N ARG A 53 8.52 7.57 -11.41
CA ARG A 53 9.77 7.28 -12.10
C ARG A 53 10.83 8.33 -11.76
N GLY A 54 10.70 8.94 -10.60
CA GLY A 54 11.65 9.95 -10.17
C GLY A 54 11.79 10.01 -8.66
N ALA A 55 11.33 8.97 -7.98
CA ALA A 55 11.41 8.91 -6.53
C ALA A 55 12.52 7.96 -6.07
N ASN A 56 13.37 8.43 -5.18
CA ASN A 56 14.47 7.62 -4.66
C ASN A 56 14.08 6.95 -3.34
N PHE A 57 14.91 6.01 -2.90
CA PHE A 57 14.65 5.29 -1.66
C PHE A 57 14.84 6.21 -0.45
N ASP A 58 15.75 7.17 -0.58
CA ASP A 58 16.02 8.12 0.50
C ASP A 58 14.77 8.92 0.84
N GLN A 59 14.09 9.43 -0.19
CA GLN A 59 12.88 10.21 0.02
C GLN A 59 11.73 9.32 0.44
N PHE A 60 11.74 8.08 -0.02
CA PHE A 60 10.69 7.13 0.31
C PHE A 60 10.66 6.85 1.81
N ILE A 61 11.82 6.51 2.36
CA ILE A 61 11.94 6.22 3.79
C ILE A 61 11.83 7.49 4.62
N GLU A 62 12.43 8.58 4.12
CA GLU A 62 12.40 9.85 4.82
C GLU A 62 10.96 10.33 5.03
N ALA A 63 10.14 10.14 4.00
CA ALA A 63 8.74 10.55 4.06
C ALA A 63 7.91 9.57 4.89
N ILE A 64 8.00 8.29 4.54
CA ILE A 64 7.26 7.25 5.25
C ILE A 64 7.77 7.11 6.68
N ASP A 65 6.84 6.83 7.61
CA ASP A 65 7.21 6.66 9.01
C ASP A 65 6.53 5.42 9.59
N LYS A 66 7.20 4.78 10.53
CA LYS A 66 6.68 3.58 11.17
C LYS A 66 5.81 3.94 12.37
N ASN A 67 4.51 4.10 12.14
CA ASN A 67 3.58 4.44 13.20
C ASN A 67 2.15 4.55 12.66
N VAL A 68 1.88 5.64 11.96
CA VAL A 68 0.55 5.86 11.38
C VAL A 68 0.28 4.89 10.24
N PRO A 69 -1.01 4.61 9.99
CA PRO A 69 -1.43 3.69 8.93
C PRO A 69 -1.18 4.26 7.53
N CYS A 70 -0.43 3.52 6.72
CA CYS A 70 -0.12 3.96 5.37
C CYS A 70 0.19 2.76 4.48
N TYR A 71 -0.20 2.86 3.21
CA TYR A 71 0.04 1.79 2.25
C TYR A 71 0.70 2.31 0.99
N ALA A 72 1.66 1.55 0.48
CA ALA A 72 2.38 1.94 -0.74
C ALA A 72 2.27 0.86 -1.81
N ALA A 73 1.70 1.24 -2.95
CA ALA A 73 1.54 0.30 -4.06
C ALA A 73 2.52 0.61 -5.18
N PHE A 74 3.46 -0.30 -5.41
CA PHE A 74 4.46 -0.12 -6.46
C PHE A 74 4.32 -1.20 -7.53
N ASP A 75 4.49 -0.82 -8.78
CA ASP A 75 4.39 -1.75 -9.90
C ASP A 75 5.74 -2.38 -10.21
N PHE A 76 5.78 -3.70 -10.21
CA PHE A 76 7.02 -4.44 -10.48
C PHE A 76 6.82 -5.41 -11.64
N GLU A 77 7.92 -6.06 -12.05
CA GLU A 77 7.87 -7.01 -13.14
C GLU A 77 8.16 -8.42 -12.64
N TYR A 78 7.53 -9.41 -13.28
CA TYR A 78 7.72 -10.81 -12.90
C TYR A 78 7.58 -11.73 -14.10
N THR A 79 8.04 -12.97 -13.95
CA THR A 79 7.97 -13.95 -15.03
C THR A 79 7.06 -15.11 -14.67
N THR A 80 5.81 -14.80 -14.32
CA THR A 80 4.84 -15.81 -13.95
C THR A 80 4.30 -16.53 -15.18
N ASN A 81 3.87 -15.76 -16.17
CA ASN A 81 3.32 -16.32 -17.40
C ASN A 81 4.44 -16.94 -18.26
N ASP A 82 5.61 -16.30 -18.24
CA ASP A 82 6.74 -16.79 -19.01
C ASP A 82 7.92 -15.83 -18.89
N GLY A 83 7.64 -14.53 -18.84
CA GLY A 83 8.67 -13.54 -18.73
C GLY A 83 8.13 -12.13 -18.61
N PRO A 84 7.67 -11.57 -19.73
CA PRO A 84 7.11 -10.21 -19.78
C PRO A 84 5.76 -10.13 -19.07
N ARG A 85 5.80 -10.15 -17.74
CA ARG A 85 4.58 -10.07 -16.94
C ARG A 85 4.64 -8.89 -15.97
N ASP A 86 3.48 -8.32 -15.66
CA ASP A 86 3.40 -7.20 -14.75
C ASP A 86 2.67 -7.58 -13.47
N LYS A 87 3.23 -7.20 -12.33
CA LYS A 87 2.62 -7.50 -11.04
C LYS A 87 2.84 -6.36 -10.04
N LEU A 88 1.75 -5.82 -9.53
CA LEU A 88 1.82 -4.71 -8.57
C LEU A 88 1.67 -5.23 -7.15
N ILE A 89 2.52 -4.73 -6.25
CA ILE A 89 2.47 -5.14 -4.85
C ILE A 89 2.11 -3.95 -3.94
N LEU A 90 1.44 -4.25 -2.85
CA LEU A 90 1.04 -3.22 -1.90
C LEU A 90 1.51 -3.56 -0.49
N ILE A 91 2.33 -2.67 0.09
CA ILE A 91 2.85 -2.88 1.44
C ILE A 91 2.20 -1.93 2.43
N SER A 92 1.51 -2.49 3.42
CA SER A 92 0.85 -1.69 4.44
C SER A 92 1.66 -1.65 5.73
N TRP A 93 1.73 -0.47 6.33
CA TRP A 93 2.47 -0.29 7.58
C TRP A 93 1.54 -0.33 8.78
N ASN A 94 1.72 -1.33 9.63
CA ASN A 94 0.90 -1.48 10.82
C ASN A 94 1.60 -2.33 11.87
N PRO A 95 2.52 -1.70 12.62
CA PRO A 95 3.29 -2.38 13.67
C PRO A 95 2.43 -2.74 14.87
N ASP A 96 2.56 -3.98 15.33
CA ASP A 96 1.79 -4.45 16.48
C ASP A 96 2.06 -3.58 17.71
N SER A 97 3.20 -2.91 17.72
CA SER A 97 3.59 -2.05 18.83
C SER A 97 3.37 -0.58 18.48
N GLY A 98 2.65 -0.34 17.38
CA GLY A 98 2.39 1.02 16.96
C GLY A 98 1.45 1.75 17.89
N ALA A 99 0.22 1.96 17.45
CA ALA A 99 -0.78 2.65 18.26
C ALA A 99 -2.12 1.92 18.23
N PRO A 100 -2.96 2.19 19.24
CA PRO A 100 -4.28 1.56 19.35
C PRO A 100 -5.25 2.05 18.28
N ARG A 101 -5.31 3.37 18.11
CA ARG A 101 -6.21 3.96 17.12
C ARG A 101 -5.74 3.63 15.71
N THR A 102 -4.44 3.73 15.48
CA THR A 102 -3.87 3.44 14.16
C THR A 102 -4.09 1.98 13.78
N LYS A 103 -3.88 1.09 14.74
CA LYS A 103 -4.06 -0.34 14.50
C LYS A 103 -5.50 -0.64 14.05
N MET A 104 -6.46 -0.10 14.79
CA MET A 104 -7.87 -0.31 14.47
C MET A 104 -8.26 0.45 13.20
N LEU A 105 -7.60 1.58 12.97
CA LEU A 105 -7.88 2.40 11.80
C LEU A 105 -7.74 1.59 10.52
N TYR A 106 -6.62 0.87 10.40
CA TYR A 106 -6.37 0.05 9.22
C TYR A 106 -7.47 -1.00 9.03
N SER A 107 -8.02 -1.48 10.14
CA SER A 107 -9.07 -2.48 10.11
C SER A 107 -10.42 -1.84 9.81
N SER A 108 -10.57 -0.57 10.19
CA SER A 108 -11.80 0.17 9.98
C SER A 108 -12.03 0.42 8.48
N SER A 109 -10.93 0.46 7.73
CA SER A 109 -11.00 0.69 6.29
C SER A 109 -10.61 -0.55 5.51
N ARG A 110 -10.63 -1.69 6.19
CA ARG A 110 -10.28 -2.97 5.56
C ARG A 110 -11.29 -3.34 4.49
N ASP A 111 -12.56 -3.19 4.82
CA ASP A 111 -13.64 -3.51 3.89
C ASP A 111 -13.63 -2.57 2.68
N ALA A 112 -13.23 -1.33 2.93
CA ALA A 112 -13.17 -0.33 1.86
C ALA A 112 -11.90 -0.51 1.02
N LEU A 113 -10.84 -0.97 1.66
CA LEU A 113 -9.57 -1.18 0.97
C LEU A 113 -9.55 -2.55 0.28
N VAL A 114 -10.38 -3.46 0.75
CA VAL A 114 -10.46 -4.79 0.17
C VAL A 114 -10.63 -4.73 -1.34
N PRO A 115 -11.67 -4.01 -1.79
CA PRO A 115 -11.98 -3.86 -3.22
C PRO A 115 -10.95 -2.99 -3.93
N LEU A 116 -10.44 -1.99 -3.23
CA LEU A 116 -9.44 -1.08 -3.80
C LEU A 116 -8.13 -1.81 -4.08
N THR A 117 -7.83 -2.81 -3.25
CA THR A 117 -6.61 -3.58 -3.41
C THR A 117 -6.92 -4.98 -3.95
N GLN A 118 -7.75 -5.04 -4.98
CA GLN A 118 -8.12 -6.32 -5.57
C GLN A 118 -7.11 -6.74 -6.62
N GLY A 119 -6.52 -7.92 -6.43
CA GLY A 119 -5.53 -8.42 -7.37
C GLY A 119 -4.12 -8.18 -6.91
N PHE A 120 -3.84 -6.95 -6.46
CA PHE A 120 -2.51 -6.59 -5.98
C PHE A 120 -2.21 -7.27 -4.64
N GLN A 121 -1.02 -7.86 -4.54
CA GLN A 121 -0.62 -8.54 -3.32
C GLN A 121 -0.48 -7.55 -2.17
N GLY A 122 -1.56 -7.38 -1.42
CA GLY A 122 -1.54 -6.45 -0.29
C GLY A 122 -1.24 -7.15 1.02
N ILE A 123 -0.10 -6.82 1.62
CA ILE A 123 0.31 -7.42 2.88
C ILE A 123 0.74 -6.35 3.87
N GLN A 124 0.34 -6.52 5.13
CA GLN A 124 0.69 -5.57 6.18
C GLN A 124 1.86 -6.09 7.02
N ALA A 125 2.98 -5.37 6.97
CA ALA A 125 4.16 -5.76 7.73
C ALA A 125 4.96 -4.53 8.17
N ASN A 126 5.28 -4.48 9.46
CA ASN A 126 6.04 -3.36 10.01
C ASN A 126 7.53 -3.70 10.11
N ASP A 127 8.37 -2.68 10.21
CA ASP A 127 9.80 -2.87 10.31
C ASP A 127 10.35 -3.52 9.04
N ALA A 128 11.57 -4.05 9.14
CA ALA A 128 12.20 -4.70 8.00
C ALA A 128 11.31 -5.77 7.40
N SER A 129 10.41 -6.32 8.22
CA SER A 129 9.50 -7.35 7.77
C SER A 129 8.61 -6.84 6.63
N GLY A 130 8.45 -5.52 6.56
CA GLY A 130 7.64 -4.92 5.52
C GLY A 130 8.40 -4.75 4.22
N LEU A 131 9.72 -4.81 4.30
CA LEU A 131 10.57 -4.65 3.12
C LEU A 131 11.21 -5.99 2.72
N ASP A 132 10.55 -7.08 3.08
CA ASP A 132 11.05 -8.41 2.76
C ASP A 132 10.91 -8.70 1.27
N PHE A 133 12.01 -8.58 0.55
CA PHE A 133 12.02 -8.83 -0.89
C PHE A 133 11.50 -10.23 -1.20
N GLU A 134 12.01 -11.23 -0.48
CA GLU A 134 11.59 -12.60 -0.69
C GLU A 134 10.08 -12.75 -0.49
N GLU A 135 9.54 -12.00 0.45
CA GLU A 135 8.10 -12.04 0.74
C GLU A 135 7.30 -11.49 -0.42
N ILE A 136 7.76 -10.37 -0.98
CA ILE A 136 7.09 -9.73 -2.11
C ILE A 136 7.08 -10.65 -3.33
N SER A 137 8.24 -11.22 -3.65
CA SER A 137 8.36 -12.11 -4.78
C SER A 137 7.50 -13.36 -4.60
N ARG A 138 7.48 -13.88 -3.38
CA ARG A 138 6.69 -15.07 -3.07
C ARG A 138 5.20 -14.79 -3.20
N LYS A 139 4.80 -13.57 -2.83
CA LYS A 139 3.40 -13.18 -2.91
C LYS A 139 2.95 -13.04 -4.37
N VAL A 140 3.75 -12.34 -5.16
CA VAL A 140 3.43 -12.14 -6.58
C VAL A 140 3.53 -13.45 -7.35
N LYS A 141 4.52 -14.26 -7.00
CA LYS A 141 4.73 -15.54 -7.67
C LYS A 141 3.71 -16.57 -7.19
N SER A 142 3.15 -16.33 -6.01
CA SER A 142 2.15 -17.24 -5.44
C SER A 142 0.89 -17.27 -6.28
N ASN A 143 0.52 -16.12 -6.83
CA ASN A 143 -0.66 -16.01 -7.65
C ASN A 143 -1.92 -16.37 -6.86
N ARG A 144 -1.88 -16.10 -5.56
CA ARG A 144 -3.00 -16.40 -4.69
C ARG A 144 -3.07 -15.41 -3.53
N MET A 9 -12.32 12.13 18.98
CA MET A 9 -12.03 11.55 17.67
C MET A 9 -11.80 10.05 17.79
N ALA A 10 -12.65 9.28 17.10
CA ALA A 10 -12.54 7.83 17.13
C ALA A 10 -13.45 7.19 16.08
N MET A 11 -13.62 7.88 14.96
CA MET A 11 -14.46 7.39 13.88
C MET A 11 -14.04 5.99 13.46
N SER A 12 -14.97 5.26 12.85
CA SER A 12 -14.70 3.89 12.41
C SER A 12 -15.24 3.66 11.01
N GLY A 13 -14.56 4.25 10.01
CA GLY A 13 -14.99 4.09 8.63
C GLY A 13 -13.84 4.29 7.65
N VAL A 14 -13.39 5.53 7.52
CA VAL A 14 -12.30 5.86 6.61
C VAL A 14 -12.66 5.49 5.17
N SER A 15 -13.03 6.50 4.39
CA SER A 15 -13.41 6.29 2.99
C SER A 15 -12.25 6.64 2.06
N VAL A 16 -12.03 5.81 1.06
CA VAL A 16 -10.96 6.02 0.09
C VAL A 16 -11.32 7.15 -0.88
N ALA A 17 -10.47 8.16 -0.94
CA ALA A 17 -10.69 9.30 -1.83
C ALA A 17 -10.58 8.88 -3.30
N ASP A 18 -11.33 9.56 -4.16
CA ASP A 18 -11.31 9.25 -5.59
C ASP A 18 -9.88 9.27 -6.12
N GLU A 19 -9.06 10.16 -5.58
CA GLU A 19 -7.67 10.29 -6.00
C GLU A 19 -6.92 8.97 -5.83
N CYS A 20 -7.19 8.28 -4.73
CA CYS A 20 -6.55 7.01 -4.44
C CYS A 20 -6.98 5.94 -5.44
N VAL A 21 -8.29 5.89 -5.71
CA VAL A 21 -8.84 4.91 -6.64
C VAL A 21 -8.21 5.07 -8.03
N THR A 22 -8.18 6.30 -8.52
CA THR A 22 -7.62 6.60 -9.84
C THR A 22 -6.12 6.28 -9.87
N ALA A 23 -5.42 6.66 -8.80
CA ALA A 23 -3.98 6.41 -8.71
C ALA A 23 -3.68 4.92 -8.83
N LEU A 24 -4.46 4.10 -8.14
CA LEU A 24 -4.27 2.65 -8.17
C LEU A 24 -4.62 2.08 -9.54
N ASN A 25 -5.70 2.58 -10.13
CA ASN A 25 -6.14 2.12 -11.44
C ASN A 25 -5.04 2.33 -12.48
N ASP A 26 -4.43 3.51 -12.47
CA ASP A 26 -3.36 3.82 -13.41
C ASP A 26 -2.08 3.05 -13.07
N LEU A 27 -1.83 2.88 -11.77
CA LEU A 27 -0.65 2.16 -11.31
C LEU A 27 -0.66 0.72 -11.82
N ARG A 28 -1.84 0.13 -11.86
CA ARG A 28 -1.99 -1.25 -12.32
C ARG A 28 -1.57 -1.38 -13.79
N HIS A 29 -1.65 -0.28 -14.52
CA HIS A 29 -1.28 -0.26 -15.93
C HIS A 29 0.12 0.30 -16.12
N LYS A 30 0.91 0.29 -15.05
CA LYS A 30 2.28 0.80 -15.10
C LYS A 30 2.29 2.28 -15.48
N LYS A 31 1.42 3.05 -14.84
CA LYS A 31 1.34 4.49 -15.11
C LYS A 31 2.58 5.22 -14.60
N SER A 32 3.04 4.81 -13.42
CA SER A 32 4.22 5.42 -12.82
C SER A 32 5.18 4.36 -12.29
N ARG A 33 4.86 3.81 -11.13
CA ARG A 33 5.68 2.78 -10.51
C ARG A 33 5.10 2.34 -9.18
N TYR A 34 5.10 3.24 -8.21
CA TYR A 34 4.58 2.95 -6.87
C TYR A 34 3.92 4.18 -6.26
N VAL A 35 2.76 3.98 -5.65
CA VAL A 35 2.02 5.07 -5.02
C VAL A 35 1.73 4.76 -3.56
N ILE A 36 2.08 5.70 -2.68
CA ILE A 36 1.86 5.53 -1.26
C ILE A 36 0.73 6.43 -0.77
N MET A 37 -0.24 5.84 -0.06
CA MET A 37 -1.37 6.59 0.46
C MET A 37 -1.49 6.40 1.97
N HIS A 38 -2.11 7.37 2.64
CA HIS A 38 -2.29 7.32 4.08
C HIS A 38 -3.67 7.83 4.48
N ILE A 39 -4.10 7.50 5.69
CA ILE A 39 -5.40 7.93 6.19
C ILE A 39 -5.32 9.32 6.81
N VAL A 40 -6.18 10.22 6.35
CA VAL A 40 -6.22 11.58 6.87
C VAL A 40 -7.47 11.82 7.69
N ASP A 41 -7.28 12.34 8.91
CA ASP A 41 -8.40 12.62 9.80
C ASP A 41 -9.16 11.35 10.15
N GLN A 42 -8.53 10.21 9.90
CA GLN A 42 -9.13 8.92 10.19
C GLN A 42 -10.55 8.85 9.64
N LYS A 43 -10.79 9.54 8.53
CA LYS A 43 -12.10 9.57 7.91
C LYS A 43 -11.98 9.58 6.39
N SER A 44 -11.02 10.35 5.88
CA SER A 44 -10.81 10.46 4.44
C SER A 44 -9.36 10.12 4.09
N ILE A 45 -9.18 9.19 3.15
CA ILE A 45 -7.85 8.78 2.73
C ILE A 45 -7.27 9.77 1.72
N ALA A 46 -6.03 10.19 1.96
CA ALA A 46 -5.35 11.13 1.08
C ALA A 46 -3.95 10.66 0.73
N VAL A 47 -3.35 11.27 -0.28
CA VAL A 47 -2.00 10.91 -0.70
C VAL A 47 -0.96 11.45 0.26
N LYS A 48 0.04 10.64 0.56
CA LYS A 48 1.12 11.04 1.47
C LYS A 48 2.41 11.28 0.71
N THR A 49 2.79 10.32 -0.14
CA THR A 49 4.01 10.43 -0.92
C THR A 49 3.98 9.47 -2.12
N ILE A 50 3.86 10.03 -3.32
CA ILE A 50 3.83 9.23 -4.53
C ILE A 50 5.20 9.13 -5.16
N GLY A 51 5.47 8.00 -5.81
CA GLY A 51 6.76 7.80 -6.45
C GLY A 51 6.79 8.34 -7.87
N GLU A 52 6.49 7.48 -8.84
CA GLU A 52 6.49 7.86 -10.24
C GLU A 52 7.89 8.24 -10.70
N ARG A 53 8.84 7.34 -10.49
CA ARG A 53 10.23 7.58 -10.88
C ARG A 53 10.72 8.91 -10.35
N GLY A 54 10.18 9.33 -9.20
CA GLY A 54 10.58 10.59 -8.60
C GLY A 54 11.00 10.43 -7.15
N ALA A 55 10.37 9.49 -6.46
CA ALA A 55 10.70 9.24 -5.05
C ALA A 55 11.64 8.05 -4.91
N ASN A 56 12.69 8.23 -4.12
CA ASN A 56 13.66 7.17 -3.89
C ASN A 56 13.32 6.36 -2.65
N PHE A 57 14.05 5.29 -2.42
CA PHE A 57 13.83 4.42 -1.27
C PHE A 57 14.22 5.13 0.03
N ASP A 58 15.26 5.96 -0.06
CA ASP A 58 15.73 6.70 1.11
C ASP A 58 14.66 7.66 1.63
N GLN A 59 14.07 8.42 0.71
CA GLN A 59 13.03 9.37 1.08
C GLN A 59 11.74 8.65 1.44
N PHE A 60 11.51 7.51 0.80
CA PHE A 60 10.30 6.72 1.06
C PHE A 60 10.27 6.22 2.49
N ILE A 61 11.38 5.63 2.93
CA ILE A 61 11.48 5.10 4.28
C ILE A 61 11.59 6.23 5.30
N GLU A 62 12.38 7.24 4.98
CA GLU A 62 12.57 8.39 5.87
C GLU A 62 11.24 9.08 6.15
N ALA A 63 10.40 9.20 5.13
CA ALA A 63 9.10 9.83 5.27
C ALA A 63 8.13 8.93 6.02
N ILE A 64 7.97 7.70 5.52
CA ILE A 64 7.06 6.74 6.14
C ILE A 64 7.52 6.39 7.55
N ASP A 65 6.62 6.58 8.53
CA ASP A 65 6.92 6.28 9.91
C ASP A 65 6.29 4.96 10.34
N LYS A 66 6.32 4.68 11.64
CA LYS A 66 5.75 3.45 12.18
C LYS A 66 4.73 3.78 13.28
N ASN A 67 3.62 4.40 12.89
CA ASN A 67 2.57 4.76 13.83
C ASN A 67 1.21 4.79 13.14
N VAL A 68 1.05 5.70 12.20
CA VAL A 68 -0.19 5.84 11.46
C VAL A 68 -0.30 4.80 10.34
N PRO A 69 -1.53 4.43 9.98
CA PRO A 69 -1.79 3.45 8.92
C PRO A 69 -1.43 3.99 7.54
N CYS A 70 -0.70 3.19 6.78
CA CYS A 70 -0.29 3.59 5.44
C CYS A 70 -0.20 2.37 4.52
N TYR A 71 -0.61 2.54 3.27
CA TYR A 71 -0.57 1.46 2.29
C TYR A 71 0.26 1.85 1.08
N ALA A 72 1.19 0.97 0.70
CA ALA A 72 2.06 1.22 -0.45
C ALA A 72 1.77 0.24 -1.58
N ALA A 73 1.41 0.77 -2.74
CA ALA A 73 1.11 -0.06 -3.90
C ALA A 73 2.22 0.01 -4.94
N PHE A 74 2.95 -1.08 -5.10
CA PHE A 74 4.05 -1.14 -6.05
C PHE A 74 3.74 -2.13 -7.18
N ASP A 75 3.86 -1.65 -8.41
CA ASP A 75 3.59 -2.49 -9.58
C ASP A 75 4.88 -3.11 -10.11
N PHE A 76 4.90 -4.43 -10.21
CA PHE A 76 6.07 -5.14 -10.71
C PHE A 76 5.73 -5.93 -11.97
N GLU A 77 6.30 -5.50 -13.10
CA GLU A 77 6.06 -6.15 -14.38
C GLU A 77 7.08 -7.26 -14.61
N TYR A 78 6.61 -8.41 -15.07
CA TYR A 78 7.47 -9.55 -15.34
C TYR A 78 6.86 -10.47 -16.41
N THR A 79 7.61 -11.49 -16.78
CA THR A 79 7.15 -12.43 -17.80
C THR A 79 6.67 -13.74 -17.16
N THR A 80 5.62 -13.64 -16.34
CA THR A 80 5.07 -14.81 -15.68
C THR A 80 4.22 -15.63 -16.63
N ASN A 81 3.30 -14.97 -17.32
CA ASN A 81 2.42 -15.64 -18.27
C ASN A 81 3.15 -15.94 -19.58
N ASP A 82 4.04 -15.04 -19.97
CA ASP A 82 4.80 -15.20 -21.21
C ASP A 82 5.68 -13.99 -21.46
N GLY A 83 5.21 -12.82 -21.05
CA GLY A 83 5.97 -11.60 -21.25
C GLY A 83 5.28 -10.38 -20.66
N PRO A 84 4.26 -9.86 -21.37
CA PRO A 84 3.50 -8.70 -20.93
C PRO A 84 2.63 -8.99 -19.71
N ARG A 85 3.27 -9.13 -18.55
CA ARG A 85 2.55 -9.40 -17.32
C ARG A 85 2.87 -8.37 -16.25
N ASP A 86 1.91 -8.10 -15.37
CA ASP A 86 2.09 -7.13 -14.30
C ASP A 86 1.38 -7.57 -13.03
N LYS A 87 2.06 -7.46 -11.90
CA LYS A 87 1.50 -7.86 -10.62
C LYS A 87 1.61 -6.72 -9.60
N LEU A 88 0.47 -6.29 -9.07
CA LEU A 88 0.45 -5.22 -8.09
C LEU A 88 0.54 -5.78 -6.67
N ILE A 89 1.41 -5.18 -5.86
CA ILE A 89 1.60 -5.61 -4.49
C ILE A 89 1.25 -4.49 -3.50
N LEU A 90 0.75 -4.87 -2.33
CA LEU A 90 0.37 -3.91 -1.31
C LEU A 90 1.08 -4.21 0.01
N ILE A 91 1.87 -3.25 0.48
CA ILE A 91 2.60 -3.42 1.73
C ILE A 91 2.14 -2.39 2.77
N SER A 92 1.78 -2.88 3.95
CA SER A 92 1.32 -2.01 5.03
C SER A 92 2.40 -1.86 6.10
N TRP A 93 2.71 -0.63 6.46
CA TRP A 93 3.72 -0.35 7.48
C TRP A 93 3.08 0.23 8.74
N ASN A 94 3.15 -0.52 9.83
CA ASN A 94 2.58 -0.07 11.10
C ASN A 94 2.77 -1.13 12.19
N PRO A 95 3.31 -0.72 13.33
CA PRO A 95 3.55 -1.61 14.47
C PRO A 95 2.25 -2.08 15.12
N ASP A 96 2.15 -3.38 15.38
CA ASP A 96 0.97 -3.95 16.01
C ASP A 96 0.74 -3.35 17.38
N SER A 97 1.80 -2.85 18.00
CA SER A 97 1.72 -2.24 19.31
C SER A 97 1.78 -0.72 19.22
N GLY A 98 1.63 -0.20 18.02
CA GLY A 98 1.67 1.23 17.80
C GLY A 98 0.61 1.97 18.60
N ALA A 99 -0.49 2.30 17.94
CA ALA A 99 -1.58 3.01 18.60
C ALA A 99 -2.91 2.29 18.38
N PRO A 100 -3.89 2.58 19.25
CA PRO A 100 -5.23 1.98 19.17
C PRO A 100 -6.02 2.48 17.96
N ARG A 101 -5.88 3.77 17.66
CA ARG A 101 -6.59 4.37 16.53
C ARG A 101 -6.12 3.75 15.22
N THR A 102 -4.81 3.61 15.07
CA THR A 102 -4.23 3.03 13.86
C THR A 102 -4.53 1.54 13.76
N LYS A 103 -4.49 0.86 14.91
CA LYS A 103 -4.76 -0.57 14.96
C LYS A 103 -6.17 -0.88 14.49
N MET A 104 -7.15 -0.15 15.03
CA MET A 104 -8.54 -0.35 14.66
C MET A 104 -8.81 0.16 13.25
N LEU A 105 -8.33 1.37 12.95
CA LEU A 105 -8.51 1.96 11.64
C LEU A 105 -8.00 1.03 10.53
N TYR A 106 -6.98 0.24 10.86
CA TYR A 106 -6.40 -0.69 9.91
C TYR A 106 -7.45 -1.68 9.41
N SER A 107 -8.38 -2.04 10.28
CA SER A 107 -9.44 -2.97 9.92
C SER A 107 -10.67 -2.24 9.39
N SER A 108 -10.88 -1.03 9.89
CA SER A 108 -12.01 -0.22 9.46
C SER A 108 -11.87 0.20 8.01
N SER A 109 -10.67 0.60 7.62
CA SER A 109 -10.40 1.02 6.25
C SER A 109 -10.14 -0.19 5.35
N ARG A 110 -9.77 -1.30 5.96
CA ARG A 110 -9.49 -2.53 5.22
C ARG A 110 -10.72 -3.00 4.46
N ASP A 111 -11.89 -2.88 5.10
CA ASP A 111 -13.14 -3.29 4.48
C ASP A 111 -13.40 -2.52 3.19
N ALA A 112 -13.16 -1.21 3.24
CA ALA A 112 -13.37 -0.36 2.08
C ALA A 112 -12.21 -0.47 1.10
N LEU A 113 -11.05 -0.88 1.61
CA LEU A 113 -9.85 -1.03 0.78
C LEU A 113 -9.84 -2.38 0.08
N VAL A 114 -10.65 -3.31 0.59
CA VAL A 114 -10.74 -4.64 0.02
C VAL A 114 -11.20 -4.59 -1.44
N PRO A 115 -12.36 -3.96 -1.66
CA PRO A 115 -12.94 -3.82 -3.00
C PRO A 115 -12.14 -2.88 -3.88
N LEU A 116 -11.60 -1.82 -3.28
CA LEU A 116 -10.81 -0.84 -4.02
C LEU A 116 -9.49 -1.44 -4.48
N THR A 117 -8.80 -2.12 -3.56
CA THR A 117 -7.52 -2.74 -3.88
C THR A 117 -7.64 -4.27 -3.87
N GLN A 118 -8.64 -4.79 -4.57
CA GLN A 118 -8.86 -6.23 -4.63
C GLN A 118 -8.03 -6.85 -5.73
N GLY A 119 -7.44 -8.02 -5.44
CA GLY A 119 -6.63 -8.71 -6.43
C GLY A 119 -5.15 -8.39 -6.26
N PHE A 120 -4.80 -7.73 -5.17
CA PHE A 120 -3.42 -7.36 -4.90
C PHE A 120 -2.95 -7.92 -3.56
N GLN A 121 -1.92 -8.75 -3.59
CA GLN A 121 -1.38 -9.36 -2.36
C GLN A 121 -1.09 -8.29 -1.33
N GLY A 122 -1.96 -8.17 -0.33
CA GLY A 122 -1.77 -7.19 0.72
C GLY A 122 -1.28 -7.80 2.01
N ILE A 123 -0.11 -7.38 2.46
CA ILE A 123 0.47 -7.89 3.69
C ILE A 123 0.94 -6.76 4.60
N GLN A 124 0.69 -6.90 5.90
CA GLN A 124 1.11 -5.88 6.86
C GLN A 124 2.28 -6.36 7.69
N ALA A 125 3.36 -5.59 7.69
CA ALA A 125 4.56 -5.94 8.45
C ALA A 125 5.28 -4.68 8.95
N ASN A 126 5.58 -4.66 10.24
CA ASN A 126 6.26 -3.52 10.84
C ASN A 126 7.76 -3.78 10.96
N ASP A 127 8.53 -2.71 11.04
CA ASP A 127 9.99 -2.83 11.15
C ASP A 127 10.58 -3.48 9.90
N ALA A 128 11.82 -3.93 10.02
CA ALA A 128 12.51 -4.57 8.90
C ALA A 128 11.67 -5.71 8.31
N SER A 129 10.81 -6.28 9.14
CA SER A 129 9.95 -7.38 8.72
C SER A 129 9.05 -6.94 7.57
N GLY A 130 8.81 -5.64 7.47
CA GLY A 130 7.97 -5.12 6.41
C GLY A 130 8.77 -4.45 5.30
N LEU A 131 10.00 -4.90 5.12
CA LEU A 131 10.87 -4.34 4.09
C LEU A 131 11.68 -5.43 3.40
N ASP A 132 11.20 -6.67 3.49
CA ASP A 132 11.88 -7.80 2.88
C ASP A 132 11.46 -7.97 1.42
N PHE A 133 12.26 -7.41 0.52
CA PHE A 133 11.97 -7.49 -0.91
C PHE A 133 11.77 -8.94 -1.34
N GLU A 134 12.58 -9.85 -0.77
CA GLU A 134 12.49 -11.26 -1.11
C GLU A 134 11.09 -11.80 -0.83
N GLU A 135 10.44 -11.25 0.19
CA GLU A 135 9.08 -11.68 0.54
C GLU A 135 8.08 -11.28 -0.55
N ILE A 136 8.23 -10.07 -1.06
CA ILE A 136 7.34 -9.57 -2.10
C ILE A 136 7.52 -10.35 -3.40
N SER A 137 8.77 -10.54 -3.80
CA SER A 137 9.09 -11.27 -5.03
C SER A 137 8.60 -12.72 -4.93
N ARG A 138 8.76 -13.31 -3.76
CA ARG A 138 8.34 -14.69 -3.54
C ARG A 138 6.82 -14.82 -3.55
N LYS A 139 6.15 -13.80 -3.00
CA LYS A 139 4.69 -13.78 -2.95
C LYS A 139 4.10 -13.70 -4.36
N VAL A 140 4.61 -12.77 -5.16
CA VAL A 140 4.14 -12.58 -6.52
C VAL A 140 4.51 -13.78 -7.39
N LYS A 141 5.69 -14.33 -7.17
CA LYS A 141 6.17 -15.47 -7.94
C LYS A 141 5.36 -16.72 -7.61
N SER A 142 4.93 -16.83 -6.36
CA SER A 142 4.14 -17.98 -5.90
C SER A 142 2.73 -17.92 -6.48
N ASN A 143 2.20 -16.70 -6.62
CA ASN A 143 0.86 -16.52 -7.16
C ASN A 143 -0.16 -17.36 -6.39
N ARG A 144 -0.02 -17.39 -5.06
CA ARG A 144 -0.93 -18.15 -4.22
C ARG A 144 -2.37 -17.65 -4.37
N MET A 9 -11.38 8.54 17.16
CA MET A 9 -12.84 8.58 17.02
C MET A 9 -13.41 7.17 16.99
N ALA A 10 -12.79 6.30 16.21
CA ALA A 10 -13.23 4.91 16.09
C ALA A 10 -14.70 4.86 15.68
N MET A 11 -15.11 5.78 14.82
CA MET A 11 -16.49 5.83 14.36
C MET A 11 -16.59 6.55 13.01
N SER A 12 -15.76 6.13 12.06
CA SER A 12 -15.75 6.73 10.74
C SER A 12 -15.65 5.67 9.66
N GLY A 13 -14.66 4.80 9.79
CA GLY A 13 -14.47 3.73 8.81
C GLY A 13 -13.35 4.03 7.83
N VAL A 14 -13.00 5.31 7.71
CA VAL A 14 -11.93 5.74 6.82
C VAL A 14 -12.26 5.36 5.36
N SER A 15 -12.68 6.35 4.59
CA SER A 15 -13.02 6.13 3.19
C SER A 15 -11.87 6.54 2.27
N VAL A 16 -11.60 5.72 1.27
CA VAL A 16 -10.53 6.00 0.32
C VAL A 16 -10.92 7.14 -0.63
N ALA A 17 -10.05 8.14 -0.73
CA ALA A 17 -10.30 9.28 -1.60
C ALA A 17 -10.26 8.87 -3.07
N ASP A 18 -11.03 9.56 -3.90
CA ASP A 18 -11.08 9.26 -5.33
C ASP A 18 -9.69 9.27 -5.93
N GLU A 19 -8.85 10.19 -5.45
CA GLU A 19 -7.47 10.30 -5.95
C GLU A 19 -6.73 8.98 -5.78
N CYS A 20 -7.00 8.28 -4.68
CA CYS A 20 -6.35 7.01 -4.40
C CYS A 20 -6.82 5.93 -5.38
N VAL A 21 -8.13 5.88 -5.61
CA VAL A 21 -8.70 4.90 -6.52
C VAL A 21 -8.12 5.05 -7.92
N THR A 22 -8.17 6.27 -8.45
CA THR A 22 -7.66 6.55 -9.78
C THR A 22 -6.16 6.28 -9.86
N ALA A 23 -5.43 6.69 -8.83
CA ALA A 23 -3.99 6.50 -8.78
C ALA A 23 -3.64 5.01 -8.90
N LEU A 24 -4.38 4.18 -8.19
CA LEU A 24 -4.15 2.74 -8.21
C LEU A 24 -4.51 2.14 -9.57
N ASN A 25 -5.63 2.60 -10.13
CA ASN A 25 -6.08 2.12 -11.42
C ASN A 25 -5.02 2.35 -12.49
N ASP A 26 -4.45 3.55 -12.51
CA ASP A 26 -3.42 3.89 -13.47
C ASP A 26 -2.12 3.18 -13.16
N LEU A 27 -1.82 3.03 -11.87
CA LEU A 27 -0.59 2.37 -11.44
C LEU A 27 -0.55 0.93 -11.95
N ARG A 28 -1.71 0.28 -11.98
CA ARG A 28 -1.80 -1.09 -12.44
C ARG A 28 -1.40 -1.20 -13.91
N HIS A 29 -1.53 -0.10 -14.64
CA HIS A 29 -1.18 -0.06 -16.06
C HIS A 29 0.19 0.59 -16.26
N LYS A 30 0.99 0.64 -15.19
CA LYS A 30 2.31 1.24 -15.26
C LYS A 30 2.22 2.72 -15.61
N LYS A 31 1.32 3.43 -14.92
CA LYS A 31 1.15 4.85 -15.16
C LYS A 31 2.31 5.65 -14.59
N SER A 32 2.80 5.23 -13.43
CA SER A 32 3.92 5.90 -12.78
C SER A 32 4.90 4.89 -12.21
N ARG A 33 4.59 4.34 -11.05
CA ARG A 33 5.45 3.36 -10.40
C ARG A 33 4.86 2.90 -9.08
N TYR A 34 4.79 3.82 -8.11
CA TYR A 34 4.24 3.51 -6.79
C TYR A 34 3.48 4.70 -6.23
N VAL A 35 2.40 4.41 -5.51
CA VAL A 35 1.58 5.46 -4.90
C VAL A 35 1.31 5.17 -3.43
N ILE A 36 1.81 6.05 -2.57
CA ILE A 36 1.62 5.89 -1.13
C ILE A 36 0.58 6.86 -0.61
N MET A 37 -0.29 6.36 0.27
CA MET A 37 -1.35 7.19 0.85
C MET A 37 -1.47 6.94 2.35
N HIS A 38 -1.99 7.92 3.07
CA HIS A 38 -2.17 7.80 4.51
C HIS A 38 -3.58 8.21 4.92
N ILE A 39 -3.97 7.84 6.14
CA ILE A 39 -5.29 8.16 6.66
C ILE A 39 -5.29 9.54 7.32
N VAL A 40 -6.26 10.38 6.93
CA VAL A 40 -6.37 11.72 7.48
C VAL A 40 -7.67 11.87 8.27
N ASP A 41 -7.55 12.35 9.50
CA ASP A 41 -8.71 12.54 10.36
C ASP A 41 -9.40 11.22 10.64
N GLN A 42 -8.71 10.12 10.38
CA GLN A 42 -9.25 8.79 10.62
C GLN A 42 -10.65 8.67 10.02
N LYS A 43 -10.88 9.37 8.91
CA LYS A 43 -12.17 9.33 8.24
C LYS A 43 -12.00 9.43 6.72
N SER A 44 -11.09 10.28 6.30
CA SER A 44 -10.82 10.47 4.87
C SER A 44 -9.35 10.23 4.55
N ILE A 45 -9.11 9.36 3.57
CA ILE A 45 -7.74 9.03 3.16
C ILE A 45 -7.20 10.06 2.17
N ALA A 46 -6.00 10.54 2.44
CA ALA A 46 -5.36 11.53 1.56
C ALA A 46 -3.98 11.06 1.13
N VAL A 47 -3.47 11.67 0.06
CA VAL A 47 -2.16 11.32 -0.46
C VAL A 47 -1.05 11.84 0.46
N LYS A 48 -0.03 11.02 0.66
CA LYS A 48 1.10 11.39 1.51
C LYS A 48 2.36 11.59 0.69
N THR A 49 2.76 10.56 -0.05
CA THR A 49 3.95 10.63 -0.88
C THR A 49 3.80 9.75 -2.13
N ILE A 50 3.46 10.37 -3.25
CA ILE A 50 3.29 9.64 -4.49
C ILE A 50 4.56 9.69 -5.35
N GLY A 51 4.89 8.58 -5.99
CA GLY A 51 6.07 8.52 -6.83
C GLY A 51 5.74 8.52 -8.31
N GLU A 52 6.76 8.29 -9.14
CA GLU A 52 6.57 8.26 -10.58
C GLU A 52 7.70 7.51 -11.26
N ARG A 53 8.93 7.86 -10.91
CA ARG A 53 10.10 7.22 -11.49
C ARG A 53 11.39 7.85 -10.96
N GLY A 54 11.85 7.37 -9.80
CA GLY A 54 13.05 7.91 -9.21
C GLY A 54 13.04 7.82 -7.69
N ALA A 55 11.86 7.61 -7.12
CA ALA A 55 11.71 7.51 -5.68
C ALA A 55 12.42 6.27 -5.14
N ASN A 56 13.65 6.44 -4.69
CA ASN A 56 14.43 5.33 -4.15
C ASN A 56 13.89 4.90 -2.79
N PHE A 57 14.49 3.86 -2.23
CA PHE A 57 14.06 3.35 -0.92
C PHE A 57 14.41 4.34 0.19
N ASP A 58 15.47 5.11 -0.02
CA ASP A 58 15.92 6.09 0.96
C ASP A 58 14.84 7.14 1.19
N GLN A 59 14.30 7.67 0.10
CA GLN A 59 13.25 8.70 0.18
C GLN A 59 11.94 8.10 0.70
N PHE A 60 11.71 6.83 0.37
CA PHE A 60 10.49 6.15 0.79
C PHE A 60 10.45 6.02 2.31
N ILE A 61 11.53 5.49 2.89
CA ILE A 61 11.60 5.31 4.33
C ILE A 61 11.73 6.65 5.05
N GLU A 62 12.44 7.58 4.42
CA GLU A 62 12.64 8.91 5.00
C GLU A 62 11.31 9.64 5.13
N ALA A 63 10.45 9.49 4.13
CA ALA A 63 9.14 10.14 4.13
C ALA A 63 8.19 9.44 5.09
N ILE A 64 8.03 8.13 4.90
CA ILE A 64 7.14 7.34 5.75
C ILE A 64 7.70 7.20 7.16
N ASP A 65 6.82 7.14 8.15
CA ASP A 65 7.23 7.00 9.54
C ASP A 65 6.37 5.97 10.26
N LYS A 66 6.99 4.87 10.67
CA LYS A 66 6.28 3.80 11.37
C LYS A 66 5.49 4.36 12.55
N ASN A 67 4.18 4.44 12.39
CA ASN A 67 3.31 4.95 13.44
C ASN A 67 1.85 4.95 12.99
N VAL A 68 1.50 5.85 12.08
CA VAL A 68 0.14 5.94 11.57
C VAL A 68 -0.10 4.91 10.48
N PRO A 69 -1.38 4.52 10.30
CA PRO A 69 -1.79 3.54 9.29
C PRO A 69 -1.64 4.08 7.87
N CYS A 70 -0.68 3.55 7.13
CA CYS A 70 -0.45 3.97 5.76
C CYS A 70 -0.36 2.77 4.82
N TYR A 71 -0.73 2.99 3.56
CA TYR A 71 -0.70 1.92 2.56
C TYR A 71 0.06 2.37 1.31
N ALA A 72 1.00 1.53 0.88
CA ALA A 72 1.80 1.83 -0.31
C ALA A 72 1.56 0.80 -1.41
N ALA A 73 1.22 1.28 -2.60
CA ALA A 73 0.97 0.40 -3.74
C ALA A 73 2.12 0.46 -4.74
N PHE A 74 2.80 -0.67 -4.90
CA PHE A 74 3.92 -0.75 -5.83
C PHE A 74 3.58 -1.65 -7.02
N ASP A 75 3.77 -1.12 -8.22
CA ASP A 75 3.49 -1.87 -9.44
C ASP A 75 4.76 -2.49 -10.01
N PHE A 76 4.78 -3.81 -10.11
CA PHE A 76 5.95 -4.52 -10.64
C PHE A 76 5.52 -5.56 -11.66
N GLU A 77 6.17 -5.56 -12.82
CA GLU A 77 5.86 -6.50 -13.88
C GLU A 77 6.68 -7.78 -13.72
N TYR A 78 6.09 -8.91 -14.12
CA TYR A 78 6.77 -10.20 -14.02
C TYR A 78 6.27 -11.15 -15.11
N THR A 79 6.88 -12.34 -15.16
CA THR A 79 6.50 -13.34 -16.15
C THR A 79 5.71 -14.48 -15.51
N THR A 80 4.56 -14.14 -14.94
CA THR A 80 3.71 -15.13 -14.29
C THR A 80 2.93 -15.95 -15.31
N ASN A 81 2.28 -15.26 -16.24
CA ASN A 81 1.50 -15.93 -17.28
C ASN A 81 2.41 -16.48 -18.38
N ASP A 82 3.49 -15.76 -18.66
CA ASP A 82 4.44 -16.17 -19.68
C ASP A 82 5.54 -15.14 -19.87
N GLY A 83 5.19 -13.87 -19.68
CA GLY A 83 6.16 -12.80 -19.82
C GLY A 83 5.57 -11.44 -19.50
N PRO A 84 4.80 -10.88 -20.46
CA PRO A 84 4.17 -9.57 -20.29
C PRO A 84 3.05 -9.60 -19.26
N ARG A 85 3.43 -9.66 -17.99
CA ARG A 85 2.45 -9.68 -16.89
C ARG A 85 2.73 -8.56 -15.89
N ASP A 86 1.66 -8.07 -15.26
CA ASP A 86 1.79 -7.00 -14.28
C ASP A 86 1.11 -7.37 -12.97
N LYS A 87 1.80 -7.13 -11.87
CA LYS A 87 1.26 -7.45 -10.54
C LYS A 87 1.43 -6.27 -9.60
N LEU A 88 0.37 -5.95 -8.86
CA LEU A 88 0.40 -4.84 -7.91
C LEU A 88 0.39 -5.35 -6.47
N ILE A 89 1.34 -4.87 -5.67
CA ILE A 89 1.43 -5.27 -4.27
C ILE A 89 1.15 -4.11 -3.34
N LEU A 90 0.66 -4.41 -2.14
CA LEU A 90 0.35 -3.39 -1.15
C LEU A 90 1.05 -3.67 0.17
N ILE A 91 1.88 -2.73 0.60
CA ILE A 91 2.63 -2.87 1.85
C ILE A 91 2.22 -1.80 2.85
N SER A 92 1.90 -2.23 4.07
CA SER A 92 1.49 -1.31 5.12
C SER A 92 2.26 -1.58 6.41
N TRP A 93 2.67 -0.51 7.08
CA TRP A 93 3.42 -0.63 8.33
C TRP A 93 2.55 -0.26 9.52
N ASN A 94 2.29 -1.25 10.38
CA ASN A 94 1.47 -1.04 11.57
C ASN A 94 1.87 -1.99 12.69
N PRO A 95 2.82 -1.56 13.53
CA PRO A 95 3.31 -2.36 14.66
C PRO A 95 2.26 -2.52 15.76
N ASP A 96 2.08 -3.74 16.22
CA ASP A 96 1.10 -4.03 17.28
C ASP A 96 1.41 -3.22 18.52
N SER A 97 2.67 -2.83 18.68
CA SER A 97 3.09 -2.05 19.84
C SER A 97 3.08 -0.55 19.52
N GLY A 98 2.46 -0.20 18.41
CA GLY A 98 2.38 1.19 18.00
C GLY A 98 1.21 1.92 18.64
N ALA A 99 0.06 1.86 17.98
CA ALA A 99 -1.15 2.51 18.48
C ALA A 99 -2.39 1.72 18.13
N PRO A 100 -3.43 1.82 18.98
CA PRO A 100 -4.70 1.11 18.78
C PRO A 100 -5.48 1.67 17.60
N ARG A 101 -5.43 2.98 17.41
CA ARG A 101 -6.14 3.63 16.32
C ARG A 101 -5.53 3.25 14.98
N THR A 102 -4.21 3.09 14.94
CA THR A 102 -3.52 2.72 13.72
C THR A 102 -3.86 1.31 13.29
N LYS A 103 -3.84 0.38 14.25
CA LYS A 103 -4.15 -1.02 13.98
C LYS A 103 -5.61 -1.18 13.61
N MET A 104 -6.48 -0.44 14.30
CA MET A 104 -7.92 -0.51 14.04
C MET A 104 -8.26 0.14 12.71
N LEU A 105 -7.74 1.34 12.50
CA LEU A 105 -7.99 2.07 11.26
C LEU A 105 -7.56 1.26 10.05
N TYR A 106 -6.56 0.41 10.23
CA TYR A 106 -6.07 -0.42 9.14
C TYR A 106 -7.17 -1.32 8.59
N SER A 107 -7.88 -2.00 9.49
CA SER A 107 -8.97 -2.88 9.10
C SER A 107 -10.15 -2.09 8.54
N SER A 108 -10.30 -0.86 9.03
CA SER A 108 -11.39 0.00 8.58
C SER A 108 -11.21 0.40 7.12
N SER A 109 -9.96 0.36 6.66
CA SER A 109 -9.65 0.72 5.28
C SER A 109 -9.38 -0.52 4.44
N ARG A 110 -8.98 -1.60 5.11
CA ARG A 110 -8.69 -2.85 4.42
C ARG A 110 -9.95 -3.43 3.78
N ASP A 111 -11.07 -3.32 4.47
CA ASP A 111 -12.34 -3.83 3.96
C ASP A 111 -12.74 -3.11 2.68
N ALA A 112 -12.58 -1.79 2.67
CA ALA A 112 -12.92 -0.99 1.50
C ALA A 112 -11.83 -1.07 0.44
N LEU A 113 -10.61 -1.41 0.87
CA LEU A 113 -9.48 -1.52 -0.04
C LEU A 113 -9.46 -2.89 -0.72
N VAL A 114 -10.10 -3.86 -0.08
CA VAL A 114 -10.16 -5.22 -0.63
C VAL A 114 -10.72 -5.21 -2.04
N PRO A 115 -11.92 -4.65 -2.19
CA PRO A 115 -12.61 -4.57 -3.49
C PRO A 115 -11.92 -3.60 -4.45
N LEU A 116 -11.37 -2.53 -3.89
CA LEU A 116 -10.69 -1.52 -4.70
C LEU A 116 -9.41 -2.09 -5.32
N THR A 117 -8.68 -2.88 -4.53
CA THR A 117 -7.45 -3.49 -4.99
C THR A 117 -7.66 -4.96 -5.36
N GLN A 118 -8.52 -5.20 -6.34
CA GLN A 118 -8.80 -6.56 -6.78
C GLN A 118 -7.54 -7.25 -7.29
N GLY A 119 -7.23 -8.41 -6.72
CA GLY A 119 -6.06 -9.16 -7.13
C GLY A 119 -4.78 -8.47 -6.71
N PHE A 120 -4.66 -8.14 -5.42
CA PHE A 120 -3.47 -7.48 -4.90
C PHE A 120 -2.91 -8.23 -3.70
N GLN A 121 -1.63 -8.01 -3.43
CA GLN A 121 -0.97 -8.66 -2.30
C GLN A 121 -0.84 -7.71 -1.12
N GLY A 122 -1.89 -7.59 -0.33
CA GLY A 122 -1.87 -6.71 0.83
C GLY A 122 -1.30 -7.39 2.06
N ILE A 123 -0.18 -6.89 2.54
CA ILE A 123 0.46 -7.45 3.73
C ILE A 123 0.82 -6.36 4.73
N GLN A 124 0.49 -6.59 5.99
CA GLN A 124 0.77 -5.63 7.05
C GLN A 124 1.89 -6.12 7.95
N ALA A 125 3.01 -5.39 7.97
CA ALA A 125 4.16 -5.77 8.79
C ALA A 125 4.90 -4.53 9.27
N ASN A 126 5.41 -4.59 10.50
CA ASN A 126 6.14 -3.47 11.08
C ASN A 126 7.65 -3.68 10.95
N ASP A 127 8.40 -2.60 10.97
CA ASP A 127 9.85 -2.66 10.84
C ASP A 127 10.26 -3.22 9.48
N ALA A 128 11.50 -3.71 9.40
CA ALA A 128 12.00 -4.27 8.15
C ALA A 128 11.07 -5.33 7.60
N SER A 129 10.29 -5.95 8.49
CA SER A 129 9.35 -6.99 8.08
C SER A 129 8.33 -6.44 7.09
N GLY A 130 8.11 -5.12 7.15
CA GLY A 130 7.16 -4.50 6.25
C GLY A 130 7.83 -3.72 5.14
N LEU A 131 8.88 -4.30 4.56
CA LEU A 131 9.62 -3.65 3.49
C LEU A 131 10.69 -4.57 2.93
N ASP A 132 10.43 -5.87 2.95
CA ASP A 132 11.37 -6.86 2.45
C ASP A 132 11.15 -7.11 0.96
N PHE A 133 12.07 -6.59 0.14
CA PHE A 133 11.98 -6.75 -1.30
C PHE A 133 11.81 -8.22 -1.68
N GLU A 134 12.63 -9.08 -1.09
CA GLU A 134 12.57 -10.51 -1.36
C GLU A 134 11.17 -11.06 -1.05
N GLU A 135 10.53 -10.49 -0.04
CA GLU A 135 9.21 -10.93 0.37
C GLU A 135 8.17 -10.56 -0.69
N ILE A 136 8.31 -9.37 -1.27
CA ILE A 136 7.39 -8.90 -2.30
C ILE A 136 7.52 -9.73 -3.57
N SER A 137 8.76 -9.94 -3.99
CA SER A 137 9.03 -10.72 -5.21
C SER A 137 8.59 -12.17 -5.03
N ARG A 138 8.79 -12.70 -3.83
CA ARG A 138 8.41 -14.08 -3.54
C ARG A 138 6.89 -14.23 -3.52
N LYS A 139 6.21 -13.22 -2.99
CA LYS A 139 4.75 -13.24 -2.92
C LYS A 139 4.13 -13.18 -4.31
N VAL A 140 4.60 -12.24 -5.12
CA VAL A 140 4.10 -12.08 -6.49
C VAL A 140 4.49 -13.28 -7.35
N LYS A 141 5.71 -13.77 -7.15
CA LYS A 141 6.20 -14.92 -7.93
C LYS A 141 5.49 -16.20 -7.51
N SER A 142 5.11 -16.29 -6.24
CA SER A 142 4.43 -17.46 -5.72
C SER A 142 2.93 -17.40 -6.04
N ASN A 143 2.39 -16.19 -6.09
CA ASN A 143 0.98 -16.00 -6.38
C ASN A 143 0.11 -16.75 -5.39
N ARG A 144 0.42 -16.61 -4.11
CA ARG A 144 -0.32 -17.29 -3.05
C ARG A 144 -0.66 -16.32 -1.93
N MET A 9 -15.58 -3.10 15.87
CA MET A 9 -14.28 -2.64 15.40
C MET A 9 -14.33 -2.24 13.94
N ALA A 10 -14.88 -3.11 13.11
CA ALA A 10 -14.98 -2.84 11.68
C ALA A 10 -15.67 -1.50 11.42
N MET A 11 -15.34 -0.88 10.29
CA MET A 11 -15.93 0.40 9.93
C MET A 11 -15.77 1.41 11.07
N SER A 12 -14.60 2.05 11.13
CA SER A 12 -14.32 3.03 12.17
C SER A 12 -14.47 4.45 11.63
N GLY A 13 -13.65 4.79 10.65
CA GLY A 13 -13.71 6.11 10.07
C GLY A 13 -12.61 6.36 9.05
N VAL A 14 -12.85 5.92 7.81
CA VAL A 14 -11.87 6.08 6.74
C VAL A 14 -12.49 5.77 5.38
N SER A 15 -12.13 6.56 4.38
CA SER A 15 -12.64 6.37 3.03
C SER A 15 -11.61 6.78 1.99
N VAL A 16 -11.49 5.98 0.94
CA VAL A 16 -10.54 6.27 -0.13
C VAL A 16 -11.02 7.42 -1.00
N ALA A 17 -10.17 8.43 -1.16
CA ALA A 17 -10.51 9.59 -1.97
C ALA A 17 -10.34 9.29 -3.45
N ASP A 18 -10.98 10.11 -4.28
CA ASP A 18 -10.91 9.93 -5.73
C ASP A 18 -9.46 9.92 -6.20
N GLU A 19 -8.64 10.79 -5.62
CA GLU A 19 -7.23 10.88 -5.98
C GLU A 19 -6.53 9.54 -5.78
N CYS A 20 -6.86 8.86 -4.69
CA CYS A 20 -6.26 7.57 -4.37
C CYS A 20 -6.68 6.51 -5.39
N VAL A 21 -7.97 6.50 -5.71
CA VAL A 21 -8.51 5.54 -6.68
C VAL A 21 -7.82 5.68 -8.03
N THR A 22 -7.68 6.92 -8.50
CA THR A 22 -7.04 7.19 -9.78
C THR A 22 -5.57 6.80 -9.75
N ALA A 23 -4.90 7.14 -8.65
CA ALA A 23 -3.48 6.83 -8.48
C ALA A 23 -3.23 5.33 -8.61
N LEU A 24 -4.05 4.54 -7.93
CA LEU A 24 -3.91 3.09 -7.96
C LEU A 24 -4.26 2.54 -9.34
N ASN A 25 -5.29 3.11 -9.96
CA ASN A 25 -5.72 2.67 -11.29
C ASN A 25 -4.58 2.81 -12.30
N ASP A 26 -3.91 3.95 -12.26
CA ASP A 26 -2.79 4.22 -13.17
C ASP A 26 -1.57 3.37 -12.79
N LEU A 27 -1.36 3.19 -11.50
CA LEU A 27 -0.24 2.41 -11.01
C LEU A 27 -0.28 0.98 -11.56
N ARG A 28 -1.47 0.38 -11.54
CA ARG A 28 -1.64 -0.97 -12.04
C ARG A 28 -1.35 -1.05 -13.53
N HIS A 29 -1.49 0.09 -14.22
CA HIS A 29 -1.25 0.16 -15.65
C HIS A 29 0.18 0.62 -15.94
N LYS A 30 1.05 0.47 -14.95
CA LYS A 30 2.45 0.87 -15.09
C LYS A 30 2.56 2.35 -15.45
N LYS A 31 1.82 3.17 -14.74
CA LYS A 31 1.84 4.61 -14.98
C LYS A 31 3.15 5.23 -14.50
N SER A 32 3.39 5.18 -13.19
CA SER A 32 4.59 5.73 -12.61
C SER A 32 5.47 4.63 -12.02
N ARG A 33 5.08 4.13 -10.86
CA ARG A 33 5.83 3.07 -10.19
C ARG A 33 5.17 2.69 -8.88
N TYR A 34 5.13 3.62 -7.94
CA TYR A 34 4.53 3.39 -6.63
C TYR A 34 3.84 4.64 -6.11
N VAL A 35 2.77 4.44 -5.35
CA VAL A 35 2.02 5.56 -4.77
C VAL A 35 1.78 5.36 -3.29
N ILE A 36 2.23 6.32 -2.49
CA ILE A 36 2.07 6.24 -1.04
C ILE A 36 0.94 7.16 -0.57
N MET A 37 0.03 6.61 0.23
CA MET A 37 -1.10 7.37 0.75
C MET A 37 -1.23 7.19 2.26
N HIS A 38 -1.80 8.19 2.92
CA HIS A 38 -1.99 8.14 4.37
C HIS A 38 -3.41 8.56 4.74
N ILE A 39 -3.81 8.24 5.97
CA ILE A 39 -5.14 8.59 6.45
C ILE A 39 -5.15 10.00 7.03
N VAL A 40 -6.05 10.85 6.52
CA VAL A 40 -6.17 12.23 6.98
C VAL A 40 -7.51 12.46 7.67
N ASP A 41 -7.48 13.20 8.76
CA ASP A 41 -8.70 13.50 9.51
C ASP A 41 -9.41 12.21 9.93
N GLN A 42 -8.65 11.14 10.02
CA GLN A 42 -9.21 9.84 10.41
C GLN A 42 -10.59 9.65 9.81
N LYS A 43 -10.73 9.93 8.52
CA LYS A 43 -12.01 9.77 7.83
C LYS A 43 -11.81 9.81 6.32
N SER A 44 -10.91 10.67 5.86
CA SER A 44 -10.62 10.80 4.44
C SER A 44 -9.16 10.55 4.15
N ILE A 45 -8.89 9.64 3.22
CA ILE A 45 -7.51 9.32 2.84
C ILE A 45 -6.96 10.32 1.84
N ALA A 46 -5.75 10.81 2.12
CA ALA A 46 -5.11 11.79 1.24
C ALA A 46 -3.72 11.31 0.83
N VAL A 47 -3.16 11.95 -0.20
CA VAL A 47 -1.84 11.59 -0.69
C VAL A 47 -0.75 12.22 0.17
N LYS A 48 0.27 11.42 0.49
CA LYS A 48 1.39 11.89 1.30
C LYS A 48 2.64 12.10 0.45
N THR A 49 2.99 11.08 -0.33
CA THR A 49 4.16 11.16 -1.19
C THR A 49 4.09 10.12 -2.30
N ILE A 50 3.81 10.57 -3.51
CA ILE A 50 3.71 9.68 -4.66
C ILE A 50 5.02 9.64 -5.44
N GLY A 51 5.32 8.48 -6.03
CA GLY A 51 6.55 8.34 -6.79
C GLY A 51 6.29 8.26 -8.28
N GLU A 52 7.36 8.12 -9.06
CA GLU A 52 7.25 8.03 -10.51
C GLU A 52 8.62 7.91 -11.16
N ARG A 53 9.25 6.75 -10.99
CA ARG A 53 10.57 6.51 -11.56
C ARG A 53 11.55 7.61 -11.16
N GLY A 54 11.37 8.15 -9.96
CA GLY A 54 12.25 9.20 -9.47
C GLY A 54 12.37 9.20 -7.96
N ALA A 55 11.27 8.96 -7.28
CA ALA A 55 11.25 8.93 -5.83
C ALA A 55 12.28 7.96 -5.28
N ASN A 56 13.36 8.48 -4.72
CA ASN A 56 14.42 7.64 -4.16
C ASN A 56 13.97 6.97 -2.88
N PHE A 57 14.69 5.93 -2.48
CA PHE A 57 14.36 5.19 -1.26
C PHE A 57 14.54 6.07 -0.03
N ASP A 58 15.57 6.91 -0.04
CA ASP A 58 15.86 7.81 1.07
C ASP A 58 14.70 8.77 1.30
N GLN A 59 14.20 9.36 0.22
CA GLN A 59 13.09 10.31 0.31
C GLN A 59 11.80 9.59 0.68
N PHE A 60 11.67 8.35 0.24
CA PHE A 60 10.48 7.55 0.53
C PHE A 60 10.36 7.27 2.02
N ILE A 61 11.47 6.85 2.63
CA ILE A 61 11.49 6.54 4.05
C ILE A 61 11.38 7.81 4.90
N GLU A 62 12.14 8.84 4.50
CA GLU A 62 12.13 10.10 5.21
C GLU A 62 10.72 10.71 5.23
N ALA A 63 10.03 10.60 4.10
CA ALA A 63 8.68 11.14 3.99
C ALA A 63 7.68 10.30 4.79
N ILE A 64 7.68 9.00 4.54
CA ILE A 64 6.78 8.10 5.25
C ILE A 64 7.17 7.97 6.72
N ASP A 65 6.17 7.79 7.57
CA ASP A 65 6.40 7.65 9.01
C ASP A 65 5.86 6.32 9.52
N LYS A 66 6.75 5.48 10.04
CA LYS A 66 6.37 4.18 10.57
C LYS A 66 5.55 4.32 11.85
N ASN A 67 4.24 4.41 11.70
CA ASN A 67 3.34 4.55 12.85
C ASN A 67 1.89 4.60 12.39
N VAL A 68 1.48 5.74 11.82
CA VAL A 68 0.12 5.92 11.35
C VAL A 68 -0.23 4.88 10.29
N PRO A 69 -1.54 4.60 10.15
CA PRO A 69 -2.04 3.63 9.18
C PRO A 69 -1.89 4.11 7.74
N CYS A 70 -0.73 3.85 7.15
CA CYS A 70 -0.46 4.26 5.78
C CYS A 70 -0.40 3.06 4.85
N TYR A 71 -0.66 3.29 3.57
CA TYR A 71 -0.65 2.22 2.58
C TYR A 71 0.24 2.60 1.39
N ALA A 72 1.14 1.69 1.02
CA ALA A 72 2.04 1.93 -0.10
C ALA A 72 1.79 0.92 -1.22
N ALA A 73 1.56 1.44 -2.43
CA ALA A 73 1.31 0.59 -3.59
C ALA A 73 2.52 0.57 -4.53
N PHE A 74 2.86 -0.63 -5.00
CA PHE A 74 3.99 -0.79 -5.90
C PHE A 74 3.65 -1.75 -7.04
N ASP A 75 3.88 -1.31 -8.27
CA ASP A 75 3.59 -2.12 -9.44
C ASP A 75 4.85 -2.84 -9.92
N PHE A 76 4.76 -4.17 -10.04
CA PHE A 76 5.88 -4.98 -10.48
C PHE A 76 5.43 -6.06 -11.45
N GLU A 77 6.18 -6.24 -12.53
CA GLU A 77 5.85 -7.25 -13.53
C GLU A 77 6.48 -8.60 -13.17
N TYR A 78 5.79 -9.67 -13.53
CA TYR A 78 6.28 -11.02 -13.24
C TYR A 78 5.94 -11.97 -14.39
N THR A 79 6.40 -13.21 -14.28
CA THR A 79 6.15 -14.23 -15.30
C THR A 79 5.40 -15.42 -14.71
N THR A 80 4.30 -15.14 -14.02
CA THR A 80 3.50 -16.19 -13.42
C THR A 80 2.63 -16.89 -14.46
N ASN A 81 2.06 -16.10 -15.37
CA ASN A 81 1.20 -16.66 -16.41
C ASN A 81 2.04 -17.26 -17.54
N ASP A 82 3.17 -16.62 -17.83
CA ASP A 82 4.06 -17.10 -18.88
C ASP A 82 5.26 -16.17 -19.04
N GLY A 83 4.99 -14.86 -19.01
CA GLY A 83 6.06 -13.89 -19.16
C GLY A 83 5.58 -12.47 -18.93
N PRO A 84 4.93 -11.89 -19.95
CA PRO A 84 4.40 -10.52 -19.88
C PRO A 84 3.22 -10.40 -18.93
N ARG A 85 3.52 -10.46 -17.63
CA ARG A 85 2.48 -10.36 -16.61
C ARG A 85 2.75 -9.18 -15.69
N ASP A 86 1.68 -8.58 -15.16
CA ASP A 86 1.80 -7.44 -14.27
C ASP A 86 0.99 -7.68 -12.98
N LYS A 87 1.61 -7.36 -11.85
CA LYS A 87 0.95 -7.54 -10.56
C LYS A 87 1.30 -6.39 -9.61
N LEU A 88 0.29 -5.86 -8.94
CA LEU A 88 0.48 -4.76 -8.00
C LEU A 88 0.31 -5.23 -6.56
N ILE A 89 1.24 -4.84 -5.71
CA ILE A 89 1.18 -5.23 -4.30
C ILE A 89 0.99 -4.00 -3.41
N LEU A 90 0.53 -4.23 -2.18
CA LEU A 90 0.31 -3.15 -1.23
C LEU A 90 0.84 -3.52 0.15
N ILE A 91 1.70 -2.67 0.70
CA ILE A 91 2.28 -2.90 2.01
C ILE A 91 1.86 -1.81 3.00
N SER A 92 1.37 -2.24 4.16
CA SER A 92 0.94 -1.30 5.19
C SER A 92 1.89 -1.31 6.38
N TRP A 93 2.18 -0.12 6.90
CA TRP A 93 3.09 0.00 8.04
C TRP A 93 2.31 0.25 9.33
N ASN A 94 2.38 -0.70 10.25
CA ASN A 94 1.68 -0.59 11.52
C ASN A 94 2.26 -1.58 12.55
N PRO A 95 3.24 -1.11 13.33
CA PRO A 95 3.87 -1.94 14.36
C PRO A 95 2.95 -2.24 15.53
N ASP A 96 3.00 -3.47 16.02
CA ASP A 96 2.16 -3.88 17.15
C ASP A 96 2.40 -3.00 18.36
N SER A 97 3.57 -2.36 18.40
CA SER A 97 3.93 -1.49 19.52
C SER A 97 3.77 -0.02 19.12
N GLY A 98 3.10 0.21 18.00
CA GLY A 98 2.90 1.58 17.53
C GLY A 98 1.78 2.27 18.26
N ALA A 99 0.56 2.15 17.74
CA ALA A 99 -0.60 2.78 18.35
C ALA A 99 -1.85 1.89 18.21
N PRO A 100 -2.78 2.04 19.15
CA PRO A 100 -4.03 1.26 19.14
C PRO A 100 -4.97 1.68 18.02
N ARG A 101 -5.17 2.99 17.88
CA ARG A 101 -6.04 3.52 16.83
C ARG A 101 -5.51 3.18 15.45
N THR A 102 -4.19 3.25 15.29
CA THR A 102 -3.56 2.94 14.02
C THR A 102 -3.79 1.49 13.62
N LYS A 103 -3.60 0.58 14.57
CA LYS A 103 -3.78 -0.84 14.33
C LYS A 103 -5.20 -1.12 13.84
N MET A 104 -6.18 -0.52 14.49
CA MET A 104 -7.59 -0.70 14.12
C MET A 104 -7.90 0.00 12.81
N LEU A 105 -7.39 1.22 12.66
CA LEU A 105 -7.61 2.00 11.45
C LEU A 105 -7.19 1.22 10.21
N TYR A 106 -6.19 0.35 10.37
CA TYR A 106 -5.70 -0.46 9.27
C TYR A 106 -6.81 -1.31 8.67
N SER A 107 -7.54 -2.00 9.53
CA SER A 107 -8.64 -2.86 9.08
C SER A 107 -9.83 -2.02 8.64
N SER A 108 -9.95 -0.82 9.17
CA SER A 108 -11.04 0.09 8.83
C SER A 108 -10.92 0.55 7.38
N SER A 109 -9.70 0.47 6.83
CA SER A 109 -9.45 0.88 5.46
C SER A 109 -9.15 -0.32 4.58
N ARG A 110 -8.76 -1.42 5.21
CA ARG A 110 -8.44 -2.65 4.48
C ARG A 110 -9.66 -3.16 3.72
N ASP A 111 -10.82 -3.12 4.36
CA ASP A 111 -12.05 -3.57 3.74
C ASP A 111 -12.44 -2.68 2.57
N ALA A 112 -12.18 -1.39 2.71
CA ALA A 112 -12.51 -0.42 1.67
C ALA A 112 -11.47 -0.44 0.56
N LEU A 113 -10.27 -0.91 0.90
CA LEU A 113 -9.18 -0.98 -0.07
C LEU A 113 -9.28 -2.25 -0.92
N VAL A 114 -9.91 -3.28 -0.36
CA VAL A 114 -10.08 -4.54 -1.06
C VAL A 114 -10.69 -4.33 -2.44
N PRO A 115 -11.86 -3.67 -2.48
CA PRO A 115 -12.56 -3.37 -3.72
C PRO A 115 -11.84 -2.35 -4.58
N LEU A 116 -11.13 -1.43 -3.93
CA LEU A 116 -10.39 -0.39 -4.62
C LEU A 116 -9.24 -0.99 -5.44
N THR A 117 -8.65 -2.06 -4.92
CA THR A 117 -7.55 -2.72 -5.60
C THR A 117 -7.82 -4.22 -5.77
N GLN A 118 -8.85 -4.54 -6.55
CA GLN A 118 -9.22 -5.93 -6.79
C GLN A 118 -8.03 -6.73 -7.31
N GLY A 119 -7.67 -7.78 -6.59
CA GLY A 119 -6.54 -8.62 -7.00
C GLY A 119 -5.21 -8.04 -6.56
N PHE A 120 -5.14 -7.60 -5.31
CA PHE A 120 -3.92 -7.02 -4.78
C PHE A 120 -3.46 -7.77 -3.54
N GLN A 121 -2.16 -7.65 -3.22
CA GLN A 121 -1.60 -8.32 -2.06
C GLN A 121 -1.38 -7.33 -0.91
N GLY A 122 -2.39 -7.17 -0.06
CA GLY A 122 -2.28 -6.25 1.05
C GLY A 122 -1.74 -6.93 2.30
N ILE A 123 -0.54 -6.52 2.71
CA ILE A 123 0.09 -7.09 3.89
C ILE A 123 0.61 -5.98 4.82
N GLN A 124 0.42 -6.17 6.11
CA GLN A 124 0.87 -5.20 7.10
C GLN A 124 2.07 -5.73 7.89
N ALA A 125 3.19 -5.03 7.78
CA ALA A 125 4.41 -5.43 8.48
C ALA A 125 5.24 -4.21 8.87
N ASN A 126 5.64 -4.16 10.13
CA ASN A 126 6.43 -3.05 10.64
C ASN A 126 7.91 -3.43 10.69
N ASP A 127 8.77 -2.41 10.67
CA ASP A 127 10.22 -2.63 10.72
C ASP A 127 10.69 -3.40 9.48
N ALA A 128 11.90 -3.94 9.56
CA ALA A 128 12.46 -4.70 8.45
C ALA A 128 11.51 -5.79 7.99
N SER A 129 10.65 -6.25 8.90
CA SER A 129 9.69 -7.30 8.58
C SER A 129 8.76 -6.86 7.44
N GLY A 130 8.63 -5.55 7.28
CA GLY A 130 7.77 -5.02 6.23
C GLY A 130 8.55 -4.46 5.06
N LEU A 131 9.83 -4.82 4.98
CA LEU A 131 10.70 -4.35 3.91
C LEU A 131 11.45 -5.51 3.26
N ASP A 132 10.88 -6.70 3.38
CA ASP A 132 11.50 -7.90 2.80
C ASP A 132 11.08 -8.07 1.35
N PHE A 133 11.91 -7.60 0.43
CA PHE A 133 11.62 -7.70 -0.99
C PHE A 133 11.28 -9.14 -1.38
N GLU A 134 12.03 -10.09 -0.82
CA GLU A 134 11.81 -11.50 -1.10
C GLU A 134 10.37 -11.91 -0.76
N GLU A 135 9.81 -11.27 0.25
CA GLU A 135 8.44 -11.56 0.68
C GLU A 135 7.44 -11.11 -0.38
N ILE A 136 7.64 -9.91 -0.90
CA ILE A 136 6.74 -9.37 -1.93
C ILE A 136 6.81 -10.20 -3.21
N SER A 137 8.03 -10.50 -3.65
CA SER A 137 8.22 -11.28 -4.87
C SER A 137 7.63 -12.68 -4.71
N ARG A 138 7.82 -13.27 -3.53
CA ARG A 138 7.31 -14.60 -3.25
C ARG A 138 5.79 -14.61 -3.23
N LYS A 139 5.20 -13.53 -2.71
CA LYS A 139 3.76 -13.41 -2.62
C LYS A 139 3.13 -13.31 -4.00
N VAL A 140 3.69 -12.43 -4.84
CA VAL A 140 3.19 -12.24 -6.20
C VAL A 140 3.45 -13.47 -7.06
N LYS A 141 4.60 -14.10 -6.85
CA LYS A 141 4.97 -15.29 -7.61
C LYS A 141 4.06 -16.46 -7.26
N SER A 142 3.54 -16.46 -6.04
CA SER A 142 2.65 -17.51 -5.58
C SER A 142 1.21 -17.20 -5.94
N ASN A 143 0.87 -15.91 -5.95
CA ASN A 143 -0.49 -15.48 -6.27
C ASN A 143 -1.50 -16.12 -5.34
N ARG A 144 -1.07 -16.41 -4.11
CA ARG A 144 -1.94 -17.02 -3.12
C ARG A 144 -2.53 -18.33 -3.65
N MET A 9 -15.28 3.47 19.30
CA MET A 9 -13.97 3.11 19.82
C MET A 9 -12.93 3.01 18.70
N ALA A 10 -13.41 2.69 17.50
CA ALA A 10 -12.54 2.58 16.35
C ALA A 10 -12.81 3.68 15.34
N MET A 11 -13.21 4.85 15.82
CA MET A 11 -13.50 5.98 14.96
C MET A 11 -14.61 5.65 13.98
N SER A 12 -14.90 6.57 13.07
CA SER A 12 -15.94 6.37 12.07
C SER A 12 -16.03 7.56 11.13
N GLY A 13 -15.26 7.52 10.05
CA GLY A 13 -15.26 8.61 9.09
C GLY A 13 -14.26 8.40 7.97
N VAL A 14 -13.16 7.73 8.29
CA VAL A 14 -12.11 7.46 7.31
C VAL A 14 -12.69 6.85 6.04
N SER A 15 -12.47 7.50 4.91
CA SER A 15 -12.97 7.01 3.63
C SER A 15 -11.95 7.27 2.52
N VAL A 16 -11.91 6.36 1.55
CA VAL A 16 -10.99 6.48 0.43
C VAL A 16 -11.45 7.56 -0.54
N ALA A 17 -10.60 8.55 -0.77
CA ALA A 17 -10.91 9.64 -1.68
C ALA A 17 -10.72 9.22 -3.14
N ASP A 18 -11.43 9.90 -4.04
CA ASP A 18 -11.33 9.59 -5.46
C ASP A 18 -9.88 9.61 -5.93
N GLU A 19 -9.06 10.42 -5.28
CA GLU A 19 -7.65 10.52 -5.63
C GLU A 19 -6.95 9.18 -5.48
N CYS A 20 -7.27 8.48 -4.39
CA CYS A 20 -6.67 7.17 -4.12
C CYS A 20 -7.10 6.15 -5.17
N VAL A 21 -8.40 6.13 -5.48
CA VAL A 21 -8.95 5.21 -6.46
C VAL A 21 -8.27 5.38 -7.82
N THR A 22 -8.14 6.63 -8.24
CA THR A 22 -7.51 6.94 -9.52
C THR A 22 -6.03 6.55 -9.52
N ALA A 23 -5.34 6.87 -8.43
CA ALA A 23 -3.93 6.55 -8.30
C ALA A 23 -3.68 5.05 -8.46
N LEU A 24 -4.53 4.26 -7.80
CA LEU A 24 -4.39 2.80 -7.87
C LEU A 24 -4.75 2.28 -9.26
N ASN A 25 -5.80 2.85 -9.85
CA ASN A 25 -6.23 2.46 -11.18
C ASN A 25 -5.10 2.62 -12.20
N ASP A 26 -4.44 3.77 -12.15
CA ASP A 26 -3.34 4.05 -13.07
C ASP A 26 -2.11 3.21 -12.72
N LEU A 27 -1.87 3.01 -11.43
CA LEU A 27 -0.74 2.23 -10.97
C LEU A 27 -0.81 0.81 -11.52
N ARG A 28 -2.02 0.26 -11.60
CA ARG A 28 -2.21 -1.09 -12.11
C ARG A 28 -1.77 -1.19 -13.56
N HIS A 29 -1.78 -0.07 -14.27
CA HIS A 29 -1.37 -0.02 -15.67
C HIS A 29 0.09 0.40 -15.81
N LYS A 30 0.83 0.31 -14.70
CA LYS A 30 2.23 0.69 -14.70
C LYS A 30 2.41 2.17 -15.03
N LYS A 31 1.60 3.02 -14.39
CA LYS A 31 1.67 4.45 -14.61
C LYS A 31 3.04 5.00 -14.23
N SER A 32 3.65 4.39 -13.22
CA SER A 32 4.97 4.83 -12.75
C SER A 32 5.70 3.69 -12.05
N ARG A 33 5.42 3.52 -10.76
CA ARG A 33 6.05 2.47 -9.97
C ARG A 33 5.15 2.04 -8.81
N TYR A 34 5.05 2.91 -7.81
CA TYR A 34 4.24 2.63 -6.64
C TYR A 34 3.59 3.89 -6.10
N VAL A 35 2.47 3.74 -5.41
CA VAL A 35 1.75 4.87 -4.84
C VAL A 35 1.50 4.68 -3.35
N ILE A 36 1.95 5.65 -2.55
CA ILE A 36 1.78 5.59 -1.11
C ILE A 36 0.78 6.63 -0.62
N MET A 37 -0.25 6.17 0.08
CA MET A 37 -1.29 7.06 0.60
C MET A 37 -1.48 6.85 2.09
N HIS A 38 -1.98 7.88 2.77
CA HIS A 38 -2.21 7.81 4.21
C HIS A 38 -3.56 8.43 4.57
N ILE A 39 -3.99 8.22 5.81
CA ILE A 39 -5.27 8.76 6.28
C ILE A 39 -5.10 10.18 6.80
N VAL A 40 -5.89 11.10 6.28
CA VAL A 40 -5.84 12.50 6.69
C VAL A 40 -7.07 12.88 7.51
N ASP A 41 -6.84 13.48 8.67
CA ASP A 41 -7.93 13.90 9.54
C ASP A 41 -8.76 12.70 10.00
N GLN A 42 -8.19 11.50 9.84
CA GLN A 42 -8.88 10.27 10.23
C GLN A 42 -10.30 10.25 9.69
N LYS A 43 -10.50 10.86 8.53
CA LYS A 43 -11.82 10.92 7.91
C LYS A 43 -11.71 10.81 6.39
N SER A 44 -10.71 11.50 5.83
CA SER A 44 -10.50 11.48 4.39
C SER A 44 -9.08 11.05 4.05
N ILE A 45 -8.95 10.04 3.20
CA ILE A 45 -7.65 9.54 2.79
C ILE A 45 -7.02 10.41 1.71
N ALA A 46 -5.77 10.79 1.91
CA ALA A 46 -5.06 11.63 0.95
C ALA A 46 -3.66 11.07 0.66
N VAL A 47 -3.10 11.47 -0.48
CA VAL A 47 -1.77 11.01 -0.87
C VAL A 47 -0.69 11.74 -0.09
N LYS A 48 0.33 11.00 0.34
CA LYS A 48 1.44 11.59 1.09
C LYS A 48 2.69 11.70 0.22
N THR A 49 2.98 10.64 -0.53
CA THR A 49 4.14 10.62 -1.41
C THR A 49 4.02 9.54 -2.47
N ILE A 50 4.03 9.95 -3.74
CA ILE A 50 3.92 9.01 -4.84
C ILE A 50 5.28 8.74 -5.47
N GLY A 51 5.46 7.52 -5.97
CA GLY A 51 6.72 7.16 -6.60
C GLY A 51 6.62 7.13 -8.11
N GLU A 52 7.60 7.72 -8.78
CA GLU A 52 7.63 7.76 -10.24
C GLU A 52 8.90 7.12 -10.78
N ARG A 53 9.25 5.96 -10.22
CA ARG A 53 10.45 5.25 -10.65
C ARG A 53 11.71 6.07 -10.37
N GLY A 54 11.56 7.08 -9.51
CA GLY A 54 12.69 7.93 -9.16
C GLY A 54 12.74 8.24 -7.69
N ALA A 55 11.86 7.62 -6.92
CA ALA A 55 11.80 7.84 -5.47
C ALA A 55 12.91 7.07 -4.76
N ASN A 56 13.87 7.80 -4.19
CA ASN A 56 14.98 7.18 -3.48
C ASN A 56 14.51 6.59 -2.16
N PHE A 57 15.34 5.72 -1.58
CA PHE A 57 15.00 5.07 -0.31
C PHE A 57 15.02 6.09 0.83
N ASP A 58 16.02 6.97 0.81
CA ASP A 58 16.16 7.99 1.85
C ASP A 58 14.87 8.81 1.97
N GLN A 59 14.34 9.25 0.83
CA GLN A 59 13.12 10.05 0.82
C GLN A 59 11.91 9.20 1.19
N PHE A 60 11.97 7.92 0.86
CA PHE A 60 10.88 7.00 1.17
C PHE A 60 10.68 6.87 2.67
N ILE A 61 11.79 6.66 3.39
CA ILE A 61 11.73 6.51 4.84
C ILE A 61 11.51 7.86 5.51
N GLU A 62 12.09 8.91 4.94
CA GLU A 62 11.96 10.26 5.49
C GLU A 62 10.50 10.71 5.49
N ALA A 63 9.79 10.38 4.42
CA ALA A 63 8.39 10.75 4.30
C ALA A 63 7.50 9.80 5.10
N ILE A 64 7.68 8.50 4.87
CA ILE A 64 6.90 7.49 5.57
C ILE A 64 7.25 7.46 7.06
N ASP A 65 6.22 7.45 7.90
CA ASP A 65 6.41 7.42 9.35
C ASP A 65 5.78 6.17 9.95
N LYS A 66 6.62 5.32 10.54
CA LYS A 66 6.14 4.09 11.16
C LYS A 66 5.25 4.39 12.37
N ASN A 67 3.95 4.51 12.13
CA ASN A 67 3.00 4.80 13.19
C ASN A 67 1.58 4.88 12.64
N VAL A 68 1.27 5.98 11.95
CA VAL A 68 -0.06 6.17 11.38
C VAL A 68 -0.33 5.13 10.30
N PRO A 69 -1.64 4.86 10.06
CA PRO A 69 -2.07 3.88 9.06
C PRO A 69 -1.82 4.38 7.63
N CYS A 70 -1.00 3.62 6.90
CA CYS A 70 -0.68 3.99 5.52
C CYS A 70 -0.62 2.74 4.63
N TYR A 71 -0.96 2.91 3.37
CA TYR A 71 -0.94 1.80 2.42
C TYR A 71 -0.16 2.17 1.16
N ALA A 72 0.75 1.28 0.75
CA ALA A 72 1.56 1.51 -0.43
C ALA A 72 1.40 0.37 -1.43
N ALA A 73 1.06 0.72 -2.67
CA ALA A 73 0.88 -0.28 -3.72
C ALA A 73 2.04 -0.25 -4.71
N PHE A 74 2.64 -1.41 -4.95
CA PHE A 74 3.76 -1.52 -5.87
C PHE A 74 3.40 -2.38 -7.07
N ASP A 75 3.62 -1.85 -8.27
CA ASP A 75 3.31 -2.56 -9.50
C ASP A 75 4.56 -3.21 -10.08
N PHE A 76 4.54 -4.53 -10.23
CA PHE A 76 5.68 -5.26 -10.76
C PHE A 76 5.29 -5.97 -12.06
N GLU A 77 5.98 -5.61 -13.15
CA GLU A 77 5.70 -6.21 -14.45
C GLU A 77 6.98 -6.78 -15.06
N TYR A 78 6.95 -8.08 -15.35
CA TYR A 78 8.12 -8.75 -15.93
C TYR A 78 7.69 -9.97 -16.75
N THR A 79 8.65 -10.61 -17.39
CA THR A 79 8.39 -11.78 -18.21
C THR A 79 9.34 -12.92 -17.88
N THR A 80 9.49 -13.20 -16.59
CA THR A 80 10.37 -14.27 -16.14
C THR A 80 9.72 -15.63 -16.31
N ASN A 81 8.45 -15.73 -15.91
CA ASN A 81 7.72 -16.99 -16.02
C ASN A 81 7.72 -17.50 -17.46
N ASP A 82 7.60 -16.57 -18.41
CA ASP A 82 7.59 -16.93 -19.82
C ASP A 82 7.13 -15.75 -20.67
N GLY A 83 6.03 -15.12 -20.27
CA GLY A 83 5.50 -13.99 -21.00
C GLY A 83 5.40 -12.74 -20.14
N PRO A 84 5.20 -11.59 -20.80
CA PRO A 84 5.09 -10.30 -20.12
C PRO A 84 3.80 -10.18 -19.31
N ARG A 85 3.90 -10.37 -18.01
CA ARG A 85 2.74 -10.29 -17.12
C ARG A 85 2.86 -9.09 -16.18
N ASP A 86 1.81 -8.85 -15.40
CA ASP A 86 1.79 -7.74 -14.47
C ASP A 86 1.03 -8.11 -13.19
N LYS A 87 1.60 -7.77 -12.05
CA LYS A 87 0.98 -8.07 -10.76
C LYS A 87 1.05 -6.87 -9.83
N LEU A 88 -0.03 -6.64 -9.08
CA LEU A 88 -0.09 -5.52 -8.15
C LEU A 88 0.00 -6.01 -6.71
N ILE A 89 0.86 -5.37 -5.92
CA ILE A 89 1.03 -5.73 -4.52
C ILE A 89 0.59 -4.60 -3.60
N LEU A 90 0.08 -4.98 -2.43
CA LEU A 90 -0.39 -3.99 -1.46
C LEU A 90 0.23 -4.25 -0.08
N ILE A 91 0.96 -3.27 0.42
CA ILE A 91 1.61 -3.39 1.73
C ILE A 91 1.05 -2.37 2.71
N SER A 92 0.52 -2.85 3.83
CA SER A 92 -0.04 -1.97 4.85
C SER A 92 0.93 -1.80 6.01
N TRP A 93 1.10 -0.55 6.44
CA TRP A 93 2.01 -0.25 7.55
C TRP A 93 1.23 -0.08 8.85
N ASN A 94 1.48 -0.97 9.80
CA ASN A 94 0.81 -0.92 11.09
C ASN A 94 1.53 -1.80 12.12
N PRO A 95 2.54 -1.22 12.78
CA PRO A 95 3.32 -1.93 13.80
C PRO A 95 2.52 -2.21 15.06
N ASP A 96 2.59 -3.45 15.54
CA ASP A 96 1.87 -3.84 16.75
C ASP A 96 2.28 -2.98 17.94
N SER A 97 3.49 -2.43 17.87
CA SER A 97 4.01 -1.58 18.93
C SER A 97 3.83 -0.10 18.60
N GLY A 98 3.02 0.17 17.57
CA GLY A 98 2.78 1.54 17.17
C GLY A 98 1.78 2.25 18.06
N ALA A 99 0.61 2.53 17.50
CA ALA A 99 -0.45 3.19 18.26
C ALA A 99 -1.77 2.42 18.17
N PRO A 100 -2.67 2.69 19.12
CA PRO A 100 -3.98 2.04 19.18
C PRO A 100 -4.90 2.48 18.03
N ARG A 101 -4.99 3.79 17.82
CA ARG A 101 -5.83 4.33 16.77
C ARG A 101 -5.34 3.89 15.39
N THR A 102 -4.02 3.80 15.25
CA THR A 102 -3.41 3.38 13.99
C THR A 102 -3.80 1.95 13.63
N LYS A 103 -3.72 1.06 14.61
CA LYS A 103 -4.05 -0.34 14.41
C LYS A 103 -5.55 -0.51 14.16
N MET A 104 -6.36 0.28 14.87
CA MET A 104 -7.80 0.22 14.73
C MET A 104 -8.24 0.78 13.38
N LEU A 105 -7.72 1.94 13.03
CA LEU A 105 -8.05 2.58 11.76
C LEU A 105 -7.75 1.65 10.59
N TYR A 106 -6.75 0.80 10.76
CA TYR A 106 -6.37 -0.14 9.71
C TYR A 106 -7.51 -1.09 9.38
N SER A 107 -8.21 -1.55 10.40
CA SER A 107 -9.33 -2.46 10.22
C SER A 107 -10.58 -1.71 9.75
N SER A 108 -10.79 -0.53 10.31
CA SER A 108 -11.94 0.29 9.97
C SER A 108 -11.85 0.77 8.52
N SER A 109 -10.61 0.85 8.00
CA SER A 109 -10.39 1.28 6.64
C SER A 109 -10.14 0.09 5.72
N ARG A 110 -9.77 -1.04 6.30
CA ARG A 110 -9.50 -2.24 5.53
C ARG A 110 -10.76 -2.69 4.79
N ASP A 111 -11.90 -2.58 5.46
CA ASP A 111 -13.18 -2.98 4.86
C ASP A 111 -13.49 -2.14 3.63
N ALA A 112 -13.22 -0.84 3.72
CA ALA A 112 -13.46 0.07 2.61
C ALA A 112 -12.36 -0.02 1.56
N LEU A 113 -11.19 -0.46 1.99
CA LEU A 113 -10.04 -0.60 1.08
C LEU A 113 -10.10 -1.92 0.34
N VAL A 114 -10.78 -2.90 0.92
CA VAL A 114 -10.91 -4.22 0.31
C VAL A 114 -11.42 -4.12 -1.12
N PRO A 115 -12.57 -3.45 -1.29
CA PRO A 115 -13.19 -3.26 -2.60
C PRO A 115 -12.40 -2.30 -3.48
N LEU A 116 -11.81 -1.28 -2.86
CA LEU A 116 -11.02 -0.30 -3.59
C LEU A 116 -9.76 -0.93 -4.18
N THR A 117 -9.22 -1.92 -3.47
CA THR A 117 -8.02 -2.61 -3.92
C THR A 117 -8.21 -4.12 -3.90
N GLN A 118 -9.29 -4.59 -4.52
CA GLN A 118 -9.58 -6.02 -4.56
C GLN A 118 -8.85 -6.69 -5.72
N GLY A 119 -8.05 -7.71 -5.40
CA GLY A 119 -7.31 -8.41 -6.42
C GLY A 119 -5.81 -8.25 -6.28
N PHE A 120 -5.39 -7.64 -5.17
CA PHE A 120 -3.97 -7.41 -4.91
C PHE A 120 -3.56 -8.03 -3.59
N GLN A 121 -2.36 -8.61 -3.55
CA GLN A 121 -1.85 -9.24 -2.34
C GLN A 121 -1.69 -8.21 -1.22
N GLY A 122 -2.70 -8.10 -0.37
CA GLY A 122 -2.66 -7.16 0.73
C GLY A 122 -2.13 -7.79 2.01
N ILE A 123 -0.95 -7.34 2.44
CA ILE A 123 -0.34 -7.86 3.66
C ILE A 123 0.13 -6.73 4.56
N GLN A 124 -0.17 -6.85 5.85
CA GLN A 124 0.22 -5.83 6.83
C GLN A 124 1.52 -6.23 7.53
N ALA A 125 2.55 -5.41 7.36
CA ALA A 125 3.85 -5.67 7.98
C ALA A 125 4.55 -4.37 8.34
N ASN A 126 5.11 -4.31 9.54
CA ASN A 126 5.82 -3.12 10.00
C ASN A 126 7.32 -3.38 10.06
N ASP A 127 8.10 -2.31 10.00
CA ASP A 127 9.56 -2.41 10.05
C ASP A 127 10.09 -3.21 8.86
N ALA A 128 11.33 -3.67 8.98
CA ALA A 128 11.96 -4.45 7.91
C ALA A 128 11.07 -5.61 7.50
N SER A 129 10.23 -6.07 8.41
CA SER A 129 9.34 -7.19 8.14
C SER A 129 8.41 -6.87 6.97
N GLY A 130 8.18 -5.58 6.74
CA GLY A 130 7.32 -5.16 5.66
C GLY A 130 8.09 -4.59 4.48
N LEU A 131 9.41 -4.58 4.59
CA LEU A 131 10.27 -4.06 3.53
C LEU A 131 11.12 -5.17 2.93
N ASP A 132 10.65 -6.41 3.06
CA ASP A 132 11.37 -7.56 2.51
C ASP A 132 10.98 -7.80 1.06
N PHE A 133 11.82 -7.31 0.14
CA PHE A 133 11.58 -7.46 -1.28
C PHE A 133 11.37 -8.93 -1.64
N GLU A 134 12.18 -9.80 -1.03
CA GLU A 134 12.09 -11.23 -1.30
C GLU A 134 10.68 -11.75 -0.99
N GLU A 135 10.05 -11.17 0.03
CA GLU A 135 8.71 -11.57 0.41
C GLU A 135 7.69 -11.22 -0.67
N ILE A 136 7.85 -10.04 -1.26
CA ILE A 136 6.95 -9.60 -2.32
C ILE A 136 7.11 -10.44 -3.57
N SER A 137 8.36 -10.66 -3.98
CA SER A 137 8.64 -11.45 -5.17
C SER A 137 8.12 -12.89 -5.01
N ARG A 138 8.31 -13.43 -3.81
CA ARG A 138 7.88 -14.80 -3.52
C ARG A 138 6.35 -14.89 -3.48
N LYS A 139 5.72 -13.83 -2.97
CA LYS A 139 4.26 -13.79 -2.88
C LYS A 139 3.63 -13.79 -4.27
N VAL A 140 4.13 -12.92 -5.14
CA VAL A 140 3.62 -12.83 -6.50
C VAL A 140 3.94 -14.08 -7.31
N LYS A 141 5.14 -14.62 -7.09
CA LYS A 141 5.57 -15.83 -7.78
C LYS A 141 4.79 -17.04 -7.30
N SER A 142 4.39 -17.02 -6.03
CA SER A 142 3.64 -18.13 -5.45
C SER A 142 2.24 -18.21 -6.05
N ASN A 143 1.65 -17.06 -6.33
CA ASN A 143 0.30 -17.00 -6.91
C ASN A 143 -0.72 -17.63 -5.97
N ARG A 144 -0.44 -17.57 -4.67
CA ARG A 144 -1.34 -18.12 -3.67
C ARG A 144 -1.29 -17.32 -2.37
N MET A 9 -11.26 10.57 17.26
CA MET A 9 -10.54 9.58 18.06
C MET A 9 -11.00 8.17 17.71
N ALA A 10 -12.24 8.05 17.25
CA ALA A 10 -12.79 6.75 16.88
C ALA A 10 -14.07 6.92 16.07
N MET A 11 -14.13 7.97 15.27
CA MET A 11 -15.30 8.25 14.44
C MET A 11 -15.67 7.02 13.61
N SER A 12 -14.67 6.24 13.24
CA SER A 12 -14.88 5.04 12.44
C SER A 12 -15.68 5.37 11.17
N GLY A 13 -14.96 5.74 10.12
CA GLY A 13 -15.61 6.07 8.87
C GLY A 13 -14.64 6.15 7.71
N VAL A 14 -13.53 5.43 7.82
CA VAL A 14 -12.51 5.42 6.78
C VAL A 14 -13.13 5.13 5.41
N SER A 15 -12.70 5.88 4.41
CA SER A 15 -13.21 5.71 3.06
C SER A 15 -12.16 6.10 2.02
N VAL A 16 -12.04 5.31 0.96
CA VAL A 16 -11.08 5.57 -0.10
C VAL A 16 -11.57 6.70 -1.00
N ALA A 17 -10.74 7.73 -1.14
CA ALA A 17 -11.08 8.87 -1.99
C ALA A 17 -10.88 8.54 -3.47
N ASP A 18 -11.51 9.33 -4.33
CA ASP A 18 -11.40 9.12 -5.77
C ASP A 18 -9.95 9.19 -6.22
N GLU A 19 -9.18 10.09 -5.60
CA GLU A 19 -7.78 10.26 -5.94
C GLU A 19 -7.02 8.95 -5.78
N CYS A 20 -7.31 8.23 -4.71
CA CYS A 20 -6.66 6.95 -4.43
C CYS A 20 -6.99 5.92 -5.51
N VAL A 21 -8.27 5.85 -5.87
CA VAL A 21 -8.72 4.92 -6.89
C VAL A 21 -8.00 5.16 -8.22
N THR A 22 -8.01 6.40 -8.68
CA THR A 22 -7.36 6.76 -9.93
C THR A 22 -5.86 6.46 -9.88
N ALA A 23 -5.23 6.78 -8.76
CA ALA A 23 -3.81 6.54 -8.58
C ALA A 23 -3.49 5.06 -8.75
N LEU A 24 -4.26 4.21 -8.10
CA LEU A 24 -4.06 2.77 -8.18
C LEU A 24 -4.25 2.26 -9.61
N ASN A 25 -5.29 2.75 -10.27
CA ASN A 25 -5.60 2.36 -11.64
C ASN A 25 -4.42 2.66 -12.56
N ASP A 26 -3.85 3.86 -12.43
CA ASP A 26 -2.72 4.26 -13.24
C ASP A 26 -1.48 3.43 -12.92
N LEU A 27 -1.27 3.18 -11.63
CA LEU A 27 -0.13 2.39 -11.19
C LEU A 27 -0.17 0.97 -11.78
N ARG A 28 -1.38 0.43 -11.91
CA ARG A 28 -1.56 -0.90 -12.46
C ARG A 28 -1.09 -0.96 -13.91
N HIS A 29 -1.12 0.20 -14.58
CA HIS A 29 -0.70 0.27 -15.98
C HIS A 29 0.72 0.82 -16.09
N LYS A 30 1.46 0.74 -14.99
CA LYS A 30 2.84 1.22 -14.97
C LYS A 30 2.90 2.71 -15.27
N LYS A 31 2.03 3.48 -14.61
CA LYS A 31 1.97 4.93 -14.80
C LYS A 31 3.21 5.59 -14.21
N SER A 32 3.73 5.02 -13.13
CA SER A 32 4.91 5.56 -12.47
C SER A 32 5.74 4.45 -11.85
N ARG A 33 5.28 3.94 -10.71
CA ARG A 33 5.98 2.87 -10.00
C ARG A 33 5.20 2.42 -8.78
N TYR A 34 5.11 3.29 -7.78
CA TYR A 34 4.38 2.97 -6.56
C TYR A 34 3.67 4.20 -6.00
N VAL A 35 2.57 3.98 -5.29
CA VAL A 35 1.81 5.08 -4.70
C VAL A 35 1.53 4.82 -3.22
N ILE A 36 1.92 5.76 -2.38
CA ILE A 36 1.71 5.64 -0.94
C ILE A 36 0.54 6.50 -0.48
N MET A 37 -0.39 5.89 0.24
CA MET A 37 -1.56 6.60 0.75
C MET A 37 -1.62 6.54 2.27
N HIS A 38 -2.16 7.59 2.88
CA HIS A 38 -2.28 7.65 4.33
C HIS A 38 -3.71 7.99 4.75
N ILE A 39 -4.10 7.52 5.93
CA ILE A 39 -5.44 7.77 6.44
C ILE A 39 -5.52 9.13 7.15
N VAL A 40 -6.40 9.99 6.68
CA VAL A 40 -6.58 11.31 7.26
C VAL A 40 -7.86 11.39 8.07
N ASP A 41 -7.77 11.97 9.27
CA ASP A 41 -8.93 12.12 10.14
C ASP A 41 -9.64 10.77 10.32
N GLN A 42 -8.87 9.69 10.29
CA GLN A 42 -9.42 8.35 10.46
C GLN A 42 -10.85 8.29 9.91
N LYS A 43 -11.02 8.72 8.67
CA LYS A 43 -12.33 8.71 8.03
C LYS A 43 -12.20 8.89 6.51
N SER A 44 -11.27 9.73 6.10
CA SER A 44 -11.05 9.98 4.69
C SER A 44 -9.59 9.72 4.31
N ILE A 45 -9.38 8.90 3.28
CA ILE A 45 -8.03 8.58 2.82
C ILE A 45 -7.49 9.67 1.90
N ALA A 46 -6.27 10.10 2.19
CA ALA A 46 -5.63 11.14 1.38
C ALA A 46 -4.23 10.72 0.96
N VAL A 47 -3.74 11.32 -0.13
CA VAL A 47 -2.41 11.01 -0.64
C VAL A 47 -1.32 11.59 0.26
N LYS A 48 -0.32 10.76 0.57
CA LYS A 48 0.78 11.19 1.42
C LYS A 48 2.01 11.50 0.59
N THR A 49 2.47 10.53 -0.19
CA THR A 49 3.64 10.70 -1.04
C THR A 49 3.69 9.64 -2.13
N ILE A 50 3.51 10.09 -3.38
CA ILE A 50 3.53 9.19 -4.52
C ILE A 50 4.91 9.15 -5.18
N GLY A 51 5.31 7.98 -5.67
CA GLY A 51 6.60 7.84 -6.31
C GLY A 51 6.51 7.95 -7.82
N GLU A 52 7.59 7.60 -8.51
CA GLU A 52 7.63 7.66 -9.96
C GLU A 52 8.93 7.07 -10.50
N ARG A 53 9.30 5.90 -9.97
CA ARG A 53 10.53 5.23 -10.40
C ARG A 53 11.76 5.92 -9.83
N GLY A 54 11.93 7.20 -10.19
CA GLY A 54 13.07 7.95 -9.70
C GLY A 54 13.02 8.18 -8.21
N ALA A 55 11.86 7.91 -7.61
CA ALA A 55 11.69 8.08 -6.17
C ALA A 55 12.79 7.38 -5.39
N ASN A 56 13.59 8.16 -4.67
CA ASN A 56 14.69 7.62 -3.88
C ASN A 56 14.17 7.00 -2.58
N PHE A 57 15.04 6.25 -1.90
CA PHE A 57 14.67 5.60 -0.64
C PHE A 57 14.48 6.64 0.46
N ASP A 58 15.25 7.71 0.40
CA ASP A 58 15.17 8.77 1.39
C ASP A 58 13.77 9.35 1.45
N GLN A 59 13.20 9.65 0.29
CA GLN A 59 11.86 10.22 0.21
C GLN A 59 10.82 9.21 0.70
N PHE A 60 11.05 7.94 0.39
CA PHE A 60 10.12 6.88 0.80
C PHE A 60 10.02 6.80 2.32
N ILE A 61 11.18 6.78 2.98
CA ILE A 61 11.22 6.71 4.43
C ILE A 61 10.65 7.97 5.06
N GLU A 62 11.02 9.12 4.52
CA GLU A 62 10.54 10.40 5.03
C GLU A 62 9.01 10.48 4.96
N ALA A 63 8.45 9.93 3.89
CA ALA A 63 7.00 9.93 3.70
C ALA A 63 6.32 8.98 4.68
N ILE A 64 6.74 7.72 4.66
CA ILE A 64 6.17 6.71 5.54
C ILE A 64 6.55 6.97 7.00
N ASP A 65 5.57 6.86 7.89
CA ASP A 65 5.81 7.09 9.31
C ASP A 65 5.39 5.87 10.13
N LYS A 66 6.32 5.34 10.90
CA LYS A 66 6.06 4.17 11.73
C LYS A 66 5.17 4.54 12.92
N ASN A 67 3.88 4.66 12.67
CA ASN A 67 2.92 5.00 13.72
C ASN A 67 1.50 5.06 13.17
N VAL A 68 1.30 5.90 12.16
CA VAL A 68 -0.02 6.06 11.54
C VAL A 68 -0.25 5.00 10.47
N PRO A 69 -1.52 4.66 10.23
CA PRO A 69 -1.89 3.67 9.22
C PRO A 69 -1.65 4.16 7.80
N CYS A 70 -0.73 3.50 7.10
CA CYS A 70 -0.42 3.87 5.73
C CYS A 70 -0.19 2.62 4.87
N TYR A 71 -0.66 2.69 3.62
CA TYR A 71 -0.51 1.57 2.71
C TYR A 71 0.09 2.03 1.38
N ALA A 72 1.13 1.31 0.94
CA ALA A 72 1.80 1.65 -0.31
C ALA A 72 1.67 0.51 -1.32
N ALA A 73 1.31 0.86 -2.56
CA ALA A 73 1.15 -0.13 -3.62
C ALA A 73 2.30 -0.06 -4.62
N PHE A 74 2.96 -1.19 -4.84
CA PHE A 74 4.08 -1.25 -5.78
C PHE A 74 3.73 -2.11 -6.99
N ASP A 75 3.92 -1.55 -8.18
CA ASP A 75 3.63 -2.27 -9.42
C ASP A 75 4.90 -2.84 -10.02
N PHE A 76 4.92 -4.17 -10.17
CA PHE A 76 6.09 -4.85 -10.74
C PHE A 76 5.69 -5.64 -11.98
N GLU A 77 6.70 -6.08 -12.74
CA GLU A 77 6.47 -6.85 -13.95
C GLU A 77 6.93 -8.29 -13.78
N TYR A 78 6.23 -9.21 -14.44
CA TYR A 78 6.57 -10.63 -14.35
C TYR A 78 6.17 -11.35 -15.64
N THR A 79 6.51 -12.63 -15.71
CA THR A 79 6.20 -13.45 -16.89
C THR A 79 5.48 -14.73 -16.48
N THR A 80 4.43 -14.60 -15.68
CA THR A 80 3.66 -15.75 -15.23
C THR A 80 2.74 -16.26 -16.32
N ASN A 81 2.14 -15.33 -17.05
CA ASN A 81 1.21 -15.68 -18.14
C ASN A 81 1.99 -16.11 -19.39
N ASP A 82 3.12 -15.46 -19.63
CA ASP A 82 3.94 -15.79 -20.78
C ASP A 82 5.12 -14.81 -20.89
N GLY A 83 4.85 -13.54 -20.69
CA GLY A 83 5.90 -12.53 -20.77
C GLY A 83 5.45 -11.18 -20.25
N PRO A 84 4.68 -10.45 -21.06
CA PRO A 84 4.17 -9.13 -20.70
C PRO A 84 3.11 -9.19 -19.61
N ARG A 85 3.54 -9.45 -18.38
CA ARG A 85 2.64 -9.55 -17.24
C ARG A 85 2.97 -8.50 -16.19
N ASP A 86 1.95 -8.04 -15.47
CA ASP A 86 2.14 -7.04 -14.42
C ASP A 86 1.30 -7.37 -13.20
N LYS A 87 1.91 -7.25 -12.02
CA LYS A 87 1.22 -7.53 -10.77
C LYS A 87 1.48 -6.43 -9.75
N LEU A 88 0.42 -6.03 -9.04
CA LEU A 88 0.54 -4.99 -8.03
C LEU A 88 0.40 -5.57 -6.63
N ILE A 89 1.28 -5.16 -5.73
CA ILE A 89 1.25 -5.64 -4.35
C ILE A 89 0.98 -4.49 -3.38
N LEU A 90 0.35 -4.82 -2.25
CA LEU A 90 0.03 -3.82 -1.24
C LEU A 90 0.76 -4.13 0.07
N ILE A 91 1.61 -3.21 0.51
CA ILE A 91 2.36 -3.37 1.74
C ILE A 91 1.99 -2.30 2.76
N SER A 92 1.69 -2.72 3.98
CA SER A 92 1.33 -1.79 5.04
C SER A 92 2.50 -1.56 5.99
N TRP A 93 2.69 -0.30 6.39
CA TRP A 93 3.78 0.06 7.28
C TRP A 93 3.24 0.69 8.55
N ASN A 94 3.44 0.01 9.68
CA ASN A 94 2.97 0.51 10.97
C ASN A 94 3.31 -0.47 12.09
N PRO A 95 3.72 0.07 13.24
CA PRO A 95 4.07 -0.74 14.42
C PRO A 95 2.86 -1.42 15.05
N ASP A 96 2.98 -2.71 15.32
CA ASP A 96 1.90 -3.47 15.93
C ASP A 96 1.57 -2.94 17.32
N SER A 97 2.52 -2.22 17.91
CA SER A 97 2.32 -1.66 19.24
C SER A 97 2.17 -0.14 19.17
N GLY A 98 1.94 0.37 17.98
CA GLY A 98 1.78 1.80 17.79
C GLY A 98 0.63 2.35 18.59
N ALA A 99 -0.51 2.54 17.94
CA ALA A 99 -1.70 3.08 18.60
C ALA A 99 -2.89 2.14 18.44
N PRO A 100 -3.88 2.28 19.32
CA PRO A 100 -5.09 1.46 19.29
C PRO A 100 -5.99 1.76 18.09
N ARG A 101 -6.24 3.05 17.86
CA ARG A 101 -7.07 3.47 16.75
C ARG A 101 -6.37 3.20 15.42
N THR A 102 -5.07 3.48 15.37
CA THR A 102 -4.30 3.27 14.16
C THR A 102 -4.22 1.79 13.80
N LYS A 103 -3.97 0.96 14.81
CA LYS A 103 -3.89 -0.48 14.59
C LYS A 103 -5.16 -1.03 13.98
N MET A 104 -6.30 -0.65 14.55
CA MET A 104 -7.60 -1.10 14.04
C MET A 104 -7.92 -0.44 12.71
N LEU A 105 -7.45 0.78 12.53
CA LEU A 105 -7.69 1.53 11.30
C LEU A 105 -7.23 0.73 10.09
N TYR A 106 -6.21 -0.10 10.27
CA TYR A 106 -5.67 -0.91 9.20
C TYR A 106 -6.74 -1.84 8.63
N SER A 107 -7.53 -2.42 9.52
CA SER A 107 -8.60 -3.33 9.10
C SER A 107 -9.85 -2.55 8.70
N SER A 108 -10.15 -1.50 9.45
CA SER A 108 -11.32 -0.68 9.17
C SER A 108 -11.31 -0.19 7.72
N SER A 109 -10.12 -0.05 7.16
CA SER A 109 -9.97 0.41 5.78
C SER A 109 -9.75 -0.77 4.83
N ARG A 110 -9.23 -1.87 5.38
CA ARG A 110 -8.97 -3.07 4.59
C ARG A 110 -10.24 -3.54 3.88
N ASP A 111 -11.36 -3.46 4.58
CA ASP A 111 -12.64 -3.87 4.03
C ASP A 111 -13.00 -3.06 2.80
N ALA A 112 -12.75 -1.76 2.86
CA ALA A 112 -13.05 -0.86 1.76
C ALA A 112 -11.96 -0.94 0.68
N LEU A 113 -10.78 -1.38 1.09
CA LEU A 113 -9.66 -1.50 0.16
C LEU A 113 -9.72 -2.82 -0.60
N VAL A 114 -10.38 -3.81 0.00
CA VAL A 114 -10.52 -5.12 -0.63
C VAL A 114 -11.07 -5.00 -2.04
N PRO A 115 -12.25 -4.35 -2.16
CA PRO A 115 -12.90 -4.16 -3.45
C PRO A 115 -12.15 -3.17 -4.35
N LEU A 116 -11.51 -2.19 -3.74
CA LEU A 116 -10.75 -1.19 -4.48
C LEU A 116 -9.53 -1.82 -5.16
N THR A 117 -8.82 -2.65 -4.41
CA THR A 117 -7.64 -3.32 -4.95
C THR A 117 -7.88 -4.81 -5.13
N GLN A 118 -8.79 -5.15 -6.04
CA GLN A 118 -9.12 -6.54 -6.31
C GLN A 118 -8.09 -7.18 -7.22
N GLY A 119 -7.46 -8.26 -6.76
CA GLY A 119 -6.47 -8.95 -7.55
C GLY A 119 -5.06 -8.77 -6.99
N PHE A 120 -4.97 -8.15 -5.82
CA PHE A 120 -3.68 -7.91 -5.19
C PHE A 120 -3.69 -8.39 -3.74
N GLN A 121 -2.50 -8.67 -3.21
CA GLN A 121 -2.38 -9.14 -1.83
C GLN A 121 -1.94 -8.02 -0.90
N GLY A 122 -2.54 -7.94 0.27
CA GLY A 122 -2.20 -6.91 1.22
C GLY A 122 -1.60 -7.46 2.50
N ILE A 123 -0.38 -7.06 2.81
CA ILE A 123 0.31 -7.53 4.01
C ILE A 123 0.91 -6.37 4.79
N GLN A 124 0.74 -6.40 6.10
CA GLN A 124 1.27 -5.34 6.96
C GLN A 124 2.47 -5.85 7.77
N ALA A 125 3.57 -5.11 7.69
CA ALA A 125 4.78 -5.49 8.41
C ALA A 125 5.57 -4.25 8.83
N ASN A 126 5.96 -4.21 10.10
CA ASN A 126 6.72 -3.08 10.64
C ASN A 126 8.21 -3.39 10.64
N ASP A 127 9.02 -2.34 10.63
CA ASP A 127 10.48 -2.50 10.64
C ASP A 127 10.96 -3.21 9.38
N ALA A 128 12.19 -3.71 9.42
CA ALA A 128 12.77 -4.41 8.29
C ALA A 128 11.85 -5.52 7.80
N SER A 129 11.03 -6.05 8.71
CA SER A 129 10.10 -7.12 8.37
C SER A 129 9.14 -6.68 7.28
N GLY A 130 8.95 -5.38 7.14
CA GLY A 130 8.06 -4.86 6.13
C GLY A 130 8.80 -4.24 4.96
N LEU A 131 9.98 -4.78 4.66
CA LEU A 131 10.79 -4.28 3.56
C LEU A 131 11.57 -5.41 2.90
N ASP A 132 11.08 -6.63 3.06
CA ASP A 132 11.74 -7.80 2.49
C ASP A 132 11.37 -7.95 1.01
N PHE A 133 12.22 -7.44 0.14
CA PHE A 133 11.99 -7.53 -1.29
C PHE A 133 11.72 -8.96 -1.73
N GLU A 134 12.52 -9.89 -1.21
CA GLU A 134 12.36 -11.30 -1.55
C GLU A 134 10.96 -11.79 -1.19
N GLU A 135 10.39 -11.22 -0.13
CA GLU A 135 9.06 -11.61 0.31
C GLU A 135 8.00 -11.16 -0.70
N ILE A 136 8.17 -9.96 -1.24
CA ILE A 136 7.24 -9.42 -2.22
C ILE A 136 7.30 -10.19 -3.53
N SER A 137 8.52 -10.43 -4.00
CA SER A 137 8.72 -11.17 -5.25
C SER A 137 8.18 -12.59 -5.14
N ARG A 138 8.40 -13.20 -3.99
CA ARG A 138 7.94 -14.57 -3.75
C ARG A 138 6.41 -14.62 -3.65
N LYS A 139 5.83 -13.59 -3.05
CA LYS A 139 4.38 -13.51 -2.89
C LYS A 139 3.69 -13.41 -4.25
N VAL A 140 4.19 -12.49 -5.09
CA VAL A 140 3.63 -12.28 -6.41
C VAL A 140 3.87 -13.49 -7.31
N LYS A 141 5.06 -14.08 -7.17
CA LYS A 141 5.43 -15.24 -7.96
C LYS A 141 4.52 -16.42 -7.66
N SER A 142 4.12 -16.55 -6.40
CA SER A 142 3.24 -17.63 -5.97
C SER A 142 1.85 -17.49 -6.58
N ASN A 143 1.42 -16.25 -6.75
CA ASN A 143 0.10 -15.96 -7.31
C ASN A 143 -1.01 -16.53 -6.44
N ARG A 144 -0.90 -16.27 -5.13
CA ARG A 144 -1.89 -16.76 -4.18
C ARG A 144 -1.80 -16.01 -2.86
N MET A 9 -16.52 9.35 14.97
CA MET A 9 -15.69 8.89 13.87
C MET A 9 -14.66 7.87 14.35
N ALA A 10 -15.14 6.87 15.09
CA ALA A 10 -14.26 5.82 15.61
C ALA A 10 -14.62 4.47 15.03
N MET A 11 -13.72 3.91 14.22
CA MET A 11 -13.95 2.61 13.59
C MET A 11 -15.25 2.62 12.79
N SER A 12 -15.61 3.77 12.27
CA SER A 12 -16.83 3.91 11.48
C SER A 12 -16.86 5.24 10.74
N GLY A 13 -16.05 5.35 9.70
CA GLY A 13 -16.00 6.57 8.93
C GLY A 13 -14.93 6.53 7.84
N VAL A 14 -13.86 5.79 8.10
CA VAL A 14 -12.77 5.66 7.13
C VAL A 14 -13.30 5.28 5.75
N SER A 15 -12.99 6.11 4.77
CA SER A 15 -13.43 5.86 3.40
C SER A 15 -12.36 6.28 2.39
N VAL A 16 -12.16 5.45 1.37
CA VAL A 16 -11.16 5.74 0.35
C VAL A 16 -11.64 6.84 -0.59
N ALA A 17 -10.85 7.91 -0.68
CA ALA A 17 -11.18 9.04 -1.54
C ALA A 17 -11.13 8.65 -3.02
N ASP A 18 -11.86 9.37 -3.84
CA ASP A 18 -11.89 9.10 -5.28
C ASP A 18 -10.49 9.19 -5.87
N GLU A 19 -9.71 10.14 -5.38
CA GLU A 19 -8.34 10.33 -5.86
C GLU A 19 -7.52 9.05 -5.71
N CYS A 20 -7.74 8.34 -4.61
CA CYS A 20 -7.03 7.11 -4.34
C CYS A 20 -7.45 6.01 -5.33
N VAL A 21 -8.75 5.88 -5.54
CA VAL A 21 -9.27 4.88 -6.45
C VAL A 21 -8.71 5.06 -7.86
N THR A 22 -8.82 6.27 -8.39
CA THR A 22 -8.32 6.58 -9.72
C THR A 22 -6.81 6.39 -9.79
N ALA A 23 -6.11 6.84 -8.75
CA ALA A 23 -4.66 6.72 -8.70
C ALA A 23 -4.22 5.26 -8.83
N LEU A 24 -4.92 4.38 -8.13
CA LEU A 24 -4.59 2.95 -8.16
C LEU A 24 -4.94 2.36 -9.53
N ASN A 25 -6.09 2.75 -10.06
CA ASN A 25 -6.55 2.26 -11.35
C ASN A 25 -5.50 2.54 -12.44
N ASP A 26 -5.00 3.76 -12.45
CA ASP A 26 -3.99 4.16 -13.43
C ASP A 26 -2.65 3.50 -13.14
N LEU A 27 -2.29 3.44 -11.86
CA LEU A 27 -1.03 2.83 -11.45
C LEU A 27 -0.93 1.40 -11.95
N ARG A 28 -2.07 0.71 -11.99
CA ARG A 28 -2.11 -0.68 -12.44
C ARG A 28 -1.68 -0.77 -13.90
N HIS A 29 -1.85 0.31 -14.64
CA HIS A 29 -1.49 0.35 -16.05
C HIS A 29 -0.12 1.01 -16.24
N LYS A 30 0.66 1.06 -15.17
CA LYS A 30 1.99 1.66 -15.21
C LYS A 30 1.91 3.15 -15.58
N LYS A 31 1.00 3.86 -14.92
CA LYS A 31 0.83 5.29 -15.18
C LYS A 31 2.00 6.09 -14.62
N SER A 32 2.61 5.58 -13.56
CA SER A 32 3.74 6.26 -12.92
C SER A 32 4.76 5.23 -12.41
N ARG A 33 4.45 4.65 -11.26
CA ARG A 33 5.33 3.67 -10.65
C ARG A 33 4.76 3.17 -9.32
N TYR A 34 4.81 4.03 -8.30
CA TYR A 34 4.29 3.68 -6.98
C TYR A 34 3.45 4.81 -6.40
N VAL A 35 2.36 4.45 -5.73
CA VAL A 35 1.48 5.44 -5.12
C VAL A 35 1.25 5.14 -3.64
N ILE A 36 1.65 6.06 -2.78
CA ILE A 36 1.48 5.89 -1.35
C ILE A 36 0.40 6.82 -0.81
N MET A 37 -0.45 6.29 0.07
CA MET A 37 -1.53 7.07 0.66
C MET A 37 -1.63 6.81 2.16
N HIS A 38 -2.20 7.77 2.89
CA HIS A 38 -2.35 7.64 4.33
C HIS A 38 -3.76 8.03 4.77
N ILE A 39 -4.12 7.67 5.98
CA ILE A 39 -5.45 7.99 6.52
C ILE A 39 -5.47 9.38 7.14
N VAL A 40 -6.42 10.20 6.69
CA VAL A 40 -6.56 11.56 7.19
C VAL A 40 -7.80 11.70 8.05
N ASP A 41 -7.64 12.31 9.22
CA ASP A 41 -8.76 12.52 10.14
C ASP A 41 -9.50 11.21 10.40
N GLN A 42 -8.75 10.10 10.40
CA GLN A 42 -9.33 8.79 10.63
C GLN A 42 -10.78 8.74 10.13
N LYS A 43 -10.98 9.10 8.87
CA LYS A 43 -12.31 9.10 8.28
C LYS A 43 -12.22 9.17 6.76
N SER A 44 -11.27 9.95 6.26
CA SER A 44 -11.08 10.11 4.82
C SER A 44 -9.63 9.88 4.43
N ILE A 45 -9.43 8.98 3.46
CA ILE A 45 -8.08 8.66 2.99
C ILE A 45 -7.59 9.70 2.00
N ALA A 46 -6.36 10.18 2.21
CA ALA A 46 -5.77 11.19 1.34
C ALA A 46 -4.36 10.77 0.90
N VAL A 47 -3.84 11.44 -0.11
CA VAL A 47 -2.51 11.14 -0.62
C VAL A 47 -1.43 11.68 0.30
N LYS A 48 -0.38 10.90 0.51
CA LYS A 48 0.73 11.31 1.38
C LYS A 48 1.98 11.58 0.55
N THR A 49 2.42 10.58 -0.21
CA THR A 49 3.61 10.72 -1.03
C THR A 49 3.51 9.85 -2.29
N ILE A 50 3.17 10.48 -3.41
CA ILE A 50 3.05 9.76 -4.67
C ILE A 50 4.32 9.86 -5.50
N GLY A 51 4.71 8.76 -6.14
CA GLY A 51 5.90 8.76 -6.94
C GLY A 51 5.60 8.73 -8.44
N GLU A 52 6.63 8.54 -9.25
CA GLU A 52 6.47 8.50 -10.69
C GLU A 52 7.61 7.74 -11.35
N ARG A 53 8.84 8.12 -11.02
CA ARG A 53 10.03 7.48 -11.58
C ARG A 53 11.30 8.12 -11.05
N GLY A 54 11.25 8.58 -9.81
CA GLY A 54 12.40 9.23 -9.21
C GLY A 54 12.36 9.21 -7.70
N ALA A 55 11.57 8.30 -7.14
CA ALA A 55 11.43 8.18 -5.69
C ALA A 55 12.35 7.09 -5.14
N ASN A 56 13.49 7.50 -4.60
CA ASN A 56 14.45 6.57 -4.04
C ASN A 56 13.94 5.96 -2.73
N PHE A 57 14.64 4.96 -2.23
CA PHE A 57 14.25 4.30 -0.99
C PHE A 57 14.45 5.23 0.20
N ASP A 58 15.49 6.06 0.13
CA ASP A 58 15.80 7.00 1.20
C ASP A 58 14.64 7.95 1.45
N GLN A 59 14.10 8.50 0.37
CA GLN A 59 12.97 9.43 0.47
C GLN A 59 11.70 8.71 0.92
N PHE A 60 11.59 7.44 0.55
CA PHE A 60 10.43 6.64 0.92
C PHE A 60 10.37 6.43 2.43
N ILE A 61 11.48 6.00 3.00
CA ILE A 61 11.56 5.76 4.44
C ILE A 61 11.52 7.06 5.21
N GLU A 62 12.13 8.10 4.66
CA GLU A 62 12.15 9.41 5.31
C GLU A 62 10.74 9.99 5.41
N ALA A 63 9.95 9.81 4.35
CA ALA A 63 8.58 10.31 4.33
C ALA A 63 7.69 9.49 5.23
N ILE A 64 7.71 8.17 5.04
CA ILE A 64 6.88 7.26 5.84
C ILE A 64 7.42 7.15 7.27
N ASP A 65 6.52 6.96 8.22
CA ASP A 65 6.89 6.83 9.62
C ASP A 65 6.20 5.64 10.26
N LYS A 66 6.98 4.82 10.96
CA LYS A 66 6.44 3.63 11.62
C LYS A 66 5.51 4.03 12.77
N ASN A 67 4.23 4.22 12.46
CA ASN A 67 3.24 4.59 13.45
C ASN A 67 1.86 4.72 12.83
N VAL A 68 1.64 5.81 12.09
CA VAL A 68 0.37 6.06 11.44
C VAL A 68 0.14 5.08 10.29
N PRO A 69 -1.14 4.80 9.99
CA PRO A 69 -1.52 3.87 8.92
C PRO A 69 -1.22 4.44 7.54
N CYS A 70 -0.88 3.55 6.60
CA CYS A 70 -0.56 3.96 5.23
C CYS A 70 -0.34 2.75 4.34
N TYR A 71 -0.69 2.89 3.06
CA TYR A 71 -0.53 1.80 2.11
C TYR A 71 0.21 2.28 0.86
N ALA A 72 1.19 1.49 0.42
CA ALA A 72 1.97 1.83 -0.75
C ALA A 72 1.82 0.76 -1.83
N ALA A 73 1.25 1.14 -2.97
CA ALA A 73 1.06 0.22 -4.08
C ALA A 73 2.04 0.51 -5.21
N PHE A 74 3.01 -0.40 -5.40
CA PHE A 74 4.01 -0.24 -6.45
C PHE A 74 3.85 -1.32 -7.51
N ASP A 75 4.05 -0.93 -8.77
CA ASP A 75 3.93 -1.87 -9.88
C ASP A 75 5.28 -2.50 -10.21
N PHE A 76 5.33 -3.82 -10.19
CA PHE A 76 6.56 -4.55 -10.49
C PHE A 76 6.35 -5.54 -11.64
N GLU A 77 7.44 -6.18 -12.07
CA GLU A 77 7.37 -7.15 -13.15
C GLU A 77 7.65 -8.55 -12.65
N TYR A 78 7.01 -9.54 -13.26
CA TYR A 78 7.19 -10.93 -12.87
C TYR A 78 7.06 -11.86 -14.07
N THR A 79 7.51 -13.10 -13.91
CA THR A 79 7.44 -14.09 -14.98
C THR A 79 6.60 -15.28 -14.57
N THR A 80 5.40 -15.02 -14.05
CA THR A 80 4.51 -16.08 -13.61
C THR A 80 3.81 -16.75 -14.80
N ASN A 81 3.41 -15.94 -15.77
CA ASN A 81 2.73 -16.45 -16.96
C ASN A 81 3.75 -17.04 -17.94
N ASP A 82 4.93 -16.42 -18.02
CA ASP A 82 5.98 -16.88 -18.91
C ASP A 82 7.18 -15.94 -18.86
N GLY A 83 6.91 -14.65 -18.84
CA GLY A 83 7.98 -13.67 -18.80
C GLY A 83 7.48 -12.25 -18.64
N PRO A 84 7.02 -11.65 -19.75
CA PRO A 84 6.49 -10.28 -19.74
C PRO A 84 5.16 -10.18 -19.01
N ARG A 85 5.20 -10.28 -17.69
CA ARG A 85 4.00 -10.20 -16.87
C ARG A 85 4.07 -9.02 -15.90
N ASP A 86 2.92 -8.44 -15.59
CA ASP A 86 2.86 -7.32 -14.66
C ASP A 86 2.14 -7.70 -13.37
N LYS A 87 2.72 -7.32 -12.24
CA LYS A 87 2.13 -7.62 -10.94
C LYS A 87 2.37 -6.48 -9.96
N LEU A 88 1.28 -5.95 -9.42
CA LEU A 88 1.36 -4.85 -8.46
C LEU A 88 1.24 -5.36 -7.03
N ILE A 89 2.06 -4.82 -6.13
CA ILE A 89 2.04 -5.22 -4.73
C ILE A 89 1.70 -4.03 -3.83
N LEU A 90 1.05 -4.32 -2.71
CA LEU A 90 0.67 -3.28 -1.76
C LEU A 90 1.20 -3.60 -0.37
N ILE A 91 2.04 -2.71 0.17
CA ILE A 91 2.61 -2.90 1.49
C ILE A 91 2.01 -1.92 2.49
N SER A 92 1.49 -2.44 3.59
CA SER A 92 0.88 -1.61 4.62
C SER A 92 1.75 -1.58 5.87
N TRP A 93 1.88 -0.40 6.48
CA TRP A 93 2.68 -0.24 7.68
C TRP A 93 1.81 -0.30 8.93
N ASN A 94 2.02 -1.32 9.75
CA ASN A 94 1.26 -1.49 10.98
C ASN A 94 2.08 -2.23 12.03
N PRO A 95 2.98 -1.50 12.70
CA PRO A 95 3.84 -2.07 13.75
C PRO A 95 3.06 -2.44 15.00
N ASP A 96 3.30 -3.65 15.50
CA ASP A 96 2.62 -4.12 16.71
C ASP A 96 2.88 -3.19 17.89
N SER A 97 3.97 -2.43 17.80
CA SER A 97 4.34 -1.50 18.86
C SER A 97 4.02 -0.06 18.46
N GLY A 98 3.22 0.09 17.41
CA GLY A 98 2.84 1.41 16.94
C GLY A 98 1.89 2.10 17.89
N ALA A 99 0.61 2.14 17.52
CA ALA A 99 -0.40 2.78 18.34
C ALA A 99 -1.74 2.04 18.25
N PRO A 100 -2.60 2.25 19.25
CA PRO A 100 -3.93 1.62 19.29
C PRO A 100 -4.87 2.15 18.22
N ARG A 101 -4.79 3.45 17.96
CA ARG A 101 -5.64 4.08 16.96
C ARG A 101 -5.26 3.62 15.55
N THR A 102 -3.96 3.58 15.29
CA THR A 102 -3.47 3.16 13.98
C THR A 102 -3.70 1.67 13.76
N LYS A 103 -3.50 0.88 14.82
CA LYS A 103 -3.69 -0.57 14.74
C LYS A 103 -5.11 -0.90 14.32
N MET A 104 -6.08 -0.28 14.96
CA MET A 104 -7.49 -0.51 14.65
C MET A 104 -7.85 0.10 13.30
N LEU A 105 -7.30 1.28 13.02
CA LEU A 105 -7.57 1.97 11.76
C LEU A 105 -7.24 1.07 10.57
N TYR A 106 -6.19 0.28 10.71
CA TYR A 106 -5.78 -0.63 9.64
C TYR A 106 -6.89 -1.60 9.28
N SER A 107 -7.56 -2.12 10.30
CA SER A 107 -8.66 -3.06 10.09
C SER A 107 -9.91 -2.35 9.62
N SER A 108 -10.16 -1.16 10.16
CA SER A 108 -11.33 -0.38 9.80
C SER A 108 -11.23 0.11 8.36
N SER A 109 -10.00 0.21 7.87
CA SER A 109 -9.76 0.67 6.49
C SER A 109 -9.47 -0.51 5.58
N ARG A 110 -9.07 -1.63 6.16
CA ARG A 110 -8.75 -2.83 5.40
C ARG A 110 -9.99 -3.34 4.66
N ASP A 111 -11.14 -3.28 5.32
CA ASP A 111 -12.39 -3.74 4.74
C ASP A 111 -12.77 -2.87 3.54
N ALA A 112 -12.52 -1.58 3.65
CA ALA A 112 -12.84 -0.65 2.57
C ALA A 112 -11.78 -0.68 1.48
N LEU A 113 -10.56 -1.02 1.86
CA LEU A 113 -9.45 -1.10 0.91
C LEU A 113 -9.44 -2.45 0.19
N VAL A 114 -10.07 -3.44 0.80
CA VAL A 114 -10.14 -4.77 0.21
C VAL A 114 -10.68 -4.71 -1.21
N PRO A 115 -11.88 -4.13 -1.36
CA PRO A 115 -12.54 -4.00 -2.67
C PRO A 115 -11.82 -3.01 -3.58
N LEU A 116 -11.23 -1.98 -2.98
CA LEU A 116 -10.51 -0.96 -3.74
C LEU A 116 -9.27 -1.55 -4.41
N THR A 117 -8.48 -2.29 -3.62
CA THR A 117 -7.26 -2.91 -4.13
C THR A 117 -7.41 -4.42 -4.20
N GLN A 118 -8.34 -4.88 -5.02
CA GLN A 118 -8.58 -6.32 -5.18
C GLN A 118 -7.64 -6.91 -6.22
N GLY A 119 -6.87 -7.91 -5.81
CA GLY A 119 -5.93 -8.55 -6.72
C GLY A 119 -4.48 -8.33 -6.31
N PHE A 120 -4.18 -7.10 -5.89
CA PHE A 120 -2.82 -6.75 -5.48
C PHE A 120 -2.47 -7.41 -4.16
N GLN A 121 -1.26 -7.98 -4.09
CA GLN A 121 -0.80 -8.65 -2.87
C GLN A 121 -0.68 -7.67 -1.72
N GLY A 122 -1.71 -7.59 -0.90
CA GLY A 122 -1.70 -6.69 0.24
C GLY A 122 -1.18 -7.34 1.50
N ILE A 123 -0.04 -6.87 1.99
CA ILE A 123 0.56 -7.42 3.20
C ILE A 123 0.96 -6.31 4.17
N GLN A 124 0.71 -6.54 5.45
CA GLN A 124 1.05 -5.56 6.48
C GLN A 124 2.28 -6.00 7.27
N ALA A 125 3.34 -5.21 7.18
CA ALA A 125 4.58 -5.51 7.88
C ALA A 125 5.32 -4.24 8.26
N ASN A 126 5.76 -4.16 9.51
CA ASN A 126 6.49 -3.00 10.00
C ASN A 126 7.99 -3.27 10.04
N ASP A 127 8.78 -2.19 9.97
CA ASP A 127 10.23 -2.31 10.00
C ASP A 127 10.73 -3.07 8.77
N ALA A 128 11.97 -3.53 8.84
CA ALA A 128 12.57 -4.28 7.74
C ALA A 128 11.68 -5.43 7.29
N SER A 129 10.87 -5.92 8.22
CA SER A 129 9.96 -7.03 7.93
C SER A 129 9.00 -6.67 6.79
N GLY A 130 8.83 -5.37 6.57
CA GLY A 130 7.94 -4.92 5.51
C GLY A 130 8.69 -4.53 4.25
N LEU A 131 9.93 -4.99 4.14
CA LEU A 131 10.75 -4.68 2.98
C LEU A 131 11.44 -5.93 2.45
N ASP A 132 10.90 -7.10 2.81
CA ASP A 132 11.46 -8.36 2.37
C ASP A 132 11.12 -8.63 0.90
N PHE A 133 12.13 -8.52 0.04
CA PHE A 133 11.94 -8.74 -1.38
C PHE A 133 11.46 -10.16 -1.66
N GLU A 134 11.98 -11.11 -0.89
CA GLU A 134 11.60 -12.51 -1.05
C GLU A 134 10.11 -12.71 -0.77
N GLU A 135 9.60 -11.97 0.21
CA GLU A 135 8.19 -12.07 0.58
C GLU A 135 7.30 -11.53 -0.54
N ILE A 136 7.70 -10.39 -1.11
CA ILE A 136 6.95 -9.78 -2.19
C ILE A 136 6.89 -10.67 -3.42
N SER A 137 8.05 -11.21 -3.80
CA SER A 137 8.14 -12.09 -4.96
C SER A 137 7.32 -13.36 -4.75
N ARG A 138 7.37 -13.89 -3.53
CA ARG A 138 6.64 -15.10 -3.19
C ARG A 138 5.13 -14.86 -3.24
N LYS A 139 4.72 -13.66 -2.83
CA LYS A 139 3.31 -13.30 -2.83
C LYS A 139 2.77 -13.17 -4.25
N VAL A 140 3.51 -12.44 -5.09
CA VAL A 140 3.11 -12.26 -6.48
C VAL A 140 3.21 -13.56 -7.27
N LYS A 141 4.22 -14.35 -6.97
CA LYS A 141 4.43 -15.63 -7.64
C LYS A 141 3.25 -16.56 -7.41
N SER A 142 2.67 -16.49 -6.20
CA SER A 142 1.54 -17.33 -5.85
C SER A 142 0.22 -16.67 -6.25
N ASN A 143 0.24 -15.34 -6.32
CA ASN A 143 -0.95 -14.58 -6.69
C ASN A 143 -2.12 -14.92 -5.77
N ARG A 144 -1.80 -15.34 -4.54
CA ARG A 144 -2.82 -15.69 -3.56
C ARG A 144 -3.83 -14.56 -3.40
N MET A 9 -12.51 2.25 19.00
CA MET A 9 -13.44 1.13 18.96
C MET A 9 -14.61 1.41 18.01
N ALA A 10 -14.91 0.46 17.15
CA ALA A 10 -16.01 0.61 16.20
C ALA A 10 -15.88 1.92 15.42
N MET A 11 -15.08 1.88 14.35
CA MET A 11 -14.87 3.07 13.52
C MET A 11 -15.81 3.05 12.31
N SER A 12 -16.07 4.23 11.76
CA SER A 12 -16.95 4.36 10.61
C SER A 12 -16.79 5.73 9.95
N GLY A 13 -15.93 5.81 8.95
CA GLY A 13 -15.69 7.06 8.26
C GLY A 13 -14.60 6.96 7.22
N VAL A 14 -13.63 6.08 7.47
CA VAL A 14 -12.52 5.89 6.55
C VAL A 14 -13.01 5.66 5.13
N SER A 15 -12.63 6.56 4.22
CA SER A 15 -13.04 6.45 2.83
C SER A 15 -11.88 6.80 1.90
N VAL A 16 -11.73 6.02 0.83
CA VAL A 16 -10.66 6.24 -0.14
C VAL A 16 -10.99 7.41 -1.06
N ALA A 17 -10.07 8.35 -1.18
CA ALA A 17 -10.25 9.51 -2.03
C ALA A 17 -10.28 9.12 -3.51
N ASP A 18 -10.83 10.00 -4.34
CA ASP A 18 -10.92 9.73 -5.77
C ASP A 18 -9.52 9.65 -6.39
N GLU A 19 -8.65 10.57 -5.99
CA GLU A 19 -7.29 10.59 -6.51
C GLU A 19 -6.58 9.27 -6.26
N CYS A 20 -6.90 8.64 -5.14
CA CYS A 20 -6.29 7.36 -4.78
C CYS A 20 -6.82 6.24 -5.66
N VAL A 21 -8.12 6.27 -5.94
CA VAL A 21 -8.75 5.27 -6.78
C VAL A 21 -8.19 5.29 -8.19
N THR A 22 -8.15 6.47 -8.79
CA THR A 22 -7.63 6.65 -10.14
C THR A 22 -6.15 6.33 -10.21
N ALA A 23 -5.40 6.85 -9.23
CA ALA A 23 -3.96 6.62 -9.18
C ALA A 23 -3.63 5.13 -9.12
N LEU A 24 -4.39 4.40 -8.32
CA LEU A 24 -4.18 2.96 -8.18
C LEU A 24 -4.58 2.22 -9.45
N ASN A 25 -5.69 2.65 -10.05
CA ASN A 25 -6.18 2.03 -11.28
C ASN A 25 -5.12 2.11 -12.38
N ASP A 26 -4.53 3.28 -12.54
CA ASP A 26 -3.50 3.48 -13.56
C ASP A 26 -2.21 2.78 -13.17
N LEU A 27 -1.89 2.79 -11.88
CA LEU A 27 -0.69 2.16 -11.38
C LEU A 27 -0.68 0.66 -11.69
N ARG A 28 -1.86 0.05 -11.64
CA ARG A 28 -1.99 -1.38 -11.91
C ARG A 28 -1.61 -1.69 -13.36
N HIS A 29 -1.70 -0.69 -14.21
CA HIS A 29 -1.36 -0.85 -15.62
C HIS A 29 0.04 -0.33 -15.90
N LYS A 30 0.86 -0.22 -14.86
CA LYS A 30 2.23 0.25 -14.99
C LYS A 30 2.25 1.69 -15.49
N LYS A 31 1.42 2.53 -14.90
CA LYS A 31 1.35 3.94 -15.28
C LYS A 31 2.55 4.71 -14.75
N SER A 32 2.86 4.52 -13.47
CA SER A 32 3.98 5.20 -12.84
C SER A 32 4.98 4.20 -12.27
N ARG A 33 4.65 3.66 -11.10
CA ARG A 33 5.52 2.68 -10.44
C ARG A 33 4.94 2.27 -9.09
N TYR A 34 5.07 3.16 -8.11
CA TYR A 34 4.57 2.91 -6.77
C TYR A 34 4.02 4.17 -6.13
N VAL A 35 2.87 4.04 -5.48
CA VAL A 35 2.23 5.19 -4.82
C VAL A 35 1.90 4.87 -3.37
N ILE A 36 2.37 5.71 -2.46
CA ILE A 36 2.12 5.53 -1.03
C ILE A 36 1.03 6.47 -0.54
N MET A 37 0.05 5.91 0.17
CA MET A 37 -1.05 6.71 0.71
C MET A 37 -1.20 6.48 2.20
N HIS A 38 -1.70 7.50 2.90
CA HIS A 38 -1.89 7.42 4.35
C HIS A 38 -3.28 7.90 4.74
N ILE A 39 -3.70 7.57 5.96
CA ILE A 39 -5.01 7.97 6.45
C ILE A 39 -4.96 9.36 7.06
N VAL A 40 -5.84 10.24 6.58
CA VAL A 40 -5.90 11.61 7.09
C VAL A 40 -7.18 11.85 7.89
N ASP A 41 -7.02 12.36 9.11
CA ASP A 41 -8.17 12.64 9.96
C ASP A 41 -8.91 11.35 10.31
N GLN A 42 -8.26 10.21 10.07
CA GLN A 42 -8.86 8.92 10.36
C GLN A 42 -10.26 8.83 9.80
N LYS A 43 -10.48 9.49 8.66
CA LYS A 43 -11.79 9.49 8.01
C LYS A 43 -11.64 9.55 6.50
N SER A 44 -10.69 10.35 6.02
CA SER A 44 -10.46 10.49 4.59
C SER A 44 -9.01 10.15 4.25
N ILE A 45 -8.82 9.25 3.29
CA ILE A 45 -7.49 8.84 2.87
C ILE A 45 -6.88 9.86 1.89
N ALA A 46 -5.64 10.24 2.16
CA ALA A 46 -4.95 11.20 1.30
C ALA A 46 -3.56 10.70 0.93
N VAL A 47 -2.96 11.33 -0.07
CA VAL A 47 -1.62 10.95 -0.52
C VAL A 47 -0.55 11.54 0.39
N LYS A 48 0.46 10.73 0.69
CA LYS A 48 1.56 11.17 1.54
C LYS A 48 2.83 11.41 0.74
N THR A 49 3.18 10.44 -0.10
CA THR A 49 4.37 10.54 -0.94
C THR A 49 4.32 9.54 -2.09
N ILE A 50 4.19 10.06 -3.31
CA ILE A 50 4.13 9.22 -4.49
C ILE A 50 5.51 9.08 -5.14
N GLY A 51 5.76 7.92 -5.74
CA GLY A 51 7.03 7.68 -6.39
C GLY A 51 7.04 8.13 -7.83
N GLU A 52 6.23 7.50 -8.66
CA GLU A 52 6.15 7.85 -10.07
C GLU A 52 7.54 8.16 -10.63
N ARG A 53 8.51 7.31 -10.31
CA ARG A 53 9.87 7.50 -10.78
C ARG A 53 10.47 8.79 -10.22
N GLY A 54 10.44 8.92 -8.89
CA GLY A 54 10.99 10.10 -8.25
C GLY A 54 11.37 9.85 -6.81
N ALA A 55 10.58 9.05 -6.11
CA ALA A 55 10.85 8.73 -4.71
C ALA A 55 12.14 7.93 -4.57
N ASN A 56 13.13 8.53 -3.90
CA ASN A 56 14.42 7.87 -3.69
C ASN A 56 14.40 7.05 -2.40
N PHE A 57 15.52 6.39 -2.13
CA PHE A 57 15.65 5.57 -0.94
C PHE A 57 15.66 6.43 0.31
N ASP A 58 16.39 7.54 0.26
CA ASP A 58 16.47 8.46 1.39
C ASP A 58 15.13 9.13 1.65
N GLN A 59 14.45 9.52 0.58
CA GLN A 59 13.15 10.17 0.70
C GLN A 59 12.06 9.17 1.07
N PHE A 60 12.24 7.93 0.62
CA PHE A 60 11.27 6.87 0.90
C PHE A 60 11.29 6.50 2.38
N ILE A 61 12.49 6.34 2.93
CA ILE A 61 12.64 5.97 4.34
C ILE A 61 12.33 7.17 5.24
N GLU A 62 12.85 8.33 4.87
CA GLU A 62 12.62 9.55 5.64
C GLU A 62 11.14 9.89 5.71
N ALA A 63 10.45 9.72 4.58
CA ALA A 63 9.02 10.01 4.51
C ALA A 63 8.22 8.96 5.27
N ILE A 64 8.46 7.69 4.98
CA ILE A 64 7.76 6.59 5.62
C ILE A 64 8.22 6.43 7.07
N ASP A 65 7.27 6.46 7.99
CA ASP A 65 7.58 6.32 9.42
C ASP A 65 6.76 5.19 10.03
N LYS A 66 7.15 4.77 11.23
CA LYS A 66 6.46 3.69 11.92
C LYS A 66 5.59 4.25 13.05
N ASN A 67 4.30 4.40 12.78
CA ASN A 67 3.37 4.92 13.77
C ASN A 67 1.95 4.97 13.21
N VAL A 68 1.77 5.75 12.14
CA VAL A 68 0.46 5.89 11.51
C VAL A 68 0.27 4.83 10.42
N PRO A 69 -1.00 4.50 10.15
CA PRO A 69 -1.36 3.50 9.13
C PRO A 69 -1.07 3.99 7.72
N CYS A 70 -0.10 3.37 7.06
CA CYS A 70 0.26 3.75 5.70
C CYS A 70 0.40 2.51 4.81
N TYR A 71 -0.09 2.63 3.58
CA TYR A 71 -0.03 1.52 2.63
C TYR A 71 0.57 1.98 1.30
N ALA A 72 1.53 1.20 0.81
CA ALA A 72 2.19 1.52 -0.45
C ALA A 72 1.86 0.47 -1.52
N ALA A 73 1.39 0.93 -2.67
CA ALA A 73 1.05 0.04 -3.77
C ALA A 73 2.07 0.12 -4.89
N PHE A 74 2.84 -0.93 -5.07
CA PHE A 74 3.86 -0.98 -6.11
C PHE A 74 3.54 -2.05 -7.15
N ASP A 75 3.71 -1.72 -8.42
CA ASP A 75 3.44 -2.66 -9.50
C ASP A 75 4.73 -3.39 -9.92
N PHE A 76 4.64 -4.71 -9.99
CA PHE A 76 5.79 -5.53 -10.37
C PHE A 76 5.52 -6.27 -11.67
N GLU A 77 6.58 -6.80 -12.28
CA GLU A 77 6.46 -7.53 -13.53
C GLU A 77 6.96 -8.96 -13.37
N TYR A 78 6.20 -9.91 -13.91
CA TYR A 78 6.56 -11.32 -13.84
C TYR A 78 5.98 -12.10 -15.01
N THR A 79 6.41 -13.35 -15.15
CA THR A 79 5.92 -14.21 -16.23
C THR A 79 4.96 -15.26 -15.70
N THR A 80 3.85 -14.81 -15.11
CA THR A 80 2.85 -15.71 -14.57
C THR A 80 1.99 -16.32 -15.67
N ASN A 81 1.47 -15.46 -16.56
CA ASN A 81 0.64 -15.91 -17.65
C ASN A 81 1.49 -16.50 -18.78
N ASP A 82 2.66 -15.93 -18.99
CA ASP A 82 3.57 -16.40 -20.03
C ASP A 82 4.82 -15.53 -20.09
N GLY A 83 4.66 -14.24 -19.80
CA GLY A 83 5.78 -13.33 -19.84
C GLY A 83 5.40 -11.92 -19.42
N PRO A 84 4.76 -11.18 -20.34
CA PRO A 84 4.33 -9.80 -20.09
C PRO A 84 3.17 -9.73 -19.10
N ARG A 85 3.47 -9.95 -17.83
CA ARG A 85 2.46 -9.92 -16.79
C ARG A 85 2.82 -8.90 -15.71
N ASP A 86 1.80 -8.31 -15.09
CA ASP A 86 2.02 -7.32 -14.04
C ASP A 86 1.10 -7.60 -12.85
N LYS A 87 1.65 -7.41 -11.65
CA LYS A 87 0.90 -7.63 -10.43
C LYS A 87 1.19 -6.55 -9.39
N LEU A 88 0.14 -5.87 -8.94
CA LEU A 88 0.29 -4.80 -7.95
C LEU A 88 0.15 -5.36 -6.53
N ILE A 89 1.09 -4.98 -5.67
CA ILE A 89 1.08 -5.44 -4.29
C ILE A 89 0.98 -4.26 -3.32
N LEU A 90 0.35 -4.49 -2.18
CA LEU A 90 0.19 -3.45 -1.17
C LEU A 90 0.87 -3.84 0.13
N ILE A 91 1.84 -3.05 0.56
CA ILE A 91 2.57 -3.31 1.79
C ILE A 91 2.36 -2.19 2.81
N SER A 92 1.94 -2.57 4.02
CA SER A 92 1.70 -1.60 5.08
C SER A 92 2.80 -1.66 6.13
N TRP A 93 3.26 -0.50 6.57
CA TRP A 93 4.31 -0.42 7.58
C TRP A 93 3.85 0.40 8.78
N ASN A 94 3.79 -0.24 9.94
CA ASN A 94 3.37 0.43 11.16
C ASN A 94 3.37 -0.53 12.34
N PRO A 95 3.59 0.01 13.55
CA PRO A 95 3.63 -0.79 14.78
C PRO A 95 2.26 -1.31 15.17
N ASP A 96 2.20 -2.60 15.48
CA ASP A 96 0.94 -3.24 15.86
C ASP A 96 0.41 -2.64 17.17
N SER A 97 1.32 -2.31 18.08
CA SER A 97 0.94 -1.74 19.37
C SER A 97 1.07 -0.22 19.34
N GLY A 98 1.21 0.34 18.14
CA GLY A 98 1.34 1.77 18.00
C GLY A 98 0.24 2.53 18.72
N ALA A 99 -0.86 2.78 18.02
CA ALA A 99 -1.98 3.50 18.61
C ALA A 99 -3.29 2.73 18.38
N PRO A 100 -4.30 3.06 19.20
CA PRO A 100 -5.62 2.41 19.12
C PRO A 100 -6.38 2.80 17.87
N ARG A 101 -6.43 4.10 17.58
CA ARG A 101 -7.12 4.59 16.40
C ARG A 101 -6.40 4.17 15.12
N THR A 102 -5.07 4.20 15.16
CA THR A 102 -4.27 3.82 14.01
C THR A 102 -4.49 2.36 13.64
N LYS A 103 -4.48 1.49 14.64
CA LYS A 103 -4.70 0.06 14.42
C LYS A 103 -6.12 -0.22 13.97
N MET A 104 -7.09 0.35 14.69
CA MET A 104 -8.50 0.17 14.37
C MET A 104 -8.80 0.71 12.97
N LEU A 105 -8.07 1.73 12.56
CA LEU A 105 -8.27 2.34 11.25
C LEU A 105 -7.88 1.37 10.14
N TYR A 106 -6.91 0.51 10.42
CA TYR A 106 -6.44 -0.47 9.45
C TYR A 106 -7.58 -1.38 9.01
N SER A 107 -8.29 -1.92 10.00
CA SER A 107 -9.41 -2.83 9.72
C SER A 107 -10.53 -2.10 8.99
N SER A 108 -10.97 -0.98 9.56
CA SER A 108 -12.04 -0.19 8.95
C SER A 108 -11.69 0.22 7.53
N SER A 109 -10.42 0.58 7.32
CA SER A 109 -9.97 1.00 6.00
C SER A 109 -9.79 -0.21 5.08
N ARG A 110 -9.54 -1.37 5.67
CA ARG A 110 -9.36 -2.60 4.91
C ARG A 110 -10.63 -2.97 4.15
N ASP A 111 -11.77 -2.76 4.78
CA ASP A 111 -13.06 -3.07 4.16
C ASP A 111 -13.31 -2.15 2.98
N ALA A 112 -12.90 -0.89 3.10
CA ALA A 112 -13.09 0.08 2.03
C ALA A 112 -12.02 -0.09 0.94
N LEU A 113 -10.85 -0.57 1.33
CA LEU A 113 -9.75 -0.78 0.40
C LEU A 113 -9.90 -2.12 -0.33
N VAL A 114 -10.64 -3.04 0.29
CA VAL A 114 -10.86 -4.36 -0.30
C VAL A 114 -11.37 -4.24 -1.73
N PRO A 115 -12.47 -3.50 -1.91
CA PRO A 115 -13.09 -3.29 -3.22
C PRO A 115 -12.24 -2.41 -4.13
N LEU A 116 -11.54 -1.45 -3.51
CA LEU A 116 -10.69 -0.53 -4.26
C LEU A 116 -9.51 -1.27 -4.89
N THR A 117 -8.91 -2.18 -4.12
CA THR A 117 -7.78 -2.96 -4.61
C THR A 117 -8.15 -4.43 -4.76
N GLN A 118 -9.06 -4.71 -5.69
CA GLN A 118 -9.49 -6.08 -5.94
C GLN A 118 -8.45 -6.85 -6.73
N GLY A 119 -7.98 -7.96 -6.18
CA GLY A 119 -6.98 -8.77 -6.85
C GLY A 119 -5.61 -8.66 -6.21
N PHE A 120 -5.24 -7.43 -5.82
CA PHE A 120 -3.95 -7.19 -5.21
C PHE A 120 -3.92 -7.76 -3.79
N GLN A 121 -2.72 -8.13 -3.34
CA GLN A 121 -2.55 -8.70 -1.99
C GLN A 121 -2.03 -7.63 -1.02
N GLY A 122 -2.72 -7.48 0.10
CA GLY A 122 -2.31 -6.51 1.09
C GLY A 122 -1.78 -7.15 2.35
N ILE A 123 -0.58 -6.75 2.77
CA ILE A 123 0.03 -7.30 3.97
C ILE A 123 0.53 -6.18 4.89
N GLN A 124 0.31 -6.35 6.19
CA GLN A 124 0.73 -5.37 7.18
C GLN A 124 1.82 -5.93 8.08
N ALA A 125 3.00 -5.32 8.01
CA ALA A 125 4.13 -5.76 8.82
C ALA A 125 5.02 -4.58 9.20
N ASN A 126 5.49 -4.58 10.45
CA ASN A 126 6.35 -3.50 10.95
C ASN A 126 7.81 -3.92 10.89
N ASP A 127 8.70 -2.93 10.78
CA ASP A 127 10.13 -3.18 10.70
C ASP A 127 10.48 -3.95 9.43
N ALA A 128 11.66 -4.57 9.44
CA ALA A 128 12.12 -5.34 8.28
C ALA A 128 11.07 -6.36 7.87
N SER A 129 10.24 -6.78 8.81
CA SER A 129 9.20 -7.76 8.55
C SER A 129 8.24 -7.27 7.47
N GLY A 130 8.18 -5.94 7.32
CA GLY A 130 7.30 -5.36 6.32
C GLY A 130 8.07 -4.61 5.24
N LEU A 131 9.29 -5.05 4.98
CA LEU A 131 10.12 -4.42 3.96
C LEU A 131 11.03 -5.44 3.28
N ASP A 132 10.68 -6.71 3.41
CA ASP A 132 11.46 -7.79 2.81
C ASP A 132 11.22 -7.85 1.31
N PHE A 133 12.10 -7.23 0.53
CA PHE A 133 11.98 -7.22 -0.92
C PHE A 133 11.82 -8.64 -1.46
N GLU A 134 12.56 -9.57 -0.88
CA GLU A 134 12.51 -10.96 -1.31
C GLU A 134 11.16 -11.58 -0.97
N GLU A 135 10.55 -11.12 0.11
CA GLU A 135 9.26 -11.63 0.54
C GLU A 135 8.15 -11.16 -0.40
N ILE A 136 8.15 -9.88 -0.72
CA ILE A 136 7.15 -9.32 -1.62
C ILE A 136 7.32 -9.85 -3.04
N SER A 137 8.57 -10.03 -3.45
CA SER A 137 8.87 -10.53 -4.79
C SER A 137 8.42 -11.98 -4.94
N ARG A 138 8.68 -12.79 -3.91
CA ARG A 138 8.30 -14.19 -3.92
C ARG A 138 6.79 -14.35 -3.83
N LYS A 139 6.15 -13.44 -3.09
CA LYS A 139 4.70 -13.49 -2.92
C LYS A 139 4.00 -13.18 -4.24
N VAL A 140 4.41 -12.11 -4.89
CA VAL A 140 3.82 -11.71 -6.17
C VAL A 140 4.15 -12.71 -7.27
N LYS A 141 5.37 -13.25 -7.23
CA LYS A 141 5.80 -14.22 -8.22
C LYS A 141 4.93 -15.46 -8.19
N SER A 142 4.47 -15.83 -6.99
CA SER A 142 3.62 -17.00 -6.81
C SER A 142 2.15 -16.65 -7.02
N ASN A 143 1.78 -15.45 -6.61
CA ASN A 143 0.40 -14.99 -6.75
C ASN A 143 -0.56 -15.98 -6.11
N ARG A 144 -0.44 -16.19 -4.81
CA ARG A 144 -1.31 -17.10 -4.09
C ARG A 144 -2.03 -16.39 -2.95
N MET A 9 -14.34 6.13 18.65
CA MET A 9 -12.93 6.04 19.02
C MET A 9 -12.20 5.00 18.16
N ALA A 10 -12.78 3.81 18.07
CA ALA A 10 -12.18 2.74 17.28
C ALA A 10 -12.27 3.04 15.79
N MET A 11 -13.48 2.89 15.24
CA MET A 11 -13.71 3.14 13.82
C MET A 11 -14.39 4.49 13.62
N SER A 12 -13.63 5.47 13.16
CA SER A 12 -14.17 6.80 12.92
C SER A 12 -14.99 6.85 11.64
N GLY A 13 -14.31 6.82 10.50
CA GLY A 13 -14.98 6.85 9.22
C GLY A 13 -14.03 6.81 8.06
N VAL A 14 -12.91 6.13 8.23
CA VAL A 14 -11.89 6.02 7.18
C VAL A 14 -12.51 5.56 5.87
N SER A 15 -12.12 6.20 4.77
CA SER A 15 -12.65 5.85 3.46
C SER A 15 -11.63 6.17 2.36
N VAL A 16 -11.53 5.29 1.38
CA VAL A 16 -10.60 5.49 0.27
C VAL A 16 -11.09 6.56 -0.68
N ALA A 17 -10.23 7.55 -0.93
CA ALA A 17 -10.57 8.65 -1.82
C ALA A 17 -10.41 8.24 -3.29
N ASP A 18 -11.14 8.90 -4.18
CA ASP A 18 -11.07 8.60 -5.60
C ASP A 18 -9.63 8.70 -6.10
N GLU A 19 -8.87 9.62 -5.53
CA GLU A 19 -7.48 9.82 -5.92
C GLU A 19 -6.69 8.52 -5.76
N CYS A 20 -6.93 7.81 -4.66
CA CYS A 20 -6.24 6.56 -4.39
C CYS A 20 -6.61 5.49 -5.42
N VAL A 21 -7.90 5.40 -5.73
CA VAL A 21 -8.39 4.43 -6.71
C VAL A 21 -7.72 4.64 -8.06
N THR A 22 -7.78 5.87 -8.56
CA THR A 22 -7.19 6.20 -9.85
C THR A 22 -5.68 5.92 -9.86
N ALA A 23 -5.01 6.34 -8.79
CA ALA A 23 -3.57 6.14 -8.67
C ALA A 23 -3.23 4.65 -8.75
N LEU A 24 -4.05 3.82 -8.14
CA LEU A 24 -3.84 2.38 -8.14
C LEU A 24 -4.02 1.80 -9.54
N ASN A 25 -5.12 2.16 -10.19
CA ASN A 25 -5.41 1.68 -11.53
C ASN A 25 -4.30 2.06 -12.51
N ASP A 26 -3.73 3.24 -12.30
CA ASP A 26 -2.64 3.72 -13.15
C ASP A 26 -1.35 2.95 -12.89
N LEU A 27 -1.01 2.81 -11.62
CA LEU A 27 0.21 2.09 -11.24
C LEU A 27 0.20 0.68 -11.81
N ARG A 28 -0.93 0.00 -11.68
CA ARG A 28 -1.07 -1.37 -12.18
C ARG A 28 -0.99 -1.40 -13.71
N HIS A 29 -1.31 -0.27 -14.33
CA HIS A 29 -1.28 -0.16 -15.79
C HIS A 29 0.07 0.37 -16.26
N LYS A 30 1.07 0.29 -15.38
CA LYS A 30 2.41 0.77 -15.72
C LYS A 30 2.40 2.27 -16.01
N LYS A 31 1.74 3.03 -15.14
CA LYS A 31 1.66 4.48 -15.30
C LYS A 31 2.94 5.15 -14.85
N SER A 32 3.14 5.22 -13.54
CA SER A 32 4.33 5.84 -12.96
C SER A 32 5.29 4.78 -12.43
N ARG A 33 4.97 4.24 -11.26
CA ARG A 33 5.81 3.21 -10.64
C ARG A 33 5.24 2.79 -9.30
N TYR A 34 5.22 3.71 -8.35
CA TYR A 34 4.71 3.43 -7.01
C TYR A 34 4.00 4.65 -6.42
N VAL A 35 3.05 4.41 -5.52
CA VAL A 35 2.31 5.48 -4.89
C VAL A 35 1.97 5.15 -3.45
N ILE A 36 2.38 6.02 -2.53
CA ILE A 36 2.12 5.81 -1.11
C ILE A 36 1.06 6.80 -0.60
N MET A 37 0.12 6.29 0.20
CA MET A 37 -0.93 7.12 0.76
C MET A 37 -1.16 6.79 2.23
N HIS A 38 -1.70 7.75 2.97
CA HIS A 38 -1.97 7.56 4.39
C HIS A 38 -3.38 8.03 4.74
N ILE A 39 -3.83 7.69 5.95
CA ILE A 39 -5.16 8.07 6.40
C ILE A 39 -5.14 9.46 7.03
N VAL A 40 -5.93 10.38 6.47
CA VAL A 40 -6.01 11.74 6.97
C VAL A 40 -7.28 11.95 7.78
N ASP A 41 -7.14 12.52 8.97
CA ASP A 41 -8.28 12.79 9.83
C ASP A 41 -8.97 11.49 10.23
N GLN A 42 -8.29 10.36 10.03
CA GLN A 42 -8.85 9.05 10.35
C GLN A 42 -10.25 8.91 9.78
N LYS A 43 -10.51 9.56 8.66
CA LYS A 43 -11.82 9.50 8.02
C LYS A 43 -11.68 9.46 6.50
N SER A 44 -10.76 10.25 5.98
CA SER A 44 -10.52 10.31 4.54
C SER A 44 -9.05 10.04 4.21
N ILE A 45 -8.81 9.08 3.33
CA ILE A 45 -7.45 8.73 2.93
C ILE A 45 -6.94 9.69 1.85
N ALA A 46 -5.73 10.21 2.06
CA ALA A 46 -5.12 11.13 1.11
C ALA A 46 -3.68 10.73 0.81
N VAL A 47 -3.17 11.20 -0.32
CA VAL A 47 -1.80 10.90 -0.72
C VAL A 47 -0.79 11.70 0.10
N LYS A 48 0.29 11.05 0.50
CA LYS A 48 1.33 11.70 1.29
C LYS A 48 2.59 11.91 0.46
N THR A 49 2.94 10.91 -0.34
CA THR A 49 4.13 10.99 -1.18
C THR A 49 4.07 9.97 -2.31
N ILE A 50 3.73 10.43 -3.51
CA ILE A 50 3.64 9.56 -4.67
C ILE A 50 4.92 9.60 -5.49
N GLY A 51 5.26 8.48 -6.12
CA GLY A 51 6.46 8.41 -6.94
C GLY A 51 6.15 8.43 -8.41
N GLU A 52 7.19 8.22 -9.24
CA GLU A 52 7.02 8.22 -10.68
C GLU A 52 8.36 7.96 -11.38
N ARG A 53 8.96 6.81 -11.07
CA ARG A 53 10.24 6.44 -11.66
C ARG A 53 11.30 7.49 -11.37
N GLY A 54 11.13 8.20 -10.26
CA GLY A 54 12.09 9.23 -9.89
C GLY A 54 12.27 9.33 -8.39
N ALA A 55 11.18 9.20 -7.65
CA ALA A 55 11.23 9.27 -6.19
C ALA A 55 12.20 8.24 -5.62
N ASN A 56 13.26 8.72 -4.99
CA ASN A 56 14.27 7.84 -4.39
C ASN A 56 13.73 7.17 -3.13
N PHE A 57 14.37 6.08 -2.73
CA PHE A 57 13.96 5.35 -1.54
C PHE A 57 14.24 6.16 -0.28
N ASP A 58 15.35 6.89 -0.29
CA ASP A 58 15.74 7.71 0.86
C ASP A 58 14.62 8.69 1.23
N GLN A 59 14.08 9.37 0.21
CA GLN A 59 13.02 10.34 0.43
C GLN A 59 11.74 9.64 0.88
N PHE A 60 11.47 8.46 0.32
CA PHE A 60 10.28 7.69 0.67
C PHE A 60 10.25 7.38 2.15
N ILE A 61 11.35 6.81 2.66
CA ILE A 61 11.45 6.46 4.07
C ILE A 61 11.50 7.71 4.94
N GLU A 62 12.17 8.74 4.45
CA GLU A 62 12.30 10.00 5.19
C GLU A 62 10.92 10.60 5.48
N ALA A 63 10.03 10.53 4.48
CA ALA A 63 8.69 11.07 4.62
C ALA A 63 7.82 10.15 5.47
N ILE A 64 7.79 8.87 5.12
CA ILE A 64 7.00 7.89 5.85
C ILE A 64 7.49 7.75 7.29
N ASP A 65 6.55 7.59 8.21
CA ASP A 65 6.88 7.45 9.63
C ASP A 65 6.45 6.07 10.15
N LYS A 66 6.55 5.89 11.45
CA LYS A 66 6.18 4.62 12.08
C LYS A 66 5.22 4.85 13.24
N ASN A 67 3.92 4.93 12.93
CA ASN A 67 2.91 5.16 13.95
C ASN A 67 1.51 5.05 13.35
N VAL A 68 1.25 5.85 12.32
CA VAL A 68 -0.04 5.84 11.65
C VAL A 68 -0.09 4.80 10.53
N PRO A 69 -1.30 4.33 10.22
CA PRO A 69 -1.52 3.33 9.17
C PRO A 69 -1.26 3.89 7.77
N CYS A 70 -0.24 3.36 7.11
CA CYS A 70 0.11 3.80 5.77
C CYS A 70 0.13 2.63 4.79
N TYR A 71 -0.21 2.90 3.53
CA TYR A 71 -0.23 1.87 2.51
C TYR A 71 0.61 2.28 1.31
N ALA A 72 1.50 1.38 0.88
CA ALA A 72 2.37 1.65 -0.26
C ALA A 72 2.08 0.69 -1.40
N ALA A 73 1.82 1.24 -2.59
CA ALA A 73 1.52 0.44 -3.76
C ALA A 73 2.69 0.44 -4.74
N PHE A 74 3.32 -0.72 -4.91
CA PHE A 74 4.45 -0.85 -5.81
C PHE A 74 4.09 -1.70 -7.03
N ASP A 75 4.33 -1.16 -8.22
CA ASP A 75 4.03 -1.85 -9.47
C ASP A 75 5.24 -2.65 -9.95
N PHE A 76 5.08 -3.95 -10.04
CA PHE A 76 6.16 -4.84 -10.50
C PHE A 76 5.74 -5.63 -11.72
N GLU A 77 6.25 -5.24 -12.88
CA GLU A 77 5.94 -5.91 -14.13
C GLU A 77 7.15 -6.66 -14.67
N TYR A 78 7.01 -7.97 -14.82
CA TYR A 78 8.10 -8.80 -15.32
C TYR A 78 7.55 -10.07 -15.99
N THR A 79 8.45 -10.86 -16.56
CA THR A 79 8.06 -12.10 -17.23
C THR A 79 8.10 -13.28 -16.27
N THR A 80 7.56 -13.08 -15.08
CA THR A 80 7.53 -14.13 -14.07
C THR A 80 6.43 -15.14 -14.35
N ASN A 81 5.28 -14.64 -14.80
CA ASN A 81 4.14 -15.50 -15.11
C ASN A 81 4.33 -16.17 -16.47
N ASP A 82 4.90 -15.45 -17.42
CA ASP A 82 5.14 -15.97 -18.76
C ASP A 82 5.60 -14.87 -19.71
N GLY A 83 4.80 -13.82 -19.81
CA GLY A 83 5.14 -12.71 -20.68
C GLY A 83 5.15 -11.38 -19.95
N PRO A 84 5.04 -10.28 -20.73
CA PRO A 84 5.05 -8.93 -20.17
C PRO A 84 3.78 -8.63 -19.37
N ARG A 85 3.77 -9.03 -18.11
CA ARG A 85 2.62 -8.80 -17.24
C ARG A 85 2.94 -7.76 -16.17
N ASP A 86 1.94 -7.42 -15.36
CA ASP A 86 2.12 -6.44 -14.30
C ASP A 86 1.36 -6.86 -13.04
N LYS A 87 2.03 -6.75 -11.90
CA LYS A 87 1.41 -7.12 -10.63
C LYS A 87 1.64 -6.02 -9.58
N LEU A 88 0.55 -5.50 -9.04
CA LEU A 88 0.62 -4.45 -8.03
C LEU A 88 0.58 -5.04 -6.62
N ILE A 89 1.51 -4.63 -5.78
CA ILE A 89 1.58 -5.12 -4.40
C ILE A 89 1.31 -4.00 -3.41
N LEU A 90 0.72 -4.34 -2.27
CA LEU A 90 0.42 -3.37 -1.23
C LEU A 90 1.09 -3.74 0.09
N ILE A 91 1.95 -2.87 0.58
CA ILE A 91 2.66 -3.11 1.83
C ILE A 91 2.29 -2.06 2.88
N SER A 92 1.86 -2.52 4.06
CA SER A 92 1.48 -1.63 5.13
C SER A 92 2.60 -1.52 6.17
N TRP A 93 3.07 -0.31 6.40
CA TRP A 93 4.14 -0.06 7.37
C TRP A 93 3.57 0.53 8.66
N ASN A 94 3.65 -0.24 9.74
CA ASN A 94 3.16 0.21 11.03
C ASN A 94 3.30 -0.89 12.08
N PRO A 95 3.65 -0.50 13.32
CA PRO A 95 3.83 -1.43 14.42
C PRO A 95 2.50 -2.02 14.90
N ASP A 96 2.47 -3.34 15.07
CA ASP A 96 1.27 -4.03 15.51
C ASP A 96 0.86 -3.55 16.90
N SER A 97 1.81 -2.98 17.63
CA SER A 97 1.55 -2.49 18.99
C SER A 97 1.56 -0.97 19.02
N GLY A 98 1.50 -0.35 17.84
CA GLY A 98 1.51 1.10 17.75
C GLY A 98 0.38 1.73 18.54
N ALA A 99 -0.72 2.03 17.87
CA ALA A 99 -1.87 2.64 18.51
C ALA A 99 -3.14 1.83 18.27
N PRO A 100 -4.15 2.04 19.12
CA PRO A 100 -5.43 1.33 19.01
C PRO A 100 -6.24 1.78 17.80
N ARG A 101 -6.34 3.09 17.61
CA ARG A 101 -7.08 3.65 16.49
C ARG A 101 -6.39 3.33 15.17
N THR A 102 -5.06 3.26 15.20
CA THR A 102 -4.27 2.97 14.01
C THR A 102 -4.41 1.51 13.60
N LYS A 103 -4.29 0.62 14.58
CA LYS A 103 -4.41 -0.81 14.32
C LYS A 103 -5.84 -1.19 13.95
N MET A 104 -6.80 -0.51 14.56
CA MET A 104 -8.22 -0.76 14.28
C MET A 104 -8.60 -0.28 12.90
N LEU A 105 -8.17 0.93 12.55
CA LEU A 105 -8.47 1.50 11.24
C LEU A 105 -8.01 0.58 10.12
N TYR A 106 -6.95 -0.19 10.39
CA TYR A 106 -6.42 -1.11 9.40
C TYR A 106 -7.47 -2.16 9.01
N SER A 107 -8.29 -2.55 9.97
CA SER A 107 -9.32 -3.55 9.72
C SER A 107 -10.55 -2.90 9.09
N SER A 108 -11.06 -1.85 9.73
CA SER A 108 -12.23 -1.14 9.23
C SER A 108 -12.04 -0.74 7.77
N SER A 109 -10.85 -0.26 7.44
CA SER A 109 -10.54 0.16 6.08
C SER A 109 -10.24 -1.04 5.20
N ARG A 110 -9.80 -2.13 5.82
CA ARG A 110 -9.47 -3.35 5.08
C ARG A 110 -10.68 -3.84 4.29
N ASP A 111 -11.86 -3.74 4.90
CA ASP A 111 -13.09 -4.18 4.25
C ASP A 111 -13.33 -3.42 2.96
N ALA A 112 -13.10 -2.10 3.00
CA ALA A 112 -13.29 -1.26 1.82
C ALA A 112 -12.11 -1.37 0.87
N LEU A 113 -10.96 -1.78 1.41
CA LEU A 113 -9.75 -1.93 0.61
C LEU A 113 -9.72 -3.28 -0.10
N VAL A 114 -10.49 -4.23 0.42
CA VAL A 114 -10.56 -5.57 -0.16
C VAL A 114 -10.99 -5.51 -1.62
N PRO A 115 -12.15 -4.87 -1.87
CA PRO A 115 -12.69 -4.73 -3.23
C PRO A 115 -11.86 -3.78 -4.09
N LEU A 116 -11.32 -2.74 -3.46
CA LEU A 116 -10.52 -1.75 -4.17
C LEU A 116 -9.21 -2.37 -4.66
N THR A 117 -8.55 -3.12 -3.78
CA THR A 117 -7.29 -3.77 -4.12
C THR A 117 -7.51 -5.26 -4.44
N GLN A 118 -8.27 -5.52 -5.48
CA GLN A 118 -8.56 -6.90 -5.90
C GLN A 118 -7.41 -7.46 -6.73
N GLY A 119 -6.84 -8.57 -6.26
CA GLY A 119 -5.75 -9.20 -6.98
C GLY A 119 -4.39 -8.80 -6.42
N PHE A 120 -4.34 -7.63 -5.78
CA PHE A 120 -3.10 -7.13 -5.21
C PHE A 120 -2.84 -7.77 -3.84
N GLN A 121 -1.59 -8.15 -3.60
CA GLN A 121 -1.21 -8.78 -2.34
C GLN A 121 -1.06 -7.72 -1.24
N GLY A 122 -2.06 -7.65 -0.36
CA GLY A 122 -2.02 -6.69 0.72
C GLY A 122 -1.50 -7.30 2.02
N ILE A 123 -0.23 -7.02 2.33
CA ILE A 123 0.37 -7.54 3.54
C ILE A 123 0.95 -6.42 4.39
N GLN A 124 0.75 -6.51 5.70
CA GLN A 124 1.26 -5.51 6.63
C GLN A 124 2.45 -6.03 7.42
N ALA A 125 3.58 -5.33 7.31
CA ALA A 125 4.80 -5.72 8.02
C ALA A 125 5.62 -4.51 8.41
N ASN A 126 5.97 -4.42 9.69
CA ASN A 126 6.77 -3.30 10.19
C ASN A 126 8.24 -3.68 10.28
N ASP A 127 9.11 -2.67 10.32
CA ASP A 127 10.54 -2.90 10.39
C ASP A 127 11.06 -3.62 9.16
N ALA A 128 12.27 -4.17 9.25
CA ALA A 128 12.86 -4.89 8.14
C ALA A 128 11.92 -5.97 7.61
N SER A 129 11.04 -6.45 8.48
CA SER A 129 10.09 -7.49 8.11
C SER A 129 9.22 -7.04 6.94
N GLY A 130 9.11 -5.72 6.77
CA GLY A 130 8.31 -5.17 5.69
C GLY A 130 9.08 -5.05 4.39
N LEU A 131 10.40 -5.08 4.49
CA LEU A 131 11.25 -4.98 3.30
C LEU A 131 11.71 -6.36 2.84
N ASP A 132 11.01 -7.39 3.28
CA ASP A 132 11.35 -8.76 2.91
C ASP A 132 11.00 -9.02 1.44
N PHE A 133 11.99 -8.89 0.57
CA PHE A 133 11.79 -9.11 -0.85
C PHE A 133 11.19 -10.49 -1.12
N GLU A 134 11.70 -11.49 -0.41
CA GLU A 134 11.21 -12.86 -0.56
C GLU A 134 9.71 -12.94 -0.26
N GLU A 135 9.27 -12.12 0.69
CA GLU A 135 7.86 -12.09 1.07
C GLU A 135 7.00 -11.54 -0.05
N ILE A 136 7.50 -10.50 -0.72
CA ILE A 136 6.78 -9.87 -1.81
C ILE A 136 6.66 -10.82 -3.01
N SER A 137 7.78 -11.43 -3.38
CA SER A 137 7.82 -12.34 -4.51
C SER A 137 6.94 -13.58 -4.23
N ARG A 138 6.96 -14.03 -2.99
CA ARG A 138 6.18 -15.20 -2.59
C ARG A 138 4.69 -14.87 -2.59
N LYS A 139 4.35 -13.65 -2.21
CA LYS A 139 2.97 -13.21 -2.16
C LYS A 139 2.39 -13.10 -3.56
N VAL A 140 3.12 -12.46 -4.46
CA VAL A 140 2.68 -12.29 -5.84
C VAL A 140 2.61 -13.62 -6.56
N LYS A 141 3.57 -14.50 -6.27
CA LYS A 141 3.61 -15.82 -6.89
C LYS A 141 2.44 -16.68 -6.44
N SER A 142 2.05 -16.51 -5.17
CA SER A 142 0.94 -17.28 -4.61
C SER A 142 -0.38 -16.85 -5.24
N ASN A 143 -0.49 -15.56 -5.56
CA ASN A 143 -1.70 -15.02 -6.16
C ASN A 143 -2.94 -15.41 -5.34
N ARG A 144 -2.75 -15.56 -4.04
CA ARG A 144 -3.84 -15.93 -3.14
C ARG A 144 -4.31 -14.71 -2.33
N MET A 9 -15.56 -2.59 14.82
CA MET A 9 -15.96 -1.31 14.23
C MET A 9 -15.24 -1.07 12.91
N ALA A 10 -15.92 -1.37 11.81
CA ALA A 10 -15.35 -1.19 10.48
C ALA A 10 -15.61 0.21 9.95
N MET A 11 -16.87 0.47 9.57
CA MET A 11 -17.26 1.77 9.04
C MET A 11 -17.34 2.80 10.16
N SER A 12 -16.75 3.98 9.92
CA SER A 12 -16.75 5.05 10.91
C SER A 12 -16.56 6.40 10.24
N GLY A 13 -15.64 6.46 9.29
CA GLY A 13 -15.36 7.71 8.59
C GLY A 13 -14.29 7.55 7.53
N VAL A 14 -13.33 6.67 7.79
CA VAL A 14 -12.25 6.43 6.85
C VAL A 14 -12.78 6.16 5.44
N SER A 15 -12.37 6.98 4.49
CA SER A 15 -12.81 6.83 3.11
C SER A 15 -11.68 7.17 2.14
N VAL A 16 -11.56 6.37 1.08
CA VAL A 16 -10.51 6.57 0.08
C VAL A 16 -10.83 7.78 -0.81
N ALA A 17 -9.87 8.67 -0.95
CA ALA A 17 -10.04 9.87 -1.76
C ALA A 17 -9.87 9.55 -3.25
N ASP A 18 -10.44 10.40 -4.09
CA ASP A 18 -10.37 10.21 -5.54
C ASP A 18 -8.91 10.13 -5.99
N GLU A 19 -8.05 10.94 -5.36
CA GLU A 19 -6.65 10.97 -5.71
C GLU A 19 -6.02 9.58 -5.57
N CYS A 20 -6.35 8.90 -4.48
CA CYS A 20 -5.82 7.57 -4.23
C CYS A 20 -6.26 6.59 -5.32
N VAL A 21 -7.54 6.65 -5.67
CA VAL A 21 -8.08 5.77 -6.70
C VAL A 21 -7.37 5.97 -8.03
N THR A 22 -7.14 7.23 -8.40
CA THR A 22 -6.46 7.56 -9.64
C THR A 22 -5.03 7.03 -9.65
N ALA A 23 -4.31 7.26 -8.55
CA ALA A 23 -2.93 6.81 -8.43
C ALA A 23 -2.84 5.30 -8.59
N LEU A 24 -3.76 4.58 -7.96
CA LEU A 24 -3.77 3.12 -8.04
C LEU A 24 -4.17 2.66 -9.44
N ASN A 25 -5.02 3.43 -10.10
CA ASN A 25 -5.46 3.10 -11.44
C ASN A 25 -4.31 3.16 -12.44
N ASP A 26 -3.52 4.23 -12.36
CA ASP A 26 -2.38 4.40 -13.25
C ASP A 26 -1.27 3.42 -12.90
N LEU A 27 -1.06 3.19 -11.61
CA LEU A 27 -0.04 2.26 -11.14
C LEU A 27 -0.34 0.84 -11.58
N ARG A 28 -1.63 0.50 -11.60
CA ARG A 28 -2.05 -0.84 -12.00
C ARG A 28 -1.66 -1.12 -13.46
N HIS A 29 -1.50 -0.06 -14.24
CA HIS A 29 -1.13 -0.20 -15.65
C HIS A 29 0.38 -0.25 -15.80
N LYS A 30 1.09 -0.40 -14.68
CA LYS A 30 2.54 -0.46 -14.70
C LYS A 30 3.14 0.83 -15.24
N LYS A 31 2.47 1.95 -14.97
CA LYS A 31 2.93 3.25 -15.42
C LYS A 31 4.06 3.76 -14.53
N SER A 32 3.71 4.31 -13.37
CA SER A 32 4.69 4.84 -12.44
C SER A 32 5.58 3.72 -11.89
N ARG A 33 5.19 3.20 -10.73
CA ARG A 33 5.95 2.13 -10.09
C ARG A 33 5.35 1.77 -8.74
N TYR A 34 5.36 2.72 -7.81
CA TYR A 34 4.81 2.51 -6.47
C TYR A 34 4.13 3.76 -5.95
N VAL A 35 3.05 3.58 -5.21
CA VAL A 35 2.31 4.71 -4.65
C VAL A 35 2.05 4.49 -3.16
N ILE A 36 2.60 5.38 -2.33
CA ILE A 36 2.42 5.28 -0.89
C ILE A 36 1.40 6.32 -0.40
N MET A 37 0.43 5.85 0.39
CA MET A 37 -0.60 6.74 0.93
C MET A 37 -0.86 6.42 2.40
N HIS A 38 -1.38 7.41 3.13
CA HIS A 38 -1.68 7.23 4.54
C HIS A 38 -3.05 7.83 4.88
N ILE A 39 -3.54 7.53 6.08
CA ILE A 39 -4.83 8.03 6.53
C ILE A 39 -4.69 9.42 7.14
N VAL A 40 -5.50 10.35 6.64
CA VAL A 40 -5.48 11.72 7.15
C VAL A 40 -6.73 12.03 7.96
N ASP A 41 -6.54 12.54 9.17
CA ASP A 41 -7.65 12.88 10.05
C ASP A 41 -8.47 11.64 10.38
N GLN A 42 -7.90 10.47 10.14
CA GLN A 42 -8.57 9.21 10.42
C GLN A 42 -9.98 9.22 9.84
N LYS A 43 -10.16 9.92 8.73
CA LYS A 43 -11.46 10.02 8.08
C LYS A 43 -11.31 10.00 6.56
N SER A 44 -10.30 10.71 6.07
CA SER A 44 -10.05 10.79 4.63
C SER A 44 -8.62 10.38 4.32
N ILE A 45 -8.46 9.42 3.41
CA ILE A 45 -7.14 8.95 3.01
C ILE A 45 -6.49 9.89 2.00
N ALA A 46 -5.24 10.25 2.25
CA ALA A 46 -4.51 11.14 1.37
C ALA A 46 -3.12 10.60 1.06
N VAL A 47 -2.57 10.98 -0.09
CA VAL A 47 -1.25 10.53 -0.50
C VAL A 47 -0.15 11.32 0.21
N LYS A 48 0.88 10.61 0.65
CA LYS A 48 2.01 11.23 1.35
C LYS A 48 3.20 11.40 0.42
N THR A 49 3.48 10.37 -0.37
CA THR A 49 4.60 10.40 -1.31
C THR A 49 4.45 9.32 -2.38
N ILE A 50 4.15 9.74 -3.61
CA ILE A 50 3.99 8.82 -4.71
C ILE A 50 5.24 8.77 -5.59
N GLY A 51 5.68 7.57 -5.92
CA GLY A 51 6.86 7.42 -6.75
C GLY A 51 6.57 7.64 -8.23
N GLU A 52 7.35 6.98 -9.08
CA GLU A 52 7.17 7.12 -10.52
C GLU A 52 8.20 6.27 -11.28
N ARG A 53 9.46 6.40 -10.88
CA ARG A 53 10.54 5.65 -11.52
C ARG A 53 11.64 5.32 -10.51
N GLY A 54 11.98 6.29 -9.67
CA GLY A 54 13.02 6.08 -8.68
C GLY A 54 12.95 7.10 -7.56
N ALA A 55 12.14 6.80 -6.54
CA ALA A 55 12.00 7.70 -5.40
C ALA A 55 13.25 7.70 -4.54
N ASN A 56 13.70 8.88 -4.13
CA ASN A 56 14.88 9.02 -3.30
C ASN A 56 14.62 8.52 -1.88
N PHE A 57 15.67 8.03 -1.23
CA PHE A 57 15.56 7.51 0.13
C PHE A 57 15.08 8.61 1.08
N ASP A 58 15.54 9.83 0.85
CA ASP A 58 15.17 10.96 1.68
C ASP A 58 13.66 11.14 1.71
N GLN A 59 13.03 11.09 0.54
CA GLN A 59 11.58 11.24 0.44
C GLN A 59 10.87 10.01 0.96
N PHE A 60 11.46 8.84 0.73
CA PHE A 60 10.88 7.59 1.18
C PHE A 60 10.67 7.59 2.69
N ILE A 61 11.72 7.92 3.42
CA ILE A 61 11.65 7.96 4.88
C ILE A 61 10.91 9.21 5.35
N GLU A 62 11.04 10.29 4.61
CA GLU A 62 10.38 11.55 4.95
C GLU A 62 8.87 11.37 5.02
N ALA A 63 8.33 10.60 4.08
CA ALA A 63 6.89 10.35 4.03
C ALA A 63 6.51 9.18 4.94
N ILE A 64 7.23 8.07 4.79
CA ILE A 64 6.96 6.89 5.60
C ILE A 64 7.43 7.09 7.05
N ASP A 65 6.52 6.91 7.99
CA ASP A 65 6.84 7.06 9.40
C ASP A 65 6.39 5.85 10.20
N LYS A 66 6.77 5.81 11.48
CA LYS A 66 6.41 4.69 12.35
C LYS A 66 5.43 5.14 13.42
N ASN A 67 4.14 5.11 13.10
CA ASN A 67 3.11 5.52 14.04
C ASN A 67 1.72 5.38 13.42
N VAL A 68 1.44 6.20 12.41
CA VAL A 68 0.15 6.17 11.73
C VAL A 68 0.12 5.07 10.67
N PRO A 69 -1.09 4.58 10.36
CA PRO A 69 -1.29 3.54 9.36
C PRO A 69 -1.02 4.02 7.95
N CYS A 70 -0.11 3.34 7.25
CA CYS A 70 0.24 3.70 5.89
C CYS A 70 0.41 2.45 5.02
N TYR A 71 -0.09 2.53 3.79
CA TYR A 71 -0.01 1.41 2.86
C TYR A 71 0.54 1.86 1.51
N ALA A 72 1.39 1.02 0.92
CA ALA A 72 1.99 1.33 -0.38
C ALA A 72 1.72 0.22 -1.38
N ALA A 73 1.35 0.62 -2.61
CA ALA A 73 1.07 -0.35 -3.66
C ALA A 73 2.20 -0.38 -4.70
N PHE A 74 2.81 -1.55 -4.86
CA PHE A 74 3.89 -1.71 -5.81
C PHE A 74 3.48 -2.61 -6.97
N ASP A 75 3.74 -2.13 -8.19
CA ASP A 75 3.38 -2.90 -9.39
C ASP A 75 4.62 -3.54 -10.01
N PHE A 76 4.61 -4.85 -10.14
CA PHE A 76 5.72 -5.58 -10.72
C PHE A 76 5.28 -6.38 -11.94
N GLU A 77 5.81 -6.01 -13.10
CA GLU A 77 5.47 -6.69 -14.34
C GLU A 77 6.39 -7.89 -14.58
N TYR A 78 5.78 -9.04 -14.88
CA TYR A 78 6.54 -10.26 -15.12
C TYR A 78 5.77 -11.20 -16.03
N THR A 79 6.49 -12.17 -16.62
CA THR A 79 5.87 -13.14 -17.52
C THR A 79 5.32 -14.33 -16.74
N THR A 80 4.35 -14.07 -15.88
CA THR A 80 3.73 -15.11 -15.08
C THR A 80 2.74 -15.93 -15.90
N ASN A 81 1.84 -15.23 -16.59
CA ASN A 81 0.84 -15.88 -17.42
C ASN A 81 1.44 -16.35 -18.74
N ASP A 82 2.36 -15.56 -19.27
CA ASP A 82 3.01 -15.89 -20.54
C ASP A 82 3.99 -14.80 -20.94
N GLY A 83 3.67 -13.55 -20.61
CA GLY A 83 4.53 -12.43 -20.94
C GLY A 83 3.97 -11.11 -20.48
N PRO A 84 3.03 -10.55 -21.25
CA PRO A 84 2.39 -9.28 -20.94
C PRO A 84 1.48 -9.36 -19.73
N ARG A 85 2.07 -9.56 -18.56
CA ARG A 85 1.31 -9.67 -17.32
C ARG A 85 2.01 -8.93 -16.18
N ASP A 86 1.22 -8.40 -15.25
CA ASP A 86 1.78 -7.69 -14.10
C ASP A 86 0.93 -7.93 -12.85
N LYS A 87 1.60 -8.04 -11.71
CA LYS A 87 0.91 -8.25 -10.45
C LYS A 87 1.14 -7.09 -9.49
N LEU A 88 0.09 -6.72 -8.77
CA LEU A 88 0.17 -5.62 -7.81
C LEU A 88 0.13 -6.14 -6.38
N ILE A 89 1.00 -5.62 -5.53
CA ILE A 89 1.05 -6.03 -4.13
C ILE A 89 0.90 -4.83 -3.20
N LEU A 90 0.32 -5.07 -2.03
CA LEU A 90 0.12 -4.01 -1.05
C LEU A 90 0.87 -4.31 0.25
N ILE A 91 1.80 -3.43 0.61
CA ILE A 91 2.57 -3.60 1.83
C ILE A 91 2.32 -2.46 2.81
N SER A 92 1.98 -2.81 4.04
CA SER A 92 1.70 -1.83 5.07
C SER A 92 2.89 -1.67 6.02
N TRP A 93 3.20 -0.43 6.38
CA TRP A 93 4.32 -0.14 7.26
C TRP A 93 3.83 0.50 8.56
N ASN A 94 4.00 -0.22 9.67
CA ASN A 94 3.58 0.29 10.97
C ASN A 94 3.78 -0.76 12.06
N PRO A 95 4.16 -0.30 13.25
CA PRO A 95 4.40 -1.18 14.41
C PRO A 95 3.12 -1.81 14.93
N ASP A 96 3.15 -3.13 15.14
CA ASP A 96 1.99 -3.84 15.65
C ASP A 96 1.62 -3.37 17.06
N SER A 97 2.59 -2.77 17.75
CA SER A 97 2.39 -2.28 19.10
C SER A 97 2.35 -0.76 19.13
N GLY A 98 2.20 -0.16 17.94
CA GLY A 98 2.16 1.29 17.85
C GLY A 98 0.98 1.88 18.62
N ALA A 99 -0.05 2.28 17.89
CA ALA A 99 -1.24 2.88 18.50
C ALA A 99 -2.48 2.04 18.19
N PRO A 100 -3.53 2.22 19.00
CA PRO A 100 -4.79 1.51 18.84
C PRO A 100 -5.56 1.95 17.60
N ARG A 101 -5.53 3.26 17.32
CA ARG A 101 -6.22 3.81 16.17
C ARG A 101 -5.56 3.36 14.87
N THR A 102 -4.23 3.26 14.89
CA THR A 102 -3.48 2.84 13.72
C THR A 102 -3.75 1.39 13.38
N LYS A 103 -3.73 0.53 14.41
CA LYS A 103 -3.98 -0.89 14.21
C LYS A 103 -5.43 -1.15 13.83
N MET A 104 -6.34 -0.42 14.47
CA MET A 104 -7.77 -0.57 14.18
C MET A 104 -8.11 -0.03 12.80
N LEU A 105 -7.61 1.16 12.50
CA LEU A 105 -7.86 1.79 11.20
C LEU A 105 -7.43 0.87 10.06
N TYR A 106 -6.40 0.08 10.31
CA TYR A 106 -5.89 -0.85 9.31
C TYR A 106 -6.97 -1.83 8.87
N SER A 107 -7.84 -2.19 9.81
CA SER A 107 -8.93 -3.13 9.52
C SER A 107 -10.19 -2.38 9.10
N SER A 108 -10.46 -1.27 9.78
CA SER A 108 -11.64 -0.47 9.48
C SER A 108 -11.58 0.08 8.05
N SER A 109 -10.40 0.55 7.65
CA SER A 109 -10.22 1.10 6.32
C SER A 109 -10.04 -0.01 5.29
N ARG A 110 -9.57 -1.17 5.75
CA ARG A 110 -9.35 -2.31 4.87
C ARG A 110 -10.63 -2.69 4.14
N ASP A 111 -11.75 -2.61 4.85
CA ASP A 111 -13.05 -2.94 4.26
C ASP A 111 -13.36 -2.02 3.09
N ALA A 112 -13.05 -0.74 3.25
CA ALA A 112 -13.31 0.25 2.21
C ALA A 112 -12.24 0.19 1.12
N LEU A 113 -11.06 -0.31 1.49
CA LEU A 113 -9.96 -0.42 0.54
C LEU A 113 -10.07 -1.69 -0.28
N VAL A 114 -10.80 -2.67 0.25
CA VAL A 114 -10.99 -3.94 -0.44
C VAL A 114 -11.54 -3.73 -1.84
N PRO A 115 -12.68 -3.02 -1.93
CA PRO A 115 -13.34 -2.73 -3.20
C PRO A 115 -12.55 -1.73 -4.05
N LEU A 116 -11.90 -0.79 -3.38
CA LEU A 116 -11.11 0.22 -4.07
C LEU A 116 -9.90 -0.42 -4.76
N THR A 117 -9.28 -1.38 -4.09
CA THR A 117 -8.11 -2.06 -4.63
C THR A 117 -8.27 -3.57 -4.53
N GLN A 118 -9.27 -4.11 -5.22
CA GLN A 118 -9.53 -5.54 -5.21
C GLN A 118 -8.67 -6.26 -6.26
N GLY A 119 -8.08 -7.38 -5.87
CA GLY A 119 -7.24 -8.14 -6.78
C GLY A 119 -5.79 -8.15 -6.36
N PHE A 120 -5.50 -7.53 -5.21
CA PHE A 120 -4.14 -7.46 -4.70
C PHE A 120 -4.06 -8.05 -3.29
N GLN A 121 -2.87 -8.46 -2.90
CA GLN A 121 -2.65 -9.04 -1.57
C GLN A 121 -2.06 -8.01 -0.62
N GLY A 122 -2.76 -7.75 0.48
CA GLY A 122 -2.29 -6.79 1.45
C GLY A 122 -1.72 -7.45 2.69
N ILE A 123 -0.45 -7.18 2.98
CA ILE A 123 0.20 -7.77 4.15
C ILE A 123 0.95 -6.70 4.95
N GLN A 124 0.56 -6.53 6.21
CA GLN A 124 1.19 -5.54 7.08
C GLN A 124 2.45 -6.12 7.72
N ALA A 125 3.51 -5.30 7.75
CA ALA A 125 4.77 -5.73 8.34
C ALA A 125 5.51 -4.55 8.97
N ASN A 126 5.91 -4.70 10.22
CA ASN A 126 6.62 -3.65 10.93
C ASN A 126 8.12 -3.89 10.90
N ASP A 127 8.89 -2.84 11.18
CA ASP A 127 10.35 -2.93 11.18
C ASP A 127 10.87 -3.26 9.78
N ALA A 128 12.12 -3.70 9.72
CA ALA A 128 12.74 -4.05 8.44
C ALA A 128 11.89 -5.05 7.67
N SER A 129 11.09 -5.82 8.39
CA SER A 129 10.21 -6.81 7.77
C SER A 129 9.24 -6.15 6.81
N GLY A 130 9.03 -4.85 6.98
CA GLY A 130 8.13 -4.12 6.12
C GLY A 130 8.81 -3.61 4.86
N LEU A 131 10.04 -4.05 4.63
CA LEU A 131 10.79 -3.63 3.46
C LEU A 131 11.54 -4.82 2.85
N ASP A 132 11.10 -6.03 3.19
CA ASP A 132 11.71 -7.24 2.66
C ASP A 132 11.23 -7.53 1.25
N PHE A 133 12.02 -7.10 0.26
CA PHE A 133 11.67 -7.31 -1.14
C PHE A 133 11.41 -8.78 -1.42
N GLU A 134 12.23 -9.65 -0.82
CA GLU A 134 12.08 -11.09 -1.01
C GLU A 134 10.69 -11.56 -0.59
N GLU A 135 10.12 -10.90 0.41
CA GLU A 135 8.80 -11.24 0.90
C GLU A 135 7.72 -10.90 -0.13
N ILE A 136 7.88 -9.75 -0.78
CA ILE A 136 6.93 -9.32 -1.80
C ILE A 136 6.98 -10.22 -3.02
N SER A 137 8.19 -10.51 -3.50
CA SER A 137 8.37 -11.35 -4.66
C SER A 137 7.87 -12.77 -4.39
N ARG A 138 8.11 -13.24 -3.17
CA ARG A 138 7.69 -14.59 -2.78
C ARG A 138 6.17 -14.67 -2.68
N LYS A 139 5.56 -13.60 -2.17
CA LYS A 139 4.11 -13.55 -2.02
C LYS A 139 3.41 -13.56 -3.38
N VAL A 140 3.88 -12.70 -4.28
CA VAL A 140 3.31 -12.61 -5.62
C VAL A 140 3.60 -13.87 -6.42
N LYS A 141 4.79 -14.42 -6.24
CA LYS A 141 5.20 -15.62 -6.95
C LYS A 141 4.35 -16.81 -6.52
N SER A 142 3.98 -16.85 -5.25
CA SER A 142 3.16 -17.93 -4.72
C SER A 142 1.69 -17.72 -5.06
N ASN A 143 1.27 -16.47 -5.12
CA ASN A 143 -0.11 -16.14 -5.43
C ASN A 143 -1.08 -16.90 -4.53
N ARG A 144 -0.63 -17.20 -3.31
CA ARG A 144 -1.46 -17.93 -2.36
C ARG A 144 -2.52 -17.01 -1.74
N MET A 9 -18.75 -2.01 15.87
CA MET A 9 -18.37 -3.12 15.01
C MET A 9 -17.58 -2.63 13.80
N ALA A 10 -16.29 -2.40 14.00
CA ALA A 10 -15.43 -1.92 12.92
C ALA A 10 -15.86 -0.54 12.42
N MET A 11 -15.21 -0.06 11.38
CA MET A 11 -15.53 1.24 10.81
C MET A 11 -15.29 2.35 11.83
N SER A 12 -15.27 3.59 11.35
CA SER A 12 -15.04 4.74 12.22
C SER A 12 -15.19 6.05 11.45
N GLY A 13 -14.39 6.19 10.39
CA GLY A 13 -14.45 7.39 9.58
C GLY A 13 -13.51 7.33 8.39
N VAL A 14 -12.38 6.67 8.56
CA VAL A 14 -11.40 6.53 7.49
C VAL A 14 -12.05 6.03 6.20
N SER A 15 -11.94 6.83 5.14
CA SER A 15 -12.53 6.47 3.86
C SER A 15 -11.56 6.77 2.72
N VAL A 16 -11.49 5.87 1.74
CA VAL A 16 -10.62 6.05 0.60
C VAL A 16 -11.14 7.12 -0.35
N ALA A 17 -10.31 8.10 -0.65
CA ALA A 17 -10.70 9.18 -1.55
C ALA A 17 -10.50 8.79 -3.01
N ASP A 18 -11.17 9.50 -3.91
CA ASP A 18 -11.07 9.23 -5.33
C ASP A 18 -9.61 9.30 -5.80
N GLU A 19 -8.82 10.11 -5.11
CA GLU A 19 -7.41 10.27 -5.46
C GLU A 19 -6.69 8.93 -5.43
N CYS A 20 -6.95 8.16 -4.38
CA CYS A 20 -6.31 6.85 -4.23
C CYS A 20 -6.75 5.91 -5.34
N VAL A 21 -8.04 5.92 -5.67
CA VAL A 21 -8.58 5.06 -6.72
C VAL A 21 -7.89 5.34 -8.05
N THR A 22 -7.78 6.61 -8.41
CA THR A 22 -7.15 7.00 -9.66
C THR A 22 -5.67 6.63 -9.67
N ALA A 23 -5.00 6.86 -8.55
CA ALA A 23 -3.58 6.56 -8.42
C ALA A 23 -3.32 5.07 -8.69
N LEU A 24 -4.14 4.21 -8.08
CA LEU A 24 -4.00 2.77 -8.26
C LEU A 24 -4.33 2.36 -9.69
N ASN A 25 -5.37 2.97 -10.25
CA ASN A 25 -5.79 2.68 -11.61
C ASN A 25 -4.65 2.91 -12.60
N ASP A 26 -3.98 4.05 -12.46
CA ASP A 26 -2.88 4.40 -13.33
C ASP A 26 -1.66 3.52 -13.05
N LEU A 27 -1.43 3.23 -11.77
CA LEU A 27 -0.30 2.41 -11.36
C LEU A 27 -0.35 1.04 -12.05
N ARG A 28 -1.52 0.45 -12.09
CA ARG A 28 -1.71 -0.86 -12.72
C ARG A 28 -1.42 -0.78 -14.21
N HIS A 29 -1.56 0.40 -14.77
CA HIS A 29 -1.31 0.61 -16.19
C HIS A 29 0.13 1.05 -16.45
N LYS A 30 0.99 0.81 -15.46
CA LYS A 30 2.40 1.18 -15.58
C LYS A 30 2.55 2.69 -15.71
N LYS A 31 1.84 3.43 -14.86
CA LYS A 31 1.90 4.89 -14.89
C LYS A 31 3.23 5.39 -14.33
N SER A 32 3.67 4.79 -13.24
CA SER A 32 4.93 5.17 -12.60
C SER A 32 5.66 3.96 -12.06
N ARG A 33 5.19 3.44 -10.93
CA ARG A 33 5.80 2.27 -10.31
C ARG A 33 5.06 1.89 -9.03
N TYR A 34 5.08 2.79 -8.06
CA TYR A 34 4.41 2.55 -6.78
C TYR A 34 3.82 3.84 -6.21
N VAL A 35 2.81 3.70 -5.38
CA VAL A 35 2.15 4.85 -4.77
C VAL A 35 1.88 4.61 -3.29
N ILE A 36 2.32 5.54 -2.45
CA ILE A 36 2.12 5.43 -1.02
C ILE A 36 1.03 6.38 -0.53
N MET A 37 0.01 5.82 0.11
CA MET A 37 -1.10 6.64 0.62
C MET A 37 -1.07 6.67 2.15
N HIS A 38 -1.51 7.79 2.72
CA HIS A 38 -1.54 7.96 4.16
C HIS A 38 -2.92 8.43 4.63
N ILE A 39 -3.30 8.01 5.83
CA ILE A 39 -4.60 8.38 6.39
C ILE A 39 -4.52 9.74 7.08
N VAL A 40 -5.32 10.69 6.60
CA VAL A 40 -5.35 12.02 7.18
C VAL A 40 -6.55 12.20 8.10
N ASP A 41 -6.31 12.74 9.29
CA ASP A 41 -7.38 12.97 10.26
C ASP A 41 -8.12 11.68 10.56
N GLN A 42 -7.45 10.55 10.34
CA GLN A 42 -8.06 9.25 10.58
C GLN A 42 -9.52 9.23 10.14
N LYS A 43 -9.79 9.85 9.00
CA LYS A 43 -11.14 9.92 8.46
C LYS A 43 -11.12 9.97 6.94
N SER A 44 -10.19 10.75 6.39
CA SER A 44 -10.06 10.90 4.96
C SER A 44 -8.67 10.47 4.48
N ILE A 45 -8.64 9.57 3.51
CA ILE A 45 -7.38 9.08 2.97
C ILE A 45 -6.84 10.02 1.89
N ALA A 46 -5.57 10.38 2.00
CA ALA A 46 -4.93 11.26 1.04
C ALA A 46 -3.51 10.80 0.71
N VAL A 47 -3.03 11.15 -0.47
CA VAL A 47 -1.70 10.78 -0.90
C VAL A 47 -0.64 11.52 -0.09
N LYS A 48 0.40 10.80 0.32
CA LYS A 48 1.48 11.39 1.10
C LYS A 48 2.74 11.55 0.25
N THR A 49 3.10 10.49 -0.47
CA THR A 49 4.28 10.51 -1.32
C THR A 49 4.22 9.40 -2.36
N ILE A 50 4.03 9.78 -3.62
CA ILE A 50 3.97 8.81 -4.72
C ILE A 50 5.32 8.67 -5.41
N GLY A 51 5.60 7.48 -5.91
CA GLY A 51 6.86 7.22 -6.59
C GLY A 51 6.71 7.26 -8.10
N GLU A 52 7.81 7.01 -8.81
CA GLU A 52 7.80 7.02 -10.26
C GLU A 52 9.19 6.71 -10.82
N ARG A 53 9.27 5.67 -11.63
CA ARG A 53 10.55 5.27 -12.23
C ARG A 53 11.55 4.88 -11.15
N GLY A 54 11.06 4.30 -10.07
CA GLY A 54 11.93 3.89 -8.98
C GLY A 54 12.45 5.06 -8.18
N ALA A 55 11.59 5.65 -7.35
CA ALA A 55 11.97 6.79 -6.54
C ALA A 55 13.26 6.51 -5.76
N ASN A 56 13.88 7.56 -5.26
CA ASN A 56 15.12 7.43 -4.51
C ASN A 56 14.86 6.79 -3.14
N PHE A 57 15.86 6.08 -2.63
CA PHE A 57 15.74 5.42 -1.34
C PHE A 57 15.60 6.45 -0.21
N ASP A 58 16.38 7.52 -0.30
CA ASP A 58 16.35 8.58 0.70
C ASP A 58 15.00 9.30 0.69
N GLN A 59 14.44 9.47 -0.50
CA GLN A 59 13.15 10.14 -0.65
C GLN A 59 12.01 9.24 -0.18
N PHE A 60 12.04 7.99 -0.60
CA PHE A 60 11.01 7.03 -0.21
C PHE A 60 10.95 6.86 1.30
N ILE A 61 12.11 6.66 1.92
CA ILE A 61 12.20 6.49 3.35
C ILE A 61 11.83 7.78 4.08
N GLU A 62 12.32 8.91 3.56
CA GLU A 62 12.05 10.21 4.17
C GLU A 62 10.54 10.47 4.22
N ALA A 63 9.84 10.07 3.16
CA ALA A 63 8.40 10.27 3.08
C ALA A 63 7.66 9.32 4.02
N ILE A 64 7.92 8.03 3.87
CA ILE A 64 7.29 7.01 4.71
C ILE A 64 7.75 7.13 6.16
N ASP A 65 6.83 6.91 7.08
CA ASP A 65 7.14 6.97 8.50
C ASP A 65 6.80 5.67 9.20
N LYS A 66 7.24 5.53 10.45
CA LYS A 66 6.98 4.33 11.23
C LYS A 66 6.11 4.64 12.44
N ASN A 67 4.79 4.70 12.23
CA ASN A 67 3.85 5.00 13.30
C ASN A 67 2.43 4.99 12.78
N VAL A 68 2.14 5.86 11.82
CA VAL A 68 0.80 5.96 11.24
C VAL A 68 0.58 4.87 10.20
N PRO A 69 -0.69 4.47 10.01
CA PRO A 69 -1.07 3.44 9.05
C PRO A 69 -0.89 3.89 7.60
N CYS A 70 0.21 3.47 6.99
CA CYS A 70 0.50 3.83 5.60
C CYS A 70 0.43 2.60 4.70
N TYR A 71 -0.11 2.79 3.50
CA TYR A 71 -0.23 1.71 2.53
C TYR A 71 0.63 1.97 1.30
N ALA A 72 1.43 0.97 0.92
CA ALA A 72 2.30 1.10 -0.24
C ALA A 72 1.89 0.11 -1.34
N ALA A 73 1.48 0.64 -2.48
CA ALA A 73 1.08 -0.20 -3.60
C ALA A 73 2.13 -0.21 -4.69
N PHE A 74 2.79 -1.36 -4.86
CA PHE A 74 3.83 -1.49 -5.87
C PHE A 74 3.38 -2.44 -6.99
N ASP A 75 3.54 -1.99 -8.23
CA ASP A 75 3.16 -2.79 -9.38
C ASP A 75 4.35 -3.55 -9.93
N PHE A 76 4.23 -4.88 -9.99
CA PHE A 76 5.30 -5.73 -10.50
C PHE A 76 4.84 -6.52 -11.72
N GLU A 77 5.39 -6.17 -12.88
CA GLU A 77 5.04 -6.86 -14.13
C GLU A 77 6.26 -7.51 -14.76
N TYR A 78 6.19 -8.83 -14.93
CA TYR A 78 7.29 -9.58 -15.51
C TYR A 78 6.78 -10.85 -16.19
N THR A 79 7.41 -11.21 -17.30
CA THR A 79 7.02 -12.41 -18.05
C THR A 79 7.75 -13.64 -17.52
N THR A 80 7.71 -13.83 -16.21
CA THR A 80 8.37 -14.97 -15.58
C THR A 80 7.52 -16.23 -15.69
N ASN A 81 6.22 -16.07 -15.46
CA ASN A 81 5.30 -17.20 -15.53
C ASN A 81 5.23 -17.76 -16.95
N ASP A 82 5.22 -16.86 -17.93
CA ASP A 82 5.16 -17.27 -19.33
C ASP A 82 4.88 -16.07 -20.23
N GLY A 83 3.89 -15.27 -19.84
CA GLY A 83 3.54 -14.10 -20.63
C GLY A 83 3.63 -12.82 -19.83
N PRO A 84 3.38 -11.68 -20.50
CA PRO A 84 3.42 -10.36 -19.87
C PRO A 84 2.29 -10.15 -18.86
N ARG A 85 2.55 -10.51 -17.60
CA ARG A 85 1.56 -10.37 -16.56
C ARG A 85 1.96 -9.29 -15.56
N ASP A 86 0.99 -8.67 -14.92
CA ASP A 86 1.25 -7.62 -13.93
C ASP A 86 0.40 -7.82 -12.68
N LYS A 87 1.04 -7.69 -11.52
CA LYS A 87 0.34 -7.86 -10.25
C LYS A 87 0.76 -6.78 -9.25
N LEU A 88 -0.22 -6.11 -8.66
CA LEU A 88 0.05 -5.06 -7.69
C LEU A 88 -0.10 -5.59 -6.26
N ILE A 89 0.88 -5.30 -5.43
CA ILE A 89 0.86 -5.73 -4.04
C ILE A 89 0.77 -4.54 -3.08
N LEU A 90 0.11 -4.75 -1.94
CA LEU A 90 -0.05 -3.69 -0.95
C LEU A 90 0.62 -4.08 0.37
N ILE A 91 1.62 -3.29 0.78
CA ILE A 91 2.32 -3.55 2.03
C ILE A 91 2.15 -2.40 3.01
N SER A 92 1.78 -2.74 4.25
CA SER A 92 1.59 -1.74 5.29
C SER A 92 2.78 -1.67 6.22
N TRP A 93 3.31 -0.47 6.42
CA TRP A 93 4.47 -0.27 7.29
C TRP A 93 4.09 0.56 8.51
N ASN A 94 4.15 -0.07 9.68
CA ASN A 94 3.81 0.61 10.93
C ASN A 94 3.90 -0.36 12.11
N PRO A 95 4.16 0.20 13.31
CA PRO A 95 4.28 -0.59 14.53
C PRO A 95 2.94 -1.16 14.98
N ASP A 96 2.93 -2.46 15.30
CA ASP A 96 1.71 -3.13 15.74
C ASP A 96 1.23 -2.55 17.07
N SER A 97 2.16 -2.27 17.96
CA SER A 97 1.83 -1.73 19.27
C SER A 97 1.96 -0.20 19.27
N GLY A 98 2.04 0.37 18.07
CA GLY A 98 2.15 1.81 17.95
C GLY A 98 1.07 2.55 18.71
N ALA A 99 -0.05 2.82 18.03
CA ALA A 99 -1.17 3.52 18.65
C ALA A 99 -2.47 2.77 18.44
N PRO A 100 -3.47 3.07 19.28
CA PRO A 100 -4.79 2.42 19.20
C PRO A 100 -5.57 2.85 17.96
N ARG A 101 -5.60 4.16 17.71
CA ARG A 101 -6.31 4.69 16.55
C ARG A 101 -5.63 4.29 15.25
N THR A 102 -4.30 4.29 15.26
CA THR A 102 -3.53 3.93 14.08
C THR A 102 -3.72 2.45 13.74
N LYS A 103 -3.78 1.62 14.77
CA LYS A 103 -3.97 0.18 14.58
C LYS A 103 -5.36 -0.12 14.02
N MET A 104 -6.38 0.47 14.65
CA MET A 104 -7.76 0.26 14.21
C MET A 104 -8.01 0.95 12.87
N LEU A 105 -7.31 2.04 12.62
CA LEU A 105 -7.46 2.77 11.38
C LEU A 105 -7.25 1.86 10.16
N TYR A 106 -6.42 0.85 10.34
CA TYR A 106 -6.13 -0.11 9.27
C TYR A 106 -7.38 -0.92 8.92
N SER A 107 -8.04 -1.45 9.94
CA SER A 107 -9.24 -2.25 9.74
C SER A 107 -10.40 -1.37 9.28
N SER A 108 -10.58 -0.23 9.93
CA SER A 108 -11.66 0.69 9.58
C SER A 108 -11.58 1.08 8.11
N SER A 109 -10.38 1.00 7.54
CA SER A 109 -10.17 1.36 6.14
C SER A 109 -10.09 0.10 5.28
N ARG A 110 -9.75 -1.01 5.90
CA ARG A 110 -9.63 -2.28 5.18
C ARG A 110 -10.93 -2.62 4.46
N ASP A 111 -12.06 -2.34 5.11
CA ASP A 111 -13.37 -2.61 4.53
C ASP A 111 -13.54 -1.86 3.21
N ALA A 112 -13.13 -0.60 3.20
CA ALA A 112 -13.25 0.23 2.01
C ALA A 112 -12.13 -0.07 1.02
N LEU A 113 -11.03 -0.61 1.53
CA LEU A 113 -9.88 -0.96 0.69
C LEU A 113 -10.08 -2.32 0.03
N VAL A 114 -10.97 -3.12 0.60
CA VAL A 114 -11.25 -4.45 0.06
C VAL A 114 -11.74 -4.37 -1.38
N PRO A 115 -12.80 -3.58 -1.61
CA PRO A 115 -13.38 -3.42 -2.95
C PRO A 115 -12.47 -2.61 -3.87
N LEU A 116 -11.77 -1.63 -3.30
CA LEU A 116 -10.86 -0.79 -4.07
C LEU A 116 -9.67 -1.59 -4.57
N THR A 117 -9.06 -2.37 -3.67
CA THR A 117 -7.90 -3.18 -4.01
C THR A 117 -8.30 -4.64 -4.19
N GLN A 118 -9.33 -4.87 -5.01
CA GLN A 118 -9.81 -6.22 -5.27
C GLN A 118 -8.79 -7.02 -6.07
N GLY A 119 -8.35 -8.15 -5.52
CA GLY A 119 -7.39 -8.98 -6.21
C GLY A 119 -6.01 -8.90 -5.58
N PHE A 120 -5.59 -7.69 -5.24
CA PHE A 120 -4.28 -7.47 -4.62
C PHE A 120 -4.26 -8.00 -3.19
N GLN A 121 -3.05 -8.28 -2.69
CA GLN A 121 -2.90 -8.79 -1.34
C GLN A 121 -2.39 -7.70 -0.40
N GLY A 122 -2.92 -7.68 0.82
CA GLY A 122 -2.50 -6.68 1.79
C GLY A 122 -1.80 -7.30 2.99
N ILE A 123 -0.50 -7.03 3.11
CA ILE A 123 0.29 -7.56 4.22
C ILE A 123 0.78 -6.44 5.13
N GLN A 124 0.64 -6.64 6.43
CA GLN A 124 1.08 -5.64 7.41
C GLN A 124 2.31 -6.13 8.16
N ALA A 125 3.39 -5.36 8.08
CA ALA A 125 4.63 -5.71 8.75
C ALA A 125 5.38 -4.46 9.20
N ASN A 126 5.84 -4.47 10.44
CA ASN A 126 6.58 -3.33 11.00
C ASN A 126 8.09 -3.57 10.92
N ASP A 127 8.85 -2.48 10.91
CA ASP A 127 10.30 -2.56 10.83
C ASP A 127 10.74 -3.18 9.51
N ALA A 128 11.99 -3.63 9.46
CA ALA A 128 12.54 -4.25 8.25
C ALA A 128 11.64 -5.38 7.76
N SER A 129 10.88 -5.97 8.68
CA SER A 129 9.99 -7.07 8.34
C SER A 129 8.95 -6.62 7.31
N GLY A 130 8.71 -5.32 7.25
CA GLY A 130 7.75 -4.78 6.31
C GLY A 130 8.40 -3.99 5.19
N LEU A 131 9.66 -4.30 4.91
CA LEU A 131 10.40 -3.61 3.86
C LEU A 131 11.33 -4.58 3.13
N ASP A 132 11.01 -5.87 3.18
CA ASP A 132 11.81 -6.89 2.52
C ASP A 132 11.34 -7.12 1.09
N PHE A 133 12.12 -6.62 0.13
CA PHE A 133 11.77 -6.76 -1.28
C PHE A 133 11.49 -8.22 -1.63
N GLU A 134 12.36 -9.11 -1.16
CA GLU A 134 12.20 -10.53 -1.41
C GLU A 134 10.84 -11.04 -0.92
N GLU A 135 10.36 -10.43 0.16
CA GLU A 135 9.07 -10.81 0.74
C GLU A 135 7.93 -10.44 -0.20
N ILE A 136 8.02 -9.26 -0.80
CA ILE A 136 6.99 -8.80 -1.72
C ILE A 136 6.97 -9.64 -3.00
N SER A 137 8.15 -9.86 -3.57
CA SER A 137 8.27 -10.64 -4.80
C SER A 137 7.79 -12.07 -4.58
N ARG A 138 8.13 -12.64 -3.43
CA ARG A 138 7.72 -13.99 -3.09
C ARG A 138 6.22 -14.08 -2.85
N LYS A 139 5.67 -13.04 -2.23
CA LYS A 139 4.24 -12.98 -1.95
C LYS A 139 3.42 -12.96 -3.23
N VAL A 140 3.81 -12.09 -4.15
CA VAL A 140 3.10 -11.97 -5.43
C VAL A 140 3.32 -13.21 -6.29
N LYS A 141 4.52 -13.76 -6.24
CA LYS A 141 4.86 -14.96 -7.01
C LYS A 141 4.04 -16.15 -6.54
N SER A 142 3.76 -16.20 -5.24
CA SER A 142 2.99 -17.29 -4.66
C SER A 142 1.49 -17.04 -4.81
N ASN A 143 1.11 -15.77 -4.80
CA ASN A 143 -0.29 -15.40 -4.93
C ASN A 143 -1.19 -16.33 -4.13
N ARG A 144 -0.73 -16.69 -2.92
CA ARG A 144 -1.49 -17.57 -2.06
C ARG A 144 -0.94 -17.54 -0.63
#